data_4D0T
#
_entry.id   4D0T
#
_cell.length_a   117.217
_cell.length_b   122.372
_cell.length_c   249.724
_cell.angle_alpha   90.00
_cell.angle_beta   90.00
_cell.angle_gamma   90.00
#
_symmetry.space_group_name_H-M   'P 21 21 21'
#
loop_
_entity.id
_entity.type
_entity.pdbx_description
1 polymer 'POLYPEPTIDE N-ACETYLGALACTOSAMINYLTRANSFERASE 2'
2 polymer PEPTIDE
3 non-polymer 'MANGANESE (II) ION'
4 non-polymer 1,2-ETHANEDIOL
5 non-polymer URIDINE-DIPHOSPHATE-N-ACETYLGALACTOSAMINE
6 non-polymer "URIDINE-5'-DIPHOSPHATE"
7 non-polymer 2-acetamido-2-deoxy-beta-D-galactopyranose
8 water water
#
loop_
_entity_poly.entity_id
_entity_poly.type
_entity_poly.pdbx_seq_one_letter_code
_entity_poly.pdbx_strand_id
1 'polypeptide(L)'
;MRRRSRMLLCFAFLWVLGIAYYMYSGGGSALAGGAGGGAGRKEDWNEIDPIKKKDLHHSNGEEKAQSMETLPPGKVRWPD
FNQEAYVGGTMVRSGQDPYARNKFNQVESDKLRMDRAIPDTRHDQCQRKQWRVDLPATSVVITFHNEARSALLRTVVSVL
KKSPPHLIKEIILVDDYSNDPEDGALLGKIEKVRVLRNDRREGLMRSRVRGADAAQAKVLTFLDSHCECNEHWLEPLLER
VAEDRTRVVSPIIDVINMDNFQYVGASADLKGGFDWNLVFKWDYMTPEQRRSRQGNPVAPIKTPMIAGGLFVMDKFYFEE
LGKYDMMMDVWGGENLEISFRVWQCGGSLEIIPCSRVGHVFRKQHPYTFPGGSGTVFARNTRRAAEVWMDEYKNFYYAAV
PSARNVPYGNIQSRLELRKKLSCKPFKWYLENVYPELRVPDHQDIAFGALQQGTNCLDTLGHFADGVVGVYECHNAGGNQ
EWALTKEKSVKHMDLCLTVVDRAPGSLIKLQGCREDDSRQKWEQIEGNSKLRHVGSNLCLDSRTAKSGGLSVEVCGPALS
QQWKFTLNLQQ
;
A,B,C,D,E,F
2 'polypeptide(L)' DSTTPAPT P,Z
#
# COMPACT_ATOMS: atom_id res chain seq x y z
N LYS A 75 -37.13 -24.00 13.92
CA LYS A 75 -35.76 -24.52 13.87
C LYS A 75 -35.28 -24.78 12.44
N VAL A 76 -34.04 -24.41 12.17
CA VAL A 76 -33.52 -24.29 10.84
C VAL A 76 -32.27 -25.13 10.65
N ARG A 77 -32.17 -25.85 9.55
CA ARG A 77 -30.95 -26.59 9.21
C ARG A 77 -29.91 -25.52 8.89
N TRP A 78 -28.64 -25.74 9.22
CA TRP A 78 -27.66 -24.65 9.13
C TRP A 78 -27.56 -23.98 7.75
N PRO A 79 -27.67 -24.75 6.66
CA PRO A 79 -27.54 -24.06 5.38
C PRO A 79 -28.69 -23.07 5.08
N ASP A 80 -29.83 -23.24 5.75
CA ASP A 80 -30.99 -22.38 5.56
C ASP A 80 -30.98 -21.16 6.48
N PHE A 81 -29.92 -21.00 7.29
CA PHE A 81 -29.84 -19.88 8.20
C PHE A 81 -29.39 -18.63 7.46
N ASN A 82 -30.05 -17.52 7.74
CA ASN A 82 -29.77 -16.30 7.00
C ASN A 82 -28.63 -15.52 7.64
N GLN A 83 -27.43 -15.72 7.10
CA GLN A 83 -26.26 -15.07 7.61
C GLN A 83 -26.29 -13.57 7.52
N GLU A 84 -26.72 -13.06 6.36
CA GLU A 84 -26.63 -11.64 6.12
C GLU A 84 -27.57 -10.96 7.11
N ALA A 85 -28.74 -11.51 7.33
CA ALA A 85 -29.70 -10.93 8.32
C ALA A 85 -29.17 -10.93 9.75
N TYR A 86 -28.50 -12.01 10.15
CA TYR A 86 -27.88 -12.11 11.48
C TYR A 86 -26.71 -11.15 11.64
N VAL A 87 -25.77 -11.17 10.71
CA VAL A 87 -24.52 -10.40 10.87
C VAL A 87 -24.76 -8.93 10.58
N GLY A 88 -25.54 -8.67 9.51
CA GLY A 88 -25.81 -7.32 9.00
C GLY A 88 -26.61 -6.67 10.11
N GLY A 89 -26.35 -5.41 10.38
CA GLY A 89 -26.95 -4.79 11.56
C GLY A 89 -25.90 -4.51 12.63
N THR A 90 -24.95 -5.45 12.81
CA THR A 90 -23.81 -5.21 13.70
C THR A 90 -22.49 -4.89 12.96
N MET A 91 -22.59 -4.58 11.67
CA MET A 91 -21.37 -4.36 10.86
C MET A 91 -20.61 -3.10 11.26
N VAL A 92 -19.34 -3.06 10.87
CA VAL A 92 -18.50 -1.88 11.08
C VAL A 92 -19.02 -0.70 10.23
N ARG A 93 -19.37 0.37 10.91
CA ARG A 93 -19.94 1.53 10.25
C ARG A 93 -18.91 2.22 9.37
N SER A 94 -19.41 2.94 8.37
CA SER A 94 -18.60 3.68 7.42
C SER A 94 -17.49 4.54 8.08
N GLY A 95 -16.23 4.27 7.71
CA GLY A 95 -15.07 5.02 8.20
C GLY A 95 -14.54 4.64 9.58
N GLN A 96 -15.26 3.80 10.34
CA GLN A 96 -14.91 3.44 11.74
C GLN A 96 -13.74 2.40 11.80
N ASP A 97 -13.05 2.33 12.94
CA ASP A 97 -11.99 1.37 13.19
C ASP A 97 -12.45 -0.09 13.31
N PRO A 98 -11.97 -0.97 12.40
CA PRO A 98 -12.52 -2.33 12.32
C PRO A 98 -11.90 -3.30 13.34
N TYR A 99 -10.97 -2.82 14.16
CA TYR A 99 -10.33 -3.56 15.22
C TYR A 99 -10.82 -3.25 16.65
N ALA A 100 -11.60 -2.19 16.80
CA ALA A 100 -11.91 -1.67 18.15
C ALA A 100 -12.76 -2.61 19.00
N ARG A 101 -13.84 -3.11 18.42
CA ARG A 101 -14.75 -4.00 19.12
C ARG A 101 -14.12 -5.33 19.55
N ASN A 102 -13.40 -5.99 18.66
CA ASN A 102 -12.97 -7.37 18.85
C ASN A 102 -11.49 -7.60 18.97
N LYS A 103 -10.69 -6.56 18.71
CA LYS A 103 -9.26 -6.73 18.60
C LYS A 103 -8.83 -7.73 17.52
N PHE A 104 -9.69 -7.90 16.52
CA PHE A 104 -9.35 -8.46 15.25
C PHE A 104 -10.20 -7.73 14.18
N ASN A 105 -9.87 -7.95 12.91
CA ASN A 105 -10.47 -7.22 11.84
C ASN A 105 -11.86 -7.72 11.53
N GLN A 106 -12.86 -7.02 12.05
CA GLN A 106 -14.23 -7.45 11.86
C GLN A 106 -14.68 -7.33 10.41
N VAL A 107 -14.15 -6.38 9.66
CA VAL A 107 -14.61 -6.18 8.29
C VAL A 107 -14.24 -7.42 7.52
N GLU A 108 -13.04 -7.89 7.75
CA GLU A 108 -12.53 -9.08 7.09
C GLU A 108 -13.28 -10.35 7.52
N SER A 109 -13.67 -10.41 8.78
CA SER A 109 -14.46 -11.53 9.27
C SER A 109 -15.84 -11.54 8.69
N ASP A 110 -16.42 -10.37 8.52
CA ASP A 110 -17.78 -10.27 8.02
C ASP A 110 -17.91 -10.57 6.50
N LYS A 111 -16.83 -10.44 5.75
CA LYS A 111 -16.84 -10.77 4.32
C LYS A 111 -16.99 -12.27 4.06
N LEU A 112 -16.53 -13.09 5.01
CA LEU A 112 -16.48 -14.53 4.83
C LEU A 112 -17.84 -15.21 4.89
N ARG A 113 -18.05 -16.16 4.01
CA ARG A 113 -19.20 -17.03 4.11
C ARG A 113 -19.15 -17.86 5.43
N MET A 114 -20.31 -18.12 6.03
CA MET A 114 -20.39 -18.83 7.27
C MET A 114 -19.83 -20.23 7.16
N ASP A 115 -19.82 -20.80 5.96
CA ASP A 115 -19.22 -22.10 5.73
C ASP A 115 -18.07 -22.06 4.73
N ARG A 116 -17.25 -21.03 4.81
CA ARG A 116 -16.21 -20.83 3.81
C ARG A 116 -15.28 -22.01 3.77
N ALA A 117 -14.79 -22.30 2.57
CA ALA A 117 -13.75 -23.31 2.38
C ALA A 117 -12.44 -22.87 3.00
N ILE A 118 -11.72 -23.84 3.57
CA ILE A 118 -10.43 -23.62 4.21
C ILE A 118 -9.55 -24.75 3.77
N PRO A 119 -8.25 -24.52 3.73
CA PRO A 119 -7.43 -25.61 3.27
C PRO A 119 -7.35 -26.77 4.26
N ASP A 120 -7.20 -27.97 3.72
CA ASP A 120 -6.94 -29.16 4.53
C ASP A 120 -5.46 -29.14 4.90
N THR A 121 -5.18 -28.87 6.18
CA THR A 121 -3.83 -28.78 6.70
C THR A 121 -3.32 -30.07 7.36
N ARG A 122 -4.09 -31.14 7.30
CA ARG A 122 -3.70 -32.41 7.90
C ARG A 122 -2.59 -33.09 7.10
N HIS A 123 -1.75 -33.83 7.81
CA HIS A 123 -0.80 -34.74 7.24
C HIS A 123 -1.48 -35.71 6.26
N ASP A 124 -0.75 -36.09 5.23
CA ASP A 124 -1.21 -37.05 4.21
C ASP A 124 -1.85 -38.33 4.75
N GLN A 125 -1.26 -38.88 5.80
CA GLN A 125 -1.73 -40.11 6.40
C GLN A 125 -3.11 -39.97 7.01
N CYS A 126 -3.43 -38.78 7.51
CA CYS A 126 -4.74 -38.56 8.12
C CYS A 126 -5.81 -38.70 7.08
N GLN A 127 -5.51 -38.22 5.89
CA GLN A 127 -6.53 -38.04 4.88
C GLN A 127 -6.94 -39.39 4.34
N ARG A 128 -6.11 -40.40 4.55
CA ARG A 128 -6.39 -41.76 4.07
C ARG A 128 -7.10 -42.61 5.09
N LYS A 129 -6.84 -42.36 6.35
CA LYS A 129 -7.49 -43.09 7.44
C LYS A 129 -9.00 -43.07 7.30
N GLN A 130 -9.64 -44.22 7.51
CA GLN A 130 -11.08 -44.31 7.59
C GLN A 130 -11.47 -44.37 9.09
N TRP A 131 -12.26 -43.40 9.55
CA TRP A 131 -12.44 -43.18 10.99
C TRP A 131 -13.60 -44.02 11.48
N ARG A 132 -13.43 -44.64 12.63
CA ARG A 132 -14.57 -45.24 13.35
C ARG A 132 -15.69 -44.24 13.55
N VAL A 133 -16.87 -44.82 13.60
CA VAL A 133 -18.11 -44.10 13.65
C VAL A 133 -18.94 -44.50 14.88
N ASP A 134 -18.55 -45.63 15.46
CA ASP A 134 -19.19 -46.22 16.64
C ASP A 134 -18.53 -45.62 17.90
N LEU A 135 -18.74 -44.33 18.05
CA LEU A 135 -18.05 -43.50 19.00
C LEU A 135 -19.13 -42.79 19.78
N PRO A 136 -18.82 -42.40 21.00
CA PRO A 136 -19.75 -41.65 21.82
C PRO A 136 -19.93 -40.24 21.30
N ALA A 137 -21.17 -39.75 21.33
CA ALA A 137 -21.50 -38.43 20.80
C ALA A 137 -21.00 -37.40 21.81
N THR A 138 -20.85 -36.16 21.39
CA THR A 138 -20.37 -35.10 22.28
C THR A 138 -21.29 -33.90 22.33
N SER A 139 -21.28 -33.23 23.49
CA SER A 139 -21.98 -31.97 23.68
C SER A 139 -20.86 -30.93 23.55
N VAL A 140 -20.99 -30.04 22.56
CA VAL A 140 -19.98 -29.03 22.31
C VAL A 140 -20.34 -27.76 23.08
N VAL A 141 -19.45 -27.28 23.96
CA VAL A 141 -19.70 -26.11 24.80
C VAL A 141 -18.87 -24.95 24.32
N ILE A 142 -19.54 -23.87 23.96
CA ILE A 142 -18.87 -22.67 23.45
C ILE A 142 -19.37 -21.49 24.30
N THR A 143 -18.50 -20.87 25.08
CA THR A 143 -18.87 -19.68 25.82
C THR A 143 -18.43 -18.45 25.04
N PHE A 144 -19.13 -17.34 25.24
CA PHE A 144 -18.73 -16.13 24.57
C PHE A 144 -19.17 -14.91 25.37
N HIS A 145 -18.39 -13.86 25.25
CA HIS A 145 -18.76 -12.55 25.74
C HIS A 145 -18.49 -11.47 24.72
N ASN A 146 -19.56 -10.92 24.14
CA ASN A 146 -19.46 -9.93 23.05
C ASN A 146 -18.57 -10.38 21.91
N GLU A 147 -18.92 -11.50 21.32
CA GLU A 147 -18.17 -12.02 20.19
C GLU A 147 -18.74 -11.40 18.96
N ALA A 148 -17.95 -11.31 17.91
CA ALA A 148 -18.47 -10.86 16.64
C ALA A 148 -19.42 -11.90 16.11
N ARG A 149 -20.58 -11.46 15.65
CA ARG A 149 -21.55 -12.36 15.09
C ARG A 149 -20.99 -13.26 13.98
N SER A 150 -20.22 -12.71 13.07
CA SER A 150 -19.74 -13.52 11.96
C SER A 150 -18.86 -14.66 12.47
N ALA A 151 -18.02 -14.37 13.45
CA ALA A 151 -17.07 -15.40 13.95
C ALA A 151 -17.76 -16.49 14.77
N LEU A 152 -18.73 -16.10 15.57
CA LEU A 152 -19.54 -17.03 16.37
C LEU A 152 -20.38 -17.97 15.47
N LEU A 153 -21.07 -17.40 14.51
CA LEU A 153 -21.83 -18.21 13.54
C LEU A 153 -20.95 -19.20 12.84
N ARG A 154 -19.80 -18.73 12.38
CA ARG A 154 -18.88 -19.57 11.64
C ARG A 154 -18.32 -20.70 12.51
N THR A 155 -18.14 -20.45 13.81
CA THR A 155 -17.68 -21.51 14.69
C THR A 155 -18.77 -22.62 14.74
N VAL A 156 -20.00 -22.21 14.99
CA VAL A 156 -21.12 -23.11 15.05
C VAL A 156 -21.31 -23.87 13.75
N VAL A 157 -21.27 -23.22 12.61
CA VAL A 157 -21.48 -24.00 11.41
C VAL A 157 -20.28 -24.88 11.05
N SER A 158 -19.05 -24.49 11.38
CA SER A 158 -17.97 -25.39 11.14
C SER A 158 -18.19 -26.69 11.94
N VAL A 159 -18.72 -26.59 13.14
CA VAL A 159 -18.99 -27.78 13.93
C VAL A 159 -20.05 -28.64 13.23
N LEU A 160 -21.15 -28.02 12.80
CA LEU A 160 -22.25 -28.80 12.23
C LEU A 160 -21.87 -29.35 10.86
N LYS A 161 -21.07 -28.64 10.12
CA LYS A 161 -20.76 -29.11 8.79
C LYS A 161 -19.67 -30.18 8.74
N LYS A 162 -18.67 -30.09 9.61
CA LYS A 162 -17.49 -30.94 9.52
C LYS A 162 -17.59 -32.19 10.37
N SER A 163 -18.62 -32.28 11.17
CA SER A 163 -18.76 -33.37 12.13
C SER A 163 -19.87 -34.31 11.70
N PRO A 164 -19.68 -35.61 11.89
CA PRO A 164 -20.80 -36.53 11.57
C PRO A 164 -21.99 -36.20 12.45
N PRO A 165 -23.17 -36.00 11.87
CA PRO A 165 -24.31 -35.55 12.66
C PRO A 165 -24.60 -36.38 13.88
N HIS A 166 -24.47 -37.71 13.77
CA HIS A 166 -24.82 -38.56 14.93
C HIS A 166 -23.83 -38.43 16.08
N LEU A 167 -22.69 -37.79 15.86
CA LEU A 167 -21.74 -37.55 16.95
C LEU A 167 -21.90 -36.17 17.60
N ILE A 168 -22.76 -35.30 17.04
CA ILE A 168 -23.13 -34.09 17.71
C ILE A 168 -24.49 -34.19 18.40
N LYS A 169 -24.46 -34.31 19.69
CA LYS A 169 -25.66 -34.34 20.50
C LYS A 169 -26.32 -33.01 20.47
N GLU A 170 -25.50 -31.98 20.71
CA GLU A 170 -25.95 -30.61 20.86
C GLU A 170 -24.72 -29.66 20.84
N ILE A 171 -25.00 -28.40 20.58
CA ILE A 171 -24.07 -27.32 20.76
C ILE A 171 -24.67 -26.38 21.76
N ILE A 172 -24.02 -26.23 22.90
CA ILE A 172 -24.49 -25.38 23.99
C ILE A 172 -23.69 -24.09 23.99
N LEU A 173 -24.37 -23.01 23.67
CA LEU A 173 -23.80 -21.68 23.63
C LEU A 173 -24.09 -21.02 24.98
N VAL A 174 -23.02 -20.69 25.73
CA VAL A 174 -23.14 -20.02 26.98
C VAL A 174 -22.83 -18.55 26.77
N ASP A 175 -23.88 -17.73 26.71
CA ASP A 175 -23.74 -16.31 26.55
C ASP A 175 -23.35 -15.70 27.88
N ASP A 176 -22.09 -15.28 28.01
CA ASP A 176 -21.58 -14.77 29.30
C ASP A 176 -21.83 -13.29 29.39
N TYR A 177 -23.11 -12.94 29.49
CA TYR A 177 -23.54 -11.57 29.72
C TYR A 177 -23.07 -10.60 28.64
N SER A 178 -23.23 -10.99 27.39
CA SER A 178 -22.99 -10.09 26.23
C SER A 178 -23.89 -8.86 26.30
N ASN A 179 -23.43 -7.72 25.81
CA ASN A 179 -24.29 -6.53 25.78
C ASN A 179 -25.63 -6.80 25.17
N ASP A 180 -25.64 -7.45 24.01
CA ASP A 180 -26.86 -7.74 23.27
C ASP A 180 -27.20 -9.25 23.35
N PRO A 181 -28.28 -9.62 24.06
CA PRO A 181 -28.67 -11.03 24.16
C PRO A 181 -29.08 -11.70 22.85
N GLU A 182 -29.35 -10.90 21.83
CA GLU A 182 -29.71 -11.46 20.53
C GLU A 182 -28.55 -12.15 19.79
N ASP A 183 -27.30 -11.81 20.12
CA ASP A 183 -26.14 -12.47 19.52
C ASP A 183 -26.32 -13.97 19.69
N GLY A 184 -26.66 -14.39 20.90
CA GLY A 184 -26.87 -15.80 21.17
C GLY A 184 -28.25 -16.31 20.80
N ALA A 185 -29.29 -15.61 21.24
CA ALA A 185 -30.66 -16.07 21.05
C ALA A 185 -31.03 -16.33 19.58
N LEU A 186 -30.63 -15.46 18.66
CA LEU A 186 -30.95 -15.68 17.24
C LEU A 186 -30.37 -17.00 16.71
N LEU A 187 -29.25 -17.47 17.29
CA LEU A 187 -28.65 -18.77 16.90
C LEU A 187 -29.35 -19.99 17.46
N GLY A 188 -30.20 -19.80 18.44
CA GLY A 188 -31.04 -20.89 18.98
C GLY A 188 -32.02 -21.49 17.99
N LYS A 189 -32.30 -20.77 16.90
CA LYS A 189 -33.12 -21.31 15.83
C LYS A 189 -32.40 -22.44 15.06
N ILE A 190 -31.07 -22.50 15.13
CA ILE A 190 -30.35 -23.49 14.36
C ILE A 190 -30.44 -24.86 15.01
N GLU A 191 -30.59 -25.90 14.18
CA GLU A 191 -30.55 -27.31 14.63
C GLU A 191 -29.48 -27.55 15.67
N LYS A 192 -29.87 -28.19 16.75
CA LYS A 192 -28.99 -28.68 17.80
C LYS A 192 -28.39 -27.63 18.70
N VAL A 193 -28.66 -26.35 18.40
CA VAL A 193 -28.13 -25.26 19.21
C VAL A 193 -29.05 -24.90 20.40
N ARG A 194 -28.47 -24.93 21.59
CA ARG A 194 -29.14 -24.50 22.83
C ARG A 194 -28.35 -23.32 23.39
N VAL A 195 -29.04 -22.32 23.87
CA VAL A 195 -28.38 -21.20 24.42
C VAL A 195 -28.79 -20.93 25.85
N LEU A 196 -27.76 -20.62 26.64
CA LEU A 196 -27.83 -20.40 28.03
C LEU A 196 -27.26 -19.02 28.23
N ARG A 197 -28.01 -18.12 28.86
CA ARG A 197 -27.53 -16.77 29.06
C ARG A 197 -27.25 -16.55 30.53
N ASN A 198 -26.03 -16.09 30.85
CA ASN A 198 -25.68 -15.68 32.23
C ASN A 198 -26.29 -14.33 32.45
N ASP A 199 -27.01 -14.18 33.56
CA ASP A 199 -27.64 -12.89 33.89
C ASP A 199 -26.69 -11.90 34.52
N ARG A 200 -25.48 -12.34 34.79
CA ARG A 200 -24.35 -11.44 35.08
C ARG A 200 -23.07 -12.02 34.52
N ARG A 201 -22.03 -11.24 34.51
CA ARG A 201 -20.74 -11.67 33.99
C ARG A 201 -20.16 -12.71 34.92
N GLU A 202 -19.80 -13.87 34.37
CA GLU A 202 -19.28 -14.97 35.15
C GLU A 202 -17.85 -15.36 34.81
N GLY A 203 -17.40 -15.04 33.60
CA GLY A 203 -16.09 -15.47 33.16
C GLY A 203 -16.12 -16.84 32.52
N LEU A 204 -15.03 -17.18 31.82
CA LEU A 204 -15.02 -18.38 31.03
C LEU A 204 -15.04 -19.64 31.88
N MET A 205 -14.45 -19.62 33.06
CA MET A 205 -14.39 -20.85 33.82
C MET A 205 -15.77 -21.28 34.39
N ARG A 206 -16.46 -20.36 35.02
CA ARG A 206 -17.80 -20.66 35.50
C ARG A 206 -18.76 -20.89 34.31
N SER A 207 -18.56 -20.19 33.20
CA SER A 207 -19.44 -20.34 32.06
C SER A 207 -19.23 -21.73 31.47
N ARG A 208 -18.00 -22.20 31.42
CA ARG A 208 -17.78 -23.55 30.87
C ARG A 208 -18.40 -24.60 31.75
N VAL A 209 -18.34 -24.41 33.05
CA VAL A 209 -18.93 -25.35 33.95
C VAL A 209 -20.45 -25.36 33.84
N ARG A 210 -21.07 -24.20 33.64
CA ARG A 210 -22.51 -24.16 33.46
C ARG A 210 -22.90 -24.96 32.19
N GLY A 211 -22.12 -24.81 31.13
CA GLY A 211 -22.26 -25.60 29.93
C GLY A 211 -22.11 -27.08 30.19
N ALA A 212 -21.04 -27.46 30.87
CA ALA A 212 -20.81 -28.85 31.16
C ALA A 212 -21.96 -29.45 32.00
N ASP A 213 -22.47 -28.71 32.98
CA ASP A 213 -23.54 -29.19 33.85
C ASP A 213 -24.83 -29.43 33.07
N ALA A 214 -25.05 -28.68 32.01
CA ALA A 214 -26.25 -28.85 31.21
C ALA A 214 -26.11 -29.92 30.14
N ALA A 215 -24.90 -30.42 29.94
CA ALA A 215 -24.61 -31.26 28.82
C ALA A 215 -25.26 -32.65 28.97
N GLN A 216 -25.88 -33.16 27.89
CA GLN A 216 -26.54 -34.48 27.95
C GLN A 216 -25.68 -35.64 27.46
N ALA A 217 -24.64 -35.38 26.67
CA ALA A 217 -23.79 -36.43 26.15
C ALA A 217 -22.77 -36.94 27.14
N LYS A 218 -22.18 -38.05 26.79
CA LYS A 218 -21.14 -38.67 27.58
C LYS A 218 -19.78 -37.91 27.49
N VAL A 219 -19.55 -37.20 26.40
CA VAL A 219 -18.25 -36.54 26.18
C VAL A 219 -18.42 -35.05 25.90
N LEU A 220 -17.58 -34.25 26.55
CA LEU A 220 -17.57 -32.79 26.35
C LEU A 220 -16.51 -32.37 25.36
N THR A 221 -16.86 -31.39 24.53
CA THR A 221 -15.94 -30.69 23.68
C THR A 221 -16.02 -29.20 23.95
N PHE A 222 -14.91 -28.54 24.27
CA PHE A 222 -14.88 -27.07 24.47
C PHE A 222 -14.12 -26.38 23.31
N LEU A 223 -14.70 -25.30 22.79
CA LEU A 223 -14.11 -24.50 21.74
C LEU A 223 -14.30 -23.06 22.06
N ASP A 224 -13.35 -22.22 21.70
CA ASP A 224 -13.54 -20.75 21.78
C ASP A 224 -14.55 -20.38 20.72
N SER A 225 -15.13 -19.20 20.87
CA SER A 225 -16.15 -18.68 19.99
C SER A 225 -15.66 -18.05 18.70
N HIS A 226 -14.41 -18.29 18.32
CA HIS A 226 -13.86 -17.82 17.03
C HIS A 226 -12.92 -18.90 16.47
N CYS A 227 -13.47 -20.09 16.24
CA CYS A 227 -12.74 -21.24 15.73
C CYS A 227 -13.36 -21.75 14.44
N GLU A 228 -12.61 -22.54 13.69
CA GLU A 228 -13.11 -23.19 12.50
C GLU A 228 -12.55 -24.59 12.42
N CYS A 229 -13.42 -25.57 12.57
CA CYS A 229 -13.08 -26.98 12.48
C CYS A 229 -12.74 -27.43 11.08
N ASN A 230 -11.74 -28.30 10.94
CA ASN A 230 -11.32 -28.81 9.63
C ASN A 230 -11.87 -30.21 9.38
N GLU A 231 -11.51 -30.79 8.24
CA GLU A 231 -12.00 -32.11 7.83
C GLU A 231 -11.67 -33.20 8.88
N HIS A 232 -12.69 -33.97 9.25
CA HIS A 232 -12.58 -35.09 10.22
C HIS A 232 -11.80 -34.71 11.48
N TRP A 233 -12.12 -33.53 11.99
CA TRP A 233 -11.50 -33.03 13.20
C TRP A 233 -11.91 -33.78 14.45
N LEU A 234 -13.11 -34.33 14.44
CA LEU A 234 -13.72 -34.82 15.66
C LEU A 234 -13.41 -36.27 15.97
N GLU A 235 -13.55 -37.14 14.96
CA GLU A 235 -13.41 -38.59 15.19
C GLU A 235 -12.08 -38.95 15.90
N PRO A 236 -10.94 -38.35 15.47
CA PRO A 236 -9.68 -38.68 16.13
C PRO A 236 -9.61 -38.33 17.57
N LEU A 237 -10.34 -37.31 17.97
CA LEU A 237 -10.38 -36.91 19.38
C LEU A 237 -11.23 -37.89 20.14
N LEU A 238 -12.40 -38.21 19.63
CA LEU A 238 -13.35 -39.11 20.33
C LEU A 238 -12.81 -40.50 20.48
N GLU A 239 -12.16 -40.96 19.44
CA GLU A 239 -11.46 -42.24 19.46
C GLU A 239 -10.57 -42.37 20.69
N ARG A 240 -9.85 -41.32 21.05
CA ARG A 240 -8.90 -41.42 22.16
C ARG A 240 -9.59 -41.52 23.50
N VAL A 241 -10.64 -40.73 23.72
CA VAL A 241 -11.28 -40.81 25.04
C VAL A 241 -12.23 -42.01 25.14
N ALA A 242 -12.77 -42.49 24.03
CA ALA A 242 -13.54 -43.73 24.06
C ALA A 242 -12.68 -44.92 24.49
N GLU A 243 -11.45 -44.97 23.99
CA GLU A 243 -10.53 -46.03 24.36
C GLU A 243 -10.08 -45.92 25.84
N ASP A 244 -9.85 -44.70 26.34
CA ASP A 244 -9.39 -44.47 27.72
C ASP A 244 -9.88 -43.12 28.18
N ARG A 245 -10.83 -43.14 29.09
CA ARG A 245 -11.54 -41.97 29.54
C ARG A 245 -10.72 -41.01 30.38
N THR A 246 -9.49 -41.36 30.72
CA THR A 246 -8.65 -40.50 31.52
C THR A 246 -7.79 -39.61 30.63
N ARG A 247 -7.89 -39.77 29.31
CA ARG A 247 -7.18 -38.89 28.39
C ARG A 247 -8.02 -37.67 28.08
N VAL A 248 -7.34 -36.54 28.14
CA VAL A 248 -7.86 -35.22 27.79
C VAL A 248 -7.07 -34.79 26.57
N VAL A 249 -7.77 -34.53 25.48
CA VAL A 249 -7.13 -34.44 24.18
C VAL A 249 -7.48 -33.16 23.40
N SER A 250 -6.51 -32.64 22.65
CA SER A 250 -6.67 -31.41 21.86
C SER A 250 -6.24 -31.59 20.44
N PRO A 251 -6.79 -30.77 19.56
CA PRO A 251 -6.32 -30.72 18.20
C PRO A 251 -5.10 -29.91 18.14
N ILE A 252 -4.40 -30.03 17.04
CA ILE A 252 -3.47 -29.04 16.61
C ILE A 252 -4.29 -27.83 16.23
N ILE A 253 -3.90 -26.71 16.80
CA ILE A 253 -4.63 -25.47 16.63
C ILE A 253 -4.02 -24.63 15.48
N ASP A 254 -4.71 -24.59 14.35
CA ASP A 254 -4.27 -23.76 13.25
C ASP A 254 -4.52 -22.29 13.56
N VAL A 255 -3.89 -21.43 12.78
CA VAL A 255 -3.95 -19.99 12.97
C VAL A 255 -4.88 -19.32 11.96
N ILE A 256 -5.86 -18.59 12.50
CA ILE A 256 -6.68 -17.73 11.68
C ILE A 256 -6.19 -16.31 11.95
N ASN A 257 -5.63 -15.69 10.91
CA ASN A 257 -4.90 -14.44 11.06
C ASN A 257 -5.86 -13.35 11.48
N MET A 258 -5.55 -12.65 12.55
CA MET A 258 -6.42 -11.59 13.07
C MET A 258 -6.60 -10.35 12.18
N ASP A 259 -5.71 -10.17 11.19
CA ASP A 259 -5.81 -9.04 10.26
C ASP A 259 -6.55 -9.40 8.96
N ASN A 260 -6.15 -10.49 8.30
CA ASN A 260 -6.77 -10.88 7.01
C ASN A 260 -7.67 -12.12 7.05
N PHE A 261 -7.68 -12.83 8.19
CA PHE A 261 -8.54 -14.01 8.38
C PHE A 261 -8.20 -15.20 7.51
N GLN A 262 -7.00 -15.22 6.94
CA GLN A 262 -6.51 -16.40 6.29
C GLN A 262 -6.25 -17.49 7.32
N TYR A 263 -6.55 -18.72 6.90
CA TYR A 263 -6.41 -19.89 7.69
C TYR A 263 -5.07 -20.48 7.33
N VAL A 264 -4.24 -20.70 8.33
CA VAL A 264 -2.87 -21.07 8.14
C VAL A 264 -2.51 -22.33 8.96
N GLY A 265 -1.90 -23.29 8.30
CA GLY A 265 -1.58 -24.57 8.97
C GLY A 265 -0.49 -24.36 9.97
N ALA A 266 -0.72 -24.82 11.19
CA ALA A 266 0.32 -24.76 12.23
C ALA A 266 1.29 -25.92 12.14
N SER A 267 2.38 -25.82 12.88
CA SER A 267 3.33 -26.89 13.04
C SER A 267 2.74 -28.02 13.89
N ALA A 268 3.15 -29.24 13.59
CA ALA A 268 2.74 -30.44 14.32
C ALA A 268 3.82 -30.90 15.23
N ASP A 269 4.94 -30.19 15.27
CA ASP A 269 6.06 -30.60 16.08
C ASP A 269 6.16 -29.88 17.42
N LEU A 270 5.06 -29.32 17.90
CA LEU A 270 5.05 -28.62 19.18
C LEU A 270 4.45 -29.40 20.31
N LYS A 271 4.88 -29.10 21.54
CA LYS A 271 4.18 -29.49 22.78
C LYS A 271 3.94 -28.24 23.58
N GLY A 272 2.94 -28.27 24.45
CA GLY A 272 2.68 -27.16 25.36
C GLY A 272 3.63 -27.15 26.52
N GLY A 273 3.92 -25.98 27.06
CA GLY A 273 4.76 -25.83 28.26
C GLY A 273 4.65 -24.47 28.91
N PHE A 274 5.62 -24.12 29.76
CA PHE A 274 5.62 -22.85 30.47
C PHE A 274 6.93 -22.61 31.18
N ASP A 275 7.25 -21.34 31.37
CA ASP A 275 8.40 -20.94 32.22
C ASP A 275 7.89 -20.71 33.62
N TRP A 276 8.79 -20.36 34.53
CA TRP A 276 8.43 -20.28 35.93
C TRP A 276 7.47 -19.14 36.23
N ASN A 277 7.30 -18.22 35.29
CA ASN A 277 6.25 -17.24 35.42
C ASN A 277 4.84 -17.82 35.18
N LEU A 278 4.75 -19.12 34.83
CA LEU A 278 3.50 -19.79 34.59
C LEU A 278 2.65 -19.22 33.45
N VAL A 279 3.28 -18.59 32.47
CA VAL A 279 2.56 -18.25 31.25
C VAL A 279 2.79 -19.33 30.21
N PHE A 280 1.69 -19.73 29.58
CA PHE A 280 1.73 -20.77 28.57
C PHE A 280 2.62 -20.41 27.40
N LYS A 281 3.39 -21.38 26.95
CA LYS A 281 4.20 -21.23 25.75
C LYS A 281 4.35 -22.55 24.98
N TRP A 282 4.70 -22.46 23.70
CA TRP A 282 4.91 -23.63 22.83
C TRP A 282 6.38 -23.97 22.78
N ASP A 283 6.72 -25.25 23.04
CA ASP A 283 8.08 -25.77 22.97
C ASP A 283 8.09 -26.61 21.68
N TYR A 284 9.19 -26.59 20.94
CA TYR A 284 9.42 -27.62 19.93
C TYR A 284 9.72 -28.90 20.67
N MET A 285 9.31 -30.05 20.12
CA MET A 285 9.81 -31.34 20.60
C MET A 285 11.31 -31.37 20.44
N THR A 286 11.97 -32.21 21.23
CA THR A 286 13.40 -32.43 21.09
C THR A 286 13.67 -33.27 19.84
N PRO A 287 14.90 -33.15 19.30
CA PRO A 287 15.31 -34.06 18.25
C PRO A 287 15.06 -35.54 18.59
N GLU A 288 15.27 -35.93 19.85
CA GLU A 288 15.03 -37.31 20.29
C GLU A 288 13.55 -37.70 20.17
N GLN A 289 12.65 -36.86 20.66
CA GLN A 289 11.22 -37.11 20.52
C GLN A 289 10.77 -37.24 19.05
N ARG A 290 11.22 -36.31 18.21
CA ARG A 290 10.88 -36.33 16.77
C ARG A 290 11.34 -37.62 16.12
N ARG A 291 12.56 -38.04 16.45
CA ARG A 291 13.14 -39.24 15.88
C ARG A 291 12.31 -40.47 16.26
N SER A 292 11.84 -40.54 17.50
CA SER A 292 11.03 -41.69 17.97
C SER A 292 9.65 -41.80 17.32
N ARG A 293 9.22 -40.74 16.64
CA ARG A 293 7.92 -40.74 15.97
C ARG A 293 8.03 -40.95 14.46
N GLN A 294 9.25 -41.03 13.93
CA GLN A 294 9.46 -41.12 12.46
C GLN A 294 8.64 -42.28 11.85
N GLY A 295 8.50 -43.39 12.57
CA GLY A 295 7.71 -44.52 12.13
C GLY A 295 6.19 -44.31 12.14
N ASN A 296 5.69 -43.37 12.98
CA ASN A 296 4.28 -42.99 12.95
C ASN A 296 4.08 -41.50 13.26
N PRO A 297 4.20 -40.67 12.23
CA PRO A 297 4.28 -39.24 12.49
C PRO A 297 2.98 -38.58 12.90
N VAL A 298 1.85 -39.28 12.79
CA VAL A 298 0.60 -38.71 13.28
C VAL A 298 0.12 -39.30 14.59
N ALA A 299 1.02 -39.94 15.32
CA ALA A 299 0.67 -40.53 16.60
C ALA A 299 0.38 -39.41 17.61
N PRO A 300 -0.42 -39.72 18.64
CA PRO A 300 -0.69 -38.77 19.71
C PRO A 300 0.59 -38.23 20.28
N ILE A 301 0.58 -36.95 20.64
CA ILE A 301 1.69 -36.44 21.36
C ILE A 301 1.32 -36.07 22.80
N LYS A 302 2.03 -36.68 23.74
CA LYS A 302 1.87 -36.38 25.15
C LYS A 302 2.35 -34.93 25.42
N THR A 303 1.54 -34.14 26.13
CA THR A 303 1.90 -32.74 26.40
C THR A 303 1.78 -32.38 27.87
N PRO A 304 2.78 -31.67 28.43
CA PRO A 304 2.75 -31.26 29.83
C PRO A 304 1.63 -30.33 30.14
N MET A 305 1.18 -29.62 29.12
CA MET A 305 0.19 -28.63 29.31
C MET A 305 -0.59 -28.36 28.03
N ILE A 306 -1.90 -28.14 28.14
CA ILE A 306 -2.70 -27.80 26.99
C ILE A 306 -2.87 -26.27 26.90
N ALA A 307 -3.13 -25.78 25.68
CA ALA A 307 -3.33 -24.34 25.44
C ALA A 307 -4.54 -23.86 26.23
N GLY A 308 -5.60 -24.68 26.23
CA GLY A 308 -6.67 -24.58 27.20
C GLY A 308 -8.07 -24.41 26.65
N GLY A 309 -8.18 -23.86 25.46
CA GLY A 309 -9.51 -23.53 24.93
C GLY A 309 -10.17 -24.56 24.04
N LEU A 310 -9.38 -25.51 23.55
CA LEU A 310 -9.90 -26.48 22.65
C LEU A 310 -9.49 -27.82 23.19
N PHE A 311 -10.44 -28.55 23.74
CA PHE A 311 -10.16 -29.91 24.17
C PHE A 311 -11.42 -30.75 24.30
N VAL A 312 -11.20 -32.06 24.40
CA VAL A 312 -12.27 -33.01 24.49
C VAL A 312 -11.99 -33.82 25.70
N MET A 313 -13.02 -34.04 26.50
CA MET A 313 -12.87 -34.75 27.78
C MET A 313 -14.15 -35.54 28.10
N ASP A 314 -13.98 -36.74 28.62
CA ASP A 314 -15.09 -37.54 29.11
C ASP A 314 -15.82 -36.72 30.18
N LYS A 315 -17.13 -36.61 30.06
CA LYS A 315 -17.87 -35.77 30.96
C LYS A 315 -17.80 -36.19 32.43
N PHE A 316 -17.99 -37.48 32.69
CA PHE A 316 -17.97 -37.99 34.05
C PHE A 316 -16.60 -37.87 34.68
N TYR A 317 -15.56 -38.03 33.88
CA TYR A 317 -14.20 -37.75 34.30
C TYR A 317 -13.99 -36.30 34.64
N PHE A 318 -14.54 -35.40 33.83
CA PHE A 318 -14.46 -33.96 34.12
C PHE A 318 -15.09 -33.64 35.46
N GLU A 319 -16.20 -34.30 35.79
CA GLU A 319 -16.89 -34.12 37.06
C GLU A 319 -16.08 -34.66 38.22
N GLU A 320 -15.65 -35.90 38.11
CA GLU A 320 -14.93 -36.58 39.17
C GLU A 320 -13.65 -35.89 39.51
N LEU A 321 -12.96 -35.37 38.51
CA LEU A 321 -11.73 -34.66 38.78
C LEU A 321 -11.93 -33.26 39.32
N GLY A 322 -13.17 -32.76 39.43
CA GLY A 322 -13.43 -31.45 40.01
C GLY A 322 -13.65 -30.33 39.00
N LYS A 323 -14.19 -30.65 37.85
CA LYS A 323 -14.61 -29.63 36.88
C LYS A 323 -13.52 -28.58 36.65
N TYR A 324 -13.80 -27.32 36.98
CA TYR A 324 -12.84 -26.23 37.10
C TYR A 324 -13.01 -25.60 38.48
N ASP A 325 -12.01 -24.84 38.89
CA ASP A 325 -12.06 -24.12 40.16
C ASP A 325 -13.04 -22.93 39.99
N MET A 326 -14.20 -23.03 40.63
CA MET A 326 -15.28 -22.07 40.42
C MET A 326 -14.97 -20.66 40.89
N MET A 327 -13.88 -20.47 41.60
CA MET A 327 -13.54 -19.13 42.09
C MET A 327 -12.48 -18.40 41.23
N MET A 328 -12.09 -18.99 40.13
CA MET A 328 -11.30 -18.27 39.15
C MET A 328 -12.23 -17.36 38.35
N ASP A 329 -11.73 -16.21 37.93
CA ASP A 329 -12.53 -15.17 37.27
C ASP A 329 -12.04 -14.81 35.87
N VAL A 330 -12.99 -14.45 35.02
CA VAL A 330 -12.76 -13.92 33.67
C VAL A 330 -11.94 -14.76 32.68
N TRP A 331 -10.63 -14.82 32.88
CA TRP A 331 -9.71 -15.40 31.91
C TRP A 331 -8.34 -15.65 32.60
N GLY A 332 -7.63 -16.66 32.12
CA GLY A 332 -6.29 -16.97 32.55
C GLY A 332 -6.27 -17.91 33.72
N GLY A 333 -5.28 -18.78 33.65
CA GLY A 333 -4.95 -19.69 34.75
C GLY A 333 -5.58 -21.07 34.79
N GLU A 334 -6.72 -21.25 34.16
CA GLU A 334 -7.46 -22.49 34.34
C GLU A 334 -6.85 -23.62 33.50
N ASN A 335 -6.26 -23.28 32.38
CA ASN A 335 -5.49 -24.25 31.62
C ASN A 335 -4.32 -24.84 32.40
N LEU A 336 -3.71 -24.02 33.26
CA LEU A 336 -2.57 -24.45 34.05
C LEU A 336 -3.10 -25.42 35.11
N GLU A 337 -4.15 -24.99 35.79
CA GLU A 337 -4.73 -25.73 36.89
C GLU A 337 -5.20 -27.10 36.46
N ILE A 338 -5.96 -27.16 35.36
CA ILE A 338 -6.46 -28.44 34.92
C ILE A 338 -5.35 -29.34 34.39
N SER A 339 -4.31 -28.76 33.80
CA SER A 339 -3.21 -29.57 33.27
C SER A 339 -2.45 -30.27 34.40
N PHE A 340 -2.16 -29.53 35.45
CA PHE A 340 -1.52 -30.11 36.62
C PHE A 340 -2.40 -31.17 37.26
N ARG A 341 -3.67 -30.85 37.43
CA ARG A 341 -4.60 -31.73 38.11
C ARG A 341 -4.76 -33.06 37.36
N VAL A 342 -4.97 -33.00 36.06
CA VAL A 342 -5.10 -34.24 35.29
C VAL A 342 -3.84 -35.12 35.36
N TRP A 343 -2.66 -34.52 35.19
CA TRP A 343 -1.44 -35.30 35.23
C TRP A 343 -1.19 -35.84 36.64
N GLN A 344 -1.26 -34.98 37.65
CA GLN A 344 -0.92 -35.43 39.02
C GLN A 344 -1.94 -36.41 39.56
N CYS A 345 -3.17 -36.39 39.06
CA CYS A 345 -4.18 -37.23 39.59
C CYS A 345 -4.53 -38.44 38.71
N GLY A 346 -3.64 -38.80 37.79
CA GLY A 346 -3.72 -40.13 37.14
C GLY A 346 -4.15 -40.14 35.68
N GLY A 347 -4.52 -38.99 35.13
CA GLY A 347 -4.87 -38.92 33.70
C GLY A 347 -3.71 -38.57 32.79
N SER A 348 -4.03 -38.19 31.55
CA SER A 348 -3.02 -37.67 30.63
C SER A 348 -3.58 -36.58 29.73
N LEU A 349 -2.66 -35.84 29.11
CA LEU A 349 -2.97 -34.78 28.17
C LEU A 349 -2.33 -35.13 26.86
N GLU A 350 -3.06 -34.97 25.75
CA GLU A 350 -2.51 -35.25 24.41
C GLU A 350 -2.92 -34.22 23.43
N ILE A 351 -2.11 -34.12 22.37
CA ILE A 351 -2.35 -33.32 21.16
C ILE A 351 -2.42 -34.30 20.03
N ILE A 352 -3.45 -34.17 19.20
CA ILE A 352 -3.78 -35.20 18.22
C ILE A 352 -3.64 -34.63 16.80
N PRO A 353 -2.55 -34.98 16.10
CA PRO A 353 -2.21 -34.34 14.85
C PRO A 353 -3.25 -34.41 13.79
N CYS A 354 -4.01 -35.49 13.72
CA CYS A 354 -5.00 -35.63 12.65
C CYS A 354 -6.22 -34.72 12.88
N SER A 355 -6.33 -34.17 14.09
CA SER A 355 -7.38 -33.21 14.43
C SER A 355 -6.85 -31.79 14.27
N ARG A 356 -7.48 -31.04 13.36
CA ARG A 356 -7.13 -29.67 13.06
C ARG A 356 -8.28 -28.72 13.28
N VAL A 357 -8.04 -27.67 14.09
CA VAL A 357 -9.00 -26.64 14.28
C VAL A 357 -8.32 -25.27 14.29
N GLY A 358 -8.84 -24.35 13.49
CA GLY A 358 -8.30 -23.01 13.47
C GLY A 358 -8.86 -22.12 14.55
N HIS A 359 -8.08 -21.11 14.95
CA HIS A 359 -8.42 -20.21 16.04
C HIS A 359 -7.90 -18.80 15.73
N VAL A 360 -8.69 -17.78 16.05
CA VAL A 360 -8.26 -16.42 15.85
C VAL A 360 -7.39 -16.01 17.02
N PHE A 361 -6.09 -16.13 16.86
CA PHE A 361 -5.16 -15.67 17.91
C PHE A 361 -5.11 -14.12 17.86
N ARG A 362 -5.23 -13.48 19.01
CA ARG A 362 -5.12 -12.03 19.06
C ARG A 362 -4.10 -11.57 20.10
N LYS A 363 -3.71 -10.29 20.03
CA LYS A 363 -2.66 -9.74 20.89
C LYS A 363 -3.24 -9.06 22.13
N GLN A 364 -4.50 -8.61 22.06
CA GLN A 364 -5.14 -7.97 23.21
C GLN A 364 -6.57 -8.46 23.46
N HIS A 365 -7.01 -8.36 24.72
CA HIS A 365 -8.35 -8.71 25.09
C HIS A 365 -9.25 -7.56 24.68
N PRO A 366 -10.40 -7.84 24.06
CA PRO A 366 -11.35 -6.77 23.74
C PRO A 366 -12.37 -6.46 24.87
N TYR A 367 -12.34 -7.20 25.98
CA TYR A 367 -13.35 -7.07 27.03
C TYR A 367 -12.71 -6.62 28.36
N THR A 368 -13.60 -6.30 29.28
CA THR A 368 -13.37 -5.77 30.61
C THR A 368 -12.88 -6.85 31.61
N PHE A 369 -11.92 -6.51 32.48
CA PHE A 369 -11.59 -7.33 33.67
C PHE A 369 -11.84 -6.53 34.94
N PRO A 370 -12.79 -6.96 35.77
CA PRO A 370 -12.92 -6.29 37.09
C PRO A 370 -11.69 -6.48 37.97
N GLY A 371 -11.03 -5.36 38.24
CA GLY A 371 -9.75 -5.31 38.95
C GLY A 371 -8.55 -5.09 38.03
N GLY A 372 -8.68 -5.35 36.71
CA GLY A 372 -7.58 -5.23 35.75
C GLY A 372 -7.15 -6.63 35.36
N SER A 373 -6.86 -6.83 34.08
CA SER A 373 -6.37 -8.11 33.61
C SER A 373 -4.98 -7.99 34.16
N GLY A 374 -4.32 -8.88 34.87
CA GLY A 374 -3.03 -8.37 35.37
C GLY A 374 -3.18 -8.86 36.75
N THR A 375 -4.07 -8.24 37.49
CA THR A 375 -4.34 -8.69 38.84
C THR A 375 -5.27 -9.94 38.84
N VAL A 376 -6.20 -10.03 37.89
CA VAL A 376 -7.06 -11.22 37.79
C VAL A 376 -6.25 -12.46 37.39
N PHE A 377 -5.34 -12.27 36.43
CA PHE A 377 -4.50 -13.36 35.91
C PHE A 377 -3.60 -13.88 37.04
N ALA A 378 -3.09 -12.98 37.85
CA ALA A 378 -2.25 -13.37 39.00
C ALA A 378 -3.07 -14.05 40.07
N ARG A 379 -4.27 -13.56 40.34
CA ARG A 379 -5.12 -14.25 41.31
C ARG A 379 -5.36 -15.71 40.87
N ASN A 380 -5.84 -15.88 39.65
CA ASN A 380 -6.15 -17.23 39.14
C ASN A 380 -4.91 -18.09 39.19
N THR A 381 -3.78 -17.53 38.76
CA THR A 381 -2.55 -18.31 38.73
C THR A 381 -2.08 -18.73 40.13
N ARG A 382 -2.25 -17.83 41.10
CA ARG A 382 -1.96 -18.18 42.50
C ARG A 382 -2.82 -19.30 42.98
N ARG A 383 -4.10 -19.27 42.64
CA ARG A 383 -4.99 -20.38 43.10
C ARG A 383 -4.53 -21.73 42.57
N ALA A 384 -3.98 -21.76 41.36
CA ALA A 384 -3.42 -23.00 40.82
C ALA A 384 -2.13 -23.35 41.55
N ALA A 385 -1.23 -22.39 41.71
CA ALA A 385 0.07 -22.67 42.31
C ALA A 385 -0.03 -23.14 43.74
N GLU A 386 -0.85 -22.46 44.54
CA GLU A 386 -0.99 -22.77 45.95
C GLU A 386 -1.61 -24.13 46.21
N VAL A 387 -2.37 -24.65 45.27
CA VAL A 387 -3.01 -25.96 45.44
C VAL A 387 -2.13 -27.08 44.92
N TRP A 388 -1.40 -26.85 43.82
CA TRP A 388 -0.82 -27.98 43.04
C TRP A 388 0.69 -28.07 43.07
N MET A 389 1.36 -26.97 43.32
CA MET A 389 2.80 -26.92 43.07
C MET A 389 3.69 -27.23 44.29
N ASP A 390 3.10 -27.45 45.45
CA ASP A 390 3.88 -27.69 46.67
C ASP A 390 4.92 -26.56 46.82
N GLU A 391 6.16 -26.88 47.18
CA GLU A 391 7.17 -25.83 47.42
C GLU A 391 7.63 -25.14 46.14
N TYR A 392 7.37 -25.75 44.99
CA TYR A 392 7.86 -25.19 43.74
C TYR A 392 7.13 -23.92 43.39
N LYS A 393 6.05 -23.61 44.10
CA LYS A 393 5.39 -22.31 43.95
C LYS A 393 6.33 -21.15 44.22
N ASN A 394 7.31 -21.37 45.08
CA ASN A 394 8.28 -20.34 45.37
C ASN A 394 9.08 -19.93 44.17
N PHE A 395 9.26 -20.82 43.21
CA PHE A 395 9.92 -20.42 41.96
C PHE A 395 9.04 -19.52 41.10
N TYR A 396 7.73 -19.68 41.20
CA TYR A 396 6.80 -18.77 40.53
C TYR A 396 6.91 -17.39 41.17
N TYR A 397 6.85 -17.32 42.48
CA TYR A 397 6.98 -16.04 43.19
C TYR A 397 8.36 -15.41 42.99
N ALA A 398 9.38 -16.23 42.78
CA ALA A 398 10.70 -15.68 42.47
C ALA A 398 10.69 -15.02 41.10
N ALA A 399 9.88 -15.51 40.18
CA ALA A 399 9.78 -14.89 38.84
C ALA A 399 8.82 -13.70 38.83
N VAL A 400 7.81 -13.76 39.70
CA VAL A 400 6.73 -12.75 39.71
C VAL A 400 6.50 -12.35 41.16
N PRO A 401 7.43 -11.58 41.73
CA PRO A 401 7.34 -11.31 43.17
C PRO A 401 6.11 -10.48 43.53
N SER A 402 5.63 -9.65 42.61
CA SER A 402 4.44 -8.87 42.82
C SER A 402 3.21 -9.73 43.13
N ALA A 403 3.23 -10.98 42.68
CA ALA A 403 2.09 -11.85 42.91
C ALA A 403 1.85 -12.16 44.38
N ARG A 404 2.91 -12.13 45.20
CA ARG A 404 2.75 -12.33 46.65
C ARG A 404 1.78 -11.34 47.34
N ASN A 405 1.59 -10.17 46.75
CA ASN A 405 0.69 -9.18 47.31
C ASN A 405 -0.76 -9.28 46.79
N VAL A 406 -1.04 -10.26 45.93
CA VAL A 406 -2.36 -10.42 45.36
C VAL A 406 -3.19 -11.42 46.15
N PRO A 407 -4.24 -10.93 46.82
CA PRO A 407 -5.13 -11.86 47.50
C PRO A 407 -5.84 -12.81 46.51
N TYR A 408 -5.97 -14.06 46.93
CA TYR A 408 -6.52 -15.10 46.09
C TYR A 408 -7.72 -15.89 46.64
N GLY A 409 -8.16 -15.58 47.84
CA GLY A 409 -9.34 -16.23 48.40
C GLY A 409 -9.13 -17.63 48.97
N ASN A 410 -10.23 -18.25 49.33
CA ASN A 410 -10.22 -19.56 49.97
C ASN A 410 -10.04 -20.75 48.98
N ILE A 411 -9.10 -21.64 49.28
CA ILE A 411 -8.73 -22.70 48.38
C ILE A 411 -8.96 -24.05 49.02
N GLN A 412 -9.76 -24.04 50.07
CA GLN A 412 -9.91 -25.22 50.89
C GLN A 412 -10.52 -26.38 50.13
N SER A 413 -11.61 -26.12 49.41
CA SER A 413 -12.29 -27.22 48.74
C SER A 413 -11.45 -27.82 47.62
N ARG A 414 -10.56 -27.02 47.04
CA ARG A 414 -9.62 -27.50 46.06
C ARG A 414 -8.54 -28.34 46.71
N LEU A 415 -8.07 -27.92 47.87
CA LEU A 415 -7.14 -28.76 48.65
C LEU A 415 -7.76 -30.12 49.04
N GLU A 416 -9.01 -30.10 49.47
CA GLU A 416 -9.68 -31.31 49.89
C GLU A 416 -9.90 -32.23 48.70
N LEU A 417 -10.14 -31.62 47.54
CA LEU A 417 -10.22 -32.34 46.28
C LEU A 417 -8.92 -33.07 45.96
N ARG A 418 -7.79 -32.40 46.10
CA ARG A 418 -6.51 -33.03 45.87
C ARG A 418 -6.26 -34.25 46.80
N LYS A 419 -6.59 -34.11 48.09
CA LYS A 419 -6.46 -35.22 49.03
C LYS A 419 -7.34 -36.40 48.61
N LYS A 420 -8.61 -36.09 48.38
CA LYS A 420 -9.61 -37.08 48.01
C LYS A 420 -9.20 -37.93 46.77
N LEU A 421 -8.48 -37.32 45.83
CA LEU A 421 -8.12 -37.99 44.59
C LEU A 421 -6.79 -38.71 44.66
N SER A 422 -6.04 -38.54 45.74
CA SER A 422 -4.71 -39.17 45.82
C SER A 422 -3.87 -38.77 44.62
N CYS A 423 -3.42 -37.54 44.64
CA CYS A 423 -2.68 -36.98 43.54
C CYS A 423 -1.21 -37.03 43.93
N LYS A 424 -0.35 -37.17 42.93
CA LYS A 424 1.08 -37.22 43.16
C LYS A 424 1.63 -35.83 43.38
N PRO A 425 2.81 -35.72 44.01
CA PRO A 425 3.34 -34.40 44.28
C PRO A 425 3.89 -33.75 43.04
N PHE A 426 4.10 -32.43 43.11
CA PHE A 426 4.56 -31.68 41.95
C PHE A 426 5.94 -32.11 41.50
N LYS A 427 6.77 -32.55 42.44
CA LYS A 427 8.06 -33.13 42.11
C LYS A 427 7.91 -34.29 41.14
N TRP A 428 6.88 -35.10 41.33
CA TRP A 428 6.63 -36.19 40.43
C TRP A 428 6.30 -35.66 39.04
N TYR A 429 5.48 -34.61 38.99
CA TYR A 429 5.09 -34.01 37.72
C TYR A 429 6.35 -33.52 36.99
N LEU A 430 7.25 -32.85 37.69
CA LEU A 430 8.43 -32.31 37.05
C LEU A 430 9.30 -33.42 36.51
N GLU A 431 9.43 -34.51 37.27
CA GLU A 431 10.35 -35.59 36.87
C GLU A 431 9.79 -36.44 35.75
N ASN A 432 8.48 -36.68 35.78
CA ASN A 432 7.86 -37.64 34.86
C ASN A 432 7.09 -37.05 33.69
N VAL A 433 6.64 -35.80 33.82
CA VAL A 433 5.81 -35.19 32.79
C VAL A 433 6.54 -34.07 32.06
N TYR A 434 7.19 -33.19 32.82
CA TYR A 434 7.87 -32.03 32.23
C TYR A 434 9.34 -31.95 32.66
N PRO A 435 10.11 -33.00 32.38
CA PRO A 435 11.47 -33.02 32.87
C PRO A 435 12.31 -31.93 32.23
N GLU A 436 11.93 -31.46 31.06
CA GLU A 436 12.76 -30.51 30.35
C GLU A 436 12.65 -29.09 30.94
N LEU A 437 11.74 -28.89 31.88
CA LEU A 437 11.66 -27.59 32.57
C LEU A 437 12.77 -27.47 33.58
N ARG A 438 13.61 -26.47 33.38
CA ARG A 438 14.86 -26.34 34.11
C ARG A 438 14.56 -25.79 35.48
N VAL A 439 15.02 -26.49 36.51
CA VAL A 439 14.63 -26.21 37.89
C VAL A 439 15.87 -25.82 38.73
N PRO A 440 15.83 -24.64 39.41
CA PRO A 440 16.96 -24.25 40.27
C PRO A 440 17.32 -25.24 41.37
N ASP A 441 18.60 -25.29 41.76
CA ASP A 441 18.99 -25.94 43.00
C ASP A 441 18.28 -25.28 44.17
N HIS A 442 17.93 -26.07 45.17
CA HIS A 442 17.18 -25.54 46.29
C HIS A 442 17.88 -24.33 46.99
N GLN A 443 19.22 -24.31 47.01
CA GLN A 443 19.92 -23.26 47.70
C GLN A 443 20.43 -22.10 46.84
N ASP A 444 20.08 -22.12 45.56
CA ASP A 444 20.44 -21.04 44.67
C ASP A 444 19.81 -19.72 45.19
N ILE A 445 20.56 -18.64 45.08
CA ILE A 445 20.08 -17.31 45.44
C ILE A 445 19.27 -16.72 44.30
N ALA A 446 19.69 -16.99 43.07
CA ALA A 446 19.03 -16.47 41.89
C ALA A 446 19.30 -17.42 40.75
N PHE A 447 18.53 -17.26 39.68
CA PHE A 447 18.54 -18.22 38.58
C PHE A 447 17.94 -17.60 37.33
N GLY A 448 18.30 -18.15 36.18
CA GLY A 448 17.62 -17.87 34.95
C GLY A 448 18.51 -17.19 33.94
N ALA A 449 17.99 -16.16 33.29
CA ALA A 449 18.79 -15.35 32.42
C ALA A 449 19.30 -14.17 33.22
N LEU A 450 20.43 -13.61 32.80
CA LEU A 450 20.96 -12.40 33.47
C LEU A 450 20.81 -11.29 32.46
N GLN A 451 19.83 -10.43 32.71
CA GLN A 451 19.34 -9.47 31.71
C GLN A 451 19.96 -8.11 31.86
N GLN A 452 20.26 -7.51 30.73
CA GLN A 452 20.64 -6.10 30.66
C GLN A 452 19.90 -5.52 29.45
N GLY A 453 18.88 -4.72 29.73
CA GLY A 453 18.00 -4.22 28.68
C GLY A 453 17.35 -5.39 27.99
N THR A 454 17.53 -5.46 26.67
CA THR A 454 17.02 -6.59 25.88
C THR A 454 18.09 -7.66 25.63
N ASN A 455 19.30 -7.43 26.15
CA ASN A 455 20.38 -8.42 26.06
C ASN A 455 20.51 -9.31 27.30
N CYS A 456 21.19 -10.44 27.11
CA CYS A 456 21.36 -11.45 28.14
C CYS A 456 22.80 -11.90 28.19
N LEU A 457 23.29 -12.24 29.40
CA LEU A 457 24.63 -12.83 29.57
C LEU A 457 24.67 -14.11 28.75
N ASP A 458 25.74 -14.29 27.99
CA ASP A 458 25.85 -15.38 27.05
C ASP A 458 27.27 -15.93 26.99
N THR A 459 27.42 -17.26 27.07
CA THR A 459 28.72 -17.90 27.00
C THR A 459 29.36 -17.79 25.63
N LEU A 460 28.58 -17.39 24.61
CA LEU A 460 29.06 -17.30 23.22
C LEU A 460 29.52 -18.68 22.71
N GLY A 461 28.99 -19.74 23.32
CA GLY A 461 29.46 -21.11 23.06
C GLY A 461 30.86 -21.47 23.58
N HIS A 462 31.47 -20.58 24.36
CA HIS A 462 32.83 -20.79 24.83
C HIS A 462 32.88 -21.78 25.99
N PHE A 463 34.09 -22.24 26.29
CA PHE A 463 34.36 -23.22 27.35
C PHE A 463 35.38 -22.64 28.30
N ALA A 464 36.01 -23.47 29.11
CA ALA A 464 36.94 -22.96 30.13
C ALA A 464 38.09 -22.17 29.51
N ASP A 465 38.49 -21.13 30.20
CA ASP A 465 39.47 -20.15 29.74
C ASP A 465 38.97 -19.24 28.60
N GLY A 466 37.69 -19.31 28.25
CA GLY A 466 37.12 -18.42 27.24
C GLY A 466 36.41 -17.20 27.84
N VAL A 467 36.26 -16.15 27.02
CA VAL A 467 35.56 -14.96 27.41
C VAL A 467 34.05 -15.17 27.35
N VAL A 468 33.32 -14.18 27.82
CA VAL A 468 31.88 -14.27 27.93
C VAL A 468 31.31 -12.97 27.34
N GLY A 469 30.07 -12.98 26.90
CA GLY A 469 29.45 -11.81 26.26
C GLY A 469 27.95 -11.65 26.42
N VAL A 470 27.36 -10.84 25.54
CA VAL A 470 25.88 -10.68 25.46
C VAL A 470 25.36 -10.94 24.04
N TYR A 471 24.13 -11.46 23.98
CA TYR A 471 23.32 -11.53 22.76
C TYR A 471 21.93 -11.17 23.20
N GLU A 472 21.04 -10.97 22.24
CA GLU A 472 19.66 -10.69 22.56
C GLU A 472 19.00 -11.86 23.28
N CYS A 473 18.24 -11.55 24.32
CA CYS A 473 17.60 -12.58 25.13
C CYS A 473 16.65 -13.38 24.27
N HIS A 474 16.74 -14.70 24.34
CA HIS A 474 15.89 -15.56 23.52
C HIS A 474 14.97 -16.49 24.33
N ASN A 475 15.06 -16.48 25.66
CA ASN A 475 14.27 -17.35 26.55
C ASN A 475 14.33 -18.86 26.29
N ALA A 476 15.20 -19.29 25.37
CA ALA A 476 15.49 -20.70 25.12
C ALA A 476 16.52 -21.32 26.08
N GLY A 477 16.97 -20.58 27.09
CA GLY A 477 17.93 -21.13 28.06
C GLY A 477 19.30 -21.34 27.43
N GLY A 478 19.86 -22.54 27.57
CA GLY A 478 21.14 -22.92 26.96
C GLY A 478 22.31 -22.02 27.35
N ASN A 479 22.97 -21.38 26.37
CA ASN A 479 24.04 -20.45 26.64
C ASN A 479 23.67 -19.17 27.43
N GLN A 480 22.39 -18.95 27.67
CA GLN A 480 21.93 -17.79 28.44
C GLN A 480 21.36 -18.21 29.77
N GLU A 481 21.66 -19.42 30.19
CA GLU A 481 21.23 -19.88 31.50
C GLU A 481 22.33 -19.80 32.55
N TRP A 482 22.00 -19.21 33.70
CA TRP A 482 22.96 -18.95 34.78
C TRP A 482 22.30 -19.09 36.13
N ALA A 483 23.12 -19.23 37.17
CA ALA A 483 22.64 -19.20 38.54
C ALA A 483 23.60 -18.42 39.46
N LEU A 484 23.07 -17.87 40.54
CA LEU A 484 23.87 -17.29 41.62
C LEU A 484 23.75 -18.26 42.77
N THR A 485 24.82 -18.93 43.11
CA THR A 485 24.77 -20.07 44.02
C THR A 485 24.91 -19.66 45.47
N LYS A 486 24.67 -20.59 46.39
CA LYS A 486 24.92 -20.38 47.82
C LYS A 486 26.39 -19.98 48.06
N GLU A 487 27.30 -20.49 47.22
CA GLU A 487 28.72 -20.18 47.31
C GLU A 487 29.10 -18.82 46.68
N LYS A 488 28.09 -18.05 46.28
CA LYS A 488 28.27 -16.72 45.70
C LYS A 488 28.97 -16.72 44.33
N SER A 489 28.82 -17.78 43.56
CA SER A 489 29.39 -17.83 42.23
C SER A 489 28.30 -17.66 41.18
N VAL A 490 28.66 -17.09 40.04
CA VAL A 490 27.73 -16.97 38.92
C VAL A 490 28.08 -18.06 37.92
N LYS A 491 27.24 -19.09 37.84
CA LYS A 491 27.63 -20.28 37.07
C LYS A 491 26.72 -20.71 35.94
N HIS A 492 27.36 -21.30 34.94
CA HIS A 492 26.70 -21.98 33.86
C HIS A 492 27.28 -23.36 33.80
N MET A 493 26.43 -24.38 33.93
CA MET A 493 26.89 -25.77 34.02
C MET A 493 27.83 -25.84 35.22
N ASP A 494 29.07 -26.27 35.03
CA ASP A 494 30.06 -26.28 36.10
C ASP A 494 31.14 -25.22 35.86
N LEU A 495 30.81 -24.20 35.10
CA LEU A 495 31.72 -23.10 34.86
C LEU A 495 31.23 -21.86 35.54
N CYS A 496 32.19 -21.01 35.93
CA CYS A 496 31.92 -19.85 36.79
C CYS A 496 32.62 -18.63 36.29
N LEU A 497 31.97 -17.48 36.42
CA LEU A 497 32.61 -16.22 36.04
C LEU A 497 33.76 -15.92 36.99
N THR A 498 34.94 -15.72 36.42
CA THR A 498 36.15 -15.67 37.18
C THR A 498 36.90 -14.38 36.92
N VAL A 499 37.19 -13.63 37.98
CA VAL A 499 38.00 -12.46 37.86
C VAL A 499 39.46 -12.87 37.87
N VAL A 500 40.01 -12.90 36.67
CA VAL A 500 41.32 -13.40 36.41
C VAL A 500 42.37 -12.27 36.65
N ASP A 501 41.92 -11.02 36.60
CA ASP A 501 42.79 -9.86 36.74
C ASP A 501 41.93 -8.72 37.26
N ARG A 502 42.38 -8.10 38.34
CA ARG A 502 41.59 -7.10 39.07
C ARG A 502 41.71 -5.71 38.43
N ALA A 503 42.56 -5.57 37.42
CA ALA A 503 42.77 -4.26 36.83
C ALA A 503 41.51 -3.86 36.07
N PRO A 504 40.96 -2.66 36.34
CA PRO A 504 39.80 -2.21 35.59
C PRO A 504 39.94 -2.34 34.08
N GLY A 505 38.90 -2.82 33.42
CA GLY A 505 38.95 -3.09 31.99
C GLY A 505 39.37 -4.51 31.64
N SER A 506 39.83 -5.28 32.62
CA SER A 506 40.24 -6.67 32.38
C SER A 506 39.04 -7.53 32.05
N LEU A 507 39.23 -8.40 31.06
CA LEU A 507 38.22 -9.36 30.67
C LEU A 507 38.14 -10.43 31.74
N ILE A 508 36.92 -10.90 31.97
CA ILE A 508 36.68 -12.01 32.85
C ILE A 508 36.60 -13.30 32.03
N LYS A 509 36.87 -14.41 32.68
CA LYS A 509 36.93 -15.66 32.00
C LYS A 509 36.08 -16.68 32.69
N LEU A 510 35.69 -17.65 31.90
CA LEU A 510 34.97 -18.82 32.37
C LEU A 510 36.00 -19.83 32.90
N GLN A 511 35.84 -20.29 34.13
CA GLN A 511 36.71 -21.39 34.63
C GLN A 511 35.90 -22.37 35.47
N GLY A 512 36.41 -23.57 35.65
CA GLY A 512 35.69 -24.59 36.46
C GLY A 512 35.43 -24.04 37.85
N CYS A 513 34.21 -24.21 38.34
CA CYS A 513 33.87 -23.70 39.68
C CYS A 513 34.66 -24.38 40.82
N ARG A 514 35.18 -23.59 41.74
CA ARG A 514 35.86 -24.08 42.92
C ARG A 514 35.43 -23.22 44.06
N GLU A 515 34.95 -23.81 45.13
CA GLU A 515 34.30 -23.07 46.17
C GLU A 515 35.17 -22.20 47.01
N ASP A 516 36.47 -22.35 46.86
CA ASP A 516 37.36 -21.59 47.68
C ASP A 516 38.22 -20.71 46.81
N ASP A 517 37.88 -20.66 45.55
CA ASP A 517 38.43 -19.60 44.69
C ASP A 517 37.71 -18.28 44.87
N SER A 518 38.38 -17.33 45.51
CA SER A 518 37.77 -16.03 45.82
C SER A 518 37.63 -15.14 44.58
N ARG A 519 38.33 -15.47 43.51
CA ARG A 519 38.18 -14.79 42.25
C ARG A 519 36.79 -15.08 41.60
N GLN A 520 36.04 -16.04 42.13
CA GLN A 520 34.73 -16.37 41.55
C GLN A 520 33.52 -15.88 42.34
N LYS A 521 33.75 -14.99 43.31
CA LYS A 521 32.70 -14.59 44.26
C LYS A 521 32.05 -13.26 43.84
N TRP A 522 30.73 -13.24 43.81
CA TRP A 522 29.97 -12.09 43.37
C TRP A 522 28.78 -11.89 44.30
N GLU A 523 28.27 -10.67 44.32
CA GLU A 523 27.17 -10.29 45.18
C GLU A 523 26.32 -9.23 44.50
N GLN A 524 25.02 -9.37 44.67
CA GLN A 524 24.09 -8.40 44.19
C GLN A 524 24.12 -7.15 45.07
N ILE A 525 23.94 -5.97 44.46
CA ILE A 525 23.86 -4.70 45.15
C ILE A 525 22.86 -3.75 44.48
N GLU A 526 22.54 -2.67 45.19
CA GLU A 526 21.65 -1.64 44.72
C GLU A 526 20.34 -2.21 44.28
N GLY A 527 19.67 -2.90 45.20
CA GLY A 527 18.34 -3.46 44.94
C GLY A 527 18.38 -4.52 43.87
N ASN A 528 19.36 -5.42 43.97
CA ASN A 528 19.54 -6.50 42.97
C ASN A 528 19.62 -6.03 41.52
N SER A 529 20.29 -4.90 41.31
CA SER A 529 20.35 -4.28 39.97
C SER A 529 21.75 -4.40 39.34
N LYS A 530 22.76 -4.78 40.14
CA LYS A 530 24.14 -4.91 39.66
C LYS A 530 24.86 -6.06 40.34
N LEU A 531 26.05 -6.39 39.81
CA LEU A 531 26.89 -7.47 40.33
C LEU A 531 28.28 -6.99 40.61
N ARG A 532 28.67 -7.09 41.87
CA ARG A 532 29.96 -6.59 42.32
C ARG A 532 30.79 -7.77 42.73
N HIS A 533 32.07 -7.70 42.42
CA HIS A 533 32.99 -8.75 42.79
C HIS A 533 33.30 -8.60 44.28
N VAL A 534 33.01 -9.66 45.04
CA VAL A 534 33.12 -9.61 46.50
C VAL A 534 34.53 -9.24 46.92
N GLY A 535 34.64 -8.26 47.84
CA GLY A 535 35.94 -7.81 48.38
C GLY A 535 36.65 -6.77 47.53
N SER A 536 35.91 -6.11 46.64
CA SER A 536 36.49 -5.17 45.71
C SER A 536 35.51 -4.07 45.41
N ASN A 537 35.96 -3.08 44.63
CA ASN A 537 35.06 -2.08 44.08
C ASN A 537 34.89 -2.27 42.56
N LEU A 538 34.89 -3.54 42.13
CA LEU A 538 34.72 -3.91 40.73
C LEU A 538 33.33 -4.50 40.47
N CYS A 539 32.70 -4.08 39.36
CA CYS A 539 31.39 -4.55 38.96
C CYS A 539 31.48 -5.15 37.58
N LEU A 540 30.56 -6.06 37.29
CA LEU A 540 30.47 -6.66 35.97
C LEU A 540 29.99 -5.61 34.96
N ASP A 541 30.63 -5.56 33.80
CA ASP A 541 30.42 -4.48 32.87
C ASP A 541 30.45 -4.92 31.41
N SER A 542 29.45 -4.48 30.64
CA SER A 542 29.33 -4.89 29.24
C SER A 542 29.92 -3.93 28.23
N ARG A 543 30.56 -2.85 28.67
CA ARG A 543 31.00 -1.82 27.69
C ARG A 543 32.05 -2.33 26.70
N THR A 544 32.67 -3.46 27.02
CA THR A 544 33.68 -4.03 26.20
C THR A 544 33.21 -5.27 25.54
N ALA A 545 31.90 -5.52 25.58
CA ALA A 545 31.31 -6.70 25.00
C ALA A 545 31.68 -6.71 23.51
N LYS A 546 31.75 -5.53 22.92
CA LYS A 546 32.08 -5.31 21.51
C LYS A 546 33.58 -5.17 21.23
N SER A 547 34.43 -5.23 22.24
CA SER A 547 35.87 -5.15 22.05
C SER A 547 36.57 -6.22 22.85
N GLY A 548 36.04 -7.45 22.83
CA GLY A 548 36.69 -8.55 23.56
C GLY A 548 35.84 -9.45 24.45
N GLY A 549 34.80 -8.89 25.05
CA GLY A 549 34.02 -9.60 26.06
C GLY A 549 33.71 -8.80 27.32
N LEU A 550 32.90 -9.38 28.20
CA LEU A 550 32.53 -8.71 29.43
C LEU A 550 33.77 -8.49 30.27
N SER A 551 33.72 -7.42 31.05
CA SER A 551 34.87 -6.99 31.79
C SER A 551 34.49 -6.68 33.24
N VAL A 552 35.51 -6.40 34.00
CA VAL A 552 35.39 -5.97 35.36
C VAL A 552 35.79 -4.50 35.32
N GLU A 553 35.00 -3.65 35.96
CA GLU A 553 35.18 -2.18 35.92
C GLU A 553 34.82 -1.59 37.26
N VAL A 554 35.37 -0.41 37.58
CA VAL A 554 35.10 0.24 38.85
C VAL A 554 33.60 0.52 38.96
N CYS A 555 32.99 0.17 40.10
CA CYS A 555 31.55 0.34 40.23
C CYS A 555 31.17 1.79 40.13
N GLY A 556 30.18 2.05 39.30
CA GLY A 556 29.73 3.39 39.01
C GLY A 556 28.37 3.36 38.37
N PRO A 557 27.75 4.51 38.19
CA PRO A 557 26.37 4.58 37.70
C PRO A 557 26.07 4.26 36.21
N ALA A 558 26.98 3.66 35.46
CA ALA A 558 26.68 3.34 34.04
C ALA A 558 25.57 2.30 33.81
N LEU A 559 24.90 2.41 32.67
CA LEU A 559 23.92 1.40 32.21
C LEU A 559 24.52 0.01 31.93
N SER A 560 25.76 -0.01 31.44
CA SER A 560 26.47 -1.22 31.11
C SER A 560 26.81 -2.07 32.37
N GLN A 561 26.54 -1.56 33.58
CA GLN A 561 26.70 -2.34 34.80
C GLN A 561 25.37 -2.82 35.43
N GLN A 562 24.26 -2.70 34.69
CA GLN A 562 22.94 -3.12 35.21
C GLN A 562 22.67 -4.57 34.81
N TRP A 563 22.44 -5.43 35.80
CA TRP A 563 22.13 -6.85 35.54
C TRP A 563 21.09 -7.35 36.52
N LYS A 564 20.09 -8.05 35.99
CA LYS A 564 19.00 -8.63 36.80
C LYS A 564 18.76 -10.10 36.40
N PHE A 565 18.67 -10.98 37.38
CA PHE A 565 18.27 -12.36 37.11
C PHE A 565 16.76 -12.41 36.96
N THR A 566 16.28 -13.31 36.12
CA THR A 566 14.85 -13.48 35.93
C THR A 566 14.16 -14.08 37.16
N LEU A 567 14.84 -14.94 37.90
CA LEU A 567 14.32 -15.37 39.18
C LEU A 567 15.18 -14.99 40.35
N ASN A 568 14.54 -14.41 41.36
CA ASN A 568 15.22 -14.01 42.59
C ASN A 568 14.57 -14.65 43.79
N LEU A 569 15.31 -15.47 44.51
CA LEU A 569 14.70 -16.18 45.65
C LEU A 569 14.52 -15.33 46.92
N GLN A 570 13.47 -15.66 47.68
CA GLN A 570 13.12 -14.98 48.92
C GLN A 570 13.70 -15.76 50.09
N LYS B 75 11.02 31.84 -46.05
CA LYS B 75 10.75 31.79 -44.59
C LYS B 75 9.29 31.33 -44.32
N VAL B 76 9.15 30.41 -43.36
CA VAL B 76 7.93 29.69 -43.09
C VAL B 76 7.41 30.05 -41.71
N ARG B 77 6.10 30.21 -41.61
CA ARG B 77 5.43 30.50 -40.36
C ARG B 77 5.48 29.16 -39.57
N TRP B 78 5.72 29.19 -38.25
CA TRP B 78 5.97 27.93 -37.52
C TRP B 78 4.94 26.81 -37.79
N PRO B 79 3.66 27.15 -37.87
CA PRO B 79 2.72 26.01 -37.97
C PRO B 79 2.84 25.25 -39.32
N ASP B 80 3.41 25.92 -40.34
CA ASP B 80 3.64 25.37 -41.68
C ASP B 80 4.95 24.59 -41.76
N PHE B 81 5.68 24.48 -40.66
CA PHE B 81 6.92 23.75 -40.68
C PHE B 81 6.64 22.24 -40.61
N ASN B 82 7.34 21.46 -41.42
CA ASN B 82 7.13 20.03 -41.42
C ASN B 82 7.93 19.32 -40.34
N GLN B 83 7.29 19.10 -39.19
CA GLN B 83 7.95 18.45 -38.08
C GLN B 83 8.35 17.00 -38.36
N GLU B 84 7.49 16.25 -39.01
CA GLU B 84 7.74 14.82 -39.25
C GLU B 84 8.97 14.67 -40.19
N ALA B 85 9.05 15.50 -41.23
CA ALA B 85 10.23 15.50 -42.10
C ALA B 85 11.52 15.86 -41.35
N TYR B 86 11.46 16.86 -40.47
CA TYR B 86 12.65 17.33 -39.74
C TYR B 86 13.11 16.30 -38.73
N VAL B 87 12.19 15.81 -37.91
CA VAL B 87 12.57 14.89 -36.82
C VAL B 87 12.88 13.51 -37.36
N GLY B 88 12.04 13.06 -38.30
CA GLY B 88 12.13 11.70 -38.86
C GLY B 88 13.45 11.19 -39.45
N GLY B 89 14.32 12.07 -39.99
CA GLY B 89 15.75 11.76 -40.35
C GLY B 89 16.66 11.16 -39.24
N THR B 90 16.28 11.36 -37.98
CA THR B 90 17.10 11.04 -36.81
C THR B 90 16.47 10.18 -35.67
N MET B 91 15.40 9.45 -35.95
CA MET B 91 14.68 8.69 -34.89
C MET B 91 15.46 7.50 -34.36
N VAL B 92 15.10 7.07 -33.16
CA VAL B 92 15.72 5.91 -32.54
C VAL B 92 15.31 4.68 -33.34
N ARG B 93 16.30 4.02 -33.92
CA ARG B 93 16.03 2.86 -34.74
C ARG B 93 15.54 1.68 -33.88
N SER B 94 14.80 0.80 -34.53
CA SER B 94 14.18 -0.35 -33.89
C SER B 94 15.14 -1.12 -32.98
N GLY B 95 14.76 -1.23 -31.71
CA GLY B 95 15.48 -2.03 -30.72
C GLY B 95 16.65 -1.37 -30.00
N GLN B 96 17.16 -0.23 -30.50
CA GLN B 96 18.34 0.42 -29.85
C GLN B 96 17.94 1.25 -28.60
N ASP B 97 18.96 1.62 -27.84
CA ASP B 97 18.79 2.32 -26.59
C ASP B 97 18.32 3.77 -26.79
N PRO B 98 17.12 4.13 -26.27
CA PRO B 98 16.58 5.48 -26.47
C PRO B 98 17.16 6.58 -25.55
N TYR B 99 18.07 6.22 -24.65
CA TYR B 99 18.75 7.17 -23.76
C TYR B 99 20.19 7.52 -24.17
N ALA B 100 20.75 6.79 -25.12
CA ALA B 100 22.22 6.87 -25.36
C ALA B 100 22.66 8.21 -25.93
N ARG B 101 21.94 8.68 -26.95
CA ARG B 101 22.24 9.92 -27.65
C ARG B 101 22.15 11.17 -26.75
N ASN B 102 21.08 11.28 -25.98
CA ASN B 102 20.79 12.51 -25.24
C ASN B 102 20.81 12.43 -23.72
N LYS B 103 20.92 11.24 -23.16
CA LYS B 103 20.71 11.03 -21.72
C LYS B 103 19.32 11.46 -21.25
N PHE B 104 18.36 11.41 -22.18
CA PHE B 104 16.94 11.40 -21.88
C PHE B 104 16.25 10.57 -22.96
N ASN B 105 14.98 10.28 -22.72
CA ASN B 105 14.25 9.34 -23.57
C ASN B 105 13.82 9.96 -24.86
N GLN B 106 14.62 9.73 -25.91
CA GLN B 106 14.31 10.31 -27.21
C GLN B 106 13.03 9.80 -27.81
N VAL B 107 12.67 8.57 -27.54
CA VAL B 107 11.46 8.00 -28.17
C VAL B 107 10.26 8.76 -27.66
N GLU B 108 10.27 9.00 -26.36
CA GLU B 108 9.21 9.74 -25.74
C GLU B 108 9.16 11.24 -26.18
N SER B 109 10.32 11.83 -26.39
CA SER B 109 10.41 13.19 -26.93
C SER B 109 9.90 13.28 -28.36
N ASP B 110 10.19 12.28 -29.16
CA ASP B 110 9.81 12.31 -30.57
C ASP B 110 8.31 12.07 -30.78
N LYS B 111 7.62 11.47 -29.81
CA LYS B 111 6.17 11.27 -29.91
C LYS B 111 5.40 12.57 -29.86
N LEU B 112 5.97 13.55 -29.18
CA LEU B 112 5.26 14.79 -28.87
C LEU B 112 5.13 15.70 -30.05
N ARG B 113 3.97 16.29 -30.18
CA ARG B 113 3.80 17.37 -31.13
C ARG B 113 4.71 18.60 -30.80
N MET B 114 5.19 19.29 -31.82
CA MET B 114 6.10 20.41 -31.63
C MET B 114 5.48 21.53 -30.80
N ASP B 115 4.15 21.63 -30.80
CA ASP B 115 3.45 22.60 -29.97
C ASP B 115 2.52 21.97 -28.98
N ARG B 116 2.92 20.84 -28.40
CA ARG B 116 2.01 20.09 -27.52
C ARG B 116 1.53 20.95 -26.34
N ALA B 117 0.31 20.71 -25.94
CA ALA B 117 -0.28 21.38 -24.77
C ALA B 117 0.42 20.90 -23.51
N ILE B 118 0.59 21.81 -22.57
CA ILE B 118 1.18 21.57 -21.29
C ILE B 118 0.33 22.27 -20.22
N PRO B 119 0.31 21.77 -19.00
CA PRO B 119 -0.54 22.43 -18.03
C PRO B 119 -0.04 23.82 -17.63
N ASP B 120 -0.97 24.70 -17.28
CA ASP B 120 -0.66 26.01 -16.72
C ASP B 120 -0.35 25.87 -15.24
N THR B 121 0.93 25.98 -14.90
CA THR B 121 1.41 25.73 -13.55
C THR B 121 1.54 27.00 -12.72
N ARG B 122 1.09 28.13 -13.27
CA ARG B 122 1.19 29.39 -12.56
C ARG B 122 0.19 29.48 -11.44
N HIS B 123 0.56 30.24 -10.41
CA HIS B 123 -0.36 30.66 -9.35
C HIS B 123 -1.60 31.36 -9.93
N ASP B 124 -2.72 31.18 -9.26
CA ASP B 124 -3.99 31.79 -9.63
C ASP B 124 -3.93 33.29 -9.92
N GLN B 125 -3.19 34.02 -9.11
CA GLN B 125 -3.06 35.46 -9.26
C GLN B 125 -2.41 35.86 -10.59
N CYS B 126 -1.51 35.03 -11.10
CA CYS B 126 -0.83 35.35 -12.31
C CYS B 126 -1.81 35.42 -13.44
N GLN B 127 -2.80 34.53 -13.41
CA GLN B 127 -3.66 34.43 -14.63
C GLN B 127 -4.38 35.77 -14.97
N ARG B 128 -4.70 36.55 -13.94
CA ARG B 128 -5.54 37.77 -14.14
C ARG B 128 -4.70 39.00 -14.40
N LYS B 129 -3.42 38.94 -14.12
CA LYS B 129 -2.50 40.03 -14.42
C LYS B 129 -2.34 40.32 -15.94
N GLN B 130 -2.42 41.59 -16.35
CA GLN B 130 -2.23 42.08 -17.76
C GLN B 130 -1.13 43.18 -17.98
N TRP B 131 -0.50 43.17 -19.16
CA TRP B 131 0.68 44.00 -19.51
C TRP B 131 0.49 45.15 -20.50
N ARG B 132 1.13 46.31 -20.21
CA ARG B 132 1.12 47.51 -21.11
C ARG B 132 1.67 47.33 -22.50
N VAL B 133 2.71 46.52 -22.62
CA VAL B 133 2.99 45.97 -23.91
C VAL B 133 3.46 47.00 -25.01
N ASP B 134 3.87 48.18 -24.55
CA ASP B 134 5.16 48.74 -25.01
C ASP B 134 6.26 48.28 -24.00
N LEU B 135 6.53 46.98 -23.99
CA LEU B 135 7.64 46.42 -23.26
C LEU B 135 8.67 46.30 -24.35
N PRO B 136 9.95 46.36 -23.99
CA PRO B 136 10.99 46.18 -24.99
C PRO B 136 11.00 44.77 -25.52
N ALA B 137 11.24 44.60 -26.82
CA ALA B 137 11.34 43.28 -27.43
C ALA B 137 12.65 42.61 -27.03
N THR B 138 12.75 41.29 -27.18
CA THR B 138 13.95 40.56 -26.85
C THR B 138 14.47 39.75 -28.02
N SER B 139 15.79 39.54 -28.00
CA SER B 139 16.44 38.58 -28.85
C SER B 139 16.65 37.33 -27.97
N VAL B 140 16.14 36.19 -28.38
CA VAL B 140 16.28 34.95 -27.64
C VAL B 140 17.48 34.15 -28.16
N VAL B 141 18.41 33.78 -27.29
CA VAL B 141 19.60 33.08 -27.68
C VAL B 141 19.57 31.67 -27.15
N ILE B 142 19.70 30.69 -28.04
CA ILE B 142 19.67 29.29 -27.70
C ILE B 142 20.86 28.59 -28.31
N THR B 143 21.79 28.11 -27.49
CA THR B 143 22.93 27.38 -27.99
C THR B 143 22.66 25.89 -27.84
N PHE B 144 23.25 25.09 -28.71
CA PHE B 144 23.07 23.66 -28.64
C PHE B 144 24.24 22.92 -29.24
N HIS B 145 24.50 21.75 -28.65
CA HIS B 145 25.48 20.84 -29.22
C HIS B 145 24.88 19.46 -29.25
N ASN B 146 24.56 18.98 -30.46
CA ASN B 146 23.92 17.66 -30.64
C ASN B 146 22.68 17.50 -29.81
N GLU B 147 21.73 18.38 -30.04
CA GLU B 147 20.47 18.28 -29.34
C GLU B 147 19.56 17.41 -30.16
N ALA B 148 18.59 16.80 -29.49
CA ALA B 148 17.58 16.04 -30.20
C ALA B 148 16.72 16.98 -30.98
N ARG B 149 16.51 16.65 -32.25
CA ARG B 149 15.71 17.52 -33.10
C ARG B 149 14.34 17.84 -32.51
N SER B 150 13.66 16.85 -31.93
CA SER B 150 12.31 17.09 -31.44
C SER B 150 12.34 18.12 -30.31
N ALA B 151 13.33 18.02 -29.43
CA ALA B 151 13.41 18.93 -28.29
C ALA B 151 13.78 20.36 -28.70
N LEU B 152 14.69 20.49 -29.67
CA LEU B 152 15.12 21.79 -30.15
C LEU B 152 13.98 22.51 -30.87
N LEU B 153 13.31 21.80 -31.77
CA LEU B 153 12.17 22.37 -32.48
C LEU B 153 11.13 22.83 -31.49
N ARG B 154 10.86 21.97 -30.49
CA ARG B 154 9.83 22.28 -29.50
C ARG B 154 10.19 23.49 -28.63
N THR B 155 11.47 23.70 -28.36
CA THR B 155 11.87 24.87 -27.63
C THR B 155 11.56 26.13 -28.49
N VAL B 156 11.98 26.08 -29.76
CA VAL B 156 11.74 27.17 -30.68
C VAL B 156 10.26 27.48 -30.85
N VAL B 157 9.44 26.47 -31.08
CA VAL B 157 8.03 26.80 -31.25
C VAL B 157 7.36 27.18 -29.93
N SER B 158 7.78 26.67 -28.79
CA SER B 158 7.16 27.19 -27.54
C SER B 158 7.46 28.69 -27.38
N VAL B 159 8.65 29.13 -27.78
CA VAL B 159 8.94 30.56 -27.77
C VAL B 159 8.01 31.33 -28.72
N LEU B 160 7.89 30.86 -29.97
CA LEU B 160 7.08 31.59 -30.94
C LEU B 160 5.61 31.55 -30.57
N LYS B 161 5.16 30.47 -30.02
CA LYS B 161 3.71 30.30 -29.81
C LYS B 161 3.19 30.97 -28.52
N LYS B 162 4.01 30.99 -27.46
CA LYS B 162 3.60 31.51 -26.15
C LYS B 162 4.02 32.95 -25.87
N SER B 163 4.78 33.55 -26.79
CA SER B 163 5.21 34.91 -26.65
C SER B 163 4.45 35.82 -27.57
N PRO B 164 4.02 36.99 -27.08
CA PRO B 164 3.49 37.96 -28.05
C PRO B 164 4.46 38.21 -29.19
N PRO B 165 4.00 38.10 -30.44
CA PRO B 165 4.94 38.26 -31.57
C PRO B 165 5.76 39.52 -31.58
N HIS B 166 5.18 40.64 -31.18
CA HIS B 166 5.92 41.91 -31.26
C HIS B 166 7.03 42.02 -30.19
N LEU B 167 7.04 41.11 -29.22
CA LEU B 167 8.13 41.09 -28.25
C LEU B 167 9.26 40.14 -28.61
N ILE B 168 9.08 39.33 -29.65
CA ILE B 168 10.17 38.52 -30.17
C ILE B 168 10.81 39.16 -31.41
N LYS B 169 11.97 39.74 -31.22
CA LYS B 169 12.72 40.35 -32.30
C LYS B 169 13.22 39.26 -33.20
N GLU B 170 13.81 38.25 -32.59
CA GLU B 170 14.48 37.17 -33.29
C GLU B 170 14.84 36.04 -32.29
N ILE B 171 15.06 34.84 -32.84
CA ILE B 171 15.56 33.72 -32.11
C ILE B 171 16.87 33.35 -32.77
N ILE B 172 17.97 33.47 -32.02
CA ILE B 172 19.30 33.19 -32.52
C ILE B 172 19.74 31.83 -32.02
N LEU B 173 19.87 30.88 -32.93
CA LEU B 173 20.31 29.53 -32.66
C LEU B 173 21.79 29.49 -32.91
N VAL B 174 22.54 29.16 -31.86
CA VAL B 174 23.99 29.01 -31.98
C VAL B 174 24.33 27.51 -31.97
N ASP B 175 24.63 26.98 -33.14
CA ASP B 175 25.03 25.60 -33.30
C ASP B 175 26.48 25.45 -32.88
N ASP B 176 26.72 24.83 -31.74
CA ASP B 176 28.07 24.72 -31.21
C ASP B 176 28.72 23.45 -31.70
N TYR B 177 29.00 23.44 -33.00
CA TYR B 177 29.70 22.35 -33.65
C TYR B 177 29.01 20.99 -33.41
N SER B 178 27.70 20.93 -33.65
CA SER B 178 26.98 19.63 -33.73
C SER B 178 27.51 18.73 -34.84
N ASN B 179 27.41 17.42 -34.69
CA ASN B 179 27.84 16.48 -35.74
C ASN B 179 27.22 16.80 -37.07
N ASP B 180 25.90 17.00 -37.07
CA ASP B 180 25.15 17.29 -38.28
C ASP B 180 24.69 18.76 -38.33
N PRO B 181 25.27 19.56 -39.24
CA PRO B 181 24.88 20.99 -39.34
C PRO B 181 23.43 21.24 -39.73
N GLU B 182 22.77 20.22 -40.25
CA GLU B 182 21.37 20.38 -40.66
C GLU B 182 20.40 20.53 -39.50
N ASP B 183 20.78 20.05 -38.33
CA ASP B 183 19.94 20.19 -37.13
C ASP B 183 19.56 21.65 -37.00
N GLY B 184 20.55 22.53 -37.13
CA GLY B 184 20.33 23.95 -37.03
C GLY B 184 19.83 24.55 -38.32
N ALA B 185 20.52 24.27 -39.42
CA ALA B 185 20.24 24.93 -40.71
C ALA B 185 18.83 24.74 -41.19
N LEU B 186 18.27 23.55 -41.02
CA LEU B 186 16.86 23.35 -41.44
C LEU B 186 15.86 24.27 -40.69
N LEU B 187 16.18 24.65 -39.46
CA LEU B 187 15.31 25.54 -38.68
C LEU B 187 15.40 27.01 -39.11
N GLY B 188 16.46 27.38 -39.85
CA GLY B 188 16.61 28.75 -40.38
C GLY B 188 15.55 29.17 -41.36
N LYS B 189 14.80 28.21 -41.88
CA LYS B 189 13.60 28.53 -42.65
C LYS B 189 12.46 29.12 -41.81
N ILE B 190 12.43 28.86 -40.50
CA ILE B 190 11.32 29.33 -39.69
C ILE B 190 11.39 30.83 -39.41
N GLU B 191 10.25 31.51 -39.45
CA GLU B 191 10.12 32.94 -39.10
C GLU B 191 10.96 33.31 -37.87
N LYS B 192 11.74 34.37 -38.01
CA LYS B 192 12.46 34.97 -36.95
C LYS B 192 13.69 34.22 -36.52
N VAL B 193 13.94 33.05 -37.10
CA VAL B 193 15.07 32.25 -36.68
C VAL B 193 16.31 32.57 -37.50
N ARG B 194 17.39 32.87 -36.80
CA ARG B 194 18.71 33.04 -37.36
C ARG B 194 19.65 32.01 -36.79
N VAL B 195 20.49 31.39 -37.64
CA VAL B 195 21.38 30.36 -37.14
C VAL B 195 22.83 30.68 -37.42
N LEU B 196 23.63 30.41 -36.39
CA LEU B 196 25.04 30.73 -36.32
C LEU B 196 25.71 29.43 -35.98
N ARG B 197 26.67 29.00 -36.79
CA ARG B 197 27.33 27.72 -36.58
C ARG B 197 28.76 27.98 -36.21
N ASN B 198 29.19 27.42 -35.06
CA ASN B 198 30.60 27.45 -34.69
C ASN B 198 31.35 26.42 -35.51
N ASP B 199 32.47 26.83 -36.10
CA ASP B 199 33.24 25.93 -36.95
C ASP B 199 34.16 25.03 -36.17
N ARG B 200 34.22 25.24 -34.85
CA ARG B 200 34.76 24.23 -33.94
C ARG B 200 34.01 24.30 -32.63
N ARG B 201 34.27 23.35 -31.75
CA ARG B 201 33.59 23.29 -30.46
C ARG B 201 34.05 24.43 -29.58
N GLU B 202 33.10 25.25 -29.11
CA GLU B 202 33.43 26.43 -28.31
C GLU B 202 32.91 26.39 -26.88
N GLY B 203 31.88 25.59 -26.62
CA GLY B 203 31.26 25.56 -25.32
C GLY B 203 30.18 26.61 -25.14
N LEU B 204 29.37 26.43 -24.09
CA LEU B 204 28.17 27.22 -23.95
C LEU B 204 28.48 28.66 -23.65
N MET B 205 29.54 28.95 -22.94
CA MET B 205 29.84 30.32 -22.61
C MET B 205 30.22 31.16 -23.80
N ARG B 206 31.13 30.67 -24.61
CA ARG B 206 31.52 31.42 -25.80
C ARG B 206 30.40 31.42 -26.82
N SER B 207 29.64 30.36 -26.88
CA SER B 207 28.51 30.30 -27.78
C SER B 207 27.43 31.31 -27.39
N ARG B 208 27.17 31.47 -26.10
CA ARG B 208 26.18 32.45 -25.68
C ARG B 208 26.62 33.87 -26.01
N VAL B 209 27.90 34.12 -25.87
CA VAL B 209 28.40 35.45 -26.15
C VAL B 209 28.31 35.73 -27.64
N ARG B 210 28.58 34.74 -28.48
CA ARG B 210 28.44 34.97 -29.93
C ARG B 210 27.00 35.34 -30.27
N GLY B 211 26.07 34.64 -29.64
CA GLY B 211 24.67 34.98 -29.76
C GLY B 211 24.34 36.38 -29.30
N ALA B 212 24.79 36.72 -28.11
CA ALA B 212 24.55 38.06 -27.62
C ALA B 212 25.10 39.13 -28.56
N ASP B 213 26.29 38.90 -29.11
CA ASP B 213 26.97 39.89 -29.94
C ASP B 213 26.18 40.15 -31.21
N ALA B 214 25.47 39.14 -31.67
CA ALA B 214 24.69 39.26 -32.91
C ALA B 214 23.27 39.80 -32.67
N ALA B 215 22.89 39.95 -31.41
CA ALA B 215 21.54 40.31 -31.09
C ALA B 215 21.19 41.75 -31.43
N GLN B 216 20.02 41.97 -31.98
CA GLN B 216 19.56 43.34 -32.36
C GLN B 216 18.69 44.04 -31.33
N ALA B 217 18.03 43.29 -30.45
CA ALA B 217 17.12 43.89 -29.51
C ALA B 217 17.82 44.48 -28.32
N LYS B 218 17.06 45.23 -27.56
CA LYS B 218 17.53 45.85 -26.31
C LYS B 218 17.72 44.86 -25.13
N VAL B 219 16.97 43.76 -25.15
CA VAL B 219 16.99 42.79 -24.07
C VAL B 219 17.33 41.40 -24.59
N LEU B 220 18.19 40.70 -23.84
CA LEU B 220 18.54 39.32 -24.14
C LEU B 220 17.74 38.34 -23.29
N THR B 221 17.37 37.23 -23.91
CA THR B 221 16.82 36.08 -23.22
C THR B 221 17.64 34.82 -23.59
N PHE B 222 18.14 34.09 -22.60
CA PHE B 222 18.84 32.81 -22.83
C PHE B 222 17.97 31.63 -22.35
N LEU B 223 17.91 30.57 -23.17
CA LEU B 223 17.23 29.33 -22.85
C LEU B 223 18.07 28.15 -23.30
N ASP B 224 18.02 27.04 -22.56
CA ASP B 224 18.62 25.79 -23.00
C ASP B 224 17.78 25.30 -24.14
N SER B 225 18.36 24.41 -24.91
CA SER B 225 17.77 23.88 -26.12
C SER B 225 16.80 22.73 -25.90
N HIS B 226 16.32 22.55 -24.67
CA HIS B 226 15.28 21.54 -24.37
C HIS B 226 14.35 22.12 -23.28
N CYS B 227 13.72 23.25 -23.63
CA CYS B 227 12.81 23.94 -22.75
C CYS B 227 11.43 24.05 -23.39
N GLU B 228 10.40 24.32 -22.58
CA GLU B 228 9.09 24.61 -23.11
C GLU B 228 8.47 25.73 -22.31
N CYS B 229 8.27 26.87 -22.97
CA CYS B 229 7.66 28.06 -22.35
C CYS B 229 6.18 27.89 -22.06
N ASN B 230 5.70 28.43 -20.94
CA ASN B 230 4.29 28.36 -20.55
C ASN B 230 3.56 29.65 -20.83
N GLU B 231 2.29 29.71 -20.47
CA GLU B 231 1.46 30.90 -20.70
C GLU B 231 2.04 32.17 -20.07
N HIS B 232 2.13 33.24 -20.87
CA HIS B 232 2.61 34.54 -20.45
C HIS B 232 3.88 34.45 -19.62
N TRP B 233 4.80 33.65 -20.13
CA TRP B 233 6.09 33.50 -19.47
C TRP B 233 6.96 34.73 -19.59
N LEU B 234 6.78 35.51 -20.67
CA LEU B 234 7.78 36.50 -21.04
C LEU B 234 7.51 37.88 -20.45
N GLU B 235 6.27 38.30 -20.47
CA GLU B 235 5.95 39.64 -20.05
C GLU B 235 6.44 39.93 -18.62
N PRO B 236 6.27 38.98 -17.68
CA PRO B 236 6.68 39.28 -16.31
C PRO B 236 8.17 39.46 -16.16
N LEU B 237 8.94 38.82 -17.04
CA LEU B 237 10.38 38.97 -17.02
C LEU B 237 10.74 40.33 -17.58
N LEU B 238 10.19 40.68 -18.75
CA LEU B 238 10.51 41.93 -19.38
C LEU B 238 10.11 43.13 -18.54
N GLU B 239 8.94 43.05 -17.93
CA GLU B 239 8.47 44.08 -17.00
C GLU B 239 9.55 44.46 -15.98
N ARG B 240 10.26 43.48 -15.44
CA ARG B 240 11.26 43.76 -14.41
C ARG B 240 12.44 44.53 -14.96
N VAL B 241 12.99 44.10 -16.10
CA VAL B 241 14.19 44.72 -16.57
C VAL B 241 13.90 46.05 -17.26
N ALA B 242 12.69 46.21 -17.78
CA ALA B 242 12.28 47.50 -18.33
C ALA B 242 12.23 48.54 -17.21
N GLU B 243 11.72 48.16 -16.03
CA GLU B 243 11.68 49.06 -14.91
C GLU B 243 13.09 49.37 -14.34
N ASP B 244 13.98 48.38 -14.28
CA ASP B 244 15.34 48.57 -13.75
C ASP B 244 16.27 47.61 -14.43
N ARG B 245 17.12 48.17 -15.27
CA ARG B 245 17.99 47.43 -16.15
C ARG B 245 19.12 46.66 -15.45
N THR B 246 19.27 46.84 -14.14
CA THR B 246 20.30 46.12 -13.39
C THR B 246 19.79 44.82 -12.79
N ARG B 247 18.51 44.54 -12.98
CA ARG B 247 17.95 43.24 -12.56
C ARG B 247 18.15 42.22 -13.67
N VAL B 248 18.64 41.07 -13.25
CA VAL B 248 18.77 39.87 -14.06
C VAL B 248 17.76 38.87 -13.50
N VAL B 249 16.85 38.41 -14.34
CA VAL B 249 15.67 37.70 -13.86
C VAL B 249 15.45 36.36 -14.52
N SER B 250 14.92 35.40 -13.74
CA SER B 250 14.60 34.04 -14.25
C SER B 250 13.19 33.62 -13.94
N PRO B 251 12.68 32.69 -14.73
CA PRO B 251 11.44 32.08 -14.43
C PRO B 251 11.66 31.02 -13.36
N ILE B 252 10.55 30.58 -12.78
CA ILE B 252 10.51 29.29 -12.08
C ILE B 252 10.60 28.25 -13.17
N ILE B 253 11.52 27.32 -12.96
CA ILE B 253 11.86 26.32 -13.94
C ILE B 253 11.12 25.01 -13.64
N ASP B 254 10.07 24.72 -14.39
CA ASP B 254 9.32 23.51 -14.24
C ASP B 254 10.16 22.33 -14.75
N VAL B 255 9.72 21.13 -14.38
CA VAL B 255 10.43 19.92 -14.68
C VAL B 255 9.77 19.16 -15.81
N ILE B 256 10.55 18.90 -16.85
CA ILE B 256 10.13 18.01 -17.91
C ILE B 256 10.86 16.72 -17.67
N ASN B 257 10.11 15.69 -17.33
CA ASN B 257 10.68 14.42 -16.86
C ASN B 257 11.51 13.78 -17.97
N MET B 258 12.75 13.43 -17.66
CA MET B 258 13.67 12.85 -18.65
C MET B 258 13.28 11.45 -19.17
N ASP B 259 12.39 10.76 -18.45
CA ASP B 259 11.95 9.42 -18.84
C ASP B 259 10.64 9.44 -19.62
N ASN B 260 9.63 10.11 -19.11
CA ASN B 260 8.28 10.14 -19.76
C ASN B 260 7.88 11.48 -20.40
N PHE B 261 8.68 12.52 -20.18
CA PHE B 261 8.45 13.86 -20.77
C PHE B 261 7.21 14.58 -20.32
N GLN B 262 6.66 14.16 -19.20
CA GLN B 262 5.58 14.89 -18.58
C GLN B 262 6.12 16.17 -18.03
N TYR B 263 5.29 17.19 -18.12
CA TYR B 263 5.62 18.52 -17.66
C TYR B 263 5.04 18.66 -16.28
N VAL B 264 5.90 19.01 -15.30
CA VAL B 264 5.53 19.00 -13.91
C VAL B 264 5.82 20.32 -13.24
N GLY B 265 4.83 20.83 -12.51
CA GLY B 265 4.95 22.16 -11.90
C GLY B 265 5.91 22.12 -10.75
N ALA B 266 6.90 23.01 -10.76
CA ALA B 266 7.87 23.11 -9.69
C ALA B 266 7.34 23.92 -8.53
N SER B 267 8.04 23.78 -7.39
CA SER B 267 7.75 24.58 -6.24
C SER B 267 8.15 26.03 -6.48
N ALA B 268 7.42 26.95 -5.88
CA ALA B 268 7.68 28.38 -5.99
C ALA B 268 8.36 28.88 -4.76
N ASP B 269 8.65 28.00 -3.82
CA ASP B 269 9.24 28.39 -2.56
C ASP B 269 10.77 28.22 -2.50
N LEU B 270 11.42 28.12 -3.65
CA LEU B 270 12.86 27.89 -3.70
C LEU B 270 13.65 29.16 -4.01
N LYS B 271 14.90 29.19 -3.53
CA LYS B 271 15.93 30.14 -3.99
C LYS B 271 17.15 29.35 -4.41
N GLY B 272 17.97 29.91 -5.29
CA GLY B 272 19.22 29.29 -5.69
C GLY B 272 20.31 29.48 -4.68
N GLY B 273 21.21 28.52 -4.59
CA GLY B 273 22.35 28.59 -3.67
C GLY B 273 23.45 27.58 -3.98
N PHE B 274 24.35 27.36 -3.02
CA PHE B 274 25.51 26.46 -3.22
C PHE B 274 26.20 26.17 -1.88
N ASP B 275 26.81 25.00 -1.80
CA ASP B 275 27.71 24.66 -0.72
C ASP B 275 29.13 25.04 -1.14
N TRP B 276 30.08 24.85 -0.23
CA TRP B 276 31.42 25.36 -0.42
C TRP B 276 32.18 24.64 -1.54
N ASN B 277 31.65 23.51 -1.99
CA ASN B 277 32.13 22.92 -3.22
C ASN B 277 31.71 23.67 -4.49
N LEU B 278 30.94 24.76 -4.34
CA LEU B 278 30.51 25.60 -5.46
C LEU B 278 29.69 24.88 -6.53
N VAL B 279 28.97 23.82 -6.16
CA VAL B 279 27.95 23.25 -7.03
C VAL B 279 26.58 23.84 -6.69
N PHE B 280 25.87 24.26 -7.73
CA PHE B 280 24.55 24.80 -7.61
C PHE B 280 23.56 23.84 -6.92
N LYS B 281 22.74 24.40 -6.04
CA LYS B 281 21.65 23.65 -5.42
C LYS B 281 20.47 24.54 -5.12
N TRP B 282 19.31 23.94 -4.88
CA TRP B 282 18.09 24.66 -4.51
C TRP B 282 17.87 24.61 -3.01
N ASP B 283 17.64 25.77 -2.41
CA ASP B 283 17.33 25.90 -0.98
C ASP B 283 15.86 26.22 -0.89
N TYR B 284 15.16 25.68 0.10
CA TYR B 284 13.84 26.20 0.43
C TYR B 284 14.04 27.56 1.08
N MET B 285 13.13 28.51 0.85
CA MET B 285 13.04 29.69 1.67
C MET B 285 12.86 29.29 3.13
N THR B 286 13.27 30.17 4.05
CA THR B 286 13.01 29.96 5.46
C THR B 286 11.54 30.22 5.78
N PRO B 287 11.08 29.67 6.92
CA PRO B 287 9.74 29.98 7.39
C PRO B 287 9.47 31.47 7.52
N GLU B 288 10.48 32.22 7.96
CA GLU B 288 10.35 33.67 8.05
C GLU B 288 10.12 34.34 6.66
N GLN B 289 10.93 33.99 5.67
CA GLN B 289 10.76 34.53 4.32
C GLN B 289 9.36 34.22 3.75
N ARG B 290 8.93 32.96 3.88
CA ARG B 290 7.61 32.56 3.37
C ARG B 290 6.50 33.35 4.02
N ARG B 291 6.62 33.53 5.33
CA ARG B 291 5.62 34.29 6.08
C ARG B 291 5.53 35.75 5.60
N SER B 292 6.68 36.39 5.32
CA SER B 292 6.71 37.78 4.85
C SER B 292 6.13 37.98 3.44
N ARG B 293 5.92 36.90 2.69
CA ARG B 293 5.35 36.96 1.36
C ARG B 293 3.84 36.64 1.32
N GLN B 294 3.25 36.24 2.45
CA GLN B 294 1.86 35.76 2.50
C GLN B 294 0.90 36.81 1.87
N GLY B 295 1.19 38.10 2.06
CA GLY B 295 0.42 39.18 1.46
C GLY B 295 0.56 39.38 -0.07
N ASN B 296 1.70 38.94 -0.65
CA ASN B 296 1.85 38.91 -2.10
C ASN B 296 2.69 37.71 -2.57
N PRO B 297 2.04 36.57 -2.73
CA PRO B 297 2.78 35.34 -2.93
C PRO B 297 3.44 35.21 -4.29
N VAL B 298 3.11 36.07 -5.24
CA VAL B 298 3.81 36.02 -6.53
C VAL B 298 4.80 37.17 -6.73
N ALA B 299 5.22 37.80 -5.65
CA ALA B 299 6.26 38.82 -5.72
C ALA B 299 7.61 38.23 -6.15
N PRO B 300 8.48 39.05 -6.78
CA PRO B 300 9.81 38.62 -7.14
C PRO B 300 10.53 38.03 -5.93
N ILE B 301 11.36 37.02 -6.18
CA ILE B 301 12.19 36.42 -5.14
C ILE B 301 13.64 36.74 -5.40
N LYS B 302 14.30 37.43 -4.47
CA LYS B 302 15.71 37.69 -4.60
C LYS B 302 16.47 36.41 -4.36
N THR B 303 17.43 36.12 -5.24
CA THR B 303 18.16 34.87 -5.15
C THR B 303 19.70 35.10 -5.20
N PRO B 304 20.44 34.42 -4.34
CA PRO B 304 21.87 34.54 -4.30
C PRO B 304 22.53 34.08 -5.57
N MET B 305 21.85 33.18 -6.24
CA MET B 305 22.40 32.55 -7.40
C MET B 305 21.30 32.07 -8.34
N ILE B 306 21.53 32.20 -9.64
CA ILE B 306 20.61 31.64 -10.63
C ILE B 306 21.11 30.31 -11.11
N ALA B 307 20.18 29.49 -11.60
CA ALA B 307 20.50 28.16 -12.06
C ALA B 307 21.43 28.28 -13.23
N GLY B 308 21.14 29.26 -14.09
CA GLY B 308 22.10 29.73 -15.07
C GLY B 308 21.69 29.67 -16.53
N GLY B 309 20.76 28.78 -16.86
CA GLY B 309 20.42 28.57 -18.27
C GLY B 309 19.23 29.34 -18.80
N LEU B 310 18.42 29.90 -17.90
CA LEU B 310 17.23 30.54 -18.29
C LEU B 310 17.20 31.86 -17.57
N PHE B 311 17.47 32.95 -18.30
CA PHE B 311 17.36 34.27 -17.72
C PHE B 311 17.18 35.32 -18.76
N VAL B 312 16.77 36.47 -18.29
CA VAL B 312 16.57 37.65 -19.12
C VAL B 312 17.42 38.77 -18.57
N MET B 313 18.12 39.48 -19.45
CA MET B 313 19.05 40.54 -19.03
C MET B 313 19.08 41.63 -20.06
N ASP B 314 19.09 42.88 -19.61
CA ASP B 314 19.27 44.03 -20.49
C ASP B 314 20.57 43.83 -21.27
N LYS B 315 20.54 44.01 -22.59
CA LYS B 315 21.70 43.66 -23.41
C LYS B 315 22.93 44.51 -23.13
N PHE B 316 22.70 45.82 -23.00
CA PHE B 316 23.79 46.76 -22.75
C PHE B 316 24.36 46.53 -21.38
N TYR B 317 23.51 46.14 -20.42
CA TYR B 317 23.97 45.77 -19.09
C TYR B 317 24.84 44.54 -19.12
N PHE B 318 24.44 43.56 -19.92
CA PHE B 318 25.24 42.35 -20.11
C PHE B 318 26.62 42.69 -20.64
N GLU B 319 26.70 43.61 -21.59
CA GLU B 319 27.98 44.03 -22.18
C GLU B 319 28.84 44.77 -21.18
N GLU B 320 28.28 45.78 -20.54
CA GLU B 320 29.02 46.60 -19.59
C GLU B 320 29.56 45.81 -18.43
N LEU B 321 28.79 44.83 -17.95
CA LEU B 321 29.26 44.03 -16.84
C LEU B 321 30.27 42.98 -17.25
N GLY B 322 30.59 42.83 -18.54
CA GLY B 322 31.64 41.90 -18.99
C GLY B 322 31.11 40.56 -19.51
N LYS B 323 29.91 40.55 -20.09
CA LYS B 323 29.42 39.39 -20.81
C LYS B 323 29.57 38.13 -19.97
N TYR B 324 30.36 37.17 -20.47
CA TYR B 324 30.85 36.04 -19.71
C TYR B 324 32.38 35.99 -19.87
N ASP B 325 33.03 35.22 -19.00
CA ASP B 325 34.46 35.00 -19.08
C ASP B 325 34.75 34.09 -20.26
N MET B 326 35.32 34.66 -21.31
CA MET B 326 35.52 33.94 -22.57
C MET B 326 36.47 32.74 -22.49
N MET B 327 37.19 32.58 -21.40
CA MET B 327 38.15 31.47 -21.27
C MET B 327 37.62 30.29 -20.46
N MET B 328 36.35 30.34 -20.08
CA MET B 328 35.67 29.17 -19.56
C MET B 328 35.27 28.25 -20.72
N ASP B 329 35.30 26.93 -20.50
CA ASP B 329 35.10 25.92 -21.52
C ASP B 329 33.94 24.97 -21.25
N VAL B 330 33.29 24.57 -22.33
CA VAL B 330 32.21 23.59 -22.35
C VAL B 330 30.97 23.87 -21.48
N TRP B 331 31.12 23.71 -20.16
CA TRP B 331 29.97 23.70 -19.22
C TRP B 331 30.50 23.92 -17.80
N GLY B 332 29.71 24.56 -16.96
CA GLY B 332 29.98 24.75 -15.51
C GLY B 332 30.93 25.94 -15.29
N GLY B 333 31.04 26.72 -14.23
CA GLY B 333 30.10 27.35 -13.41
C GLY B 333 30.26 28.86 -13.85
N GLU B 334 29.81 29.11 -15.06
CA GLU B 334 29.56 30.47 -15.53
C GLU B 334 28.35 31.08 -14.81
N ASN B 335 27.40 30.24 -14.41
CA ASN B 335 26.32 30.68 -13.53
C ASN B 335 26.81 31.24 -12.20
N LEU B 336 27.88 30.66 -11.68
CA LEU B 336 28.45 31.04 -10.43
C LEU B 336 29.09 32.43 -10.62
N GLU B 337 29.91 32.52 -11.67
CA GLU B 337 30.65 33.70 -11.95
C GLU B 337 29.74 34.91 -12.16
N ILE B 338 28.72 34.74 -13.00
CA ILE B 338 27.84 35.87 -13.32
C ILE B 338 26.97 36.25 -12.14
N SER B 339 26.64 35.29 -11.29
CA SER B 339 25.81 35.58 -10.10
C SER B 339 26.59 36.43 -9.08
N PHE B 340 27.84 36.07 -8.83
CA PHE B 340 28.71 36.88 -7.98
C PHE B 340 28.91 38.26 -8.56
N ARG B 341 29.22 38.31 -9.86
CA ARG B 341 29.57 39.56 -10.51
C ARG B 341 28.41 40.53 -10.46
N VAL B 342 27.22 40.05 -10.81
CA VAL B 342 26.04 40.94 -10.78
C VAL B 342 25.77 41.50 -9.36
N TRP B 343 25.80 40.64 -8.36
CA TRP B 343 25.50 41.08 -6.99
C TRP B 343 26.61 42.01 -6.49
N GLN B 344 27.87 41.60 -6.66
CA GLN B 344 28.97 42.40 -6.11
C GLN B 344 29.11 43.74 -6.83
N CYS B 345 28.68 43.81 -8.07
CA CYS B 345 28.92 45.00 -8.85
C CYS B 345 27.70 45.88 -9.02
N GLY B 346 26.70 45.72 -8.17
CA GLY B 346 25.60 46.68 -8.09
C GLY B 346 24.23 46.23 -8.64
N GLY B 347 24.15 45.07 -9.29
CA GLY B 347 22.85 44.60 -9.79
C GLY B 347 22.10 43.69 -8.83
N SER B 348 21.09 42.99 -9.35
CA SER B 348 20.39 41.99 -8.56
C SER B 348 19.96 40.81 -9.40
N LEU B 349 19.67 39.70 -8.71
CA LEU B 349 19.20 38.48 -9.31
C LEU B 349 17.81 38.17 -8.74
N GLU B 350 16.84 37.84 -9.61
CA GLU B 350 15.51 37.50 -9.18
C GLU B 350 15.00 36.28 -9.89
N ILE B 351 14.04 35.64 -9.23
CA ILE B 351 13.20 34.56 -9.77
C ILE B 351 11.80 35.10 -9.75
N ILE B 352 11.10 34.92 -10.87
CA ILE B 352 9.80 35.55 -11.05
C ILE B 352 8.71 34.49 -11.15
N PRO B 353 7.94 34.31 -10.07
CA PRO B 353 6.96 33.24 -10.01
C PRO B 353 5.94 33.16 -11.14
N CYS B 354 5.48 34.30 -11.64
CA CYS B 354 4.48 34.28 -12.70
C CYS B 354 5.06 33.81 -14.04
N SER B 355 6.39 33.75 -14.14
CA SER B 355 7.05 33.22 -15.30
C SER B 355 7.41 31.75 -15.09
N ARG B 356 6.85 30.89 -15.95
CA ARG B 356 7.08 29.44 -15.90
C ARG B 356 7.66 28.91 -17.20
N VAL B 357 8.76 28.21 -17.12
CA VAL B 357 9.35 27.54 -18.25
C VAL B 357 9.85 26.15 -17.83
N GLY B 358 9.46 25.13 -18.57
CA GLY B 358 9.91 23.76 -18.30
C GLY B 358 11.25 23.43 -18.95
N HIS B 359 11.96 22.49 -18.32
CA HIS B 359 13.33 22.16 -18.71
C HIS B 359 13.52 20.67 -18.49
N VAL B 360 14.18 20.03 -19.43
CA VAL B 360 14.50 18.64 -19.27
C VAL B 360 15.73 18.49 -18.37
N PHE B 361 15.50 18.26 -17.08
CA PHE B 361 16.62 17.99 -16.16
C PHE B 361 17.12 16.59 -16.40
N ARG B 362 18.44 16.44 -16.51
CA ARG B 362 19.01 15.11 -16.64
C ARG B 362 20.11 14.85 -15.61
N LYS B 363 20.51 13.60 -15.46
CA LYS B 363 21.52 13.20 -14.46
C LYS B 363 22.94 13.16 -15.02
N GLN B 364 23.09 12.97 -16.34
CA GLN B 364 24.42 12.92 -16.99
C GLN B 364 24.51 13.77 -18.26
N HIS B 365 25.72 14.22 -18.57
CA HIS B 365 25.97 14.93 -19.81
C HIS B 365 26.05 13.92 -20.95
N PRO B 366 25.41 14.21 -22.08
CA PRO B 366 25.53 13.33 -23.25
C PRO B 366 26.71 13.65 -24.18
N TYR B 367 27.48 14.68 -23.89
CA TYR B 367 28.52 15.17 -24.81
C TYR B 367 29.90 15.13 -24.16
N THR B 368 30.92 15.32 -24.99
CA THR B 368 32.31 15.20 -24.56
C THR B 368 32.86 16.47 -23.91
N PHE B 369 33.80 16.27 -22.99
CA PHE B 369 34.60 17.35 -22.42
C PHE B 369 36.07 17.10 -22.74
N PRO B 370 36.72 17.96 -23.54
CA PRO B 370 38.16 17.86 -23.66
C PRO B 370 38.89 18.07 -22.33
N GLY B 371 39.54 17.00 -21.89
CA GLY B 371 40.19 16.94 -20.58
C GLY B 371 39.40 16.16 -19.52
N GLY B 372 38.09 15.96 -19.73
CA GLY B 372 37.24 15.26 -18.76
C GLY B 372 36.40 16.28 -18.02
N SER B 373 35.14 15.94 -17.77
CA SER B 373 34.23 16.88 -17.14
C SER B 373 34.72 17.35 -15.77
N GLY B 374 35.23 16.42 -14.96
CA GLY B 374 35.77 16.74 -13.63
C GLY B 374 36.73 17.92 -13.68
N THR B 375 37.64 17.87 -14.63
CA THR B 375 38.73 18.82 -14.67
C THR B 375 38.30 20.17 -15.32
N VAL B 376 37.43 20.10 -16.33
CA VAL B 376 36.94 21.32 -16.93
C VAL B 376 36.10 22.15 -15.93
N PHE B 377 35.25 21.45 -15.18
CA PHE B 377 34.37 22.08 -14.21
C PHE B 377 35.21 22.75 -13.13
N ALA B 378 36.29 22.08 -12.73
CA ALA B 378 37.18 22.66 -11.73
C ALA B 378 37.95 23.87 -12.29
N ARG B 379 38.40 23.78 -13.52
CA ARG B 379 39.08 24.94 -14.13
C ARG B 379 38.14 26.16 -14.14
N ASN B 380 36.94 25.98 -14.72
CA ASN B 380 35.98 27.07 -14.77
C ASN B 380 35.69 27.62 -13.41
N THR B 381 35.45 26.72 -12.47
CA THR B 381 35.08 27.13 -11.11
C THR B 381 36.22 27.92 -10.46
N ARG B 382 37.46 27.48 -10.69
CA ARG B 382 38.62 28.21 -10.20
C ARG B 382 38.64 29.61 -10.76
N ARG B 383 38.35 29.75 -12.05
CA ARG B 383 38.42 31.08 -12.65
C ARG B 383 37.43 32.01 -12.01
N ALA B 384 36.29 31.49 -11.58
CA ALA B 384 35.32 32.29 -10.85
C ALA B 384 35.83 32.60 -9.44
N ALA B 385 36.31 31.59 -8.74
CA ALA B 385 36.73 31.76 -7.35
C ALA B 385 37.88 32.71 -7.21
N GLU B 386 38.89 32.56 -8.06
CA GLU B 386 40.08 33.37 -7.96
C GLU B 386 39.84 34.86 -8.28
N VAL B 387 38.80 35.16 -9.03
CA VAL B 387 38.49 36.54 -9.39
C VAL B 387 37.54 37.19 -8.39
N TRP B 388 36.59 36.44 -7.82
CA TRP B 388 35.46 37.04 -7.09
C TRP B 388 35.44 36.80 -5.59
N MET B 389 36.05 35.72 -5.12
CA MET B 389 35.78 35.27 -3.77
C MET B 389 36.74 35.79 -2.69
N ASP B 390 37.77 36.53 -3.09
CA ASP B 390 38.79 36.98 -2.16
C ASP B 390 39.31 35.77 -1.36
N GLU B 391 39.49 35.90 -0.05
CA GLU B 391 40.05 34.82 0.78
C GLU B 391 39.12 33.62 0.92
N TYR B 392 37.83 33.81 0.67
CA TYR B 392 36.87 32.76 0.90
C TYR B 392 37.03 31.64 -0.12
N LYS B 393 37.84 31.86 -1.15
CA LYS B 393 38.21 30.79 -2.07
C LYS B 393 38.83 29.61 -1.35
N ASN B 394 39.51 29.91 -0.24
CA ASN B 394 40.17 28.85 0.51
C ASN B 394 39.19 27.85 1.11
N PHE B 395 37.95 28.29 1.36
CA PHE B 395 36.92 27.32 1.74
C PHE B 395 36.49 26.40 0.60
N TYR B 396 36.54 26.89 -0.63
CA TYR B 396 36.28 26.02 -1.80
C TYR B 396 37.41 24.96 -1.93
N TYR B 397 38.68 25.41 -1.87
CA TYR B 397 39.81 24.47 -1.86
C TYR B 397 39.83 23.51 -0.66
N ALA B 398 39.31 23.96 0.47
CA ALA B 398 39.16 23.05 1.61
C ALA B 398 38.12 21.95 1.33
N ALA B 399 37.09 22.23 0.54
CA ALA B 399 36.10 21.21 0.16
C ALA B 399 36.58 20.36 -1.00
N VAL B 400 37.38 20.92 -1.89
CA VAL B 400 37.80 20.25 -3.12
C VAL B 400 39.31 20.43 -3.29
N PRO B 401 40.11 19.71 -2.49
CA PRO B 401 41.53 20.02 -2.46
C PRO B 401 42.19 19.71 -3.78
N SER B 402 41.68 18.72 -4.51
CA SER B 402 42.21 18.36 -5.83
C SER B 402 42.19 19.53 -6.82
N ALA B 403 41.32 20.50 -6.60
CA ALA B 403 41.24 21.66 -7.47
C ALA B 403 42.52 22.50 -7.48
N ARG B 404 43.27 22.52 -6.38
CA ARG B 404 44.53 23.27 -6.31
C ARG B 404 45.57 22.85 -7.37
N ASN B 405 45.46 21.63 -7.87
CA ASN B 405 46.38 21.12 -8.91
C ASN B 405 45.88 21.35 -10.34
N VAL B 406 44.72 22.00 -10.51
CA VAL B 406 44.15 22.23 -11.83
C VAL B 406 44.53 23.61 -12.38
N PRO B 407 45.32 23.64 -13.46
CA PRO B 407 45.68 24.92 -14.05
C PRO B 407 44.46 25.60 -14.64
N TYR B 408 44.42 26.91 -14.47
CA TYR B 408 43.26 27.69 -14.86
C TYR B 408 43.52 28.89 -15.78
N GLY B 409 44.77 29.14 -16.15
CA GLY B 409 45.07 30.14 -17.16
C GLY B 409 45.07 31.56 -16.65
N ASN B 410 45.13 32.49 -17.59
CA ASN B 410 45.23 33.91 -17.28
C ASN B 410 43.89 34.55 -16.93
N ILE B 411 43.84 35.25 -15.80
CA ILE B 411 42.60 35.87 -15.31
C ILE B 411 42.67 37.40 -15.23
N GLN B 412 43.65 37.97 -15.92
CA GLN B 412 44.02 39.36 -15.72
C GLN B 412 42.94 40.31 -16.18
N SER B 413 42.36 40.06 -17.35
CA SER B 413 41.34 40.97 -17.85
C SER B 413 40.04 40.89 -17.04
N ARG B 414 39.79 39.74 -16.41
CA ARG B 414 38.68 39.62 -15.46
C ARG B 414 38.95 40.40 -14.15
N LEU B 415 40.18 40.34 -13.67
CA LEU B 415 40.55 41.14 -12.51
C LEU B 415 40.45 42.63 -12.80
N GLU B 416 40.87 43.04 -13.99
CA GLU B 416 40.81 44.46 -14.36
C GLU B 416 39.37 44.91 -14.49
N LEU B 417 38.52 44.00 -14.98
CA LEU B 417 37.07 44.23 -15.05
C LEU B 417 36.48 44.49 -13.67
N ARG B 418 36.86 43.68 -12.69
CA ARG B 418 36.38 43.90 -11.32
C ARG B 418 36.79 45.26 -10.75
N LYS B 419 38.04 45.67 -10.98
CA LYS B 419 38.50 47.00 -10.54
C LYS B 419 37.69 48.10 -11.20
N LYS B 420 37.61 48.01 -12.52
CA LYS B 420 36.94 49.01 -13.32
C LYS B 420 35.48 49.25 -12.90
N LEU B 421 34.81 48.21 -12.45
CA LEU B 421 33.40 48.30 -12.05
C LEU B 421 33.17 48.73 -10.60
N SER B 422 34.22 48.80 -9.80
CA SER B 422 34.03 49.08 -8.38
C SER B 422 33.03 48.09 -7.75
N CYS B 423 33.51 46.88 -7.52
CA CYS B 423 32.67 45.83 -7.02
C CYS B 423 32.95 45.66 -5.53
N LYS B 424 31.94 45.26 -4.76
CA LYS B 424 32.10 45.05 -3.33
C LYS B 424 32.78 43.72 -3.07
N PRO B 425 33.35 43.55 -1.87
CA PRO B 425 34.10 42.34 -1.60
C PRO B 425 33.17 41.18 -1.33
N PHE B 426 33.71 39.96 -1.40
CA PHE B 426 32.90 38.79 -1.23
C PHE B 426 32.27 38.72 0.17
N LYS B 427 32.95 39.26 1.16
CA LYS B 427 32.41 39.33 2.51
C LYS B 427 31.08 40.06 2.50
N TRP B 428 31.00 41.10 1.69
CA TRP B 428 29.77 41.84 1.56
C TRP B 428 28.69 40.95 1.00
N TYR B 429 29.05 40.18 -0.01
CA TYR B 429 28.10 39.27 -0.64
C TYR B 429 27.58 38.27 0.37
N LEU B 430 28.45 37.69 1.19
CA LEU B 430 28.00 36.72 2.16
C LEU B 430 27.07 37.33 3.20
N GLU B 431 27.37 38.54 3.64
CA GLU B 431 26.59 39.15 4.72
C GLU B 431 25.27 39.64 4.23
N ASN B 432 25.23 40.19 3.01
CA ASN B 432 24.04 40.86 2.54
C ASN B 432 23.18 40.07 1.53
N VAL B 433 23.76 39.11 0.83
CA VAL B 433 23.06 38.42 -0.25
C VAL B 433 22.80 36.99 0.13
N TYR B 434 23.81 36.30 0.66
CA TYR B 434 23.68 34.90 1.06
C TYR B 434 24.06 34.63 2.54
N PRO B 435 23.35 35.27 3.47
CA PRO B 435 23.76 35.14 4.87
C PRO B 435 23.52 33.74 5.39
N GLU B 436 22.63 33.00 4.73
CA GLU B 436 22.27 31.69 5.24
C GLU B 436 23.29 30.61 4.85
N LEU B 437 24.29 30.97 4.05
CA LEU B 437 25.39 30.07 3.78
C LEU B 437 26.32 30.05 5.00
N ARG B 438 26.51 28.88 5.58
CA ARG B 438 27.19 28.72 6.83
C ARG B 438 28.69 28.79 6.60
N VAL B 439 29.35 29.71 7.27
CA VAL B 439 30.73 30.02 6.99
C VAL B 439 31.63 29.69 8.19
N PRO B 440 32.70 28.90 7.98
CA PRO B 440 33.56 28.54 9.10
C PRO B 440 34.18 29.75 9.75
N ASP B 441 34.42 29.67 11.06
CA ASP B 441 35.24 30.65 11.72
C ASP B 441 36.62 30.68 11.06
N HIS B 442 37.24 31.83 10.98
CA HIS B 442 38.52 31.92 10.32
C HIS B 442 39.59 30.95 10.90
N GLN B 443 39.53 30.66 12.21
CA GLN B 443 40.53 29.80 12.82
C GLN B 443 40.13 28.31 12.98
N ASP B 444 38.99 27.93 12.47
CA ASP B 444 38.56 26.54 12.49
C ASP B 444 39.56 25.71 11.69
N ILE B 445 39.83 24.52 12.21
CA ILE B 445 40.77 23.59 11.58
C ILE B 445 40.03 22.78 10.54
N ALA B 446 38.77 22.48 10.80
CA ALA B 446 37.93 21.73 9.89
C ALA B 446 36.48 22.07 10.15
N PHE B 447 35.62 21.71 9.21
CA PHE B 447 34.23 22.16 9.24
C PHE B 447 33.37 21.29 8.35
N GLY B 448 32.08 21.24 8.67
CA GLY B 448 31.08 20.66 7.78
C GLY B 448 30.45 19.45 8.38
N ALA B 449 30.33 18.39 7.61
CA ALA B 449 29.77 17.15 8.10
C ALA B 449 30.93 16.29 8.48
N LEU B 450 30.72 15.35 9.40
CA LEU B 450 31.78 14.39 9.76
C LEU B 450 31.30 13.04 9.26
N GLN B 451 31.92 12.60 8.16
CA GLN B 451 31.44 11.46 7.39
C GLN B 451 32.11 10.17 7.78
N GLN B 452 31.32 9.12 7.83
CA GLN B 452 31.81 7.75 7.89
C GLN B 452 30.99 6.92 6.89
N GLY B 453 31.61 6.57 5.75
CA GLY B 453 30.88 5.94 4.65
C GLY B 453 29.79 6.87 4.18
N THR B 454 28.55 6.39 4.20
CA THR B 454 27.39 7.22 3.82
C THR B 454 26.71 7.82 5.03
N ASN B 455 27.23 7.55 6.22
CA ASN B 455 26.69 8.12 7.45
C ASN B 455 27.45 9.36 7.90
N CYS B 456 26.79 10.13 8.74
CA CYS B 456 27.30 11.41 9.24
C CYS B 456 27.10 11.49 10.75
N LEU B 457 28.04 12.13 11.43
CA LEU B 457 27.88 12.45 12.87
C LEU B 457 26.61 13.27 13.06
N ASP B 458 25.80 12.88 14.04
CA ASP B 458 24.51 13.47 14.24
C ASP B 458 24.17 13.61 15.72
N THR B 459 23.69 14.78 16.12
CA THR B 459 23.28 15.00 17.51
C THR B 459 22.06 14.23 17.91
N LEU B 460 21.33 13.68 16.95
CA LEU B 460 20.09 12.96 17.23
C LEU B 460 19.03 13.88 17.84
N GLY B 461 19.16 15.18 17.59
CA GLY B 461 18.37 16.19 18.29
C GLY B 461 18.62 16.37 19.78
N HIS B 462 19.67 15.72 20.31
CA HIS B 462 19.97 15.75 21.76
C HIS B 462 20.64 17.07 22.15
N PHE B 463 20.64 17.33 23.46
CA PHE B 463 21.17 18.55 24.04
C PHE B 463 22.22 18.14 25.05
N ALA B 464 22.59 19.03 25.94
CA ALA B 464 23.67 18.74 26.84
C ALA B 464 23.37 17.55 27.72
N ASP B 465 24.41 16.78 27.99
CA ASP B 465 24.33 15.49 28.72
C ASP B 465 23.71 14.34 27.92
N GLY B 466 23.39 14.58 26.65
CA GLY B 466 22.88 13.55 25.78
C GLY B 466 23.99 12.88 24.94
N VAL B 467 23.70 11.66 24.49
CA VAL B 467 24.58 10.92 23.61
C VAL B 467 24.46 11.43 22.20
N VAL B 468 25.31 10.89 21.34
CA VAL B 468 25.47 11.36 20.01
C VAL B 468 25.48 10.13 19.12
N GLY B 469 25.14 10.27 17.84
CA GLY B 469 25.10 9.11 16.94
C GLY B 469 25.39 9.38 15.47
N VAL B 470 24.91 8.47 14.63
CA VAL B 470 24.95 8.67 13.17
C VAL B 470 23.57 8.52 12.54
N TYR B 471 23.38 9.21 11.42
CA TYR B 471 22.27 8.96 10.49
C TYR B 471 22.85 9.16 9.11
N GLU B 472 22.09 8.82 8.08
CA GLU B 472 22.58 8.96 6.73
C GLU B 472 22.78 10.42 6.39
N CYS B 473 23.90 10.73 5.72
CA CYS B 473 24.25 12.10 5.40
C CYS B 473 23.17 12.68 4.53
N HIS B 474 22.67 13.87 4.89
CA HIS B 474 21.61 14.51 4.11
C HIS B 474 21.99 15.86 3.47
N ASN B 475 23.21 16.35 3.70
CA ASN B 475 23.68 17.66 3.19
C ASN B 475 22.81 18.88 3.48
N ALA B 476 21.78 18.71 4.31
CA ALA B 476 20.98 19.81 4.88
C ALA B 476 21.56 20.50 6.14
N GLY B 477 22.80 20.17 6.55
CA GLY B 477 23.49 20.92 7.62
C GLY B 477 22.87 21.28 8.94
N GLY B 478 22.11 20.45 9.63
CA GLY B 478 21.53 20.99 10.90
C GLY B 478 22.23 20.22 11.99
N ASN B 479 21.58 19.15 12.43
CA ASN B 479 22.14 18.24 13.37
C ASN B 479 23.37 17.47 12.86
N GLN B 480 23.75 17.67 11.59
CA GLN B 480 24.96 17.07 11.06
C GLN B 480 26.05 18.10 10.75
N GLU B 481 25.90 19.29 11.31
CA GLU B 481 26.93 20.34 11.15
C GLU B 481 27.87 20.42 12.37
N TRP B 482 29.16 20.42 12.10
CA TRP B 482 30.20 20.36 13.12
C TRP B 482 31.40 21.14 12.70
N ALA B 483 32.26 21.46 13.68
CA ALA B 483 33.56 22.07 13.39
C ALA B 483 34.62 21.47 14.29
N LEU B 484 35.87 21.53 13.83
CA LEU B 484 37.03 21.28 14.68
C LEU B 484 37.67 22.63 14.91
N THR B 485 37.63 23.12 16.14
CA THR B 485 38.01 24.47 16.45
C THR B 485 39.48 24.63 16.75
N LYS B 486 39.95 25.89 16.85
CA LYS B 486 41.35 26.19 17.24
C LYS B 486 41.63 25.58 18.60
N GLU B 487 40.60 25.48 19.43
CA GLU B 487 40.72 24.92 20.79
C GLU B 487 40.68 23.39 20.78
N LYS B 488 40.68 22.78 19.60
CA LYS B 488 40.75 21.33 19.42
C LYS B 488 39.46 20.61 19.85
N SER B 489 38.34 21.31 19.81
CA SER B 489 37.06 20.73 20.20
C SER B 489 36.23 20.43 18.96
N VAL B 490 35.44 19.38 19.03
CA VAL B 490 34.50 19.04 17.95
C VAL B 490 33.14 19.54 18.38
N LYS B 491 32.69 20.64 17.76
CA LYS B 491 31.48 21.32 18.23
C LYS B 491 30.33 21.49 17.24
N HIS B 492 29.16 21.49 17.83
CA HIS B 492 27.92 21.82 17.18
C HIS B 492 27.24 22.90 18.01
N MET B 493 27.02 24.07 17.43
CA MET B 493 26.51 25.23 18.17
C MET B 493 27.52 25.54 19.28
N ASP B 494 27.11 25.54 20.56
CA ASP B 494 28.03 25.72 21.65
C ASP B 494 28.17 24.42 22.44
N LEU B 495 27.90 23.30 21.79
CA LEU B 495 28.07 21.98 22.43
C LEU B 495 29.22 21.21 21.81
N CYS B 496 29.90 20.42 22.64
CA CYS B 496 31.15 19.79 22.27
C CYS B 496 31.18 18.32 22.64
N LEU B 497 31.83 17.52 21.82
CA LEU B 497 32.00 16.11 22.16
C LEU B 497 32.91 15.94 23.37
N THR B 498 32.43 15.24 24.39
CA THR B 498 33.11 15.18 25.66
C THR B 498 33.37 13.76 26.08
N VAL B 499 34.63 13.46 26.40
CA VAL B 499 35.00 12.17 26.92
C VAL B 499 34.78 12.17 28.41
N VAL B 500 33.65 11.62 28.77
CA VAL B 500 33.14 11.66 30.11
C VAL B 500 33.79 10.52 30.93
N ASP B 501 34.32 9.53 30.24
CA ASP B 501 34.91 8.36 30.89
C ASP B 501 35.89 7.75 29.90
N ARG B 502 37.11 7.52 30.37
CA ARG B 502 38.22 7.09 29.52
C ARG B 502 38.23 5.59 29.29
N ALA B 503 37.39 4.84 29.99
CA ALA B 503 37.39 3.38 29.87
C ALA B 503 36.89 3.02 28.47
N PRO B 504 37.67 2.22 27.73
CA PRO B 504 37.22 1.79 26.38
C PRO B 504 35.79 1.27 26.36
N GLY B 505 35.00 1.70 25.38
CA GLY B 505 33.59 1.31 25.31
C GLY B 505 32.63 2.30 25.95
N SER B 506 33.19 3.26 26.70
CA SER B 506 32.38 4.32 27.26
C SER B 506 31.74 5.18 26.17
N LEU B 507 30.47 5.51 26.37
CA LEU B 507 29.78 6.47 25.55
C LEU B 507 30.38 7.87 25.81
N ILE B 508 30.37 8.69 24.77
CA ILE B 508 30.69 10.07 24.92
C ILE B 508 29.39 10.87 25.08
N LYS B 509 29.51 12.07 25.61
CA LYS B 509 28.37 12.95 25.76
C LYS B 509 28.63 14.32 25.16
N LEU B 510 27.53 14.97 24.83
CA LEU B 510 27.49 16.37 24.46
C LEU B 510 27.50 17.25 25.72
N GLN B 511 28.42 18.21 25.82
CA GLN B 511 28.39 19.17 26.94
C GLN B 511 28.76 20.56 26.46
N GLY B 512 28.37 21.62 27.19
CA GLY B 512 28.75 22.99 26.80
C GLY B 512 30.26 23.10 26.64
N CYS B 513 30.71 23.70 25.55
CA CYS B 513 32.16 23.85 25.32
C CYS B 513 32.87 24.72 26.38
N ARG B 514 33.95 24.23 26.95
CA ARG B 514 34.86 25.00 27.78
C ARG B 514 36.27 24.80 27.23
N GLU B 515 37.02 25.84 26.98
CA GLU B 515 38.38 25.61 26.55
C GLU B 515 39.23 24.90 27.60
N ASP B 516 38.89 25.07 28.87
CA ASP B 516 39.59 24.39 29.94
C ASP B 516 39.30 22.92 30.18
N ASP B 517 38.26 22.36 29.59
CA ASP B 517 37.98 20.95 29.67
C ASP B 517 38.85 20.11 28.77
N SER B 518 39.79 19.39 29.34
CA SER B 518 40.67 18.53 28.53
C SER B 518 39.95 17.28 28.03
N ARG B 519 38.80 16.98 28.62
CA ARG B 519 37.97 15.91 28.15
C ARG B 519 37.34 16.24 26.79
N GLN B 520 37.46 17.49 26.31
CA GLN B 520 36.85 17.87 25.03
C GLN B 520 37.83 18.03 23.88
N LYS B 521 39.06 17.58 24.03
CA LYS B 521 40.13 17.84 23.07
C LYS B 521 40.32 16.67 22.12
N TRP B 522 40.33 16.96 20.82
CA TRP B 522 40.45 15.94 19.79
C TRP B 522 41.45 16.41 18.74
N GLU B 523 42.03 15.46 18.02
CA GLU B 523 43.03 15.71 17.00
C GLU B 523 42.90 14.69 15.87
N GLN B 524 43.02 15.18 14.64
CA GLN B 524 43.01 14.35 13.45
C GLN B 524 44.29 13.61 13.34
N ILE B 525 44.21 12.36 12.86
CA ILE B 525 45.40 11.54 12.64
C ILE B 525 45.24 10.69 11.38
N GLU B 526 46.36 10.11 10.94
CA GLU B 526 46.40 9.19 9.81
C GLU B 526 45.81 9.83 8.58
N GLY B 527 46.40 10.97 8.21
CA GLY B 527 45.98 11.68 7.00
C GLY B 527 44.55 12.17 7.09
N ASN B 528 44.21 12.76 8.23
CA ASN B 528 42.85 13.26 8.48
C ASN B 528 41.74 12.25 8.23
N SER B 529 42.00 11.02 8.65
CA SER B 529 41.04 9.92 8.44
C SER B 529 40.37 9.46 9.75
N LYS B 530 40.89 9.88 10.91
CA LYS B 530 40.34 9.49 12.21
C LYS B 530 40.40 10.64 13.21
N LEU B 531 39.76 10.44 14.37
CA LEU B 531 39.78 11.37 15.49
C LEU B 531 40.19 10.73 16.78
N ARG B 532 41.29 11.19 17.34
CA ARG B 532 41.84 10.65 18.55
C ARG B 532 41.70 11.68 19.66
N HIS B 533 41.44 11.20 20.87
CA HIS B 533 41.27 12.05 22.01
C HIS B 533 42.65 12.42 22.50
N VAL B 534 42.92 13.71 22.51
CA VAL B 534 44.26 14.23 22.80
C VAL B 534 44.75 13.74 24.15
N GLY B 535 45.98 13.23 24.19
CA GLY B 535 46.61 12.75 25.41
C GLY B 535 46.24 11.31 25.77
N SER B 536 45.68 10.58 24.82
CA SER B 536 45.23 9.22 25.07
C SER B 536 45.49 8.33 23.85
N ASN B 537 45.16 7.06 23.97
CA ASN B 537 45.11 6.15 22.84
C ASN B 537 43.67 5.78 22.45
N LEU B 538 42.74 6.73 22.63
CA LEU B 538 41.33 6.51 22.39
C LEU B 538 40.91 7.25 21.15
N CYS B 539 40.09 6.61 20.32
CA CYS B 539 39.60 7.19 19.09
C CYS B 539 38.06 7.15 19.11
N LEU B 540 37.44 8.05 18.38
CA LEU B 540 35.99 8.09 18.23
C LEU B 540 35.53 6.88 17.42
N ASP B 541 34.48 6.23 17.90
CA ASP B 541 34.11 4.94 17.38
C ASP B 541 32.59 4.75 17.27
N SER B 542 32.12 4.28 16.12
CA SER B 542 30.67 4.12 15.90
C SER B 542 30.11 2.77 16.18
N ARG B 543 30.90 1.83 16.67
CA ARG B 543 30.45 0.42 16.75
C ARG B 543 29.23 0.24 17.67
N THR B 544 28.95 1.21 18.55
CA THR B 544 27.79 1.09 19.47
C THR B 544 26.68 2.07 19.10
N ALA B 545 26.82 2.70 17.95
CA ALA B 545 25.92 3.79 17.54
C ALA B 545 24.41 3.61 17.71
N LYS B 546 23.93 2.43 17.32
CA LYS B 546 22.51 2.15 17.32
C LYS B 546 22.04 1.55 18.63
N SER B 547 22.97 1.28 19.53
CA SER B 547 22.65 0.62 20.77
C SER B 547 23.32 1.34 21.92
N GLY B 548 23.21 2.66 21.91
CA GLY B 548 23.71 3.48 23.00
C GLY B 548 24.25 4.81 22.49
N GLY B 549 25.03 4.78 21.42
CA GLY B 549 25.64 5.99 20.89
C GLY B 549 27.13 5.83 20.57
N LEU B 550 27.73 6.90 20.05
CA LEU B 550 29.16 6.88 19.78
C LEU B 550 29.97 6.73 21.02
N SER B 551 31.10 6.08 20.87
CA SER B 551 31.90 5.69 22.01
C SER B 551 33.39 6.03 21.77
N VAL B 552 34.18 5.80 22.80
CA VAL B 552 35.57 6.03 22.77
C VAL B 552 36.11 4.62 22.88
N GLU B 553 37.10 4.31 22.06
CA GLU B 553 37.66 2.97 21.97
C GLU B 553 39.15 3.04 21.67
N VAL B 554 39.91 2.01 22.01
CA VAL B 554 41.34 2.03 21.75
C VAL B 554 41.61 2.17 20.25
N CYS B 555 42.54 3.05 19.87
CA CYS B 555 42.79 3.30 18.44
C CYS B 555 43.33 2.08 17.76
N GLY B 556 42.71 1.75 16.63
CA GLY B 556 42.97 0.49 15.95
C GLY B 556 42.44 0.55 14.55
N PRO B 557 42.67 -0.50 13.78
CA PRO B 557 42.35 -0.45 12.34
C PRO B 557 40.88 -0.55 11.91
N ALA B 558 39.92 -0.52 12.83
CA ALA B 558 38.50 -0.73 12.49
C ALA B 558 37.90 0.35 11.60
N LEU B 559 36.96 -0.07 10.78
CA LEU B 559 36.23 0.86 9.90
C LEU B 559 35.35 1.87 10.68
N SER B 560 34.84 1.42 11.83
CA SER B 560 34.02 2.23 12.70
C SER B 560 34.79 3.42 13.34
N GLN B 561 36.11 3.51 13.14
CA GLN B 561 36.91 4.65 13.59
C GLN B 561 37.35 5.59 12.47
N GLN B 562 36.78 5.45 11.27
CA GLN B 562 37.09 6.33 10.15
C GLN B 562 36.13 7.52 10.12
N TRP B 563 36.70 8.72 10.17
CA TRP B 563 35.91 9.94 10.09
C TRP B 563 36.62 11.01 9.27
N LYS B 564 35.90 11.68 8.39
CA LYS B 564 36.43 12.78 7.57
C LYS B 564 35.51 13.97 7.59
N PHE B 565 36.07 15.15 7.80
CA PHE B 565 35.29 16.37 7.63
C PHE B 565 35.20 16.72 6.17
N THR B 566 34.07 17.32 5.77
CA THR B 566 33.90 17.72 4.38
C THR B 566 34.82 18.88 3.99
N LEU B 567 35.12 19.80 4.91
CA LEU B 567 36.14 20.79 4.66
C LEU B 567 37.35 20.68 5.58
N ASN B 568 38.53 20.68 4.99
CA ASN B 568 39.76 20.65 5.74
C ASN B 568 40.64 21.82 5.41
N LEU B 569 40.91 22.63 6.42
CA LEU B 569 41.80 23.76 6.23
C LEU B 569 43.20 23.21 6.52
N LYS C 75 -51.62 -35.26 5.05
CA LYS C 75 -50.94 -34.54 3.92
C LYS C 75 -50.67 -35.49 2.73
N VAL C 76 -50.98 -35.01 1.53
CA VAL C 76 -51.06 -35.79 0.32
C VAL C 76 -50.01 -35.32 -0.65
N ARG C 77 -49.35 -36.25 -1.28
CA ARG C 77 -48.34 -35.99 -2.29
C ARG C 77 -49.17 -35.50 -3.57
N TRP C 78 -48.68 -34.51 -4.33
CA TRP C 78 -49.52 -33.85 -5.32
C TRP C 78 -50.18 -34.83 -6.33
N PRO C 79 -49.44 -35.83 -6.81
CA PRO C 79 -50.11 -36.71 -7.78
C PRO C 79 -51.33 -37.48 -7.23
N ASP C 80 -51.42 -37.63 -5.91
CA ASP C 80 -52.56 -38.32 -5.26
C ASP C 80 -53.72 -37.39 -4.95
N PHE C 81 -53.59 -36.12 -5.30
CA PHE C 81 -54.64 -35.17 -5.01
C PHE C 81 -55.78 -35.35 -6.04
N ASN C 82 -57.01 -35.36 -5.57
CA ASN C 82 -58.15 -35.57 -6.45
C ASN C 82 -58.58 -34.26 -7.11
N GLN C 83 -58.06 -34.02 -8.32
CA GLN C 83 -58.39 -32.83 -9.06
C GLN C 83 -59.86 -32.72 -9.45
N GLU C 84 -60.48 -33.82 -9.86
CA GLU C 84 -61.88 -33.76 -10.30
C GLU C 84 -62.78 -33.39 -9.10
N ALA C 85 -62.53 -33.97 -7.94
CA ALA C 85 -63.30 -33.62 -6.77
C ALA C 85 -63.15 -32.15 -6.40
N TYR C 86 -61.93 -31.61 -6.46
CA TYR C 86 -61.65 -30.23 -6.09
C TYR C 86 -62.27 -29.25 -7.08
N VAL C 87 -62.03 -29.45 -8.36
CA VAL C 87 -62.50 -28.51 -9.39
C VAL C 87 -64.01 -28.65 -9.66
N GLY C 88 -64.46 -29.91 -9.71
CA GLY C 88 -65.84 -30.26 -10.00
C GLY C 88 -66.62 -29.71 -8.83
N GLY C 89 -67.81 -29.18 -9.07
CA GLY C 89 -68.54 -28.50 -8.01
C GLY C 89 -68.52 -26.99 -8.25
N THR C 90 -67.39 -26.43 -8.71
CA THR C 90 -67.35 -25.01 -9.14
C THR C 90 -67.37 -24.82 -10.65
N MET C 91 -67.73 -25.87 -11.41
CA MET C 91 -67.68 -25.79 -12.86
C MET C 91 -68.73 -24.87 -13.44
N VAL C 92 -68.48 -24.41 -14.66
CA VAL C 92 -69.42 -23.56 -15.37
C VAL C 92 -70.67 -24.38 -15.68
N ARG C 93 -71.79 -23.93 -15.14
CA ARG C 93 -73.06 -24.63 -15.33
C ARG C 93 -73.56 -24.51 -16.77
N SER C 94 -74.39 -25.48 -17.15
CA SER C 94 -74.95 -25.59 -18.48
C SER C 94 -75.53 -24.26 -19.00
N GLY C 95 -75.01 -23.80 -20.14
CA GLY C 95 -75.49 -22.59 -20.81
C GLY C 95 -74.97 -21.26 -20.29
N GLN C 96 -74.29 -21.24 -19.15
CA GLN C 96 -73.79 -20.00 -18.55
C GLN C 96 -72.50 -19.47 -19.23
N ASP C 97 -72.24 -18.19 -19.05
CA ASP C 97 -71.06 -17.52 -19.64
C ASP C 97 -69.75 -17.97 -18.98
N PRO C 98 -68.82 -18.56 -19.76
CA PRO C 98 -67.60 -19.10 -19.17
C PRO C 98 -66.53 -18.06 -18.86
N TYR C 99 -66.77 -16.80 -19.18
CA TYR C 99 -65.85 -15.69 -18.93
C TYR C 99 -66.21 -14.81 -17.71
N ALA C 100 -67.41 -14.97 -17.19
CA ALA C 100 -67.96 -13.98 -16.25
C ALA C 100 -67.22 -13.95 -14.93
N ARG C 101 -67.01 -15.13 -14.37
CA ARG C 101 -66.37 -15.25 -13.09
C ARG C 101 -64.90 -14.77 -13.07
N ASN C 102 -64.11 -15.13 -14.08
CA ASN C 102 -62.68 -14.91 -14.03
C ASN C 102 -62.12 -13.98 -15.08
N LYS C 103 -62.94 -13.57 -16.04
CA LYS C 103 -62.46 -12.83 -17.22
C LYS C 103 -61.43 -13.60 -18.03
N PHE C 104 -61.49 -14.93 -17.91
CA PHE C 104 -60.85 -15.85 -18.84
C PHE C 104 -61.77 -17.07 -18.96
N ASN C 105 -61.48 -17.92 -19.94
CA ASN C 105 -62.36 -19.04 -20.25
C ASN C 105 -62.22 -20.18 -19.27
N GLN C 106 -63.11 -20.22 -18.28
CA GLN C 106 -63.04 -21.24 -17.27
C GLN C 106 -63.29 -22.66 -17.81
N VAL C 107 -64.10 -22.80 -18.85
CA VAL C 107 -64.40 -24.14 -19.36
C VAL C 107 -63.12 -24.72 -19.92
N GLU C 108 -62.38 -23.91 -20.63
CA GLU C 108 -61.11 -24.32 -21.20
C GLU C 108 -60.04 -24.61 -20.13
N SER C 109 -60.05 -23.83 -19.05
CA SER C 109 -59.13 -24.06 -17.91
C SER C 109 -59.46 -25.33 -17.15
N ASP C 110 -60.75 -25.62 -17.01
CA ASP C 110 -61.16 -26.80 -16.29
C ASP C 110 -60.91 -28.11 -17.05
N LYS C 111 -60.79 -28.06 -18.38
CA LYS C 111 -60.49 -29.27 -19.17
C LYS C 111 -59.10 -29.82 -18.91
N LEU C 112 -58.19 -28.93 -18.53
CA LEU C 112 -56.78 -29.26 -18.45
C LEU C 112 -56.45 -30.12 -17.24
N ARG C 113 -55.58 -31.08 -17.44
CA ARG C 113 -55.00 -31.80 -16.33
C ARG C 113 -54.17 -30.83 -15.42
N MET C 114 -54.17 -31.10 -14.12
CA MET C 114 -53.45 -30.25 -13.17
C MET C 114 -51.95 -30.15 -13.46
N ASP C 115 -51.38 -31.17 -14.10
CA ASP C 115 -49.97 -31.19 -14.45
C ASP C 115 -49.78 -31.30 -15.93
N ARG C 116 -50.64 -30.66 -16.71
CA ARG C 116 -50.60 -30.82 -18.15
C ARG C 116 -49.25 -30.45 -18.72
N ALA C 117 -48.87 -31.16 -19.77
CA ALA C 117 -47.64 -30.90 -20.47
C ALA C 117 -47.74 -29.58 -21.20
N ILE C 118 -46.63 -28.85 -21.21
CA ILE C 118 -46.52 -27.56 -21.89
C ILE C 118 -45.20 -27.56 -22.65
N PRO C 119 -45.13 -26.82 -23.75
CA PRO C 119 -43.86 -26.82 -24.48
C PRO C 119 -42.70 -26.14 -23.73
N ASP C 120 -41.49 -26.66 -23.94
CA ASP C 120 -40.30 -26.09 -23.41
C ASP C 120 -39.91 -24.92 -24.32
N THR C 121 -40.09 -23.71 -23.82
CA THR C 121 -39.89 -22.49 -24.58
C THR C 121 -38.54 -21.84 -24.35
N ARG C 122 -37.67 -22.50 -23.60
CA ARG C 122 -36.36 -21.99 -23.32
C ARG C 122 -35.45 -22.09 -24.53
N HIS C 123 -34.54 -21.12 -24.64
CA HIS C 123 -33.48 -21.10 -25.62
C HIS C 123 -32.75 -22.43 -25.50
N ASP C 124 -32.24 -22.87 -26.64
CA ASP C 124 -31.41 -24.05 -26.71
C ASP C 124 -30.29 -24.20 -25.71
N GLN C 125 -29.61 -23.11 -25.44
CA GLN C 125 -28.48 -23.11 -24.54
C GLN C 125 -28.89 -23.38 -23.10
N CYS C 126 -30.09 -22.97 -22.71
CA CYS C 126 -30.57 -23.25 -21.37
C CYS C 126 -30.67 -24.75 -21.16
N GLN C 127 -31.12 -25.44 -22.20
CA GLN C 127 -31.57 -26.83 -22.03
C GLN C 127 -30.38 -27.74 -21.64
N ARG C 128 -29.16 -27.20 -21.60
CA ARG C 128 -28.05 -27.86 -20.92
C ARG C 128 -27.25 -27.09 -19.82
N LYS C 129 -27.31 -25.76 -19.81
CA LYS C 129 -26.57 -24.88 -18.86
C LYS C 129 -26.92 -25.08 -17.38
N GLN C 130 -26.02 -24.57 -16.56
CA GLN C 130 -26.13 -24.64 -15.12
C GLN C 130 -25.73 -23.42 -14.23
N TRP C 131 -25.82 -23.78 -12.95
CA TRP C 131 -25.85 -22.93 -11.75
C TRP C 131 -25.08 -23.79 -10.70
N ARG C 132 -25.01 -23.28 -9.47
CA ARG C 132 -24.31 -23.94 -8.31
C ARG C 132 -25.09 -25.17 -7.76
N VAL C 133 -24.58 -25.81 -6.70
CA VAL C 133 -25.03 -27.17 -6.35
C VAL C 133 -25.60 -27.19 -4.91
N ASP C 134 -25.43 -26.06 -4.24
CA ASP C 134 -26.12 -25.75 -2.98
C ASP C 134 -26.91 -24.44 -2.96
N LEU C 135 -28.12 -24.48 -3.49
CA LEU C 135 -28.75 -23.22 -3.70
C LEU C 135 -29.66 -23.13 -2.47
N PRO C 136 -29.95 -21.94 -2.02
CA PRO C 136 -30.87 -21.76 -0.91
C PRO C 136 -32.27 -22.13 -1.33
N ALA C 137 -33.02 -22.74 -0.42
CA ALA C 137 -34.41 -23.02 -0.65
C ALA C 137 -35.27 -21.75 -0.62
N THR C 138 -36.47 -21.80 -1.21
CA THR C 138 -37.40 -20.68 -1.21
C THR C 138 -38.77 -21.01 -0.62
N SER C 139 -39.41 -19.97 -0.09
CA SER C 139 -40.81 -20.01 0.29
C SER C 139 -41.55 -19.34 -0.82
N VAL C 140 -42.49 -20.04 -1.43
CA VAL C 140 -43.27 -19.48 -2.54
C VAL C 140 -44.57 -18.89 -2.04
N VAL C 141 -44.82 -17.60 -2.30
CA VAL C 141 -46.00 -16.94 -1.84
C VAL C 141 -46.93 -16.70 -3.00
N ILE C 142 -48.16 -17.19 -2.87
CA ILE C 142 -49.18 -17.00 -3.89
C ILE C 142 -50.44 -16.42 -3.24
N THR C 143 -50.82 -15.18 -3.59
CA THR C 143 -52.06 -14.63 -3.08
C THR C 143 -53.14 -14.81 -4.10
N PHE C 144 -54.38 -14.89 -3.65
CA PHE C 144 -55.48 -15.01 -4.57
C PHE C 144 -56.77 -14.49 -3.98
N HIS C 145 -57.62 -13.97 -4.86
CA HIS C 145 -58.96 -13.58 -4.47
C HIS C 145 -59.92 -14.11 -5.51
N ASN C 146 -60.73 -15.10 -5.14
CA ASN C 146 -61.68 -15.74 -6.05
C ASN C 146 -61.04 -16.17 -7.34
N GLU C 147 -60.06 -17.03 -7.21
CA GLU C 147 -59.40 -17.58 -8.36
C GLU C 147 -60.16 -18.83 -8.78
N ALA C 148 -60.05 -19.19 -10.06
CA ALA C 148 -60.60 -20.42 -10.52
C ALA C 148 -59.83 -21.57 -9.92
N ARG C 149 -60.55 -22.54 -9.40
CA ARG C 149 -59.89 -23.68 -8.80
C ARG C 149 -58.89 -24.38 -9.72
N SER C 150 -59.25 -24.57 -10.98
CA SER C 150 -58.36 -25.32 -11.88
C SER C 150 -57.07 -24.56 -12.04
N ALA C 151 -57.14 -23.23 -12.15
CA ALA C 151 -55.91 -22.42 -12.38
C ALA C 151 -55.01 -22.32 -11.17
N LEU C 152 -55.62 -22.23 -9.98
CA LEU C 152 -54.89 -22.20 -8.73
C LEU C 152 -54.19 -23.53 -8.48
N LEU C 153 -54.93 -24.63 -8.63
CA LEU C 153 -54.35 -25.97 -8.42
C LEU C 153 -53.15 -26.18 -9.35
N ARG C 154 -53.35 -25.79 -10.58
CA ARG C 154 -52.31 -25.93 -11.60
C ARG C 154 -51.05 -25.05 -11.34
N THR C 155 -51.24 -23.91 -10.71
CA THR C 155 -50.10 -23.08 -10.30
C THR C 155 -49.29 -23.80 -9.24
N VAL C 156 -50.00 -24.27 -8.22
CA VAL C 156 -49.38 -25.03 -7.16
C VAL C 156 -48.67 -26.29 -7.67
N VAL C 157 -49.33 -27.11 -8.50
CA VAL C 157 -48.63 -28.32 -8.91
C VAL C 157 -47.51 -28.01 -9.90
N SER C 158 -47.58 -26.94 -10.69
CA SER C 158 -46.45 -26.66 -11.54
C SER C 158 -45.24 -26.32 -10.68
N VAL C 159 -45.45 -25.62 -9.55
CA VAL C 159 -44.34 -25.38 -8.63
C VAL C 159 -43.76 -26.70 -8.07
N LEU C 160 -44.64 -27.58 -7.60
CA LEU C 160 -44.14 -28.82 -6.96
C LEU C 160 -43.53 -29.77 -7.95
N LYS C 161 -44.05 -29.80 -9.16
CA LYS C 161 -43.58 -30.76 -10.13
C LYS C 161 -42.28 -30.32 -10.82
N LYS C 162 -42.10 -29.01 -11.09
CA LYS C 162 -40.99 -28.53 -11.92
C LYS C 162 -39.80 -28.04 -11.09
N SER C 163 -39.94 -28.03 -9.77
CA SER C 163 -38.90 -27.55 -8.89
C SER C 163 -38.28 -28.70 -8.14
N PRO C 164 -36.95 -28.70 -8.00
CA PRO C 164 -36.34 -29.74 -7.11
C PRO C 164 -36.94 -29.66 -5.73
N PRO C 165 -37.40 -30.79 -5.19
CA PRO C 165 -38.05 -30.75 -3.88
C PRO C 165 -37.28 -30.07 -2.75
N HIS C 166 -35.97 -30.28 -2.68
CA HIS C 166 -35.20 -29.69 -1.59
C HIS C 166 -35.07 -28.14 -1.69
N LEU C 167 -35.45 -27.54 -2.82
CA LEU C 167 -35.45 -26.11 -2.92
C LEU C 167 -36.80 -25.47 -2.62
N ILE C 168 -37.83 -26.26 -2.44
CA ILE C 168 -39.13 -25.76 -2.00
C ILE C 168 -39.32 -26.02 -0.51
N LYS C 169 -39.17 -24.98 0.28
CA LYS C 169 -39.42 -25.04 1.71
C LYS C 169 -40.89 -25.22 1.98
N GLU C 170 -41.69 -24.42 1.30
CA GLU C 170 -43.12 -24.37 1.50
C GLU C 170 -43.78 -23.53 0.38
N ILE C 171 -45.07 -23.71 0.22
CA ILE C 171 -45.88 -22.86 -0.61
C ILE C 171 -46.91 -22.26 0.32
N ILE C 172 -46.91 -20.93 0.43
CA ILE C 172 -47.83 -20.23 1.26
C ILE C 172 -48.91 -19.58 0.41
N LEU C 173 -50.12 -20.03 0.59
CA LEU C 173 -51.29 -19.53 -0.12
C LEU C 173 -51.95 -18.53 0.79
N VAL C 174 -52.04 -17.29 0.31
CA VAL C 174 -52.73 -16.25 1.03
C VAL C 174 -54.09 -16.01 0.40
N ASP C 175 -55.13 -16.51 1.05
CA ASP C 175 -56.48 -16.35 0.56
C ASP C 175 -56.96 -14.97 0.93
N ASP C 176 -57.08 -14.09 -0.03
CA ASP C 176 -57.43 -12.70 0.26
C ASP C 176 -58.94 -12.53 0.23
N TYR C 177 -59.58 -13.13 1.22
CA TYR C 177 -61.03 -13.01 1.44
C TYR C 177 -61.84 -13.46 0.22
N SER C 178 -61.52 -14.62 -0.32
CA SER C 178 -62.36 -15.27 -1.36
C SER C 178 -63.75 -15.59 -0.84
N ASN C 179 -64.76 -15.57 -1.71
CA ASN C 179 -66.14 -15.89 -1.29
C ASN C 179 -66.19 -17.20 -0.56
N ASP C 180 -65.56 -18.22 -1.12
CA ASP C 180 -65.56 -19.58 -0.56
C ASP C 180 -64.18 -19.94 0.02
N PRO C 181 -64.07 -20.07 1.36
CA PRO C 181 -62.78 -20.38 1.98
C PRO C 181 -62.24 -21.73 1.62
N GLU C 182 -63.07 -22.59 1.06
CA GLU C 182 -62.63 -23.95 0.70
C GLU C 182 -61.66 -23.97 -0.50
N ASP C 183 -61.73 -22.94 -1.34
CA ASP C 183 -60.81 -22.85 -2.48
C ASP C 183 -59.39 -23.06 -1.95
N GLY C 184 -59.08 -22.38 -0.87
CA GLY C 184 -57.76 -22.45 -0.30
C GLY C 184 -57.60 -23.62 0.61
N ALA C 185 -58.53 -23.77 1.54
CA ALA C 185 -58.40 -24.77 2.60
C ALA C 185 -58.25 -26.17 2.06
N LEU C 186 -58.96 -26.54 1.01
CA LEU C 186 -58.82 -27.89 0.48
C LEU C 186 -57.38 -28.19 0.01
N LEU C 187 -56.68 -27.15 -0.44
CA LEU C 187 -55.31 -27.31 -0.95
C LEU C 187 -54.27 -27.44 0.16
N GLY C 188 -54.66 -27.11 1.39
CA GLY C 188 -53.80 -27.34 2.57
C GLY C 188 -53.46 -28.77 2.85
N LYS C 189 -54.21 -29.70 2.28
CA LYS C 189 -53.85 -31.12 2.35
C LYS C 189 -52.60 -31.47 1.57
N ILE C 190 -52.26 -30.68 0.59
CA ILE C 190 -51.16 -31.03 -0.29
C ILE C 190 -49.84 -30.76 0.40
N GLU C 191 -48.88 -31.67 0.21
CA GLU C 191 -47.50 -31.52 0.67
C GLU C 191 -46.98 -30.10 0.51
N LYS C 192 -46.45 -29.58 1.60
CA LYS C 192 -45.76 -28.29 1.62
C LYS C 192 -46.65 -27.07 1.52
N VAL C 193 -47.96 -27.28 1.36
CA VAL C 193 -48.89 -26.14 1.24
C VAL C 193 -49.44 -25.66 2.59
N ARG C 194 -49.26 -24.37 2.87
CA ARG C 194 -49.82 -23.70 4.04
C ARG C 194 -50.76 -22.64 3.55
N VAL C 195 -51.91 -22.52 4.19
CA VAL C 195 -52.84 -21.52 3.80
C VAL C 195 -53.21 -20.55 4.93
N LEU C 196 -53.23 -19.28 4.54
CA LEU C 196 -53.45 -18.15 5.39
C LEU C 196 -54.66 -17.45 4.78
N ARG C 197 -55.70 -17.25 5.57
CA ARG C 197 -56.89 -16.59 5.05
C ARG C 197 -57.00 -15.20 5.70
N ASN C 198 -57.13 -14.16 4.89
CA ASN C 198 -57.45 -12.82 5.37
C ASN C 198 -58.92 -12.79 5.74
N ASP C 199 -59.21 -12.29 6.95
CA ASP C 199 -60.61 -12.23 7.42
C ASP C 199 -61.38 -11.05 6.87
N ARG C 200 -60.69 -10.20 6.13
CA ARG C 200 -61.33 -9.21 5.25
C ARG C 200 -60.46 -8.96 4.02
N ARG C 201 -60.99 -8.24 3.05
CA ARG C 201 -60.27 -7.96 1.82
C ARG C 201 -59.11 -7.01 2.10
N GLU C 202 -57.89 -7.42 1.73
CA GLU C 202 -56.68 -6.65 1.98
C GLU C 202 -55.94 -6.17 0.74
N GLY C 203 -56.13 -6.84 -0.38
CA GLY C 203 -55.41 -6.49 -1.59
C GLY C 203 -54.07 -7.21 -1.69
N LEU C 204 -53.51 -7.20 -2.89
CA LEU C 204 -52.37 -8.03 -3.17
C LEU C 204 -51.14 -7.54 -2.42
N MET C 205 -51.01 -6.24 -2.18
CA MET C 205 -49.79 -5.77 -1.53
C MET C 205 -49.72 -6.20 -0.06
N ARG C 206 -50.81 -5.97 0.69
CA ARG C 206 -50.84 -6.39 2.09
C ARG C 206 -50.88 -7.92 2.21
N SER C 207 -51.51 -8.58 1.26
CA SER C 207 -51.51 -10.04 1.26
C SER C 207 -50.11 -10.60 1.02
N ARG C 208 -49.35 -10.01 0.09
CA ARG C 208 -48.02 -10.54 -0.17
C ARG C 208 -47.14 -10.36 1.05
N VAL C 209 -47.32 -9.26 1.74
CA VAL C 209 -46.50 -8.99 2.89
C VAL C 209 -46.85 -9.98 4.00
N ARG C 210 -48.14 -10.32 4.15
CA ARG C 210 -48.51 -11.32 5.15
C ARG C 210 -47.82 -12.67 4.87
N GLY C 211 -47.79 -13.03 3.60
CA GLY C 211 -47.06 -14.21 3.14
C GLY C 211 -45.57 -14.14 3.42
N ALA C 212 -44.96 -13.04 3.04
CA ALA C 212 -43.54 -12.87 3.30
C ALA C 212 -43.22 -12.94 4.80
N ASP C 213 -44.04 -12.33 5.66
CA ASP C 213 -43.82 -12.32 7.11
C ASP C 213 -43.90 -13.73 7.71
N ALA C 214 -44.68 -14.61 7.12
CA ALA C 214 -44.81 -15.97 7.61
C ALA C 214 -43.75 -16.92 7.03
N ALA C 215 -42.97 -16.45 6.07
CA ALA C 215 -42.07 -17.34 5.34
C ALA C 215 -40.90 -17.79 6.18
N GLN C 216 -40.53 -19.07 6.10
CA GLN C 216 -39.42 -19.59 6.86
C GLN C 216 -38.07 -19.59 6.09
N ALA C 217 -38.09 -19.58 4.77
CA ALA C 217 -36.87 -19.73 4.01
C ALA C 217 -36.13 -18.43 3.87
N LYS C 218 -34.91 -18.53 3.39
CA LYS C 218 -34.03 -17.40 3.17
C LYS C 218 -34.46 -16.57 1.96
N VAL C 219 -35.13 -17.19 1.00
CA VAL C 219 -35.47 -16.52 -0.25
C VAL C 219 -36.97 -16.60 -0.51
N LEU C 220 -37.55 -15.48 -0.93
CA LEU C 220 -38.95 -15.42 -1.33
C LEU C 220 -39.14 -15.54 -2.83
N THR C 221 -40.19 -16.23 -3.20
CA THR C 221 -40.68 -16.27 -4.59
C THR C 221 -42.14 -15.86 -4.59
N PHE C 222 -42.54 -14.86 -5.39
CA PHE C 222 -43.94 -14.49 -5.60
C PHE C 222 -44.43 -14.90 -7.00
N LEU C 223 -45.63 -15.49 -7.06
CA LEU C 223 -46.29 -15.86 -8.30
C LEU C 223 -47.75 -15.47 -8.22
N ASP C 224 -48.34 -15.06 -9.34
CA ASP C 224 -49.79 -14.92 -9.41
C ASP C 224 -50.40 -16.31 -9.38
N SER C 225 -51.68 -16.34 -9.06
CA SER C 225 -52.43 -17.58 -8.85
C SER C 225 -52.96 -18.21 -10.13
N HIS C 226 -52.42 -17.81 -11.28
CA HIS C 226 -52.76 -18.44 -12.56
C HIS C 226 -51.51 -18.52 -13.44
N CYS C 227 -50.49 -19.19 -12.91
CA CYS C 227 -49.21 -19.34 -13.57
C CYS C 227 -48.89 -20.82 -13.79
N GLU C 228 -47.94 -21.10 -14.69
CA GLU C 228 -47.46 -22.47 -14.91
C GLU C 228 -45.97 -22.44 -15.15
N CYS C 229 -45.23 -22.96 -14.17
CA CYS C 229 -43.77 -23.04 -14.24
C CYS C 229 -43.29 -24.04 -15.30
N ASN C 230 -42.22 -23.68 -16.01
CA ASN C 230 -41.61 -24.54 -17.03
C ASN C 230 -40.34 -25.24 -16.51
N GLU C 231 -39.70 -26.03 -17.37
CA GLU C 231 -38.55 -26.84 -16.98
C GLU C 231 -37.42 -25.97 -16.40
N HIS C 232 -36.90 -26.38 -15.24
CA HIS C 232 -35.78 -25.74 -14.59
C HIS C 232 -35.97 -24.22 -14.49
N TRP C 233 -37.17 -23.82 -14.11
CA TRP C 233 -37.49 -22.40 -13.97
C TRP C 233 -36.85 -21.78 -12.75
N LEU C 234 -36.63 -22.58 -11.72
CA LEU C 234 -36.26 -22.03 -10.43
C LEU C 234 -34.76 -21.83 -10.22
N GLU C 235 -33.97 -22.83 -10.59
CA GLU C 235 -32.52 -22.79 -10.31
C GLU C 235 -31.83 -21.54 -10.87
N PRO C 236 -32.13 -21.14 -12.10
CA PRO C 236 -31.51 -19.91 -12.61
C PRO C 236 -31.85 -18.63 -11.84
N LEU C 237 -33.01 -18.57 -11.21
CA LEU C 237 -33.39 -17.44 -10.40
C LEU C 237 -32.62 -17.45 -9.08
N LEU C 238 -32.63 -18.58 -8.43
CA LEU C 238 -31.95 -18.70 -7.15
C LEU C 238 -30.43 -18.46 -7.26
N GLU C 239 -29.84 -18.98 -8.32
CA GLU C 239 -28.44 -18.77 -8.61
C GLU C 239 -28.05 -17.30 -8.53
N ARG C 240 -28.89 -16.44 -9.07
CA ARG C 240 -28.58 -15.02 -9.10
C ARG C 240 -28.59 -14.39 -7.70
N VAL C 241 -29.60 -14.69 -6.88
CA VAL C 241 -29.69 -14.02 -5.61
C VAL C 241 -28.74 -14.65 -4.63
N ALA C 242 -28.42 -15.93 -4.81
CA ALA C 242 -27.39 -16.57 -3.97
C ALA C 242 -26.05 -15.91 -4.18
N GLU C 243 -25.72 -15.56 -5.42
CA GLU C 243 -24.47 -14.86 -5.70
C GLU C 243 -24.45 -13.39 -5.22
N ASP C 244 -25.57 -12.68 -5.33
CA ASP C 244 -25.68 -11.31 -4.86
C ASP C 244 -27.10 -11.04 -4.41
N ARG C 245 -27.29 -10.90 -3.10
CA ARG C 245 -28.60 -10.76 -2.47
C ARG C 245 -29.34 -9.45 -2.78
N THR C 246 -28.69 -8.52 -3.47
CA THR C 246 -29.33 -7.27 -3.80
C THR C 246 -30.00 -7.32 -5.18
N ARG C 247 -29.87 -8.44 -5.87
CA ARG C 247 -30.58 -8.65 -7.14
C ARG C 247 -31.99 -9.19 -6.86
N VAL C 248 -32.94 -8.56 -7.53
CA VAL C 248 -34.32 -8.99 -7.60
C VAL C 248 -34.59 -9.44 -9.04
N VAL C 249 -35.04 -10.69 -9.20
CA VAL C 249 -34.99 -11.32 -10.51
C VAL C 249 -36.31 -11.96 -10.91
N SER C 250 -36.59 -11.92 -12.21
CA SER C 250 -37.81 -12.49 -12.75
C SER C 250 -37.54 -13.42 -13.89
N PRO C 251 -38.48 -14.33 -14.13
CA PRO C 251 -38.45 -15.12 -15.34
C PRO C 251 -38.95 -14.30 -16.50
N ILE C 252 -38.65 -14.79 -17.72
CA ILE C 252 -39.42 -14.42 -18.87
C ILE C 252 -40.80 -15.01 -18.67
N ILE C 253 -41.80 -14.17 -18.86
CA ILE C 253 -43.17 -14.55 -18.61
C ILE C 253 -43.85 -14.97 -19.90
N ASP C 254 -44.07 -16.25 -20.07
CA ASP C 254 -44.80 -16.76 -21.21
C ASP C 254 -46.28 -16.45 -21.10
N VAL C 255 -46.97 -16.58 -22.22
CA VAL C 255 -48.38 -16.26 -22.30
C VAL C 255 -49.23 -17.51 -22.30
N ILE C 256 -50.18 -17.56 -21.36
CA ILE C 256 -51.22 -18.52 -21.38
C ILE C 256 -52.45 -17.79 -21.89
N ASN C 257 -52.94 -18.19 -23.06
CA ASN C 257 -54.04 -17.50 -23.74
C ASN C 257 -55.33 -17.57 -22.93
N MET C 258 -55.95 -16.43 -22.67
CA MET C 258 -57.16 -16.33 -21.86
C MET C 258 -58.41 -16.97 -22.49
N ASP C 259 -58.38 -17.21 -23.81
CA ASP C 259 -59.51 -17.87 -24.51
C ASP C 259 -59.38 -19.40 -24.67
N ASN C 260 -58.24 -19.86 -25.16
CA ASN C 260 -58.00 -21.31 -25.39
C ASN C 260 -57.00 -21.99 -24.43
N PHE C 261 -56.31 -21.19 -23.62
CA PHE C 261 -55.35 -21.72 -22.62
C PHE C 261 -54.12 -22.40 -23.19
N GLN C 262 -53.83 -22.18 -24.46
CA GLN C 262 -52.57 -22.58 -24.99
C GLN C 262 -51.43 -21.77 -24.39
N TYR C 263 -50.32 -22.46 -24.18
CA TYR C 263 -49.14 -21.89 -23.59
C TYR C 263 -48.24 -21.47 -24.74
N VAL C 264 -47.82 -20.21 -24.73
CA VAL C 264 -47.12 -19.62 -25.87
C VAL C 264 -45.83 -18.96 -25.44
N GLY C 265 -44.74 -19.27 -26.13
CA GLY C 265 -43.45 -18.76 -25.77
C GLY C 265 -43.34 -17.27 -26.05
N ALA C 266 -42.91 -16.51 -25.06
CA ALA C 266 -42.72 -15.08 -25.21
C ALA C 266 -41.36 -14.76 -25.82
N SER C 267 -41.20 -13.53 -26.31
CA SER C 267 -39.93 -13.03 -26.78
C SER C 267 -38.96 -12.89 -25.61
N ALA C 268 -37.68 -13.10 -25.88
CA ALA C 268 -36.63 -12.90 -24.90
C ALA C 268 -35.89 -11.57 -25.09
N ASP C 269 -36.30 -10.78 -26.09
CA ASP C 269 -35.61 -9.53 -26.40
C ASP C 269 -36.27 -8.32 -25.78
N LEU C 270 -37.06 -8.52 -24.72
CA LEU C 270 -37.76 -7.42 -24.08
C LEU C 270 -37.11 -6.99 -22.77
N LYS C 271 -37.29 -5.71 -22.43
CA LYS C 271 -37.08 -5.18 -21.08
C LYS C 271 -38.37 -4.51 -20.63
N GLY C 272 -38.58 -4.41 -19.32
CA GLY C 272 -39.70 -3.69 -18.76
C GLY C 272 -39.47 -2.18 -18.81
N GLY C 273 -40.54 -1.43 -18.96
CA GLY C 273 -40.47 0.00 -18.91
C GLY C 273 -41.83 0.65 -18.74
N PHE C 274 -41.91 1.94 -19.07
CA PHE C 274 -43.12 2.71 -18.88
C PHE C 274 -43.01 4.05 -19.60
N ASP C 275 -44.14 4.59 -19.99
CA ASP C 275 -44.24 5.98 -20.40
C ASP C 275 -44.55 6.84 -19.19
N TRP C 276 -44.65 8.14 -19.42
CA TRP C 276 -44.85 9.10 -18.33
C TRP C 276 -46.22 8.99 -17.62
N ASN C 277 -47.16 8.27 -18.22
CA ASN C 277 -48.37 7.86 -17.50
C ASN C 277 -48.15 6.79 -16.43
N LEU C 278 -46.91 6.29 -16.30
CA LEU C 278 -46.56 5.28 -15.31
C LEU C 278 -47.34 3.93 -15.43
N VAL C 279 -47.81 3.59 -16.62
CA VAL C 279 -48.33 2.27 -16.88
C VAL C 279 -47.21 1.40 -17.44
N PHE C 280 -47.08 0.22 -16.85
CA PHE C 280 -46.10 -0.73 -17.29
C PHE C 280 -46.25 -1.09 -18.78
N LYS C 281 -45.13 -1.15 -19.48
CA LYS C 281 -45.10 -1.63 -20.85
C LYS C 281 -43.79 -2.34 -21.20
N TRP C 282 -43.79 -3.13 -22.28
CA TRP C 282 -42.63 -3.87 -22.71
C TRP C 282 -41.95 -3.13 -23.84
N ASP C 283 -40.64 -2.94 -23.72
CA ASP C 283 -39.79 -2.28 -24.73
C ASP C 283 -38.97 -3.40 -25.37
N TYR C 284 -38.71 -3.34 -26.68
CA TYR C 284 -37.63 -4.14 -27.26
C TYR C 284 -36.31 -3.55 -26.81
N MET C 285 -35.29 -4.38 -26.60
CA MET C 285 -33.92 -3.89 -26.43
C MET C 285 -33.50 -3.12 -27.67
N THR C 286 -32.50 -2.23 -27.51
CA THR C 286 -31.92 -1.52 -28.65
C THR C 286 -31.02 -2.44 -29.45
N PRO C 287 -30.79 -2.09 -30.71
CA PRO C 287 -29.83 -2.85 -31.51
C PRO C 287 -28.48 -2.97 -30.83
N GLU C 288 -28.05 -1.90 -30.15
CA GLU C 288 -26.78 -1.92 -29.43
C GLU C 288 -26.75 -2.95 -28.31
N GLN C 289 -27.78 -2.96 -27.47
CA GLN C 289 -27.91 -3.96 -26.40
C GLN C 289 -27.89 -5.39 -26.96
N ARG C 290 -28.70 -5.65 -28.01
CA ARG C 290 -28.76 -7.00 -28.61
C ARG C 290 -27.39 -7.42 -29.11
N ARG C 291 -26.69 -6.50 -29.74
CA ARG C 291 -25.37 -6.80 -30.31
C ARG C 291 -24.37 -7.16 -29.21
N SER C 292 -24.40 -6.45 -28.08
CA SER C 292 -23.51 -6.75 -26.95
C SER C 292 -23.76 -8.11 -26.27
N ARG C 293 -24.90 -8.74 -26.58
CA ARG C 293 -25.25 -10.02 -25.98
C ARG C 293 -25.00 -11.18 -26.92
N GLN C 294 -24.58 -10.90 -28.16
CA GLN C 294 -24.42 -11.95 -29.20
C GLN C 294 -23.54 -13.11 -28.69
N GLY C 295 -22.52 -12.78 -27.90
CA GLY C 295 -21.63 -13.76 -27.29
C GLY C 295 -22.24 -14.61 -26.18
N ASN C 296 -23.27 -14.10 -25.50
CA ASN C 296 -24.05 -14.92 -24.56
C ASN C 296 -25.52 -14.54 -24.54
N PRO C 297 -26.30 -15.09 -25.49
CA PRO C 297 -27.69 -14.64 -25.63
C PRO C 297 -28.66 -15.02 -24.48
N VAL C 298 -28.29 -15.89 -23.56
CA VAL C 298 -29.13 -16.14 -22.39
C VAL C 298 -28.63 -15.49 -21.09
N ALA C 299 -27.79 -14.48 -21.21
CA ALA C 299 -27.31 -13.75 -20.03
C ALA C 299 -28.45 -12.95 -19.40
N PRO C 300 -28.35 -12.69 -18.11
CA PRO C 300 -29.31 -11.84 -17.45
C PRO C 300 -29.54 -10.54 -18.21
N ILE C 301 -30.77 -10.04 -18.18
CA ILE C 301 -31.10 -8.75 -18.74
C ILE C 301 -31.45 -7.77 -17.64
N LYS C 302 -30.69 -6.69 -17.52
CA LYS C 302 -31.03 -5.64 -16.57
C LYS C 302 -32.25 -4.91 -17.04
N THR C 303 -33.20 -4.71 -16.14
CA THR C 303 -34.47 -4.11 -16.51
C THR C 303 -34.84 -2.94 -15.58
N PRO C 304 -35.31 -1.84 -16.17
CA PRO C 304 -35.65 -0.66 -15.37
C PRO C 304 -36.80 -0.94 -14.45
N MET C 305 -37.62 -1.90 -14.87
CA MET C 305 -38.85 -2.18 -14.16
C MET C 305 -39.26 -3.62 -14.37
N ILE C 306 -39.79 -4.24 -13.33
CA ILE C 306 -40.36 -5.58 -13.47
C ILE C 306 -41.85 -5.49 -13.69
N ALA C 307 -42.39 -6.53 -14.31
CA ALA C 307 -43.83 -6.60 -14.52
C ALA C 307 -44.58 -6.59 -13.18
N GLY C 308 -44.05 -7.33 -12.21
CA GLY C 308 -44.41 -7.18 -10.80
C GLY C 308 -44.95 -8.37 -10.08
N GLY C 309 -45.54 -9.31 -10.81
CA GLY C 309 -46.16 -10.47 -10.17
C GLY C 309 -45.30 -11.72 -10.01
N LEU C 310 -44.18 -11.79 -10.72
CA LEU C 310 -43.38 -12.96 -10.67
C LEU C 310 -41.94 -12.53 -10.43
N PHE C 311 -41.45 -12.76 -9.23
CA PHE C 311 -40.08 -12.45 -8.94
C PHE C 311 -39.55 -13.18 -7.73
N VAL C 312 -38.23 -13.19 -7.64
CA VAL C 312 -37.55 -13.86 -6.59
C VAL C 312 -36.67 -12.85 -5.91
N MET C 313 -36.67 -12.85 -4.57
CA MET C 313 -35.96 -11.82 -3.79
C MET C 313 -35.51 -12.40 -2.47
N ASP C 314 -34.29 -12.08 -2.08
CA ASP C 314 -33.75 -12.48 -0.77
C ASP C 314 -34.69 -11.96 0.29
N LYS C 315 -35.11 -12.81 1.23
CA LYS C 315 -36.13 -12.39 2.16
C LYS C 315 -35.73 -11.22 3.04
N PHE C 316 -34.51 -11.26 3.56
CA PHE C 316 -34.07 -10.22 4.44
C PHE C 316 -33.88 -8.92 3.72
N TYR C 317 -33.44 -9.00 2.46
CA TYR C 317 -33.36 -7.85 1.62
C TYR C 317 -34.71 -7.23 1.38
N PHE C 318 -35.73 -8.06 1.17
CA PHE C 318 -37.11 -7.57 1.05
C PHE C 318 -37.56 -6.82 2.30
N GLU C 319 -37.20 -7.32 3.47
CA GLU C 319 -37.52 -6.66 4.75
C GLU C 319 -36.78 -5.34 4.94
N GLU C 320 -35.46 -5.35 4.75
CA GLU C 320 -34.62 -4.16 4.92
C GLU C 320 -35.04 -3.05 4.04
N LEU C 321 -35.36 -3.38 2.79
CA LEU C 321 -35.76 -2.36 1.87
C LEU C 321 -37.16 -1.83 2.09
N GLY C 322 -37.93 -2.38 3.02
CA GLY C 322 -39.26 -1.85 3.33
C GLY C 322 -40.42 -2.62 2.68
N LYS C 323 -40.25 -3.93 2.48
CA LYS C 323 -41.34 -4.80 2.05
C LYS C 323 -42.08 -4.17 0.88
N TYR C 324 -43.36 -3.86 1.08
CA TYR C 324 -44.19 -3.04 0.18
C TYR C 324 -44.81 -1.93 1.02
N ASP C 325 -45.34 -0.91 0.34
CA ASP C 325 -46.05 0.18 0.98
C ASP C 325 -47.40 -0.34 1.42
N MET C 326 -47.58 -0.51 2.73
CA MET C 326 -48.78 -1.16 3.27
C MET C 326 -50.10 -0.41 3.04
N MET C 327 -50.02 0.81 2.55
CA MET C 327 -51.23 1.61 2.35
C MET C 327 -51.71 1.64 0.90
N MET C 328 -51.04 0.89 0.05
CA MET C 328 -51.54 0.68 -1.29
C MET C 328 -52.65 -0.35 -1.21
N ASP C 329 -53.67 -0.18 -2.04
CA ASP C 329 -54.85 -1.03 -1.99
C ASP C 329 -55.09 -1.84 -3.29
N VAL C 330 -55.64 -3.03 -3.11
CA VAL C 330 -56.13 -3.89 -4.18
C VAL C 330 -55.09 -4.34 -5.24
N TRP C 331 -54.72 -3.44 -6.14
CA TRP C 331 -53.95 -3.76 -7.34
C TRP C 331 -53.35 -2.48 -7.94
N GLY C 332 -52.17 -2.57 -8.56
CA GLY C 332 -51.48 -1.47 -9.31
C GLY C 332 -50.71 -0.54 -8.33
N GLY C 333 -49.65 0.23 -8.55
CA GLY C 333 -48.47 0.02 -9.22
C GLY C 333 -47.45 -0.07 -8.01
N GLU C 334 -47.59 -1.16 -7.27
CA GLU C 334 -46.58 -1.61 -6.32
C GLU C 334 -45.33 -2.11 -7.08
N ASN C 335 -45.53 -2.59 -8.29
CA ASN C 335 -44.42 -2.89 -9.19
C ASN C 335 -43.56 -1.69 -9.52
N LEU C 336 -44.20 -0.54 -9.65
CA LEU C 336 -43.54 0.68 -9.98
C LEU C 336 -42.71 1.09 -8.76
N GLU C 337 -43.38 1.07 -7.61
CA GLU C 337 -42.76 1.52 -6.37
C GLU C 337 -41.52 0.70 -5.99
N ILE C 338 -41.65 -0.63 -6.05
CA ILE C 338 -40.55 -1.48 -5.68
C ILE C 338 -39.42 -1.44 -6.69
N SER C 339 -39.75 -1.24 -7.95
CA SER C 339 -38.70 -1.12 -8.97
C SER C 339 -37.83 0.13 -8.76
N PHE C 340 -38.47 1.27 -8.52
CA PHE C 340 -37.75 2.52 -8.19
C PHE C 340 -36.91 2.40 -6.90
N ARG C 341 -37.53 1.83 -5.87
CA ARG C 341 -36.89 1.70 -4.57
C ARG C 341 -35.64 0.80 -4.65
N VAL C 342 -35.76 -0.34 -5.30
CA VAL C 342 -34.59 -1.21 -5.43
C VAL C 342 -33.43 -0.52 -6.19
N TRP C 343 -33.73 0.11 -7.33
CA TRP C 343 -32.67 0.68 -8.13
C TRP C 343 -32.08 1.91 -7.41
N GLN C 344 -32.93 2.78 -6.90
CA GLN C 344 -32.42 3.98 -6.26
C GLN C 344 -31.67 3.68 -4.95
N CYS C 345 -31.99 2.56 -4.30
CA CYS C 345 -31.42 2.28 -2.99
C CYS C 345 -30.36 1.19 -3.03
N GLY C 346 -29.78 0.91 -4.20
CA GLY C 346 -28.54 0.14 -4.27
C GLY C 346 -28.64 -1.25 -4.89
N GLY C 347 -29.84 -1.74 -5.12
CA GLY C 347 -30.00 -3.06 -5.72
C GLY C 347 -30.08 -3.08 -7.24
N SER C 348 -30.54 -4.19 -7.79
CA SER C 348 -30.80 -4.26 -9.24
C SER C 348 -32.00 -5.16 -9.54
N LEU C 349 -32.52 -5.00 -10.75
CA LEU C 349 -33.63 -5.78 -11.27
C LEU C 349 -33.16 -6.52 -12.52
N GLU C 350 -33.46 -7.81 -12.62
CA GLU C 350 -33.08 -8.59 -13.79
C GLU C 350 -34.24 -9.46 -14.26
N ILE C 351 -34.17 -9.79 -15.56
CA ILE C 351 -35.00 -10.79 -16.21
C ILE C 351 -34.04 -11.90 -16.62
N ILE C 352 -34.40 -13.15 -16.36
CA ILE C 352 -33.50 -14.26 -16.53
C ILE C 352 -34.03 -15.21 -17.60
N PRO C 353 -33.46 -15.15 -18.82
CA PRO C 353 -34.03 -15.86 -19.98
C PRO C 353 -34.22 -17.36 -19.80
N CYS C 354 -33.33 -18.02 -19.06
CA CYS C 354 -33.46 -19.46 -18.87
C CYS C 354 -34.63 -19.85 -17.95
N SER C 355 -35.18 -18.87 -17.22
CA SER C 355 -36.33 -19.07 -16.37
C SER C 355 -37.61 -18.68 -17.10
N ARG C 356 -38.49 -19.66 -17.30
CA ARG C 356 -39.72 -19.46 -18.02
C ARG C 356 -40.93 -19.84 -17.18
N VAL C 357 -41.87 -18.92 -17.09
CA VAL C 357 -43.12 -19.17 -16.39
C VAL C 357 -44.28 -18.54 -17.17
N GLY C 358 -45.30 -19.33 -17.45
CA GLY C 358 -46.49 -18.82 -18.12
C GLY C 358 -47.47 -18.17 -17.16
N HIS C 359 -48.25 -17.25 -17.71
CA HIS C 359 -49.19 -16.43 -16.94
C HIS C 359 -50.44 -16.18 -17.80
N VAL C 360 -51.60 -16.27 -17.19
CA VAL C 360 -52.83 -15.96 -17.89
C VAL C 360 -53.01 -14.44 -17.93
N PHE C 361 -52.60 -13.82 -19.03
CA PHE C 361 -52.83 -12.39 -19.19
C PHE C 361 -54.30 -12.19 -19.51
N ARG C 362 -54.93 -11.25 -18.84
CA ARG C 362 -56.30 -10.90 -19.19
C ARG C 362 -56.49 -9.41 -19.46
N LYS C 363 -57.63 -9.03 -20.02
CA LYS C 363 -57.91 -7.63 -20.41
C LYS C 363 -58.64 -6.88 -19.30
N GLN C 364 -59.37 -7.59 -18.46
CA GLN C 364 -60.16 -6.96 -17.40
C GLN C 364 -60.03 -7.67 -16.06
N HIS C 365 -60.19 -6.91 -14.98
CA HIS C 365 -60.17 -7.45 -13.65
C HIS C 365 -61.50 -8.11 -13.39
N PRO C 366 -61.51 -9.30 -12.81
CA PRO C 366 -62.79 -9.95 -12.45
C PRO C 366 -63.32 -9.60 -11.06
N TYR C 367 -62.60 -8.78 -10.30
CA TYR C 367 -62.94 -8.51 -8.90
C TYR C 367 -63.18 -7.00 -8.67
N THR C 368 -63.72 -6.69 -7.50
CA THR C 368 -64.14 -5.32 -7.16
C THR C 368 -62.99 -4.48 -6.63
N PHE C 369 -63.08 -3.18 -6.89
CA PHE C 369 -62.22 -2.16 -6.31
C PHE C 369 -63.04 -1.16 -5.51
N PRO C 370 -62.87 -1.09 -4.19
CA PRO C 370 -63.53 0.01 -3.44
C PRO C 370 -63.02 1.47 -3.71
N GLY C 371 -63.76 2.50 -4.15
CA GLY C 371 -64.70 2.51 -5.25
C GLY C 371 -64.01 3.04 -6.53
N GLY C 372 -63.50 2.05 -7.22
CA GLY C 372 -63.30 2.08 -8.63
C GLY C 372 -61.86 1.90 -9.00
N SER C 373 -61.60 1.04 -9.97
CA SER C 373 -60.21 0.71 -10.32
C SER C 373 -59.42 1.93 -10.77
N GLY C 374 -60.05 2.79 -11.55
CA GLY C 374 -59.41 4.04 -12.01
C GLY C 374 -58.76 4.81 -10.85
N THR C 375 -59.52 4.97 -9.79
CA THR C 375 -59.13 5.81 -8.66
C THR C 375 -58.11 5.13 -7.79
N VAL C 376 -58.30 3.83 -7.55
CA VAL C 376 -57.35 3.10 -6.72
C VAL C 376 -55.96 3.06 -7.38
N PHE C 377 -55.93 2.82 -8.69
CA PHE C 377 -54.69 2.73 -9.45
C PHE C 377 -53.97 4.08 -9.38
N ALA C 378 -54.73 5.16 -9.47
CA ALA C 378 -54.14 6.49 -9.41
C ALA C 378 -53.64 6.81 -7.99
N ARG C 379 -54.40 6.41 -6.98
CA ARG C 379 -53.94 6.62 -5.62
C ARG C 379 -52.61 5.89 -5.39
N ASN C 380 -52.59 4.59 -5.71
CA ASN C 380 -51.36 3.82 -5.53
C ASN C 380 -50.21 4.42 -6.31
N THR C 381 -50.47 4.81 -7.55
CA THR C 381 -49.42 5.37 -8.39
C THR C 381 -48.88 6.68 -7.80
N ARG C 382 -49.78 7.49 -7.26
CA ARG C 382 -49.38 8.74 -6.63
C ARG C 382 -48.47 8.46 -5.45
N ARG C 383 -48.81 7.46 -4.65
CA ARG C 383 -47.99 7.17 -3.48
C ARG C 383 -46.57 6.82 -3.91
N ALA C 384 -46.42 6.15 -5.06
CA ALA C 384 -45.08 5.86 -5.58
C ALA C 384 -44.40 7.12 -6.10
N ALA C 385 -45.11 7.90 -6.90
CA ALA C 385 -44.54 9.09 -7.53
C ALA C 385 -44.10 10.14 -6.50
N GLU C 386 -44.95 10.41 -5.51
CA GLU C 386 -44.67 11.43 -4.50
C GLU C 386 -43.48 11.08 -3.57
N VAL C 387 -43.17 9.79 -3.43
CA VAL C 387 -42.08 9.37 -2.59
C VAL C 387 -40.77 9.26 -3.37
N TRP C 388 -40.82 8.85 -4.64
CA TRP C 388 -39.60 8.39 -5.34
C TRP C 388 -39.14 9.26 -6.51
N MET C 389 -40.06 10.00 -7.12
CA MET C 389 -39.76 10.64 -8.39
C MET C 389 -39.24 12.07 -8.31
N ASP C 390 -39.15 12.65 -7.10
CA ASP C 390 -38.71 14.06 -6.95
C ASP C 390 -39.56 14.96 -7.88
N GLU C 391 -38.94 15.89 -8.61
CA GLU C 391 -39.68 16.81 -9.49
C GLU C 391 -40.27 16.13 -10.73
N TYR C 392 -39.73 14.97 -11.09
CA TYR C 392 -40.18 14.31 -12.31
C TYR C 392 -41.61 13.80 -12.18
N LYS C 393 -42.15 13.79 -10.97
CA LYS C 393 -43.58 13.50 -10.81
C LYS C 393 -44.47 14.42 -11.63
N ASN C 394 -44.01 15.65 -11.87
CA ASN C 394 -44.78 16.60 -12.64
C ASN C 394 -44.98 16.17 -14.10
N PHE C 395 -44.08 15.36 -14.64
CA PHE C 395 -44.33 14.77 -15.95
C PHE C 395 -45.44 13.71 -15.92
N TYR C 396 -45.59 13.02 -14.80
CA TYR C 396 -46.70 12.09 -14.65
C TYR C 396 -48.00 12.87 -14.63
N TYR C 397 -48.07 13.91 -13.81
CA TYR C 397 -49.27 14.77 -13.75
C TYR C 397 -49.56 15.52 -15.07
N ALA C 398 -48.52 15.82 -15.85
CA ALA C 398 -48.72 16.33 -17.21
C ALA C 398 -49.39 15.31 -18.12
N ALA C 399 -49.10 14.03 -17.93
CA ALA C 399 -49.74 12.98 -18.74
C ALA C 399 -51.12 12.58 -18.23
N VAL C 400 -51.32 12.71 -16.90
CA VAL C 400 -52.56 12.28 -16.26
C VAL C 400 -53.03 13.37 -15.32
N PRO C 401 -53.53 14.48 -15.87
CA PRO C 401 -53.82 15.61 -15.01
C PRO C 401 -54.92 15.34 -13.98
N SER C 402 -55.87 14.45 -14.30
CA SER C 402 -56.90 14.03 -13.34
C SER C 402 -56.35 13.43 -12.04
N ALA C 403 -55.13 12.89 -12.08
CA ALA C 403 -54.52 12.32 -10.87
C ALA C 403 -54.26 13.36 -9.76
N ARG C 404 -54.04 14.62 -10.11
CA ARG C 404 -53.86 15.69 -9.11
CA ARG C 404 -53.85 15.68 -9.11
C ARG C 404 -55.03 15.82 -8.14
N ASN C 405 -56.22 15.40 -8.56
CA ASN C 405 -57.41 15.48 -7.69
C ASN C 405 -57.65 14.24 -6.84
N VAL C 406 -56.78 13.24 -6.94
CA VAL C 406 -56.96 12.00 -6.19
C VAL C 406 -56.19 12.00 -4.87
N PRO C 407 -56.92 11.94 -3.74
CA PRO C 407 -56.24 11.90 -2.45
C PRO C 407 -55.49 10.60 -2.27
N TYR C 408 -54.31 10.70 -1.69
CA TYR C 408 -53.43 9.57 -1.55
C TYR C 408 -52.94 9.22 -0.11
N GLY C 409 -53.38 9.97 0.90
CA GLY C 409 -53.07 9.62 2.28
C GLY C 409 -51.66 9.97 2.73
N ASN C 410 -51.31 9.47 3.90
CA ASN C 410 -50.04 9.78 4.55
C ASN C 410 -48.87 8.94 4.02
N ILE C 411 -47.78 9.61 3.61
CA ILE C 411 -46.61 8.97 3.00
C ILE C 411 -45.34 9.12 3.82
N GLN C 412 -45.52 9.50 5.07
CA GLN C 412 -44.41 9.90 5.91
C GLN C 412 -43.43 8.78 6.17
N SER C 413 -43.93 7.60 6.55
CA SER C 413 -43.03 6.53 6.90
C SER C 413 -42.27 6.03 5.67
N ARG C 414 -42.85 6.19 4.49
CA ARG C 414 -42.16 5.85 3.24
C ARG C 414 -41.07 6.87 2.94
N LEU C 415 -41.35 8.14 3.21
CA LEU C 415 -40.32 9.16 3.06
C LEU C 415 -39.17 8.94 4.05
N GLU C 416 -39.48 8.56 5.29
CA GLU C 416 -38.45 8.32 6.30
C GLU C 416 -37.63 7.11 5.95
N LEU C 417 -38.29 6.12 5.32
CA LEU C 417 -37.61 4.94 4.77
C LEU C 417 -36.60 5.32 3.70
N ARG C 418 -36.98 6.19 2.78
CA ARG C 418 -36.05 6.64 1.76
C ARG C 418 -34.79 7.33 2.35
N LYS C 419 -35.00 8.18 3.35
CA LYS C 419 -33.88 8.88 4.03
C LYS C 419 -32.96 7.88 4.70
N LYS C 420 -33.57 7.01 5.47
CA LYS C 420 -32.85 5.99 6.22
C LYS C 420 -31.98 5.07 5.34
N LEU C 421 -32.41 4.78 4.12
CA LEU C 421 -31.67 3.92 3.21
C LEU C 421 -30.61 4.66 2.36
N SER C 422 -30.57 5.97 2.40
CA SER C 422 -29.65 6.71 1.52
C SER C 422 -29.86 6.28 0.07
N CYS C 423 -30.92 6.78 -0.52
CA CYS C 423 -31.27 6.40 -1.86
C CYS C 423 -30.87 7.55 -2.78
N LYS C 424 -30.52 7.22 -4.02
CA LYS C 424 -30.15 8.21 -4.98
C LYS C 424 -31.38 8.91 -5.52
N PRO C 425 -31.20 10.11 -6.05
CA PRO C 425 -32.33 10.81 -6.62
C PRO C 425 -32.86 10.22 -7.93
N PHE C 426 -34.08 10.59 -8.30
CA PHE C 426 -34.70 10.02 -9.48
C PHE C 426 -33.92 10.36 -10.75
N LYS C 427 -33.29 11.52 -10.76
CA LYS C 427 -32.43 11.93 -11.87
C LYS C 427 -31.35 10.88 -12.12
N TRP C 428 -30.81 10.35 -11.04
CA TRP C 428 -29.82 9.31 -11.16
C TRP C 428 -30.43 8.09 -11.83
N TYR C 429 -31.65 7.74 -11.43
CA TYR C 429 -32.34 6.56 -11.97
C TYR C 429 -32.52 6.76 -13.46
N LEU C 430 -32.95 7.95 -13.88
CA LEU C 430 -33.17 8.16 -15.31
C LEU C 430 -31.87 8.08 -16.12
N GLU C 431 -30.78 8.60 -15.58
CA GLU C 431 -29.53 8.65 -16.33
C GLU C 431 -28.88 7.29 -16.41
N ASN C 432 -28.98 6.53 -15.32
CA ASN C 432 -28.19 5.31 -15.20
C ASN C 432 -28.95 4.02 -15.39
N VAL C 433 -30.26 4.04 -15.16
CA VAL C 433 -31.07 2.83 -15.20
C VAL C 433 -31.99 2.82 -16.40
N TYR C 434 -32.67 3.94 -16.64
CA TYR C 434 -33.62 4.03 -17.76
C TYR C 434 -33.31 5.21 -18.68
N PRO C 435 -32.10 5.24 -19.27
CA PRO C 435 -31.73 6.39 -20.09
C PRO C 435 -32.56 6.49 -21.36
N GLU C 436 -33.13 5.37 -21.79
CA GLU C 436 -33.88 5.39 -23.04
C GLU C 436 -35.31 5.93 -22.86
N LEU C 437 -35.71 6.25 -21.63
CA LEU C 437 -36.97 6.95 -21.39
C LEU C 437 -36.76 8.42 -21.70
N ARG C 438 -37.52 8.88 -22.66
CA ARG C 438 -37.28 10.18 -23.20
C ARG C 438 -37.91 11.24 -22.31
N VAL C 439 -37.10 12.21 -21.88
CA VAL C 439 -37.48 13.12 -20.84
C VAL C 439 -37.55 14.55 -21.35
N PRO C 440 -38.67 15.25 -21.07
CA PRO C 440 -38.75 16.61 -21.59
C PRO C 440 -37.71 17.53 -20.96
N ASP C 441 -37.25 18.52 -21.70
CA ASP C 441 -36.47 19.62 -21.09
C ASP C 441 -37.30 20.28 -20.00
N HIS C 442 -36.64 20.76 -18.95
CA HIS C 442 -37.32 21.35 -17.81
C HIS C 442 -38.29 22.48 -18.22
N GLN C 443 -37.95 23.26 -19.24
CA GLN C 443 -38.80 24.41 -19.65
C GLN C 443 -39.72 24.11 -20.86
N ASP C 444 -39.78 22.86 -21.33
CA ASP C 444 -40.70 22.50 -22.42
C ASP C 444 -42.16 22.80 -22.04
N ILE C 445 -42.93 23.28 -22.99
CA ILE C 445 -44.34 23.58 -22.80
C ILE C 445 -45.16 22.33 -23.04
N ALA C 446 -44.75 21.51 -24.00
CA ALA C 446 -45.43 20.26 -24.32
C ALA C 446 -44.43 19.30 -24.94
N PHE C 447 -44.83 18.03 -25.02
CA PHE C 447 -43.89 16.97 -25.38
C PHE C 447 -44.64 15.76 -25.84
N GLY C 448 -43.99 14.95 -26.68
CA GLY C 448 -44.47 13.59 -27.01
C GLY C 448 -44.83 13.43 -28.47
N ALA C 449 -45.96 12.83 -28.75
CA ALA C 449 -46.45 12.72 -30.12
C ALA C 449 -47.38 13.89 -30.35
N LEU C 450 -47.55 14.29 -31.62
CA LEU C 450 -48.53 15.30 -31.96
C LEU C 450 -49.60 14.61 -32.77
N GLN C 451 -50.75 14.40 -32.12
CA GLN C 451 -51.80 13.52 -32.61
C GLN C 451 -52.89 14.26 -33.36
N GLN C 452 -53.32 13.66 -34.47
CA GLN C 452 -54.51 14.09 -35.18
C GLN C 452 -55.31 12.83 -35.52
N GLY C 453 -56.42 12.62 -34.81
CA GLY C 453 -57.18 11.38 -34.89
C GLY C 453 -56.28 10.23 -34.48
N THR C 454 -56.13 9.25 -35.37
CA THR C 454 -55.21 8.13 -35.15
C THR C 454 -53.84 8.35 -35.81
N ASN C 455 -53.64 9.50 -36.46
CA ASN C 455 -52.37 9.83 -37.10
C ASN C 455 -51.51 10.71 -36.20
N CYS C 456 -50.22 10.72 -36.51
CA CYS C 456 -49.21 11.45 -35.74
C CYS C 456 -48.31 12.24 -36.69
N LEU C 457 -47.86 13.42 -36.25
CA LEU C 457 -46.81 14.21 -36.95
C LEU C 457 -45.57 13.34 -37.14
N ASP C 458 -45.03 13.31 -38.35
CA ASP C 458 -43.97 12.38 -38.68
C ASP C 458 -42.96 13.04 -39.61
N THR C 459 -41.66 12.95 -39.29
CA THR C 459 -40.63 13.51 -40.15
C THR C 459 -40.50 12.81 -41.50
N LEU C 460 -41.12 11.65 -41.65
CA LEU C 460 -41.00 10.84 -42.86
C LEU C 460 -39.55 10.46 -43.12
N GLY C 461 -38.75 10.44 -42.07
CA GLY C 461 -37.31 10.16 -42.18
C GLY C 461 -36.52 11.25 -42.84
N HIS C 462 -37.17 12.41 -43.07
CA HIS C 462 -36.51 13.54 -43.73
C HIS C 462 -35.58 14.32 -42.80
N PHE C 463 -34.74 15.14 -43.40
CA PHE C 463 -33.75 15.93 -42.70
C PHE C 463 -33.97 17.38 -43.05
N ALA C 464 -32.97 18.23 -42.80
CA ALA C 464 -33.16 19.65 -43.02
C ALA C 464 -33.51 19.95 -44.48
N ASP C 465 -34.37 20.94 -44.66
CA ASP C 465 -34.93 21.34 -45.96
C ASP C 465 -35.93 20.35 -46.51
N GLY C 466 -36.28 19.33 -45.73
CA GLY C 466 -37.30 18.39 -46.14
C GLY C 466 -38.68 18.72 -45.59
N VAL C 467 -39.69 18.19 -46.26
CA VAL C 467 -41.07 18.33 -45.82
C VAL C 467 -41.38 17.37 -44.67
N VAL C 468 -42.57 17.50 -44.13
CA VAL C 468 -42.98 16.77 -42.97
C VAL C 468 -44.38 16.22 -43.27
N GLY C 469 -44.80 15.14 -42.60
CA GLY C 469 -46.11 14.54 -42.84
C GLY C 469 -46.80 13.89 -41.68
N VAL C 470 -47.74 12.99 -42.00
CA VAL C 470 -48.33 12.09 -40.99
C VAL C 470 -48.18 10.59 -41.37
N TYR C 471 -48.14 9.73 -40.34
CA TYR C 471 -48.37 8.30 -40.46
C TYR C 471 -49.20 7.91 -39.27
N GLU C 472 -49.68 6.67 -39.26
CA GLU C 472 -50.48 6.16 -38.12
C GLU C 472 -49.60 6.11 -36.85
N CYS C 473 -50.15 6.58 -35.72
CA CYS C 473 -49.42 6.67 -34.47
C CYS C 473 -48.99 5.29 -34.07
N HIS C 474 -47.71 5.13 -33.74
CA HIS C 474 -47.19 3.82 -33.37
C HIS C 474 -46.67 3.71 -31.94
N ASN C 475 -46.67 4.83 -31.21
CA ASN C 475 -46.17 4.90 -29.83
C ASN C 475 -44.73 4.43 -29.58
N ALA C 476 -44.00 4.13 -30.65
CA ALA C 476 -42.55 3.84 -30.60
C ALA C 476 -41.64 5.09 -30.60
N GLY C 477 -42.19 6.28 -30.52
CA GLY C 477 -41.34 7.48 -30.49
C GLY C 477 -40.65 7.67 -31.86
N GLY C 478 -39.34 7.87 -31.84
CA GLY C 478 -38.55 8.07 -33.05
C GLY C 478 -39.06 9.23 -33.93
N ASN C 479 -39.42 8.94 -35.17
CA ASN C 479 -39.85 10.00 -36.11
C ASN C 479 -41.20 10.67 -35.75
N GLN C 480 -41.86 10.19 -34.70
CA GLN C 480 -43.09 10.79 -34.21
C GLN C 480 -42.90 11.46 -32.86
N GLU C 481 -41.65 11.74 -32.49
CA GLU C 481 -41.38 12.43 -31.24
C GLU C 481 -41.06 13.91 -31.46
N TRP C 482 -41.71 14.76 -30.66
CA TRP C 482 -41.65 16.22 -30.81
C TRP C 482 -41.76 16.91 -29.47
N ALA C 483 -41.37 18.17 -29.43
CA ALA C 483 -41.58 19.03 -28.25
C ALA C 483 -41.99 20.43 -28.67
N LEU C 484 -42.71 21.11 -27.79
CA LEU C 484 -42.98 22.54 -27.91
C LEU C 484 -42.11 23.20 -26.85
N THR C 485 -41.09 23.92 -27.29
CA THR C 485 -40.06 24.43 -26.39
C THR C 485 -40.42 25.75 -25.73
N LYS C 486 -39.61 26.19 -24.76
CA LYS C 486 -39.73 27.54 -24.15
C LYS C 486 -39.62 28.63 -25.20
N GLU C 487 -38.85 28.35 -26.26
CA GLU C 487 -38.67 29.29 -27.36
C GLU C 487 -39.82 29.22 -28.38
N LYS C 488 -40.89 28.48 -28.06
CA LYS C 488 -42.09 28.37 -28.91
C LYS C 488 -41.86 27.64 -30.24
N SER C 489 -40.88 26.76 -30.30
CA SER C 489 -40.60 26.00 -31.51
C SER C 489 -41.10 24.56 -31.38
N VAL C 490 -41.52 23.98 -32.50
CA VAL C 490 -41.92 22.59 -32.51
C VAL C 490 -40.76 21.76 -33.07
N LYS C 491 -40.06 21.04 -32.19
CA LYS C 491 -38.81 20.41 -32.59
C LYS C 491 -38.68 18.90 -32.43
N HIS C 492 -37.90 18.34 -33.34
CA HIS C 492 -37.50 16.96 -33.34
C HIS C 492 -36.00 16.99 -33.44
N MET C 493 -35.32 16.42 -32.45
CA MET C 493 -33.86 16.48 -32.37
C MET C 493 -33.47 17.96 -32.34
N ASP C 494 -32.63 18.41 -33.27
CA ASP C 494 -32.29 19.84 -33.39
C ASP C 494 -32.90 20.44 -34.65
N LEU C 495 -33.99 19.85 -35.12
CA LEU C 495 -34.75 20.40 -36.26
C LEU C 495 -36.11 20.93 -35.82
N CYS C 496 -36.58 21.97 -36.50
CA CYS C 496 -37.76 22.72 -36.11
C CYS C 496 -38.70 22.98 -37.29
N LEU C 497 -40.00 22.97 -37.02
CA LEU C 497 -40.97 23.27 -38.09
C LEU C 497 -40.86 24.73 -38.46
N THR C 498 -40.64 24.98 -39.73
CA THR C 498 -40.29 26.32 -40.20
C THR C 498 -41.24 26.79 -41.29
N VAL C 499 -41.83 27.95 -41.07
CA VAL C 499 -42.71 28.56 -42.06
C VAL C 499 -41.85 29.32 -43.02
N VAL C 500 -41.62 28.67 -44.13
CA VAL C 500 -40.69 29.13 -45.14
C VAL C 500 -41.39 30.16 -46.06
N ASP C 501 -42.71 30.13 -46.09
CA ASP C 501 -43.50 30.96 -46.97
C ASP C 501 -44.86 31.10 -46.33
N ARG C 502 -45.31 32.33 -46.17
CA ARG C 502 -46.56 32.65 -45.46
C ARG C 502 -47.81 32.49 -46.35
N ALA C 503 -47.64 32.23 -47.65
CA ALA C 503 -48.78 32.09 -48.57
C ALA C 503 -49.58 30.82 -48.24
N PRO C 504 -50.92 30.96 -48.08
CA PRO C 504 -51.73 29.78 -47.71
C PRO C 504 -51.54 28.64 -48.70
N GLY C 505 -51.41 27.42 -48.18
CA GLY C 505 -51.08 26.29 -49.03
C GLY C 505 -49.60 25.97 -49.13
N SER C 506 -48.72 26.87 -48.65
CA SER C 506 -47.28 26.63 -48.67
C SER C 506 -46.90 25.50 -47.73
N LEU C 507 -46.01 24.64 -48.22
CA LEU C 507 -45.46 23.56 -47.45
C LEU C 507 -44.52 24.15 -46.42
N ILE C 508 -44.47 23.51 -45.27
CA ILE C 508 -43.52 23.88 -44.24
C ILE C 508 -42.34 22.95 -44.37
N LYS C 509 -41.21 23.41 -43.84
CA LYS C 509 -39.99 22.63 -43.95
C LYS C 509 -39.36 22.47 -42.58
N LEU C 510 -38.58 21.42 -42.50
CA LEU C 510 -37.70 21.16 -41.37
C LEU C 510 -36.41 22.00 -41.54
N GLN C 511 -36.01 22.77 -40.55
CA GLN C 511 -34.71 23.42 -40.58
C GLN C 511 -34.06 23.42 -39.20
N GLY C 512 -32.74 23.63 -39.13
CA GLY C 512 -32.03 23.68 -37.85
C GLY C 512 -32.61 24.77 -36.96
N CYS C 513 -32.86 24.44 -35.69
CA CYS C 513 -33.52 25.39 -34.78
C CYS C 513 -32.65 26.62 -34.50
N ARG C 514 -33.22 27.78 -34.66
CA ARG C 514 -32.57 29.05 -34.49
C ARG C 514 -33.46 29.85 -33.59
N GLU C 515 -33.10 29.98 -32.35
CA GLU C 515 -33.93 30.66 -31.39
C GLU C 515 -34.42 32.05 -31.78
N ASP C 516 -33.79 32.68 -32.75
CA ASP C 516 -34.17 34.01 -33.13
C ASP C 516 -35.22 33.99 -34.20
N ASP C 517 -35.16 32.96 -35.03
CA ASP C 517 -35.96 32.81 -36.26
C ASP C 517 -37.46 32.80 -36.00
N SER C 518 -38.14 33.89 -36.36
CA SER C 518 -39.55 34.04 -36.08
C SER C 518 -40.39 33.12 -36.94
N ARG C 519 -39.81 32.60 -38.01
CA ARG C 519 -40.52 31.64 -38.86
C ARG C 519 -40.71 30.30 -38.16
N GLN C 520 -40.04 30.09 -37.04
CA GLN C 520 -40.17 28.82 -36.31
C GLN C 520 -41.07 28.85 -35.08
N LYS C 521 -41.86 29.90 -34.89
CA LYS C 521 -42.59 30.14 -33.65
C LYS C 521 -44.04 29.68 -33.80
N TRP C 522 -44.48 28.86 -32.85
CA TRP C 522 -45.83 28.29 -32.86
C TRP C 522 -46.45 28.40 -31.47
N GLU C 523 -47.77 28.41 -31.44
CA GLU C 523 -48.52 28.54 -30.20
C GLU C 523 -49.80 27.72 -30.27
N GLN C 524 -50.11 27.07 -29.16
CA GLN C 524 -51.37 26.33 -29.02
C GLN C 524 -52.53 27.28 -28.83
N ILE C 525 -53.68 26.91 -29.40
CA ILE C 525 -54.91 27.67 -29.25
C ILE C 525 -56.12 26.76 -29.16
N GLU C 526 -57.26 27.35 -28.79
CA GLU C 526 -58.56 26.68 -28.71
C GLU C 526 -58.46 25.44 -27.83
N GLY C 527 -58.04 25.67 -26.59
CA GLY C 527 -57.94 24.61 -25.59
C GLY C 527 -56.92 23.56 -25.97
N ASN C 528 -55.74 24.02 -26.42
CA ASN C 528 -54.66 23.12 -26.85
C ASN C 528 -55.10 22.10 -27.88
N SER C 529 -55.92 22.53 -28.82
CA SER C 529 -56.45 21.64 -29.87
C SER C 529 -55.87 21.93 -31.27
N LYS C 530 -55.17 23.07 -31.45
CA LYS C 530 -54.57 23.44 -32.74
C LYS C 530 -53.21 24.13 -32.54
N LEU C 531 -52.49 24.31 -33.65
CA LEU C 531 -51.20 25.04 -33.65
C LEU C 531 -51.18 26.16 -34.67
N ARG C 532 -51.00 27.37 -34.15
CA ARG C 532 -51.03 28.55 -35.01
C ARG C 532 -49.65 29.10 -35.06
N HIS C 533 -49.29 29.63 -36.21
CA HIS C 533 -48.00 30.26 -36.39
C HIS C 533 -48.06 31.65 -35.75
N VAL C 534 -47.18 31.88 -34.77
CA VAL C 534 -47.19 33.13 -34.00
C VAL C 534 -47.08 34.35 -34.91
N GLY C 535 -47.96 35.32 -34.69
CA GLY C 535 -47.97 36.58 -35.44
C GLY C 535 -48.70 36.52 -36.78
N SER C 536 -49.51 35.50 -36.98
CA SER C 536 -50.18 35.28 -38.23
C SER C 536 -51.56 34.67 -37.98
N ASN C 537 -52.32 34.50 -39.06
CA ASN C 537 -53.58 33.75 -38.99
C ASN C 537 -53.44 32.42 -39.73
N LEU C 538 -52.26 31.84 -39.63
CA LEU C 538 -51.95 30.57 -40.27
C LEU C 538 -51.86 29.45 -39.23
N CYS C 539 -52.43 28.30 -39.56
CA CYS C 539 -52.42 27.14 -38.67
C CYS C 539 -51.80 25.96 -39.40
N LEU C 540 -51.24 25.02 -38.64
CA LEU C 540 -50.70 23.80 -39.20
C LEU C 540 -51.84 22.93 -39.73
N ASP C 541 -51.65 22.40 -40.93
CA ASP C 541 -52.71 21.76 -41.64
C ASP C 541 -52.27 20.53 -42.42
N SER C 542 -53.01 19.43 -42.26
CA SER C 542 -52.67 18.16 -42.90
C SER C 542 -53.35 17.87 -44.23
N ARG C 543 -54.15 18.79 -44.75
CA ARG C 543 -54.90 18.47 -45.97
C ARG C 543 -54.04 18.11 -47.20
N THR C 544 -52.77 18.48 -47.17
CA THR C 544 -51.87 18.29 -48.28
C THR C 544 -50.91 17.11 -48.03
N ALA C 545 -51.10 16.45 -46.89
CA ALA C 545 -50.11 15.51 -46.35
C ALA C 545 -49.55 14.46 -47.30
N LYS C 546 -50.45 13.85 -48.06
CA LYS C 546 -50.09 12.72 -48.92
C LYS C 546 -49.67 13.18 -50.30
N SER C 547 -49.77 14.47 -50.58
CA SER C 547 -49.49 14.98 -51.91
C SER C 547 -48.60 16.21 -51.78
N GLY C 548 -47.57 16.11 -50.95
CA GLY C 548 -46.59 17.17 -50.82
C GLY C 548 -46.08 17.29 -49.39
N GLY C 549 -46.99 17.27 -48.42
CA GLY C 549 -46.60 17.43 -47.02
C GLY C 549 -47.46 18.40 -46.24
N LEU C 550 -47.21 18.53 -44.94
CA LEU C 550 -47.97 19.44 -44.10
C LEU C 550 -47.77 20.85 -44.55
N SER C 551 -48.80 21.64 -44.36
CA SER C 551 -48.82 22.97 -44.93
C SER C 551 -49.28 23.96 -43.88
N VAL C 552 -49.20 25.23 -44.27
CA VAL C 552 -49.67 26.31 -43.48
C VAL C 552 -50.94 26.78 -44.23
N GLU C 553 -52.05 26.98 -43.48
CA GLU C 553 -53.34 27.37 -44.06
C GLU C 553 -54.03 28.32 -43.12
N VAL C 554 -54.93 29.11 -43.68
CA VAL C 554 -55.65 30.09 -42.88
C VAL C 554 -56.41 29.37 -41.75
N CYS C 555 -56.32 29.86 -40.51
CA CYS C 555 -56.97 29.17 -39.41
C CYS C 555 -58.47 29.13 -39.62
N GLY C 556 -59.04 27.94 -39.47
CA GLY C 556 -60.45 27.71 -39.74
C GLY C 556 -60.89 26.41 -39.09
N PRO C 557 -62.19 26.09 -39.20
CA PRO C 557 -62.75 24.98 -38.45
C PRO C 557 -62.48 23.54 -38.95
N ALA C 558 -61.58 23.34 -39.92
CA ALA C 558 -61.34 22.01 -40.49
C ALA C 558 -60.72 20.99 -39.51
N LEU C 559 -61.03 19.71 -39.73
CA LEU C 559 -60.46 18.60 -38.94
C LEU C 559 -58.96 18.46 -39.15
N SER C 560 -58.52 18.79 -40.36
CA SER C 560 -57.10 18.73 -40.72
C SER C 560 -56.21 19.75 -39.96
N GLN C 561 -56.80 20.64 -39.15
CA GLN C 561 -56.04 21.56 -38.30
C GLN C 561 -56.09 21.22 -36.80
N GLN C 562 -56.57 20.02 -36.45
CA GLN C 562 -56.61 19.58 -35.05
C GLN C 562 -55.34 18.81 -34.64
N TRP C 563 -54.64 19.28 -33.61
CA TRP C 563 -53.40 18.66 -33.14
C TRP C 563 -53.31 18.75 -31.62
N LYS C 564 -52.96 17.63 -30.97
CA LYS C 564 -52.77 17.54 -29.51
C LYS C 564 -51.47 16.83 -29.15
N PHE C 565 -50.71 17.39 -28.23
CA PHE C 565 -49.52 16.72 -27.70
C PHE C 565 -49.94 15.76 -26.63
N THR C 566 -49.20 14.67 -26.49
CA THR C 566 -49.50 13.68 -25.48
C THR C 566 -49.16 14.15 -24.04
N LEU C 567 -48.13 14.93 -23.81
CA LEU C 567 -47.94 15.62 -22.48
C LEU C 567 -48.05 17.13 -22.59
N ASN C 568 -48.84 17.72 -21.68
CA ASN C 568 -49.00 19.15 -21.61
C ASN C 568 -48.58 19.63 -20.25
N LEU C 569 -47.57 20.47 -20.20
CA LEU C 569 -47.15 21.10 -18.94
C LEU C 569 -48.10 22.29 -18.71
N LYS D 75 69.80 -47.05 36.45
CA LYS D 75 68.39 -46.54 36.47
C LYS D 75 68.14 -45.67 37.71
N VAL D 76 67.50 -44.52 37.50
CA VAL D 76 67.32 -43.53 38.55
C VAL D 76 65.85 -43.32 38.88
N ARG D 77 65.54 -43.16 40.16
CA ARG D 77 64.20 -42.82 40.62
C ARG D 77 63.91 -41.41 40.14
N TRP D 78 62.67 -41.09 39.80
CA TRP D 78 62.41 -39.80 39.15
C TRP D 78 62.83 -38.57 39.95
N PRO D 79 62.63 -38.57 41.27
CA PRO D 79 63.10 -37.38 42.00
C PRO D 79 64.63 -37.14 41.94
N ASP D 80 65.41 -38.17 41.64
CA ASP D 80 66.87 -38.06 41.54
C ASP D 80 67.34 -37.68 40.15
N PHE D 81 66.41 -37.45 39.23
CA PHE D 81 66.78 -37.10 37.88
C PHE D 81 67.16 -35.62 37.81
N ASN D 82 68.27 -35.32 37.14
CA ASN D 82 68.74 -33.95 37.03
C ASN D 82 68.04 -33.18 35.89
N GLN D 83 66.98 -32.46 36.24
CA GLN D 83 66.21 -31.71 35.27
C GLN D 83 67.00 -30.62 34.57
N GLU D 84 67.80 -29.88 35.34
CA GLU D 84 68.54 -28.73 34.79
C GLU D 84 69.53 -29.25 33.75
N ALA D 85 70.20 -30.37 34.02
CA ALA D 85 71.12 -30.96 33.04
C ALA D 85 70.44 -31.41 31.77
N TYR D 86 69.27 -32.02 31.90
CA TYR D 86 68.50 -32.48 30.74
C TYR D 86 67.92 -31.33 29.90
N VAL D 87 67.25 -30.39 30.54
CA VAL D 87 66.56 -29.33 29.82
C VAL D 87 67.55 -28.31 29.33
N GLY D 88 68.50 -27.97 30.21
CA GLY D 88 69.52 -26.93 29.97
C GLY D 88 70.36 -27.45 28.83
N GLY D 89 70.74 -26.58 27.92
CA GLY D 89 71.38 -27.05 26.69
C GLY D 89 70.46 -26.87 25.50
N THR D 90 69.16 -27.14 25.68
CA THR D 90 68.15 -26.86 24.64
C THR D 90 67.32 -25.59 24.93
N MET D 91 67.77 -24.75 25.86
CA MET D 91 66.97 -23.57 26.26
C MET D 91 66.94 -22.46 25.22
N VAL D 92 65.90 -21.63 25.30
CA VAL D 92 65.76 -20.50 24.41
C VAL D 92 66.84 -19.48 24.79
N ARG D 93 67.73 -19.20 23.84
CA ARG D 93 68.82 -18.27 24.10
C ARG D 93 68.32 -16.81 24.24
N SER D 94 69.16 -15.97 24.85
CA SER D 94 69.07 -14.47 24.76
C SER D 94 67.74 -13.86 24.16
N GLY D 95 67.85 -13.17 23.03
CA GLY D 95 66.73 -12.59 22.26
C GLY D 95 65.96 -13.57 21.37
N GLN D 96 66.23 -14.87 21.47
CA GLN D 96 65.66 -15.85 20.55
CA GLN D 96 65.67 -15.86 20.56
C GLN D 96 64.18 -16.08 20.83
N ASP D 97 63.40 -16.29 19.77
CA ASP D 97 61.96 -16.34 19.89
C ASP D 97 61.42 -17.61 20.60
N PRO D 98 60.62 -17.41 21.67
CA PRO D 98 60.26 -18.55 22.48
C PRO D 98 59.10 -19.42 22.00
N TYR D 99 58.43 -19.04 20.91
CA TYR D 99 57.33 -19.84 20.30
C TYR D 99 57.70 -20.66 19.05
N ALA D 100 58.86 -20.40 18.49
CA ALA D 100 59.14 -20.88 17.12
C ALA D 100 59.24 -22.41 17.06
N ARG D 101 60.00 -22.98 17.96
CA ARG D 101 60.27 -24.39 17.97
C ARG D 101 59.03 -25.23 18.20
N ASN D 102 58.19 -24.84 19.16
CA ASN D 102 57.11 -25.71 19.63
C ASN D 102 55.71 -25.18 19.40
N LYS D 103 55.59 -23.93 18.96
CA LYS D 103 54.30 -23.25 18.88
C LYS D 103 53.60 -23.13 20.24
N PHE D 104 54.40 -23.14 21.30
CA PHE D 104 54.01 -22.71 22.63
C PHE D 104 55.23 -22.12 23.29
N ASN D 105 55.02 -21.47 24.43
CA ASN D 105 56.07 -20.66 25.07
C ASN D 105 57.07 -21.49 25.81
N GLN D 106 58.18 -21.81 25.15
CA GLN D 106 59.17 -22.68 25.74
C GLN D 106 59.81 -22.07 26.99
N VAL D 107 59.90 -20.76 27.05
CA VAL D 107 60.57 -20.15 28.20
C VAL D 107 59.75 -20.42 29.45
N GLU D 108 58.47 -20.23 29.31
CA GLU D 108 57.54 -20.46 30.37
C GLU D 108 57.48 -21.95 30.76
N SER D 109 57.62 -22.83 29.80
CA SER D 109 57.66 -24.26 30.06
C SER D 109 58.92 -24.65 30.81
N ASP D 110 60.03 -24.02 30.45
CA ASP D 110 61.34 -24.42 31.00
C ASP D 110 61.53 -23.92 32.42
N LYS D 111 60.78 -22.91 32.79
CA LYS D 111 60.89 -22.38 34.12
C LYS D 111 60.16 -23.24 35.20
N LEU D 112 59.25 -24.11 34.77
CA LEU D 112 58.51 -25.01 35.67
C LEU D 112 59.33 -26.18 36.22
N ARG D 113 59.14 -26.48 37.50
CA ARG D 113 59.66 -27.73 38.07
C ARG D 113 59.02 -28.97 37.39
N MET D 114 59.81 -30.04 37.24
CA MET D 114 59.37 -31.21 36.55
C MET D 114 58.15 -31.85 37.22
N ASP D 115 57.99 -31.63 38.53
CA ASP D 115 56.82 -32.13 39.24
C ASP D 115 55.97 -31.04 39.81
N ARG D 116 55.85 -29.92 39.10
CA ARG D 116 55.24 -28.71 39.69
C ARG D 116 53.81 -28.97 40.14
N ALA D 117 53.41 -28.27 41.18
CA ALA D 117 52.08 -28.40 41.74
C ALA D 117 51.11 -27.83 40.75
N ILE D 118 49.97 -28.48 40.65
CA ILE D 118 48.90 -28.03 39.83
C ILE D 118 47.62 -28.14 40.67
N PRO D 119 46.63 -27.29 40.39
CA PRO D 119 45.44 -27.41 41.18
C PRO D 119 44.66 -28.71 40.93
N ASP D 120 44.01 -29.19 41.98
CA ASP D 120 43.10 -30.32 41.88
C ASP D 120 41.76 -29.83 41.32
N THR D 121 41.48 -30.19 40.07
CA THR D 121 40.30 -29.71 39.33
C THR D 121 39.15 -30.69 39.34
N ARG D 122 39.30 -31.77 40.11
CA ARG D 122 38.26 -32.78 40.22
C ARG D 122 37.09 -32.26 41.04
N HIS D 123 35.91 -32.75 40.68
CA HIS D 123 34.69 -32.56 41.47
C HIS D 123 34.95 -33.00 42.90
N ASP D 124 34.29 -32.34 43.83
CA ASP D 124 34.33 -32.68 45.26
C ASP D 124 34.16 -34.16 45.60
N GLN D 125 33.24 -34.83 44.93
CA GLN D 125 32.96 -36.23 45.19
C GLN D 125 34.15 -37.11 44.86
N CYS D 126 34.93 -36.74 43.83
CA CYS D 126 36.07 -37.55 43.42
C CYS D 126 37.09 -37.54 44.53
N GLN D 127 37.23 -36.41 45.20
CA GLN D 127 38.30 -36.24 46.17
C GLN D 127 38.05 -37.02 47.45
N ARG D 128 36.81 -37.45 47.67
CA ARG D 128 36.46 -38.26 48.83
C ARG D 128 36.50 -39.76 48.58
N LYS D 129 36.23 -40.18 47.35
CA LYS D 129 36.31 -41.58 46.97
C LYS D 129 37.68 -42.17 47.36
N GLN D 130 37.68 -43.37 47.94
CA GLN D 130 38.91 -44.15 48.14
C GLN D 130 38.97 -45.11 46.98
N TRP D 131 40.04 -45.03 46.18
CA TRP D 131 40.07 -45.77 44.92
C TRP D 131 40.58 -47.16 45.14
N ARG D 132 39.92 -48.11 44.49
CA ARG D 132 40.49 -49.42 44.34
C ARG D 132 41.91 -49.33 43.79
N VAL D 133 42.68 -50.31 44.19
CA VAL D 133 44.06 -50.44 43.77
C VAL D 133 44.36 -51.89 43.31
N ASP D 134 43.36 -52.77 43.46
CA ASP D 134 43.42 -54.15 42.98
C ASP D 134 42.93 -54.18 41.51
N LEU D 135 43.73 -53.59 40.65
CA LEU D 135 43.42 -53.29 39.26
C LEU D 135 44.58 -53.76 38.40
N PRO D 136 44.33 -54.00 37.11
CA PRO D 136 45.38 -54.39 36.21
C PRO D 136 46.32 -53.25 35.95
N ALA D 137 47.62 -53.55 35.86
CA ALA D 137 48.64 -52.51 35.57
C ALA D 137 48.59 -52.12 34.11
N THR D 138 49.13 -50.95 33.78
CA THR D 138 49.12 -50.45 32.40
C THR D 138 50.50 -50.14 31.89
N SER D 139 50.65 -50.26 30.58
CA SER D 139 51.83 -49.80 29.87
C SER D 139 51.44 -48.48 29.25
N VAL D 140 52.16 -47.43 29.59
CA VAL D 140 51.82 -46.07 29.08
C VAL D 140 52.64 -45.78 27.84
N VAL D 141 52.00 -45.47 26.74
CA VAL D 141 52.68 -45.20 25.47
C VAL D 141 52.62 -43.72 25.13
N ILE D 142 53.78 -43.10 24.95
CA ILE D 142 53.89 -41.68 24.65
C ILE D 142 54.77 -41.51 23.43
N THR D 143 54.22 -41.07 22.30
CA THR D 143 55.02 -40.84 21.11
C THR D 143 55.34 -39.37 21.04
N PHE D 144 56.47 -39.04 20.42
CA PHE D 144 56.82 -37.64 20.27
C PHE D 144 57.70 -37.43 19.06
N HIS D 145 57.58 -36.24 18.49
CA HIS D 145 58.48 -35.79 17.46
C HIS D 145 58.93 -34.38 17.74
N ASN D 146 60.20 -34.21 18.13
CA ASN D 146 60.76 -32.89 18.50
C ASN D 146 59.95 -32.17 19.53
N GLU D 147 59.79 -32.82 20.68
CA GLU D 147 59.05 -32.20 21.77
C GLU D 147 60.02 -31.41 22.58
N ALA D 148 59.53 -30.39 23.27
CA ALA D 148 60.36 -29.65 24.22
C ALA D 148 60.72 -30.56 25.36
N ARG D 149 61.98 -30.60 25.69
CA ARG D 149 62.42 -31.42 26.78
C ARG D 149 61.66 -31.19 28.10
N SER D 150 61.41 -29.95 28.47
CA SER D 150 60.76 -29.67 29.74
C SER D 150 59.34 -30.29 29.74
N ALA D 151 58.63 -30.21 28.61
CA ALA D 151 57.26 -30.73 28.55
C ALA D 151 57.19 -32.25 28.53
N LEU D 152 58.12 -32.87 27.83
CA LEU D 152 58.22 -34.31 27.82
C LEU D 152 58.58 -34.90 29.19
N LEU D 153 59.60 -34.36 29.82
CA LEU D 153 59.99 -34.80 31.13
C LEU D 153 58.80 -34.71 32.08
N ARG D 154 58.15 -33.58 32.04
CA ARG D 154 57.05 -33.32 32.94
C ARG D 154 55.88 -34.29 32.72
N THR D 155 55.67 -34.73 31.49
CA THR D 155 54.64 -35.69 31.22
C THR D 155 55.01 -37.01 31.91
N VAL D 156 56.24 -37.47 31.68
CA VAL D 156 56.75 -38.66 32.29
C VAL D 156 56.72 -38.59 33.80
N VAL D 157 57.17 -37.51 34.41
CA VAL D 157 57.14 -37.51 35.87
C VAL D 157 55.71 -37.39 36.38
N SER D 158 54.80 -36.74 35.66
CA SER D 158 53.47 -36.67 36.20
C SER D 158 52.90 -38.10 36.27
N VAL D 159 53.24 -38.93 35.30
CA VAL D 159 52.76 -40.28 35.31
C VAL D 159 53.34 -41.01 36.53
N LEU D 160 54.64 -40.91 36.75
CA LEU D 160 55.26 -41.66 37.81
C LEU D 160 54.88 -41.15 39.18
N LYS D 161 54.66 -39.86 39.31
CA LYS D 161 54.34 -39.32 40.59
C LYS D 161 52.86 -39.51 41.02
N LYS D 162 51.93 -39.43 40.07
CA LYS D 162 50.52 -39.37 40.40
C LYS D 162 49.85 -40.73 40.32
N SER D 163 50.60 -41.74 39.87
CA SER D 163 50.06 -43.08 39.70
C SER D 163 50.62 -44.02 40.75
N PRO D 164 49.78 -44.86 41.33
CA PRO D 164 50.34 -45.91 42.21
C PRO D 164 51.41 -46.71 41.48
N PRO D 165 52.59 -46.89 42.07
CA PRO D 165 53.67 -47.55 41.36
C PRO D 165 53.33 -48.93 40.80
N HIS D 166 52.56 -49.72 41.53
CA HIS D 166 52.27 -51.09 41.08
C HIS D 166 51.34 -51.12 39.88
N LEU D 167 50.70 -49.99 39.57
CA LEU D 167 49.85 -49.95 38.38
C LEU D 167 50.56 -49.43 37.13
N ILE D 168 51.79 -48.96 37.28
CA ILE D 168 52.62 -48.66 36.12
C ILE D 168 53.63 -49.78 35.84
N LYS D 169 53.36 -50.53 34.80
CA LYS D 169 54.25 -51.58 34.35
C LYS D 169 55.49 -50.93 33.78
N GLU D 170 55.26 -49.96 32.90
CA GLU D 170 56.32 -49.34 32.12
C GLU D 170 55.77 -48.09 31.40
N ILE D 171 56.68 -47.22 31.03
CA ILE D 171 56.38 -46.09 30.19
C ILE D 171 57.24 -46.28 28.96
N ILE D 172 56.58 -46.45 27.82
CA ILE D 172 57.24 -46.62 26.54
C ILE D 172 57.21 -45.32 25.75
N LEU D 173 58.39 -44.74 25.56
CA LEU D 173 58.57 -43.52 24.79
C LEU D 173 58.93 -43.93 23.38
N VAL D 174 58.09 -43.52 22.41
CA VAL D 174 58.35 -43.78 21.02
C VAL D 174 58.85 -42.49 20.39
N ASP D 175 60.15 -42.44 20.15
CA ASP D 175 60.78 -41.28 19.51
C ASP D 175 60.55 -41.36 18.02
N ASP D 176 59.69 -40.50 17.50
CA ASP D 176 59.30 -40.60 16.07
C ASP D 176 60.25 -39.72 15.25
N TYR D 177 61.51 -40.15 15.18
CA TYR D 177 62.52 -39.54 14.36
C TYR D 177 62.71 -38.07 14.69
N SER D 178 62.84 -37.75 15.96
CA SER D 178 63.23 -36.41 16.42
C SER D 178 64.62 -36.04 15.89
N ASN D 179 64.88 -34.75 15.66
CA ASN D 179 66.21 -34.34 15.19
C ASN D 179 67.31 -34.87 16.08
N ASP D 180 67.14 -34.70 17.40
CA ASP D 180 68.14 -35.12 18.38
C ASP D 180 67.65 -36.38 19.14
N PRO D 181 68.28 -37.55 18.89
CA PRO D 181 67.90 -38.78 19.60
C PRO D 181 68.08 -38.74 21.11
N GLU D 182 68.83 -37.78 21.61
CA GLU D 182 69.08 -37.68 23.07
C GLU D 182 67.85 -37.25 23.86
N ASP D 183 66.92 -36.53 23.20
CA ASP D 183 65.69 -36.10 23.84
C ASP D 183 65.06 -37.31 24.50
N GLY D 184 65.01 -38.42 23.78
CA GLY D 184 64.45 -39.63 24.30
C GLY D 184 65.44 -40.44 25.12
N ALA D 185 66.63 -40.69 24.55
CA ALA D 185 67.59 -41.60 25.16
C ALA D 185 67.99 -41.21 26.58
N LEU D 186 68.16 -39.92 26.86
CA LEU D 186 68.50 -39.52 28.21
C LEU D 186 67.45 -39.90 29.26
N LEU D 187 66.19 -39.97 28.84
CA LEU D 187 65.10 -40.31 29.74
C LEU D 187 65.03 -41.81 30.04
N GLY D 188 65.69 -42.62 29.22
CA GLY D 188 65.79 -44.07 29.46
C GLY D 188 66.45 -44.45 30.77
N LYS D 189 67.18 -43.52 31.36
CA LYS D 189 67.74 -43.76 32.71
C LYS D 189 66.68 -43.78 33.80
N ILE D 190 65.53 -43.17 33.56
CA ILE D 190 64.53 -43.07 34.60
C ILE D 190 63.80 -44.39 34.78
N GLU D 191 63.51 -44.75 36.04
CA GLU D 191 62.75 -45.97 36.38
C GLU D 191 61.56 -46.18 35.45
N LYS D 192 61.46 -47.39 34.94
CA LYS D 192 60.32 -47.86 34.17
C LYS D 192 60.23 -47.32 32.76
N VAL D 193 61.13 -46.41 32.38
CA VAL D 193 61.11 -45.81 31.05
C VAL D 193 61.89 -46.63 30.03
N ARG D 194 61.22 -47.01 28.96
CA ARG D 194 61.82 -47.67 27.82
C ARG D 194 61.68 -46.75 26.64
N VAL D 195 62.71 -46.64 25.83
CA VAL D 195 62.60 -45.84 24.64
C VAL D 195 62.86 -46.64 23.35
N LEU D 196 62.01 -46.35 22.38
CA LEU D 196 62.01 -46.95 21.07
C LEU D 196 62.16 -45.81 20.06
N ARG D 197 63.14 -45.87 19.17
CA ARG D 197 63.36 -44.77 18.23
C ARG D 197 63.03 -45.24 16.84
N ASN D 198 62.16 -44.52 16.14
CA ASN D 198 61.89 -44.80 14.72
C ASN D 198 63.05 -44.28 13.91
N ASP D 199 63.57 -45.12 13.01
CA ASP D 199 64.74 -44.76 12.20
C ASP D 199 64.33 -43.89 11.00
N ARG D 200 63.02 -43.71 10.80
CA ARG D 200 62.51 -42.67 9.93
C ARG D 200 61.17 -42.16 10.47
N ARG D 201 60.66 -41.09 9.87
CA ARG D 201 59.43 -40.46 10.34
C ARG D 201 58.27 -41.36 10.01
N GLU D 202 57.47 -41.70 11.01
CA GLU D 202 56.35 -42.64 10.85
C GLU D 202 54.99 -42.04 11.14
N GLY D 203 54.94 -40.98 11.93
CA GLY D 203 53.66 -40.40 12.32
C GLY D 203 53.09 -41.03 13.55
N LEU D 204 52.10 -40.37 14.14
CA LEU D 204 51.63 -40.78 15.45
C LEU D 204 50.91 -42.10 15.39
N MET D 205 50.26 -42.43 14.28
CA MET D 205 49.46 -43.66 14.28
C MET D 205 50.35 -44.89 14.26
N ARG D 206 51.33 -44.92 13.36
CA ARG D 206 52.26 -46.04 13.32
C ARG D 206 53.14 -46.08 14.57
N SER D 207 53.49 -44.91 15.11
CA SER D 207 54.32 -44.85 16.31
C SER D 207 53.55 -45.41 17.50
N ARG D 208 52.27 -45.09 17.62
CA ARG D 208 51.47 -45.63 18.72
C ARG D 208 51.33 -47.14 18.62
N VAL D 209 51.20 -47.65 17.41
CA VAL D 209 51.11 -49.09 17.23
C VAL D 209 52.41 -49.78 17.60
N ARG D 210 53.54 -49.19 17.24
CA ARG D 210 54.81 -49.78 17.62
C ARG D 210 54.88 -49.87 19.15
N GLY D 211 54.45 -48.82 19.82
CA GLY D 211 54.40 -48.81 21.28
C GLY D 211 53.51 -49.90 21.82
N ALA D 212 52.31 -49.99 21.28
CA ALA D 212 51.37 -50.99 21.73
C ALA D 212 51.92 -52.38 21.52
N ASP D 213 52.60 -52.63 20.40
CA ASP D 213 53.16 -53.96 20.11
C ASP D 213 54.24 -54.37 21.10
N ALA D 214 54.95 -53.39 21.65
CA ALA D 214 56.01 -53.68 22.59
C ALA D 214 55.52 -53.79 24.03
N ALA D 215 54.27 -53.46 24.25
CA ALA D 215 53.77 -53.33 25.62
C ALA D 215 53.63 -54.69 26.30
N GLN D 216 54.02 -54.77 27.56
CA GLN D 216 53.93 -56.03 28.33
C GLN D 216 52.65 -56.17 29.18
N ALA D 217 52.00 -55.07 29.52
CA ALA D 217 50.83 -55.11 30.41
C ALA D 217 49.57 -55.48 29.67
N LYS D 218 48.55 -55.77 30.45
CA LYS D 218 47.22 -56.10 29.92
C LYS D 218 46.46 -54.90 29.39
N VAL D 219 46.79 -53.70 29.90
CA VAL D 219 46.06 -52.49 29.54
C VAL D 219 47.00 -51.42 28.99
N LEU D 220 46.57 -50.77 27.91
CA LEU D 220 47.30 -49.66 27.30
C LEU D 220 46.73 -48.30 27.74
N THR D 221 47.65 -47.35 27.96
CA THR D 221 47.29 -45.96 28.14
C THR D 221 48.09 -45.11 27.15
N PHE D 222 47.45 -44.23 26.40
CA PHE D 222 48.13 -43.30 25.49
C PHE D 222 48.01 -41.88 26.00
N LEU D 223 49.11 -41.13 25.95
CA LEU D 223 49.14 -39.72 26.26
C LEU D 223 49.97 -38.99 25.23
N ASP D 224 49.64 -37.73 24.96
CA ASP D 224 50.47 -36.82 24.17
C ASP D 224 51.66 -36.49 25.05
N SER D 225 52.73 -36.03 24.41
CA SER D 225 53.99 -35.74 25.06
C SER D 225 54.05 -34.38 25.75
N HIS D 226 52.92 -33.72 25.97
CA HIS D 226 52.87 -32.45 26.70
C HIS D 226 51.64 -32.43 27.57
N CYS D 227 51.54 -33.44 28.45
CA CYS D 227 50.42 -33.61 29.35
C CYS D 227 50.88 -33.59 30.80
N GLU D 228 49.94 -33.38 31.72
CA GLU D 228 50.24 -33.41 33.14
C GLU D 228 49.08 -34.06 33.84
N CYS D 229 49.34 -35.28 34.35
CA CYS D 229 48.36 -36.03 35.12
C CYS D 229 48.04 -35.37 36.44
N ASN D 230 46.77 -35.38 36.84
CA ASN D 230 46.33 -34.87 38.17
C ASN D 230 46.15 -35.99 39.21
N GLU D 231 45.71 -35.63 40.40
CA GLU D 231 45.51 -36.58 41.49
C GLU D 231 44.57 -37.72 41.10
N HIS D 232 44.99 -38.95 41.38
CA HIS D 232 44.21 -40.15 41.16
C HIS D 232 43.54 -40.17 39.77
N TRP D 233 44.33 -39.83 38.76
CA TRP D 233 43.87 -39.80 37.41
C TRP D 233 43.70 -41.20 36.83
N LEU D 234 44.48 -42.15 37.32
CA LEU D 234 44.56 -43.45 36.67
C LEU D 234 43.53 -44.46 37.13
N GLU D 235 43.34 -44.57 38.44
CA GLU D 235 42.45 -45.63 38.99
C GLU D 235 41.05 -45.59 38.35
N PRO D 236 40.45 -44.40 38.17
CA PRO D 236 39.10 -44.38 37.63
C PRO D 236 39.01 -44.86 36.20
N LEU D 237 40.09 -44.74 35.46
CA LEU D 237 40.11 -45.25 34.10
C LEU D 237 40.25 -46.75 34.10
N LEU D 238 41.20 -47.27 34.88
CA LEU D 238 41.43 -48.71 34.94
C LEU D 238 40.21 -49.49 35.48
N GLU D 239 39.58 -48.93 36.50
CA GLU D 239 38.35 -49.47 37.05
C GLU D 239 37.34 -49.80 35.94
N ARG D 240 37.20 -48.92 34.96
CA ARG D 240 36.22 -49.15 33.90
C ARG D 240 36.58 -50.30 32.99
N VAL D 241 37.83 -50.38 32.55
CA VAL D 241 38.16 -51.42 31.57
C VAL D 241 38.34 -52.76 32.26
N ALA D 242 38.68 -52.74 33.55
CA ALA D 242 38.74 -53.99 34.31
C ALA D 242 37.37 -54.62 34.42
N GLU D 243 36.34 -53.79 34.62
CA GLU D 243 34.98 -54.28 34.70
C GLU D 243 34.44 -54.75 33.34
N ASP D 244 34.78 -54.05 32.26
CA ASP D 244 34.35 -54.42 30.91
C ASP D 244 35.38 -53.97 29.90
N ARG D 245 36.06 -54.93 29.31
CA ARG D 245 37.15 -54.66 28.42
C ARG D 245 36.83 -54.12 27.08
N THR D 246 35.57 -53.92 26.78
CA THR D 246 35.17 -53.34 25.51
C THR D 246 34.97 -51.84 25.65
N ARG D 247 35.13 -51.31 26.87
CA ARG D 247 35.13 -49.87 27.06
C ARG D 247 36.51 -49.25 26.81
N VAL D 248 36.48 -48.18 26.04
CA VAL D 248 37.61 -47.34 25.76
C VAL D 248 37.33 -46.01 26.41
N VAL D 249 38.22 -45.58 27.31
CA VAL D 249 37.91 -44.52 28.25
C VAL D 249 38.94 -43.39 28.28
N SER D 250 38.45 -42.15 28.47
CA SER D 250 39.31 -40.97 28.52
C SER D 250 39.08 -40.14 29.75
N PRO D 251 40.10 -39.42 30.19
CA PRO D 251 39.91 -38.40 31.19
C PRO D 251 39.26 -37.17 30.58
N ILE D 252 38.76 -36.31 31.47
CA ILE D 252 38.51 -34.94 31.13
C ILE D 252 39.86 -34.30 30.95
N ILE D 253 40.01 -33.61 29.82
CA ILE D 253 41.27 -33.02 29.44
C ILE D 253 41.34 -31.55 29.85
N ASP D 254 42.10 -31.25 30.89
CA ASP D 254 42.26 -29.86 31.35
C ASP D 254 43.22 -29.12 30.40
N VAL D 255 43.22 -27.78 30.51
CA VAL D 255 43.93 -26.92 29.61
C VAL D 255 45.17 -26.38 30.25
N ILE D 256 46.29 -26.62 29.59
CA ILE D 256 47.54 -26.00 29.97
C ILE D 256 47.78 -24.88 28.93
N ASN D 257 47.76 -23.64 29.40
CA ASN D 257 47.78 -22.46 28.50
C ASN D 257 49.11 -22.36 27.75
N MET D 258 49.03 -22.28 26.43
CA MET D 258 50.25 -22.27 25.58
C MET D 258 51.17 -21.04 25.74
N ASP D 259 50.63 -19.96 26.32
CA ASP D 259 51.41 -18.73 26.56
C ASP D 259 52.03 -18.67 27.96
N ASN D 260 51.23 -18.90 29.01
CA ASN D 260 51.70 -18.80 30.42
C ASN D 260 51.84 -20.16 31.17
N PHE D 261 51.38 -21.22 30.56
CA PHE D 261 51.49 -22.57 31.15
C PHE D 261 50.69 -22.80 32.43
N GLN D 262 49.74 -21.93 32.73
CA GLN D 262 48.81 -22.19 33.79
C GLN D 262 47.90 -23.32 33.44
N TYR D 263 47.62 -24.11 34.47
CA TYR D 263 46.80 -25.27 34.37
C TYR D 263 45.39 -24.87 34.76
N VAL D 264 44.45 -25.11 33.89
CA VAL D 264 43.10 -24.61 34.03
C VAL D 264 42.04 -25.74 33.91
N GLY D 265 41.10 -25.79 34.84
CA GLY D 265 40.10 -26.86 34.88
C GLY D 265 39.13 -26.73 33.72
N ALA D 266 38.94 -27.81 32.97
CA ALA D 266 37.92 -27.87 31.93
C ALA D 266 36.51 -28.21 32.48
N SER D 267 35.50 -28.03 31.65
CA SER D 267 34.13 -28.36 31.98
C SER D 267 33.97 -29.87 31.94
N ALA D 268 33.09 -30.38 32.78
CA ALA D 268 32.76 -31.79 32.83
C ALA D 268 31.45 -32.08 32.13
N ASP D 269 30.79 -31.08 31.54
CA ASP D 269 29.45 -31.30 30.92
C ASP D 269 29.52 -31.50 29.41
N LEU D 270 30.68 -31.89 28.90
CA LEU D 270 30.88 -32.02 27.46
C LEU D 270 30.87 -33.46 27.01
N LYS D 271 30.47 -33.68 25.76
CA LYS D 271 30.74 -34.91 25.02
C LYS D 271 31.43 -34.57 23.71
N GLY D 272 32.17 -35.51 23.17
CA GLY D 272 32.83 -35.32 21.89
C GLY D 272 31.85 -35.48 20.74
N GLY D 273 32.10 -34.78 19.65
CA GLY D 273 31.26 -34.89 18.44
C GLY D 273 31.91 -34.29 17.21
N PHE D 274 31.12 -34.06 16.18
CA PHE D 274 31.65 -33.52 14.91
C PHE D 274 30.50 -33.05 14.01
N ASP D 275 30.80 -32.09 13.15
CA ASP D 275 29.92 -31.72 12.06
C ASP D 275 30.31 -32.54 10.82
N TRP D 276 29.57 -32.35 9.74
CA TRP D 276 29.74 -33.15 8.55
C TRP D 276 31.10 -32.94 7.85
N ASN D 277 31.82 -31.89 8.21
CA ASN D 277 33.21 -31.78 7.78
C ASN D 277 34.17 -32.72 8.50
N LEU D 278 33.65 -33.53 9.44
CA LEU D 278 34.43 -34.51 10.20
C LEU D 278 35.54 -33.90 11.06
N VAL D 279 35.15 -32.75 11.60
CA VAL D 279 35.93 -31.78 12.40
C VAL D 279 36.45 -32.31 13.79
N PHE D 280 35.55 -32.44 14.76
CA PHE D 280 35.80 -32.64 16.17
C PHE D 280 35.39 -31.36 16.88
N LYS D 281 34.19 -31.39 17.44
CA LYS D 281 33.73 -30.34 18.30
C LYS D 281 33.41 -30.99 19.59
N TRP D 282 33.43 -30.12 20.59
CA TRP D 282 32.90 -30.45 21.88
C TRP D 282 31.47 -29.97 21.84
N ASP D 283 30.55 -30.83 22.23
CA ASP D 283 29.15 -30.52 22.35
C ASP D 283 28.88 -30.45 23.83
N TYR D 284 28.02 -29.54 24.27
CA TYR D 284 27.47 -29.63 25.63
C TYR D 284 26.52 -30.82 25.58
N MET D 285 26.39 -31.52 26.69
CA MET D 285 25.30 -32.49 26.85
C MET D 285 23.98 -31.82 26.68
N THR D 286 22.96 -32.60 26.33
CA THR D 286 21.59 -32.09 26.27
C THR D 286 21.05 -31.90 27.67
N PRO D 287 20.05 -31.01 27.82
CA PRO D 287 19.36 -30.91 29.09
C PRO D 287 18.89 -32.28 29.63
N GLU D 288 18.44 -33.17 28.75
CA GLU D 288 17.97 -34.49 29.16
C GLU D 288 19.09 -35.32 29.76
N GLN D 289 20.24 -35.37 29.09
CA GLN D 289 21.41 -36.08 29.63
C GLN D 289 21.85 -35.53 31.00
N ARG D 290 21.96 -34.20 31.12
CA ARG D 290 22.36 -33.56 32.39
C ARG D 290 21.40 -33.93 33.52
N ARG D 291 20.12 -33.90 33.22
CA ARG D 291 19.10 -34.21 34.22
C ARG D 291 19.23 -35.67 34.73
N SER D 292 19.49 -36.61 33.81
CA SER D 292 19.65 -38.03 34.19
C SER D 292 20.87 -38.32 35.07
N ARG D 293 21.79 -37.37 35.17
CA ARG D 293 23.00 -37.54 35.95
C ARG D 293 22.96 -36.85 37.31
N GLN D 294 21.88 -36.10 37.58
CA GLN D 294 21.82 -35.25 38.78
C GLN D 294 22.09 -36.08 40.05
N GLY D 295 21.63 -37.33 40.06
CA GLY D 295 21.85 -38.25 41.16
C GLY D 295 23.27 -38.78 41.30
N ASN D 296 24.05 -38.78 40.22
CA ASN D 296 25.49 -39.10 40.30
C ASN D 296 26.32 -38.29 39.29
N PRO D 297 26.68 -37.07 39.66
CA PRO D 297 27.29 -36.17 38.68
C PRO D 297 28.72 -36.52 38.22
N VAL D 298 29.39 -37.46 38.86
CA VAL D 298 30.69 -37.90 38.34
C VAL D 298 30.65 -39.24 37.63
N ALA D 299 29.47 -39.67 37.20
CA ALA D 299 29.36 -40.94 36.51
C ALA D 299 30.03 -40.84 35.15
N PRO D 300 30.48 -41.96 34.59
CA PRO D 300 30.91 -42.01 33.20
C PRO D 300 29.97 -41.37 32.22
N ILE D 301 30.57 -40.74 31.22
CA ILE D 301 29.80 -40.13 30.15
C ILE D 301 30.04 -40.87 28.87
N LYS D 302 28.99 -41.42 28.28
CA LYS D 302 29.11 -42.02 26.94
C LYS D 302 29.30 -40.95 25.89
N THR D 303 30.29 -41.14 25.02
CA THR D 303 30.61 -40.13 24.02
C THR D 303 30.68 -40.75 22.60
N PRO D 304 30.06 -40.08 21.61
CA PRO D 304 30.11 -40.52 20.22
C PRO D 304 31.51 -40.56 19.67
N MET D 305 32.38 -39.74 20.24
CA MET D 305 33.72 -39.61 19.72
C MET D 305 34.69 -39.13 20.80
N ILE D 306 35.92 -39.66 20.79
CA ILE D 306 36.96 -39.18 21.69
C ILE D 306 37.82 -38.14 21.00
N ALA D 307 38.48 -37.28 21.79
CA ALA D 307 39.39 -36.27 21.26
C ALA D 307 40.56 -36.96 20.56
N GLY D 308 41.08 -38.02 21.18
CA GLY D 308 41.94 -38.99 20.51
C GLY D 308 43.30 -39.27 21.11
N GLY D 309 43.85 -38.31 21.83
CA GLY D 309 45.20 -38.43 22.31
C GLY D 309 45.39 -39.04 23.68
N LEU D 310 44.31 -39.09 24.44
CA LEU D 310 44.42 -39.52 25.81
C LEU D 310 43.31 -40.54 25.98
N PHE D 311 43.69 -41.81 26.05
CA PHE D 311 42.73 -42.84 26.37
C PHE D 311 43.38 -44.09 26.93
N VAL D 312 42.54 -44.92 27.52
CA VAL D 312 42.95 -46.18 28.10
C VAL D 312 42.13 -47.25 27.42
N MET D 313 42.79 -48.34 27.05
CA MET D 313 42.13 -49.44 26.33
C MET D 313 42.78 -50.77 26.69
N ASP D 314 41.96 -51.81 26.85
CA ASP D 314 42.44 -53.19 27.06
C ASP D 314 43.33 -53.54 25.86
N LYS D 315 44.53 -54.05 26.13
CA LYS D 315 45.48 -54.25 25.04
C LYS D 315 45.03 -55.25 24.00
N PHE D 316 44.51 -56.37 24.47
CA PHE D 316 44.05 -57.40 23.54
C PHE D 316 42.85 -56.97 22.74
N TYR D 317 41.98 -56.17 23.35
CA TYR D 317 40.87 -55.58 22.64
C TYR D 317 41.37 -54.64 21.55
N PHE D 318 42.40 -53.84 21.85
CA PHE D 318 43.00 -52.96 20.86
C PHE D 318 43.50 -53.76 19.68
N GLU D 319 44.10 -54.93 19.95
CA GLU D 319 44.62 -55.80 18.87
C GLU D 319 43.52 -56.41 18.03
N GLU D 320 42.58 -57.05 18.69
CA GLU D 320 41.48 -57.76 18.00
CA GLU D 320 41.56 -57.75 17.95
C GLU D 320 40.63 -56.79 17.17
N LEU D 321 40.44 -55.56 17.63
CA LEU D 321 39.70 -54.58 16.84
C LEU D 321 40.48 -53.99 15.66
N GLY D 322 41.77 -54.29 15.52
CA GLY D 322 42.56 -53.78 14.39
C GLY D 322 43.44 -52.56 14.71
N LYS D 323 43.91 -52.46 15.95
CA LYS D 323 44.89 -51.46 16.31
C LYS D 323 44.51 -50.07 15.76
N TYR D 324 45.33 -49.50 14.87
CA TYR D 324 45.00 -48.33 14.05
C TYR D 324 45.28 -48.67 12.59
N ASP D 325 44.75 -47.85 11.67
CA ASP D 325 44.98 -48.01 10.24
C ASP D 325 46.40 -47.59 9.93
N MET D 326 47.24 -48.56 9.64
CA MET D 326 48.66 -48.32 9.49
C MET D 326 49.04 -47.41 8.34
N MET D 327 48.09 -47.09 7.46
CA MET D 327 48.41 -46.26 6.30
C MET D 327 47.98 -44.80 6.46
N MET D 328 47.47 -44.44 7.65
CA MET D 328 47.30 -43.04 8.01
C MET D 328 48.64 -42.44 8.38
N ASP D 329 48.85 -41.18 8.01
CA ASP D 329 50.14 -40.55 8.15
C ASP D 329 50.10 -39.31 9.08
N VAL D 330 51.22 -39.12 9.78
CA VAL D 330 51.50 -37.94 10.58
C VAL D 330 50.51 -37.62 11.71
N TRP D 331 49.33 -37.12 11.36
CA TRP D 331 48.39 -36.56 12.32
C TRP D 331 47.01 -36.44 11.68
N GLY D 332 45.98 -36.56 12.49
CA GLY D 332 44.61 -36.29 12.11
C GLY D 332 43.96 -37.51 11.59
N GLY D 333 42.67 -37.59 11.92
CA GLY D 333 41.81 -38.63 11.42
C GLY D 333 41.65 -39.92 12.17
N GLU D 334 42.64 -40.31 12.96
CA GLU D 334 42.65 -41.64 13.56
C GLU D 334 41.67 -41.70 14.74
N ASN D 335 41.47 -40.58 15.42
CA ASN D 335 40.44 -40.48 16.42
C ASN D 335 39.04 -40.72 15.87
N LEU D 336 38.80 -40.30 14.66
CA LEU D 336 37.52 -40.47 14.01
C LEU D 336 37.32 -41.96 13.70
N GLU D 337 38.35 -42.53 13.09
CA GLU D 337 38.31 -43.90 12.65
C GLU D 337 38.09 -44.85 13.78
N ILE D 338 38.87 -44.70 14.85
CA ILE D 338 38.76 -45.63 15.98
C ILE D 338 37.44 -45.44 16.73
N SER D 339 36.90 -44.22 16.74
CA SER D 339 35.65 -43.99 17.43
C SER D 339 34.51 -44.72 16.71
N PHE D 340 34.47 -44.61 15.39
CA PHE D 340 33.46 -45.29 14.59
C PHE D 340 33.60 -46.82 14.74
N ARG D 341 34.84 -47.28 14.64
CA ARG D 341 35.11 -48.70 14.68
C ARG D 341 34.67 -49.30 16.02
N VAL D 342 35.05 -48.67 17.12
CA VAL D 342 34.68 -49.21 18.44
C VAL D 342 33.16 -49.27 18.61
N TRP D 343 32.47 -48.20 18.27
CA TRP D 343 31.03 -48.19 18.46
C TRP D 343 30.33 -49.17 17.49
N GLN D 344 30.69 -49.12 16.22
CA GLN D 344 30.02 -49.97 15.25
C GLN D 344 30.33 -51.44 15.47
N CYS D 345 31.47 -51.75 16.04
CA CYS D 345 31.87 -53.15 16.21
C CYS D 345 31.72 -53.68 17.63
N GLY D 346 30.89 -53.04 18.45
CA GLY D 346 30.42 -53.68 19.71
C GLY D 346 30.95 -53.10 21.02
N GLY D 347 31.90 -52.17 20.96
CA GLY D 347 32.42 -51.58 22.18
C GLY D 347 31.72 -50.26 22.56
N SER D 348 32.36 -49.49 23.46
CA SER D 348 31.85 -48.18 23.81
C SER D 348 32.99 -47.22 24.11
N LEU D 349 32.65 -45.93 24.06
CA LEU D 349 33.56 -44.84 24.34
C LEU D 349 33.05 -44.05 25.54
N GLU D 350 33.93 -43.75 26.50
CA GLU D 350 33.51 -42.99 27.69
C GLU D 350 34.51 -41.90 28.00
N ILE D 351 34.01 -40.88 28.70
CA ILE D 351 34.79 -39.83 29.35
C ILE D 351 34.53 -39.97 30.85
N ILE D 352 35.60 -39.92 31.66
CA ILE D 352 35.51 -40.24 33.06
C ILE D 352 35.86 -39.04 33.91
N PRO D 353 34.84 -38.36 34.46
CA PRO D 353 35.04 -37.11 35.14
C PRO D 353 36.06 -37.08 36.28
N CYS D 354 36.17 -38.15 37.05
CA CYS D 354 37.11 -38.16 38.15
C CYS D 354 38.59 -38.24 37.66
N SER D 355 38.79 -38.57 36.38
CA SER D 355 40.12 -38.59 35.79
C SER D 355 40.41 -37.27 35.05
N ARG D 356 41.43 -36.57 35.52
CA ARG D 356 41.82 -35.28 35.01
C ARG D 356 43.26 -35.30 34.55
N VAL D 357 43.47 -34.89 33.29
CA VAL D 357 44.80 -34.74 32.74
C VAL D 357 44.87 -33.47 31.90
N GLY D 358 45.85 -32.63 32.20
CA GLY D 358 46.07 -31.40 31.44
C GLY D 358 46.86 -31.63 30.17
N HIS D 359 46.63 -30.76 29.20
CA HIS D 359 47.19 -30.88 27.86
C HIS D 359 47.49 -29.48 27.33
N VAL D 360 48.64 -29.31 26.69
CA VAL D 360 48.98 -28.04 26.08
C VAL D 360 48.28 -27.91 24.74
N PHE D 361 47.15 -27.23 24.72
CA PHE D 361 46.44 -27.01 23.45
C PHE D 361 47.17 -25.90 22.72
N ARG D 362 47.45 -26.12 21.44
CA ARG D 362 48.06 -25.07 20.62
C ARG D 362 47.26 -24.77 19.34
N LYS D 363 47.59 -23.68 18.67
CA LYS D 363 46.86 -23.25 17.46
C LYS D 363 47.50 -23.75 16.16
N GLN D 364 48.79 -24.04 16.17
CA GLN D 364 49.49 -24.55 14.99
C GLN D 364 50.41 -25.73 15.29
N HIS D 365 50.64 -26.56 14.28
CA HIS D 365 51.57 -27.68 14.38
C HIS D 365 52.97 -27.15 14.23
N PRO D 366 53.91 -27.61 15.05
CA PRO D 366 55.29 -27.15 14.93
C PRO D 366 56.14 -28.02 14.01
N TYR D 367 55.56 -29.07 13.42
CA TYR D 367 56.33 -30.04 12.64
C TYR D 367 55.81 -30.14 11.20
N THR D 368 56.61 -30.81 10.35
CA THR D 368 56.33 -30.93 8.92
C THR D 368 55.35 -32.05 8.58
N PHE D 369 54.59 -31.82 7.52
CA PHE D 369 53.72 -32.82 6.90
C PHE D 369 54.14 -33.03 5.45
N PRO D 370 54.64 -34.22 5.10
CA PRO D 370 54.88 -34.49 3.67
C PRO D 370 53.62 -34.56 2.76
N GLY D 371 53.39 -33.70 1.77
CA GLY D 371 53.42 -32.25 1.85
C GLY D 371 51.95 -31.89 1.60
N GLY D 372 51.29 -31.01 2.36
CA GLY D 372 51.46 -30.78 3.78
C GLY D 372 50.16 -31.06 4.53
N SER D 373 49.87 -30.29 5.56
CA SER D 373 48.86 -30.71 6.54
C SER D 373 47.43 -30.82 5.98
N GLY D 374 47.01 -29.83 5.18
CA GLY D 374 45.67 -29.85 4.54
C GLY D 374 45.37 -31.18 3.85
N THR D 375 46.34 -31.64 3.07
CA THR D 375 46.20 -32.81 2.23
C THR D 375 46.29 -34.08 3.04
N VAL D 376 47.22 -34.13 3.99
CA VAL D 376 47.37 -35.33 4.81
C VAL D 376 46.12 -35.58 5.66
N PHE D 377 45.57 -34.51 6.24
CA PHE D 377 44.40 -34.59 7.09
C PHE D 377 43.21 -35.09 6.26
N ALA D 378 43.10 -34.60 5.01
CA ALA D 378 42.01 -35.04 4.14
C ALA D 378 42.22 -36.51 3.70
N ARG D 379 43.44 -36.91 3.39
CA ARG D 379 43.69 -38.30 3.07
C ARG D 379 43.27 -39.22 4.23
N ASN D 380 43.77 -38.94 5.43
CA ASN D 380 43.42 -39.75 6.62
C ASN D 380 41.93 -39.77 6.85
N THR D 381 41.30 -38.62 6.77
CA THR D 381 39.86 -38.54 6.98
C THR D 381 39.09 -39.36 5.93
N ARG D 382 39.55 -39.31 4.68
CA ARG D 382 38.93 -40.12 3.63
C ARG D 382 39.05 -41.59 3.94
N ARG D 383 40.21 -42.03 4.42
CA ARG D 383 40.38 -43.44 4.73
C ARG D 383 39.39 -43.90 5.80
N ALA D 384 39.04 -43.02 6.72
CA ALA D 384 38.02 -43.34 7.70
C ALA D 384 36.64 -43.36 7.08
N ALA D 385 36.32 -42.33 6.32
CA ALA D 385 34.97 -42.19 5.76
C ALA D 385 34.63 -43.30 4.81
N GLU D 386 35.57 -43.63 3.93
CA GLU D 386 35.32 -44.66 2.91
C GLU D 386 35.13 -46.05 3.49
N VAL D 387 35.69 -46.30 4.67
CA VAL D 387 35.62 -47.62 5.31
C VAL D 387 34.38 -47.73 6.21
N TRP D 388 34.00 -46.64 6.88
CA TRP D 388 33.04 -46.75 8.01
C TRP D 388 31.70 -46.09 7.80
N MET D 389 31.63 -45.09 6.93
CA MET D 389 30.44 -44.26 6.85
C MET D 389 29.35 -44.69 5.84
N ASP D 390 29.61 -45.72 5.04
CA ASP D 390 28.65 -46.16 4.00
C ASP D 390 28.29 -44.93 3.15
N GLU D 391 27.00 -44.73 2.83
CA GLU D 391 26.59 -43.62 1.94
C GLU D 391 26.74 -42.24 2.58
N TYR D 392 26.83 -42.20 3.90
CA TYR D 392 26.83 -40.93 4.61
C TYR D 392 28.12 -40.20 4.34
N LYS D 393 29.11 -40.88 3.75
CA LYS D 393 30.33 -40.19 3.33
C LYS D 393 30.04 -39.05 2.38
N ASN D 394 28.96 -39.17 1.61
CA ASN D 394 28.61 -38.13 0.65
C ASN D 394 28.24 -36.82 1.32
N PHE D 395 27.76 -36.87 2.56
CA PHE D 395 27.60 -35.62 3.32
C PHE D 395 28.94 -34.96 3.69
N TYR D 396 29.97 -35.76 3.92
CA TYR D 396 31.30 -35.22 4.18
C TYR D 396 31.82 -34.50 2.92
N TYR D 397 31.71 -35.18 1.78
CA TYR D 397 32.13 -34.58 0.51
C TYR D 397 31.28 -33.37 0.13
N ALA D 398 30.03 -33.36 0.54
CA ALA D 398 29.22 -32.17 0.33
C ALA D 398 29.78 -30.98 1.12
N ALA D 399 30.34 -31.24 2.30
CA ALA D 399 30.87 -30.16 3.13
C ALA D 399 32.27 -29.78 2.69
N VAL D 400 33.00 -30.77 2.16
CA VAL D 400 34.42 -30.57 1.81
C VAL D 400 34.63 -31.14 0.40
N PRO D 401 34.11 -30.45 -0.61
CA PRO D 401 34.17 -31.03 -1.95
C PRO D 401 35.57 -31.25 -2.47
N SER D 402 36.51 -30.42 -2.04
CA SER D 402 37.92 -30.57 -2.44
C SER D 402 38.51 -31.94 -2.07
N ALA D 403 37.94 -32.58 -1.06
CA ALA D 403 38.45 -33.87 -0.61
C ALA D 403 38.31 -34.97 -1.68
N ARG D 404 37.30 -34.86 -2.56
CA ARG D 404 37.11 -35.84 -3.64
CA ARG D 404 37.10 -35.83 -3.64
C ARG D 404 38.33 -35.97 -4.56
N ASN D 405 39.17 -34.94 -4.62
CA ASN D 405 40.37 -34.96 -5.47
C ASN D 405 41.62 -35.43 -4.78
N VAL D 406 41.50 -35.84 -3.51
CA VAL D 406 42.65 -36.31 -2.73
C VAL D 406 42.76 -37.83 -2.77
N PRO D 407 43.81 -38.35 -3.41
CA PRO D 407 44.03 -39.79 -3.38
C PRO D 407 44.32 -40.30 -1.96
N TYR D 408 43.75 -41.47 -1.66
CA TYR D 408 43.82 -42.03 -0.33
C TYR D 408 44.37 -43.45 -0.21
N GLY D 409 44.77 -44.07 -1.32
CA GLY D 409 45.42 -45.38 -1.28
C GLY D 409 44.48 -46.54 -1.08
N ASN D 410 45.08 -47.69 -0.82
CA ASN D 410 44.34 -48.94 -0.70
C ASN D 410 43.72 -49.11 0.70
N ILE D 411 42.43 -49.43 0.74
CA ILE D 411 41.70 -49.59 2.01
C ILE D 411 41.16 -51.03 2.21
N GLN D 412 41.71 -51.96 1.46
CA GLN D 412 41.15 -53.30 1.39
C GLN D 412 41.21 -54.02 2.71
N SER D 413 42.35 -54.00 3.37
CA SER D 413 42.48 -54.78 4.58
C SER D 413 41.61 -54.20 5.70
N ARG D 414 41.32 -52.92 5.63
CA ARG D 414 40.42 -52.29 6.57
C ARG D 414 38.99 -52.68 6.31
N LEU D 415 38.63 -52.76 5.04
CA LEU D 415 37.32 -53.27 4.67
C LEU D 415 37.15 -54.73 5.12
N GLU D 416 38.19 -55.54 4.94
CA GLU D 416 38.09 -56.95 5.32
C GLU D 416 37.99 -57.07 6.84
N LEU D 417 38.65 -56.17 7.55
CA LEU D 417 38.55 -56.08 8.99
C LEU D 417 37.14 -55.79 9.45
N ARG D 418 36.50 -54.83 8.80
CA ARG D 418 35.10 -54.55 9.12
C ARG D 418 34.19 -55.77 8.92
N LYS D 419 34.37 -56.49 7.81
CA LYS D 419 33.55 -57.70 7.55
C LYS D 419 33.79 -58.72 8.64
N LYS D 420 35.05 -58.98 8.89
CA LYS D 420 35.46 -59.98 9.86
C LYS D 420 34.89 -59.74 11.27
N LEU D 421 34.73 -58.47 11.66
CA LEU D 421 34.22 -58.14 13.00
C LEU D 421 32.69 -58.08 13.10
N SER D 422 31.99 -58.16 11.99
CA SER D 422 30.54 -57.99 12.02
C SER D 422 30.19 -56.67 12.70
N CYS D 423 30.38 -55.60 11.94
CA CYS D 423 30.16 -54.29 12.47
C CYS D 423 28.83 -53.81 11.93
N LYS D 424 28.15 -52.99 12.70
CA LYS D 424 26.86 -52.47 12.29
C LYS D 424 27.04 -51.31 11.33
N PRO D 425 26.00 -50.99 10.55
CA PRO D 425 26.14 -49.94 9.55
C PRO D 425 26.15 -48.56 10.18
N PHE D 426 26.62 -47.58 9.42
CA PHE D 426 26.75 -46.25 9.95
C PHE D 426 25.39 -45.69 10.37
N LYS D 427 24.34 -46.09 9.67
CA LYS D 427 22.98 -45.67 10.01
C LYS D 427 22.66 -46.06 11.45
N TRP D 428 23.13 -47.24 11.85
CA TRP D 428 22.96 -47.67 13.22
C TRP D 428 23.69 -46.70 14.18
N TYR D 429 24.91 -46.33 13.81
CA TYR D 429 25.71 -45.44 14.64
C TYR D 429 24.98 -44.12 14.81
N LEU D 430 24.44 -43.56 13.72
CA LEU D 430 23.73 -42.28 13.82
C LEU D 430 22.48 -42.36 14.69
N GLU D 431 21.75 -43.45 14.59
CA GLU D 431 20.50 -43.57 15.35
C GLU D 431 20.73 -43.86 16.81
N ASN D 432 21.74 -44.67 17.11
CA ASN D 432 21.93 -45.17 18.47
C ASN D 432 23.05 -44.52 19.27
N VAL D 433 24.03 -43.92 18.61
CA VAL D 433 25.20 -43.37 19.29
C VAL D 433 25.23 -41.87 19.20
N TYR D 434 25.01 -41.32 18.01
CA TYR D 434 25.02 -39.87 17.82
C TYR D 434 23.71 -39.38 17.17
N PRO D 435 22.57 -39.61 17.85
CA PRO D 435 21.30 -39.16 17.27
C PRO D 435 21.17 -37.65 17.14
N GLU D 436 21.91 -36.91 17.94
CA GLU D 436 21.75 -35.47 17.93
C GLU D 436 22.51 -34.82 16.75
N LEU D 437 23.27 -35.61 15.98
CA LEU D 437 23.88 -35.10 14.76
C LEU D 437 22.82 -35.02 13.68
N ARG D 438 22.61 -33.82 13.19
CA ARG D 438 21.47 -33.57 12.37
C ARG D 438 21.78 -33.95 10.94
N VAL D 439 20.92 -34.79 10.37
CA VAL D 439 21.21 -35.47 9.12
C VAL D 439 20.20 -35.12 8.01
N PRO D 440 20.71 -34.70 6.84
CA PRO D 440 19.76 -34.28 5.82
C PRO D 440 18.91 -35.43 5.36
N ASP D 441 17.68 -35.16 4.92
CA ASP D 441 16.90 -36.14 4.14
C ASP D 441 17.67 -36.53 2.87
N HIS D 442 17.56 -37.78 2.46
CA HIS D 442 18.32 -38.29 1.32
C HIS D 442 18.13 -37.43 0.05
N GLN D 443 16.94 -36.86 -0.14
CA GLN D 443 16.68 -36.10 -1.35
C GLN D 443 16.75 -34.57 -1.20
N ASP D 444 17.21 -34.09 -0.06
CA ASP D 444 17.40 -32.68 0.13
C ASP D 444 18.40 -32.15 -0.91
N ILE D 445 18.14 -30.95 -1.41
CA ILE D 445 19.01 -30.26 -2.34
C ILE D 445 20.10 -29.51 -1.60
N ALA D 446 19.75 -28.96 -0.44
CA ALA D 446 20.72 -28.23 0.39
C ALA D 446 20.25 -28.29 1.82
N PHE D 447 21.15 -27.95 2.74
CA PHE D 447 20.91 -28.15 4.16
C PHE D 447 21.83 -27.30 5.00
N GLY D 448 21.41 -27.00 6.21
CA GLY D 448 22.28 -26.37 7.22
C GLY D 448 21.84 -24.96 7.61
N ALA D 449 22.76 -24.03 7.67
CA ALA D 449 22.42 -22.65 7.93
C ALA D 449 22.29 -21.98 6.61
N LEU D 450 21.53 -20.88 6.56
CA LEU D 450 21.46 -20.06 5.36
C LEU D 450 22.13 -18.75 5.68
N GLN D 451 23.34 -18.58 5.13
CA GLN D 451 24.25 -17.50 5.52
C GLN D 451 24.16 -16.28 4.64
N GLN D 452 24.22 -15.12 5.26
CA GLN D 452 24.42 -13.86 4.55
C GLN D 452 25.45 -13.07 5.35
N GLY D 453 26.69 -12.98 4.82
CA GLY D 453 27.80 -12.38 5.55
C GLY D 453 28.04 -13.18 6.80
N THR D 454 28.00 -12.51 7.93
CA THR D 454 28.10 -13.18 9.25
C THR D 454 26.73 -13.49 9.88
N ASN D 455 25.65 -13.13 9.18
CA ASN D 455 24.28 -13.40 9.64
C ASN D 455 23.70 -14.68 9.03
N CYS D 456 22.68 -15.20 9.73
CA CYS D 456 22.03 -16.45 9.35
C CYS D 456 20.50 -16.29 9.39
N LEU D 457 19.80 -16.99 8.48
CA LEU D 457 18.33 -17.05 8.48
C LEU D 457 17.89 -17.59 9.81
N ASP D 458 16.94 -16.91 10.44
CA ASP D 458 16.52 -17.23 11.81
C ASP D 458 15.02 -17.10 11.97
N THR D 459 14.38 -18.10 12.55
CA THR D 459 12.96 -18.04 12.81
C THR D 459 12.55 -17.00 13.83
N LEU D 460 13.53 -16.46 14.59
CA LEU D 460 13.27 -15.51 15.67
C LEU D 460 12.39 -16.12 16.75
N GLY D 461 12.39 -17.46 16.83
CA GLY D 461 11.51 -18.17 17.73
C GLY D 461 10.06 -18.12 17.35
N HIS D 462 9.75 -17.61 16.15
CA HIS D 462 8.36 -17.53 15.66
C HIS D 462 7.81 -18.89 15.16
N PHE D 463 6.49 -18.95 15.08
CA PHE D 463 5.78 -20.15 14.66
C PHE D 463 4.93 -19.79 13.44
N ALA D 464 3.93 -20.60 13.13
CA ALA D 464 3.19 -20.38 11.90
C ALA D 464 2.49 -19.03 11.91
N ASP D 465 2.45 -18.42 10.74
CA ASP D 465 1.95 -17.05 10.53
C ASP D 465 2.87 -15.96 11.07
N GLY D 466 4.05 -16.33 11.55
CA GLY D 466 5.06 -15.34 12.00
C GLY D 466 6.10 -15.00 10.93
N VAL D 467 6.70 -13.84 11.09
CA VAL D 467 7.75 -13.39 10.20
C VAL D 467 9.06 -14.07 10.56
N VAL D 468 10.04 -13.85 9.73
CA VAL D 468 11.30 -14.52 9.83
C VAL D 468 12.37 -13.41 9.75
N GLY D 469 13.57 -13.67 10.29
CA GLY D 469 14.65 -12.68 10.23
C GLY D 469 16.08 -13.21 10.13
N VAL D 470 17.03 -12.36 10.56
CA VAL D 470 18.43 -12.78 10.74
C VAL D 470 18.95 -12.49 12.16
N TYR D 471 19.88 -13.31 12.61
CA TYR D 471 20.74 -13.03 13.76
C TYR D 471 22.12 -13.50 13.35
N GLU D 472 23.13 -13.18 14.16
CA GLU D 472 24.47 -13.61 13.88
C GLU D 472 24.56 -15.12 13.94
N CYS D 473 25.26 -15.71 12.97
CA CYS D 473 25.40 -17.17 12.88
C CYS D 473 26.07 -17.70 14.12
N HIS D 474 25.49 -18.73 14.72
CA HIS D 474 26.04 -19.29 15.94
C HIS D 474 26.47 -20.77 15.83
N ASN D 475 26.23 -21.40 14.68
CA ASN D 475 26.53 -22.82 14.44
C ASN D 475 25.95 -23.85 15.42
N ALA D 476 25.12 -23.38 16.34
CA ALA D 476 24.38 -24.25 17.23
C ALA D 476 23.09 -24.84 16.64
N GLY D 477 22.82 -24.61 15.35
CA GLY D 477 21.60 -25.17 14.72
C GLY D 477 20.34 -24.50 15.27
N GLY D 478 19.36 -25.29 15.72
CA GLY D 478 18.10 -24.79 16.27
C GLY D 478 17.35 -23.85 15.32
N ASN D 479 17.08 -22.62 15.75
CA ASN D 479 16.36 -21.64 14.93
C ASN D 479 17.10 -21.15 13.67
N GLN D 480 18.35 -21.57 13.49
CA GLN D 480 19.09 -21.28 12.28
C GLN D 480 19.30 -22.52 11.40
N GLU D 481 18.55 -23.58 11.66
CA GLU D 481 18.64 -24.77 10.81
C GLU D 481 17.53 -24.84 9.76
N TRP D 482 17.92 -25.09 8.51
CA TRP D 482 17.01 -25.08 7.37
C TRP D 482 17.39 -26.17 6.37
N ALA D 483 16.47 -26.51 5.47
CA ALA D 483 16.76 -27.34 4.32
C ALA D 483 16.06 -26.81 3.05
N LEU D 484 16.64 -27.12 1.89
CA LEU D 484 16.00 -26.92 0.60
C LEU D 484 15.62 -28.31 0.15
N THR D 485 14.33 -28.61 0.13
CA THR D 485 13.83 -29.94 -0.08
C THR D 485 13.72 -30.31 -1.57
N LYS D 486 13.47 -31.59 -1.87
CA LYS D 486 13.14 -32.04 -3.23
C LYS D 486 11.94 -31.30 -3.76
N GLU D 487 11.03 -30.92 -2.88
CA GLU D 487 9.81 -30.17 -3.26
C GLU D 487 10.06 -28.65 -3.43
N LYS D 488 11.33 -28.24 -3.39
CA LYS D 488 11.76 -26.85 -3.62
C LYS D 488 11.33 -25.87 -2.52
N SER D 489 11.12 -26.38 -1.32
CA SER D 489 10.71 -25.54 -0.21
C SER D 489 11.89 -25.27 0.70
N VAL D 490 11.90 -24.10 1.33
CA VAL D 490 12.91 -23.80 2.36
C VAL D 490 12.26 -24.02 3.73
N LYS D 491 12.62 -25.12 4.41
CA LYS D 491 11.93 -25.50 5.62
C LYS D 491 12.75 -25.61 6.90
N HIS D 492 12.06 -25.29 8.01
CA HIS D 492 12.56 -25.50 9.36
C HIS D 492 11.49 -26.32 10.07
N MET D 493 11.85 -27.52 10.52
CA MET D 493 10.89 -28.45 11.08
C MET D 493 9.84 -28.74 10.01
N ASP D 494 8.57 -28.53 10.30
CA ASP D 494 7.53 -28.69 9.29
C ASP D 494 6.97 -27.34 8.89
N LEU D 495 7.76 -26.27 9.04
CA LEU D 495 7.36 -24.95 8.57
C LEU D 495 8.22 -24.50 7.38
N CYS D 496 7.62 -23.70 6.50
CA CYS D 496 8.20 -23.34 5.21
C CYS D 496 8.06 -21.88 4.93
N LEU D 497 9.05 -21.33 4.24
CA LEU D 497 8.97 -19.93 3.86
C LEU D 497 7.92 -19.77 2.81
N THR D 498 7.01 -18.83 3.04
CA THR D 498 5.84 -18.70 2.21
C THR D 498 5.67 -17.28 1.69
N VAL D 499 5.58 -17.14 0.37
CA VAL D 499 5.30 -15.86 -0.25
C VAL D 499 3.79 -15.60 -0.25
N VAL D 500 3.41 -14.81 0.73
CA VAL D 500 2.05 -14.59 1.07
C VAL D 500 1.50 -13.48 0.17
N ASP D 501 2.39 -12.67 -0.36
CA ASP D 501 2.00 -11.53 -1.18
C ASP D 501 3.16 -11.22 -2.11
N ARG D 502 2.87 -11.15 -3.40
CA ARG D 502 3.89 -11.02 -4.45
C ARG D 502 4.35 -9.59 -4.66
N ALA D 503 3.70 -8.62 -4.01
CA ALA D 503 4.07 -7.21 -4.19
C ALA D 503 5.46 -6.94 -3.58
N PRO D 504 6.37 -6.34 -4.35
CA PRO D 504 7.72 -6.10 -3.84
C PRO D 504 7.71 -5.38 -2.50
N GLY D 505 8.54 -5.81 -1.56
CA GLY D 505 8.53 -5.25 -0.23
C GLY D 505 7.65 -5.98 0.76
N SER D 506 6.83 -6.89 0.26
CA SER D 506 6.00 -7.71 1.16
C SER D 506 6.84 -8.63 2.03
N LEU D 507 6.42 -8.73 3.29
CA LEU D 507 7.02 -9.67 4.20
C LEU D 507 6.60 -11.09 3.83
N ILE D 508 7.50 -12.05 4.09
CA ILE D 508 7.19 -13.43 3.93
C ILE D 508 6.81 -13.99 5.30
N LYS D 509 6.11 -15.13 5.30
CA LYS D 509 5.68 -15.74 6.52
C LYS D 509 6.03 -17.21 6.55
N LEU D 510 6.12 -17.70 7.76
CA LEU D 510 6.28 -19.09 8.05
C LEU D 510 4.88 -19.75 8.01
N GLN D 511 4.71 -20.81 7.25
CA GLN D 511 3.45 -21.59 7.29
C GLN D 511 3.74 -23.06 7.22
N GLY D 512 2.80 -23.90 7.65
CA GLY D 512 2.99 -25.36 7.53
C GLY D 512 3.28 -25.76 6.08
N CYS D 513 4.26 -26.62 5.87
CA CYS D 513 4.62 -27.03 4.50
C CYS D 513 3.51 -27.84 3.81
N ARG D 514 3.15 -27.43 2.58
CA ARG D 514 2.31 -28.22 1.66
C ARG D 514 3.04 -28.36 0.31
N GLU D 515 3.16 -29.56 -0.21
CA GLU D 515 3.79 -29.78 -1.50
C GLU D 515 3.03 -29.02 -2.58
N ASP D 516 1.74 -28.88 -2.39
CA ASP D 516 0.90 -28.17 -3.33
C ASP D 516 1.19 -26.70 -3.46
N ASP D 517 1.43 -26.04 -2.35
CA ASP D 517 1.59 -24.62 -2.31
C ASP D 517 2.66 -24.08 -3.18
N SER D 518 2.27 -23.42 -4.24
CA SER D 518 3.27 -22.82 -5.10
C SER D 518 3.90 -21.57 -4.50
N ARG D 519 3.24 -21.01 -3.49
CA ARG D 519 3.79 -19.87 -2.77
C ARG D 519 5.01 -20.28 -1.93
N GLN D 520 5.27 -21.57 -1.78
CA GLN D 520 6.40 -22.02 -0.97
C GLN D 520 7.65 -22.47 -1.75
N LYS D 521 7.69 -22.21 -3.06
CA LYS D 521 8.69 -22.80 -3.94
C LYS D 521 9.82 -21.83 -4.17
N TRP D 522 11.04 -22.30 -3.98
CA TRP D 522 12.23 -21.47 -4.12
C TRP D 522 13.32 -22.23 -4.88
N GLU D 523 14.22 -21.47 -5.50
CA GLU D 523 15.29 -22.03 -6.31
C GLU D 523 16.54 -21.20 -6.18
N GLN D 524 17.67 -21.88 -6.09
CA GLN D 524 18.97 -21.23 -6.08
C GLN D 524 19.33 -20.72 -7.46
N ILE D 525 19.99 -19.57 -7.51
CA ILE D 525 20.47 -18.97 -8.77
C ILE D 525 21.82 -18.29 -8.59
N GLU D 526 22.44 -17.96 -9.73
CA GLU D 526 23.72 -17.24 -9.77
C GLU D 526 24.77 -17.97 -8.93
N GLY D 527 25.01 -19.23 -9.30
CA GLY D 527 26.05 -20.03 -8.64
C GLY D 527 25.74 -20.27 -7.18
N ASN D 528 24.49 -20.64 -6.91
CA ASN D 528 24.03 -20.88 -5.54
C ASN D 528 24.33 -19.73 -4.57
N SER D 529 24.14 -18.50 -5.04
CA SER D 529 24.42 -17.32 -4.23
C SER D 529 23.15 -16.56 -3.79
N LYS D 530 22.00 -16.87 -4.39
CA LYS D 530 20.73 -16.21 -4.07
C LYS D 530 19.54 -17.18 -4.10
N LEU D 531 18.40 -16.72 -3.61
CA LEU D 531 17.16 -17.51 -3.61
C LEU D 531 16.04 -16.73 -4.28
N ARG D 532 15.51 -17.31 -5.35
CA ARG D 532 14.47 -16.68 -6.11
C ARG D 532 13.21 -17.49 -5.94
N HIS D 533 12.09 -16.80 -5.88
CA HIS D 533 10.80 -17.46 -5.76
C HIS D 533 10.41 -18.00 -7.14
N VAL D 534 10.21 -19.31 -7.20
CA VAL D 534 9.95 -19.98 -8.46
C VAL D 534 8.75 -19.36 -9.17
N GLY D 535 8.91 -19.07 -10.46
CA GLY D 535 7.83 -18.52 -11.30
C GLY D 535 7.65 -17.01 -11.19
N SER D 536 8.68 -16.33 -10.69
CA SER D 536 8.60 -14.89 -10.45
C SER D 536 9.97 -14.26 -10.65
N ASN D 537 10.03 -12.94 -10.54
CA ASN D 537 11.31 -12.22 -10.50
C ASN D 537 11.58 -11.67 -9.11
N LEU D 538 11.15 -12.42 -8.10
CA LEU D 538 11.29 -12.01 -6.72
C LEU D 538 12.37 -12.82 -6.06
N CYS D 539 13.21 -12.17 -5.24
CA CYS D 539 14.27 -12.83 -4.50
C CYS D 539 14.12 -12.55 -3.01
N LEU D 540 14.65 -13.45 -2.19
CA LEU D 540 14.64 -13.28 -0.75
C LEU D 540 15.57 -12.14 -0.38
N ASP D 541 15.12 -11.26 0.51
CA ASP D 541 15.79 -10.01 0.76
C ASP D 541 15.76 -9.59 2.21
N SER D 542 16.93 -9.23 2.76
CA SER D 542 17.05 -8.90 4.18
C SER D 542 16.97 -7.42 4.48
N ARG D 543 16.73 -6.58 3.49
CA ARG D 543 16.80 -5.13 3.76
C ARG D 543 15.81 -4.62 4.81
N THR D 544 14.75 -5.38 5.08
CA THR D 544 13.76 -4.91 6.06
C THR D 544 13.83 -5.74 7.37
N ALA D 545 14.88 -6.53 7.48
CA ALA D 545 15.00 -7.52 8.59
C ALA D 545 14.70 -7.05 10.00
N LYS D 546 15.25 -5.90 10.34
CA LYS D 546 15.16 -5.38 11.70
C LYS D 546 13.93 -4.51 11.91
N SER D 547 13.20 -4.25 10.84
CA SER D 547 12.02 -3.38 10.91
C SER D 547 10.82 -4.05 10.25
N GLY D 548 10.62 -5.32 10.57
CA GLY D 548 9.47 -6.07 10.08
C GLY D 548 9.81 -7.52 9.81
N GLY D 549 10.92 -7.76 9.12
CA GLY D 549 11.31 -9.14 8.76
C GLY D 549 11.77 -9.29 7.33
N LEU D 550 12.19 -10.50 6.97
CA LEU D 550 12.63 -10.76 5.60
C LEU D 550 11.48 -10.53 4.63
N SER D 551 11.84 -10.13 3.43
CA SER D 551 10.86 -9.74 2.46
C SER D 551 11.19 -10.36 1.12
N VAL D 552 10.29 -10.10 0.20
CA VAL D 552 10.42 -10.54 -1.16
C VAL D 552 10.58 -9.24 -1.94
N GLU D 553 11.54 -9.22 -2.85
CA GLU D 553 11.95 -8.01 -3.55
C GLU D 553 12.37 -8.38 -4.96
N VAL D 554 12.25 -7.44 -5.88
CA VAL D 554 12.62 -7.70 -7.28
C VAL D 554 14.10 -8.10 -7.36
N CYS D 555 14.42 -9.18 -8.07
CA CYS D 555 15.80 -9.68 -8.10
C CYS D 555 16.72 -8.63 -8.73
N GLY D 556 17.81 -8.36 -8.03
CA GLY D 556 18.73 -7.31 -8.40
C GLY D 556 20.06 -7.51 -7.70
N PRO D 557 21.03 -6.65 -8.01
CA PRO D 557 22.39 -6.87 -7.52
C PRO D 557 22.71 -6.53 -6.03
N ALA D 558 21.72 -6.28 -5.19
CA ALA D 558 21.99 -5.91 -3.80
C ALA D 558 22.65 -7.01 -2.95
N LEU D 559 23.42 -6.59 -1.95
CA LEU D 559 24.03 -7.51 -0.97
C LEU D 559 23.01 -8.23 -0.06
N SER D 560 21.90 -7.54 0.21
CA SER D 560 20.81 -8.08 1.02
C SER D 560 20.06 -9.25 0.35
N GLN D 561 20.37 -9.57 -0.90
CA GLN D 561 19.81 -10.76 -1.57
C GLN D 561 20.78 -11.94 -1.70
N GLN D 562 21.92 -11.89 -1.00
CA GLN D 562 22.92 -12.97 -1.08
C GLN D 562 22.67 -14.00 0.03
N TRP D 563 22.49 -15.26 -0.35
CA TRP D 563 22.29 -16.34 0.61
C TRP D 563 22.97 -17.62 0.15
N LYS D 564 23.67 -18.29 1.07
CA LYS D 564 24.34 -19.57 0.81
C LYS D 564 24.03 -20.59 1.89
N PHE D 565 23.68 -21.82 1.49
CA PHE D 565 23.56 -22.91 2.47
C PHE D 565 24.92 -23.45 2.80
N THR D 566 25.11 -23.91 4.02
CA THR D 566 26.38 -24.48 4.43
C THR D 566 26.67 -25.84 3.75
N LEU D 567 25.66 -26.66 3.48
CA LEU D 567 25.84 -27.85 2.62
C LEU D 567 25.05 -27.80 1.31
N ASN D 568 25.74 -27.98 0.18
CA ASN D 568 25.10 -28.21 -1.11
C ASN D 568 25.26 -29.70 -1.42
N LEU D 569 24.17 -30.37 -1.77
CA LEU D 569 24.19 -31.75 -2.30
C LEU D 569 24.12 -31.85 -3.82
N LYS E 75 21.62 30.90 65.53
CA LYS E 75 21.77 30.94 64.04
C LYS E 75 23.27 30.79 63.62
N VAL E 76 23.51 29.91 62.65
CA VAL E 76 24.82 29.44 62.28
C VAL E 76 25.18 29.92 60.87
N ARG E 77 26.41 30.37 60.68
CA ARG E 77 26.91 30.76 59.36
C ARG E 77 27.04 29.47 58.57
N TRP E 78 26.78 29.51 57.27
CA TRP E 78 26.68 28.25 56.51
C TRP E 78 27.92 27.35 56.57
N PRO E 79 29.13 27.92 56.53
CA PRO E 79 30.28 27.01 56.65
C PRO E 79 30.36 26.20 57.96
N ASP E 80 29.71 26.67 59.00
CA ASP E 80 29.76 26.02 60.32
C ASP E 80 28.68 24.97 60.48
N PHE E 81 27.86 24.77 59.46
CA PHE E 81 26.75 23.86 59.57
C PHE E 81 27.27 22.45 59.42
N ASN E 82 26.82 21.55 60.28
CA ASN E 82 27.29 20.18 60.23
C ASN E 82 26.53 19.29 59.22
N GLN E 83 27.10 19.16 58.03
CA GLN E 83 26.49 18.41 56.96
C GLN E 83 26.34 16.95 57.24
N GLU E 84 27.37 16.33 57.82
CA GLU E 84 27.37 14.88 58.08
C GLU E 84 26.23 14.56 59.11
N ALA E 85 26.10 15.38 60.15
CA ALA E 85 25.01 15.21 61.11
C ALA E 85 23.62 15.34 60.49
N TYR E 86 23.43 16.32 59.61
CA TYR E 86 22.14 16.54 58.95
C TYR E 86 21.81 15.43 57.97
N VAL E 87 22.73 15.10 57.08
CA VAL E 87 22.45 14.15 55.97
C VAL E 87 22.45 12.73 56.48
N GLY E 88 23.43 12.44 57.35
CA GLY E 88 23.65 11.11 57.89
C GLY E 88 22.42 10.83 58.76
N GLY E 89 21.93 9.60 58.75
CA GLY E 89 20.67 9.32 59.39
C GLY E 89 19.59 9.06 58.36
N THR E 90 19.59 9.81 57.25
CA THR E 90 18.69 9.54 56.11
C THR E 90 19.39 8.83 54.91
N MET E 91 20.59 8.30 55.11
CA MET E 91 21.35 7.71 54.00
C MET E 91 20.74 6.41 53.47
N VAL E 92 21.09 6.07 52.24
CA VAL E 92 20.66 4.82 51.62
C VAL E 92 21.27 3.65 52.38
N ARG E 93 20.40 2.80 52.93
CA ARG E 93 20.86 1.66 53.74
C ARG E 93 21.54 0.61 52.86
N SER E 94 22.40 -0.18 53.51
CA SER E 94 23.17 -1.24 52.88
C SER E 94 22.34 -2.12 51.93
N GLY E 95 22.76 -2.18 50.67
CA GLY E 95 22.13 -3.03 49.66
C GLY E 95 20.86 -2.51 49.00
N GLN E 96 20.27 -1.42 49.53
CA GLN E 96 19.00 -0.90 49.00
C GLN E 96 19.17 -0.10 47.68
N ASP E 97 18.09 0.05 46.95
CA ASP E 97 18.06 0.80 45.70
C ASP E 97 18.23 2.34 45.92
N PRO E 98 19.28 2.94 45.35
CA PRO E 98 19.58 4.35 45.61
C PRO E 98 18.77 5.35 44.77
N TYR E 99 17.90 4.85 43.90
CA TYR E 99 17.02 5.66 43.08
C TYR E 99 15.57 5.73 43.59
N ALA E 100 15.21 4.89 44.54
CA ALA E 100 13.78 4.69 44.85
C ALA E 100 13.12 5.93 45.48
N ARG E 101 13.79 6.48 46.49
CA ARG E 101 13.30 7.65 47.24
C ARG E 101 13.11 8.91 46.36
N ASN E 102 14.11 9.24 45.54
CA ASN E 102 14.13 10.52 44.83
C ASN E 102 14.09 10.47 43.33
N LYS E 103 14.17 9.28 42.76
CA LYS E 103 14.30 9.12 41.30
C LYS E 103 15.56 9.79 40.75
N PHE E 104 16.55 9.92 41.61
CA PHE E 104 17.91 10.21 41.24
C PHE E 104 18.81 9.52 42.25
N ASN E 105 20.10 9.48 41.97
CA ASN E 105 21.02 8.66 42.74
C ASN E 105 21.39 9.31 44.02
N GLN E 106 20.72 8.91 45.09
CA GLN E 106 21.00 9.54 46.37
C GLN E 106 22.38 9.25 46.89
N VAL E 107 22.94 8.11 46.56
CA VAL E 107 24.26 7.76 47.12
C VAL E 107 25.28 8.73 46.58
N GLU E 108 25.16 9.00 45.30
CA GLU E 108 26.02 9.95 44.64
C GLU E 108 25.83 11.40 45.13
N SER E 109 24.60 11.75 45.46
CA SER E 109 24.30 13.08 45.98
C SER E 109 24.85 13.25 47.37
N ASP E 110 24.81 12.18 48.15
CA ASP E 110 25.25 12.24 49.54
C ASP E 110 26.79 12.27 49.66
N LYS E 111 27.52 11.81 48.64
CA LYS E 111 28.99 11.90 48.64
C LYS E 111 29.53 13.33 48.52
N LEU E 112 28.76 14.22 47.91
CA LEU E 112 29.20 15.57 47.63
C LEU E 112 29.27 16.50 48.83
N ARG E 113 30.33 17.29 48.92
CA ARG E 113 30.37 18.38 49.89
C ARG E 113 29.23 19.42 49.63
N MET E 114 28.72 20.01 50.69
CA MET E 114 27.60 20.93 50.57
C MET E 114 27.92 22.15 49.74
N ASP E 115 29.21 22.52 49.70
CA ASP E 115 29.67 23.60 48.86
C ASP E 115 30.65 23.13 47.83
N ARG E 116 30.42 21.97 47.24
CA ARG E 116 31.37 21.41 46.27
C ARG E 116 31.63 22.38 45.11
N ALA E 117 32.86 22.37 44.66
CA ALA E 117 33.24 23.11 43.46
C ALA E 117 32.57 22.55 42.22
N ILE E 118 32.17 23.47 41.34
CA ILE E 118 31.55 23.14 40.09
C ILE E 118 32.21 23.97 39.02
N PRO E 119 32.24 23.50 37.79
CA PRO E 119 32.88 24.32 36.77
C PRO E 119 32.09 25.60 36.43
N ASP E 120 32.85 26.63 36.06
CA ASP E 120 32.29 27.86 35.56
C ASP E 120 31.91 27.68 34.11
N THR E 121 30.61 27.60 33.85
CA THR E 121 30.10 27.33 32.53
C THR E 121 29.69 28.58 31.76
N ARG E 122 29.92 29.74 32.32
CA ARG E 122 29.57 30.99 31.67
C ARG E 122 30.49 31.30 30.50
N HIS E 123 29.93 32.02 29.52
CA HIS E 123 30.68 32.59 28.39
C HIS E 123 31.80 33.46 28.94
N ASP E 124 32.89 33.50 28.19
CA ASP E 124 34.04 34.33 28.51
C ASP E 124 33.74 35.78 28.91
N GLN E 125 32.83 36.40 28.18
CA GLN E 125 32.50 37.79 28.37
C GLN E 125 31.86 38.01 29.72
N CYS E 126 31.10 37.03 30.21
CA CYS E 126 30.46 37.16 31.51
C CYS E 126 31.50 37.24 32.58
N GLN E 127 32.58 36.48 32.43
CA GLN E 127 33.56 36.35 33.51
C GLN E 127 34.38 37.60 33.70
N ARG E 128 34.39 38.48 32.68
CA ARG E 128 35.12 39.73 32.74
C ARG E 128 34.30 40.87 33.26
N LYS E 129 32.99 40.83 32.99
CA LYS E 129 32.06 41.86 33.46
C LYS E 129 32.22 42.05 34.97
N GLN E 130 32.30 43.30 35.40
CA GLN E 130 32.22 43.63 36.84
C GLN E 130 30.74 43.97 37.11
N TRP E 131 30.08 43.22 37.97
CA TRP E 131 28.62 43.33 38.11
C TRP E 131 28.28 44.40 39.09
N ARG E 132 27.29 45.21 38.76
CA ARG E 132 26.65 46.07 39.72
C ARG E 132 26.20 45.27 40.93
N VAL E 133 26.20 45.97 42.04
CA VAL E 133 25.82 45.42 43.33
C VAL E 133 24.82 46.37 44.04
N ASP E 134 24.57 47.54 43.43
CA ASP E 134 23.58 48.53 43.90
C ASP E 134 22.22 48.19 43.29
N LEU E 135 21.71 47.06 43.75
CA LEU E 135 20.55 46.38 43.17
C LEU E 135 19.61 46.02 44.33
N PRO E 136 18.34 45.80 44.03
CA PRO E 136 17.40 45.42 45.06
C PRO E 136 17.65 44.03 45.54
N ALA E 137 17.49 43.79 46.83
CA ALA E 137 17.72 42.47 47.39
C ALA E 137 16.53 41.57 47.07
N THR E 138 16.72 40.25 47.16
CA THR E 138 15.68 39.31 46.84
C THR E 138 15.40 38.36 47.98
N SER E 139 14.15 37.88 48.02
CA SER E 139 13.75 36.81 48.88
C SER E 139 13.71 35.59 48.02
N VAL E 140 14.47 34.57 48.38
CA VAL E 140 14.55 33.37 47.57
C VAL E 140 13.56 32.37 48.13
N VAL E 141 12.64 31.89 47.30
CA VAL E 141 11.63 30.92 47.71
C VAL E 141 11.94 29.56 47.14
N ILE E 142 12.06 28.58 48.01
CA ILE E 142 12.32 27.18 47.60
C ILE E 142 11.31 26.26 48.26
N THR E 143 10.43 25.65 47.47
CA THR E 143 9.46 24.71 48.01
C THR E 143 10.00 23.31 47.84
N PHE E 144 9.60 22.41 48.69
CA PHE E 144 10.04 21.04 48.58
C PHE E 144 9.08 20.09 49.23
N HIS E 145 9.03 18.89 48.68
CA HIS E 145 8.25 17.81 49.26
C HIS E 145 9.10 16.55 49.23
N ASN E 146 9.57 16.11 50.41
CA ASN E 146 10.43 14.92 50.53
C ASN E 146 11.64 14.99 49.62
N GLU E 147 12.42 16.04 49.80
CA GLU E 147 13.61 16.21 49.05
C GLU E 147 14.74 15.48 49.79
N ALA E 148 15.77 15.06 49.06
CA ALA E 148 16.95 14.50 49.68
C ALA E 148 17.67 15.56 50.45
N ARG E 149 18.04 15.26 51.67
CA ARG E 149 18.70 16.24 52.48
C ARG E 149 19.95 16.82 51.84
N SER E 150 20.76 15.98 51.23
CA SER E 150 22.01 16.46 50.66
C SER E 150 21.70 17.49 49.56
N ALA E 151 20.68 17.23 48.75
CA ALA E 151 20.38 18.13 47.63
C ALA E 151 19.79 19.48 48.08
N LEU E 152 18.92 19.42 49.08
CA LEU E 152 18.30 20.60 49.66
C LEU E 152 19.34 21.51 50.34
N LEU E 153 20.20 20.91 51.15
CA LEU E 153 21.27 21.66 51.80
C LEU E 153 22.16 22.34 50.76
N ARG E 154 22.52 21.60 49.73
CA ARG E 154 23.40 22.09 48.72
C ARG E 154 22.75 23.24 47.90
N THR E 155 21.44 23.21 47.72
CA THR E 155 20.75 24.30 47.04
C THR E 155 20.89 25.56 47.90
N VAL E 156 20.57 25.42 49.17
CA VAL E 156 20.65 26.53 50.11
C VAL E 156 22.06 27.11 50.21
N VAL E 157 23.06 26.28 50.39
CA VAL E 157 24.41 26.85 50.48
C VAL E 157 24.92 27.39 49.17
N SER E 158 24.52 26.85 48.03
CA SER E 158 24.95 27.49 46.79
C SER E 158 24.38 28.92 46.72
N VAL E 159 23.16 29.13 47.20
CA VAL E 159 22.61 30.48 47.23
C VAL E 159 23.44 31.40 48.14
N LEU E 160 23.74 30.94 49.36
CA LEU E 160 24.42 31.80 50.31
C LEU E 160 25.87 32.03 49.91
N LYS E 161 26.52 31.06 49.29
CA LYS E 161 27.90 31.19 49.00
C LYS E 161 28.16 32.01 47.74
N LYS E 162 27.31 31.89 46.71
CA LYS E 162 27.57 32.48 45.39
C LYS E 162 26.93 33.86 45.21
N SER E 163 26.11 34.29 46.17
CA SER E 163 25.38 35.53 46.07
C SER E 163 25.97 36.58 47.04
N PRO E 164 26.10 37.84 46.60
CA PRO E 164 26.52 38.88 47.55
C PRO E 164 25.57 38.93 48.72
N PRO E 165 26.10 38.90 49.94
CA PRO E 165 25.21 38.79 51.12
C PRO E 165 24.15 39.85 51.21
N HIS E 166 24.47 41.08 50.84
CA HIS E 166 23.48 42.17 50.96
C HIS E 166 22.32 42.04 49.96
N LEU E 167 22.45 41.20 48.94
CA LEU E 167 21.35 40.97 48.00
C LEU E 167 20.47 39.80 48.38
N ILE E 168 20.86 39.01 49.38
CA ILE E 168 19.98 38.01 49.94
C ILE E 168 19.29 38.49 51.22
N LYS E 169 18.02 38.85 51.08
CA LYS E 169 17.22 39.23 52.22
C LYS E 169 16.99 38.04 53.14
N GLU E 170 16.62 36.93 52.53
CA GLU E 170 16.21 35.74 53.22
C GLU E 170 16.06 34.60 52.21
N ILE E 171 16.12 33.38 52.73
CA ILE E 171 15.77 32.20 51.98
C ILE E 171 14.59 31.59 52.70
N ILE E 172 13.46 31.54 52.03
CA ILE E 172 12.24 30.96 52.57
C ILE E 172 12.05 29.56 52.02
N LEU E 173 12.15 28.59 52.91
CA LEU E 173 11.95 27.20 52.60
C LEU E 173 10.51 26.85 52.93
N VAL E 174 9.73 26.44 51.91
CA VAL E 174 8.33 26.06 52.09
C VAL E 174 8.26 24.54 52.09
N ASP E 175 8.19 23.94 53.27
CA ASP E 175 8.08 22.50 53.42
C ASP E 175 6.65 22.10 53.08
N ASP E 176 6.45 21.47 51.92
CA ASP E 176 5.11 21.14 51.45
C ASP E 176 4.73 19.78 51.97
N TYR E 177 4.54 19.71 53.27
CA TYR E 177 4.09 18.49 53.96
C TYR E 177 4.99 17.27 53.73
N SER E 178 6.30 17.44 53.88
CA SER E 178 7.25 16.32 53.82
C SER E 178 6.93 15.33 54.95
N ASN E 179 7.23 14.05 54.74
CA ASN E 179 7.01 13.06 55.80
C ASN E 179 7.67 13.46 57.09
N ASP E 180 8.93 13.87 57.02
CA ASP E 180 9.70 14.26 58.20
C ASP E 180 9.91 15.79 58.26
N PRO E 181 9.27 16.48 59.23
CA PRO E 181 9.42 17.92 59.32
C PRO E 181 10.82 18.40 59.65
N GLU E 182 11.69 17.50 60.11
CA GLU E 182 13.05 17.89 60.44
C GLU E 182 13.93 18.19 59.22
N ASP E 183 13.56 17.66 58.05
CA ASP E 183 14.26 18.00 56.80
C ASP E 183 14.37 19.53 56.70
N GLY E 184 13.27 20.20 56.93
CA GLY E 184 13.25 21.63 56.85
C GLY E 184 13.73 22.28 58.15
N ALA E 185 13.15 21.89 59.27
CA ALA E 185 13.38 22.59 60.53
C ALA E 185 14.84 22.64 60.92
N LEU E 186 15.60 21.58 60.71
CA LEU E 186 17.04 21.63 61.02
C LEU E 186 17.80 22.74 60.25
N LEU E 187 17.34 23.08 59.05
CA LEU E 187 17.98 24.10 58.24
C LEU E 187 17.65 25.51 58.72
N GLY E 188 16.61 25.67 59.51
CA GLY E 188 16.26 26.95 60.09
C GLY E 188 17.35 27.54 60.98
N LYS E 189 18.30 26.74 61.41
CA LYS E 189 19.46 27.24 62.15
C LYS E 189 20.42 28.03 61.31
N ILE E 190 20.38 27.85 60.00
CA ILE E 190 21.31 28.55 59.13
C ILE E 190 20.91 30.00 58.93
N GLU E 191 21.91 30.88 58.93
CA GLU E 191 21.72 32.31 58.62
C GLU E 191 20.73 32.53 57.46
N LYS E 192 19.78 33.41 57.68
CA LYS E 192 18.85 33.89 56.67
C LYS E 192 17.81 32.92 56.24
N VAL E 193 17.87 31.69 56.75
CA VAL E 193 16.88 30.71 56.42
C VAL E 193 15.66 30.78 57.34
N ARG E 194 14.49 30.91 56.69
CA ARG E 194 13.22 30.81 57.36
C ARG E 194 12.46 29.64 56.81
N VAL E 195 11.81 28.88 57.66
CA VAL E 195 11.04 27.74 57.18
C VAL E 195 9.57 27.82 57.54
N LEU E 196 8.76 27.48 56.54
CA LEU E 196 7.33 27.52 56.57
C LEU E 196 6.88 26.11 56.25
N ARG E 197 6.08 25.49 57.11
CA ARG E 197 5.62 24.13 56.86
C ARG E 197 4.15 24.12 56.57
N ASN E 198 3.77 23.54 55.45
CA ASN E 198 2.36 23.35 55.13
C ASN E 198 1.85 22.20 55.99
N ASP E 199 0.72 22.41 56.64
CA ASP E 199 0.11 21.43 57.45
C ASP E 199 -0.60 20.34 56.71
N ARG E 200 -0.80 20.54 55.43
CA ARG E 200 -1.20 19.46 54.52
C ARG E 200 -0.53 19.67 53.17
N ARG E 201 -0.63 18.70 52.31
CA ARG E 201 -0.03 18.79 50.99
C ARG E 201 -0.75 19.83 50.14
N GLU E 202 0.00 20.76 49.57
CA GLU E 202 -0.58 21.86 48.78
C GLU E 202 -0.13 21.93 47.35
N GLY E 203 1.02 21.34 47.03
CA GLY E 203 1.52 21.41 45.67
C GLY E 203 2.40 22.62 45.47
N LEU E 204 3.16 22.60 44.38
CA LEU E 204 4.14 23.61 44.19
C LEU E 204 3.55 24.99 43.91
N MET E 205 2.38 25.06 43.28
CA MET E 205 1.84 26.38 42.94
C MET E 205 1.36 27.11 44.20
N ARG E 206 0.57 26.45 45.04
CA ARG E 206 0.10 27.09 46.27
C ARG E 206 1.26 27.30 47.25
N SER E 207 2.21 26.38 47.25
CA SER E 207 3.37 26.54 48.14
C SER E 207 4.19 27.79 47.70
N ARG E 208 4.35 27.99 46.40
CA ARG E 208 5.17 29.13 45.94
C ARG E 208 4.50 30.41 46.31
N VAL E 209 3.19 30.41 46.24
CA VAL E 209 2.44 31.60 46.58
C VAL E 209 2.53 31.88 48.06
N ARG E 210 2.52 30.83 48.87
CA ARG E 210 2.72 31.07 50.33
C ARG E 210 4.08 31.73 50.58
N GLY E 211 5.09 31.23 49.90
CA GLY E 211 6.43 31.80 49.98
C GLY E 211 6.49 33.24 49.52
N ALA E 212 5.89 33.52 48.37
CA ALA E 212 5.79 34.88 47.92
C ALA E 212 5.04 35.83 48.89
N ASP E 213 3.94 35.38 49.49
CA ASP E 213 3.14 36.18 50.40
C ASP E 213 3.85 36.46 51.73
N ALA E 214 4.86 35.66 52.08
CA ALA E 214 5.68 35.90 53.25
C ALA E 214 6.92 36.70 52.98
N ALA E 215 7.22 36.93 51.72
CA ALA E 215 8.52 37.53 51.37
C ALA E 215 8.59 39.00 51.78
N GLN E 216 9.72 39.42 52.31
CA GLN E 216 9.92 40.82 52.70
C GLN E 216 10.56 41.69 51.62
N ALA E 217 11.29 41.09 50.69
CA ALA E 217 12.04 41.86 49.73
C ALA E 217 11.19 42.32 48.57
N LYS E 218 11.74 43.26 47.82
CA LYS E 218 11.09 43.81 46.64
C LYS E 218 11.05 42.79 45.46
N VAL E 219 11.98 41.86 45.42
CA VAL E 219 12.12 40.96 44.29
C VAL E 219 12.11 39.52 44.76
N LEU E 220 11.36 38.67 44.03
CA LEU E 220 11.30 37.25 44.30
C LEU E 220 12.22 36.47 43.39
N THR E 221 12.87 35.45 43.96
CA THR E 221 13.58 34.45 43.21
C THR E 221 13.03 33.06 43.58
N PHE E 222 12.62 32.24 42.58
CA PHE E 222 12.17 30.85 42.80
C PHE E 222 13.20 29.89 42.24
N LEU E 223 13.53 28.86 43.05
CA LEU E 223 14.42 27.79 42.69
C LEU E 223 13.83 26.46 43.12
N ASP E 224 14.05 25.39 42.35
CA ASP E 224 13.68 24.06 42.81
C ASP E 224 14.65 23.69 43.89
N SER E 225 14.31 22.65 44.63
CA SER E 225 15.08 22.21 45.81
C SER E 225 16.24 21.28 45.52
N HIS E 226 16.67 21.25 44.28
CA HIS E 226 17.84 20.44 43.88
C HIS E 226 18.59 21.20 42.79
N CYS E 227 19.00 22.41 43.12
CA CYS E 227 19.71 23.30 42.21
C CYS E 227 21.08 23.69 42.80
N GLU E 228 21.98 24.16 41.96
CA GLU E 228 23.29 24.67 42.41
C GLU E 228 23.65 25.89 41.61
N CYS E 229 23.64 27.02 42.28
CA CYS E 229 23.99 28.30 41.67
C CYS E 229 25.44 28.35 41.30
N ASN E 230 25.74 28.97 40.15
CA ASN E 230 27.13 29.22 39.71
C ASN E 230 27.62 30.66 40.03
N GLU E 231 28.84 30.96 39.61
CA GLU E 231 29.44 32.26 39.85
C GLU E 231 28.60 33.43 39.31
N HIS E 232 28.39 34.46 40.16
CA HIS E 232 27.67 35.67 39.76
C HIS E 232 26.36 35.38 39.01
N TRP E 233 25.63 34.40 39.52
CA TRP E 233 24.36 34.00 38.95
C TRP E 233 23.28 35.03 39.17
N LEU E 234 23.37 35.77 40.27
CA LEU E 234 22.24 36.59 40.70
C LEU E 234 22.22 38.00 40.14
N GLU E 235 23.38 38.66 40.12
CA GLU E 235 23.43 40.08 39.69
C GLU E 235 22.84 40.31 38.30
N PRO E 236 23.12 39.42 37.33
CA PRO E 236 22.59 39.63 35.98
C PRO E 236 21.07 39.51 35.90
N LEU E 237 20.47 38.74 36.80
CA LEU E 237 19.02 38.63 36.84
C LEU E 237 18.42 39.90 37.45
N LEU E 238 18.95 40.32 38.60
CA LEU E 238 18.40 41.48 39.31
C LEU E 238 18.53 42.75 38.49
N GLU E 239 19.68 42.93 37.84
CA GLU E 239 19.89 44.02 36.93
C GLU E 239 18.70 44.21 35.97
N ARG E 240 18.16 43.12 35.42
CA ARG E 240 17.10 43.24 34.45
C ARG E 240 15.82 43.75 35.08
N VAL E 241 15.42 43.23 36.23
CA VAL E 241 14.13 43.59 36.76
C VAL E 241 14.21 44.90 37.48
N ALA E 242 15.38 45.27 37.96
CA ALA E 242 15.60 46.62 38.48
C ALA E 242 15.40 47.66 37.39
N GLU E 243 15.89 47.40 36.19
CA GLU E 243 15.70 48.33 35.09
C GLU E 243 14.25 48.39 34.61
N ASP E 244 13.56 47.24 34.53
CA ASP E 244 12.18 47.20 34.06
C ASP E 244 11.44 46.06 34.76
N ARG E 245 10.52 46.43 35.64
CA ARG E 245 9.86 45.50 36.55
C ARG E 245 8.87 44.55 35.88
N THR E 246 8.62 44.73 34.59
CA THR E 246 7.71 43.89 33.87
C THR E 246 8.45 42.73 33.23
N ARG E 247 9.77 42.68 33.40
CA ARG E 247 10.54 41.53 32.93
C ARG E 247 10.60 40.43 33.97
N VAL E 248 10.36 39.22 33.49
CA VAL E 248 10.48 38.01 34.25
C VAL E 248 11.61 37.22 33.62
N VAL E 249 12.63 36.88 34.42
CA VAL E 249 13.88 36.46 33.88
C VAL E 249 14.38 35.17 34.49
N SER E 250 15.06 34.38 33.68
CA SER E 250 15.64 33.10 34.13
C SER E 250 17.09 32.96 33.76
N PRO E 251 17.81 32.12 34.53
CA PRO E 251 19.12 31.71 34.12
C PRO E 251 19.05 30.68 33.03
N ILE E 252 20.18 30.46 32.38
CA ILE E 252 20.42 29.25 31.66
C ILE E 252 20.52 28.16 32.70
N ILE E 253 19.78 27.08 32.50
CA ILE E 253 19.72 26.02 33.46
C ILE E 253 20.71 24.90 33.09
N ASP E 254 21.81 24.78 33.83
CA ASP E 254 22.73 23.71 33.60
C ASP E 254 22.16 22.37 34.07
N VAL E 255 22.77 21.28 33.64
CA VAL E 255 22.33 19.95 33.96
C VAL E 255 23.18 19.32 35.06
N ILE E 256 22.49 18.89 36.12
CA ILE E 256 23.12 18.06 37.11
C ILE E 256 22.61 16.65 36.85
N ASN E 257 23.51 15.78 36.44
CA ASN E 257 23.15 14.46 35.99
C ASN E 257 22.52 13.68 37.14
N MET E 258 21.35 13.12 36.89
CA MET E 258 20.63 12.32 37.90
C MET E 258 21.30 11.00 38.36
N ASP E 259 22.24 10.48 37.56
CA ASP E 259 22.93 9.24 37.90
C ASP E 259 24.27 9.50 38.63
N ASN E 260 25.11 10.37 38.07
CA ASN E 260 26.46 10.64 38.67
C ASN E 260 26.63 11.99 39.36
N PHE E 261 25.64 12.87 39.21
CA PHE E 261 25.66 14.20 39.80
C PHE E 261 26.77 15.14 39.30
N GLN E 262 27.35 14.82 38.16
CA GLN E 262 28.21 15.76 37.51
C GLN E 262 27.40 16.97 37.01
N TYR E 263 28.04 18.12 37.09
CA TYR E 263 27.50 19.38 36.67
C TYR E 263 27.95 19.62 35.25
N VAL E 264 26.99 19.83 34.35
CA VAL E 264 27.25 19.93 32.97
C VAL E 264 26.70 21.22 32.37
N GLY E 265 27.53 21.91 31.61
CA GLY E 265 27.13 23.19 31.01
C GLY E 265 26.11 22.97 29.93
N ALA E 266 25.02 23.67 30.03
CA ALA E 266 24.02 23.64 28.96
C ALA E 266 24.38 24.55 27.78
N SER E 267 23.66 24.35 26.68
CA SER E 267 23.74 25.25 25.55
C SER E 267 23.10 26.60 25.87
N ALA E 268 23.62 27.65 25.28
CA ALA E 268 23.08 29.00 25.44
C ALA E 268 22.24 29.40 24.25
N ASP E 269 22.12 28.51 23.28
CA ASP E 269 21.45 28.86 22.04
C ASP E 269 19.99 28.40 22.01
N LEU E 270 19.41 28.17 23.18
CA LEU E 270 18.03 27.66 23.28
C LEU E 270 17.04 28.72 23.68
N LYS E 271 15.81 28.56 23.25
CA LYS E 271 14.66 29.29 23.75
C LYS E 271 13.61 28.27 24.15
N GLY E 272 12.75 28.65 25.09
CA GLY E 272 11.67 27.79 25.53
C GLY E 272 10.54 27.81 24.54
N GLY E 273 9.83 26.69 24.43
CA GLY E 273 8.66 26.61 23.55
C GLY E 273 7.78 25.38 23.84
N PHE E 274 6.93 25.03 22.88
CA PHE E 274 5.99 23.95 23.07
C PHE E 274 5.33 23.59 21.73
N ASP E 275 4.93 22.32 21.62
CA ASP E 275 4.03 21.87 20.56
C ASP E 275 2.60 21.97 21.04
N TRP E 276 1.66 21.64 20.15
CA TRP E 276 0.26 21.84 20.41
C TRP E 276 -0.27 20.94 21.53
N ASN E 277 0.49 19.94 21.92
CA ASN E 277 0.18 19.22 23.14
C ASN E 277 0.46 20.00 24.43
N LEU E 278 1.01 21.21 24.30
CA LEU E 278 1.32 22.06 25.44
C LEU E 278 2.32 21.45 26.48
N VAL E 279 3.19 20.56 26.03
CA VAL E 279 4.30 20.17 26.84
C VAL E 279 5.52 21.06 26.51
N PHE E 280 6.17 21.53 27.54
CA PHE E 280 7.36 22.34 27.40
C PHE E 280 8.47 21.62 26.68
N LYS E 281 9.13 22.33 25.77
CA LYS E 281 10.28 21.82 25.09
C LYS E 281 11.29 22.95 24.77
N TRP E 282 12.54 22.58 24.50
CA TRP E 282 13.58 23.51 24.14
C TRP E 282 13.75 23.55 22.64
N ASP E 283 13.75 24.76 22.07
CA ASP E 283 13.96 24.99 20.66
C ASP E 283 15.37 25.56 20.56
N TYR E 284 16.13 25.19 19.53
CA TYR E 284 17.28 26.00 19.15
C TYR E 284 16.78 27.31 18.54
N MET E 285 17.50 28.41 18.76
CA MET E 285 17.29 29.62 17.97
C MET E 285 17.48 29.34 16.49
N THR E 286 16.87 30.17 15.64
CA THR E 286 17.08 30.04 14.20
C THR E 286 18.45 30.61 13.83
N PRO E 287 18.96 30.21 12.67
CA PRO E 287 20.20 30.77 12.17
C PRO E 287 20.15 32.28 12.12
N GLU E 288 19.00 32.83 11.74
CA GLU E 288 18.82 34.28 11.68
C GLU E 288 18.99 34.91 13.07
N GLN E 289 18.33 34.37 14.08
CA GLN E 289 18.45 34.91 15.46
C GLN E 289 19.90 34.86 15.94
N ARG E 290 20.58 33.72 15.75
CA ARG E 290 21.97 33.55 16.18
C ARG E 290 22.86 34.59 15.51
N ARG E 291 22.64 34.79 14.22
CA ARG E 291 23.45 35.75 13.45
C ARG E 291 23.27 37.18 13.97
N SER E 292 22.04 37.56 14.31
CA SER E 292 21.77 38.91 14.85
C SER E 292 22.39 39.19 16.22
N ARG E 293 22.83 38.14 16.93
CA ARG E 293 23.43 38.27 18.23
C ARG E 293 24.95 38.25 18.20
N GLN E 294 25.55 38.03 17.03
CA GLN E 294 27.01 37.88 16.91
C GLN E 294 27.76 39.05 17.56
N GLY E 295 27.20 40.26 17.45
CA GLY E 295 27.78 41.44 18.07
C GLY E 295 27.69 41.50 19.58
N ASN E 296 26.71 40.82 20.18
CA ASN E 296 26.66 40.69 21.65
C ASN E 296 26.09 39.36 22.09
N PRO E 297 26.96 38.36 22.17
CA PRO E 297 26.45 37.00 22.31
C PRO E 297 25.91 36.67 23.69
N VAL E 298 26.12 37.51 24.68
CA VAL E 298 25.52 37.26 26.00
C VAL E 298 24.35 38.16 26.31
N ALA E 299 23.79 38.76 25.28
CA ALA E 299 22.59 39.58 25.46
C ALA E 299 21.40 38.71 25.91
N PRO E 300 20.44 39.33 26.60
CA PRO E 300 19.19 38.64 26.96
C PRO E 300 18.55 37.96 25.77
N ILE E 301 17.95 36.79 26.00
CA ILE E 301 17.18 36.12 24.98
C ILE E 301 15.69 36.14 25.31
N LYS E 302 14.89 36.74 24.45
CA LYS E 302 13.44 36.73 24.62
C LYS E 302 12.91 35.35 24.35
N THR E 303 12.06 34.86 25.25
CA THR E 303 11.58 33.52 25.15
C THR E 303 10.08 33.48 25.24
N PRO E 304 9.45 32.69 24.37
CA PRO E 304 7.99 32.51 24.41
C PRO E 304 7.50 31.86 25.67
N MET E 305 8.37 31.09 26.28
CA MET E 305 7.99 30.33 27.45
C MET E 305 9.18 30.01 28.33
N ILE E 306 9.00 30.08 29.65
CA ILE E 306 10.04 29.69 30.59
C ILE E 306 9.85 28.26 31.03
N ALA E 307 10.94 27.62 31.45
CA ALA E 307 10.90 26.22 31.91
C ALA E 307 10.02 26.12 33.15
N GLY E 308 10.16 27.11 34.04
CA GLY E 308 9.17 27.39 35.06
C GLY E 308 9.63 27.38 36.48
N GLY E 309 10.71 26.67 36.74
CA GLY E 309 11.16 26.50 38.14
C GLY E 309 12.21 27.46 38.65
N LEU E 310 12.86 28.16 37.74
CA LEU E 310 13.92 29.05 38.12
C LEU E 310 13.66 30.36 37.44
N PHE E 311 13.20 31.33 38.21
CA PHE E 311 13.03 32.64 37.67
C PHE E 311 13.03 33.73 38.74
N VAL E 312 13.18 34.96 38.28
CA VAL E 312 13.25 36.11 39.16
C VAL E 312 12.14 37.03 38.67
N MET E 313 11.37 37.59 39.61
CA MET E 313 10.27 38.46 39.25
C MET E 313 10.04 39.51 40.31
N ASP E 314 9.74 40.74 39.90
CA ASP E 314 9.44 41.83 40.85
C ASP E 314 8.24 41.41 41.67
N LYS E 315 8.32 41.53 42.99
CA LYS E 315 7.29 40.94 43.82
C LYS E 315 5.90 41.56 43.65
N PHE E 316 5.87 42.86 43.57
CA PHE E 316 4.63 43.59 43.36
C PHE E 316 4.03 43.29 41.98
N TYR E 317 4.88 43.08 40.99
CA TYR E 317 4.43 42.69 39.67
C TYR E 317 3.82 41.31 39.73
N PHE E 318 4.43 40.40 40.46
CA PHE E 318 3.91 39.06 40.63
C PHE E 318 2.51 39.11 41.24
N GLU E 319 2.29 40.01 42.20
CA GLU E 319 0.98 40.20 42.86
C GLU E 319 -0.07 40.78 41.92
N GLU E 320 0.27 41.88 41.27
CA GLU E 320 -0.63 42.55 40.33
C GLU E 320 -1.07 41.70 39.18
N LEU E 321 -0.16 40.88 38.65
CA LEU E 321 -0.53 40.02 37.57
C LEU E 321 -1.35 38.81 38.00
N GLY E 322 -1.55 38.59 39.29
CA GLY E 322 -2.36 37.45 39.76
C GLY E 322 -1.57 36.23 40.23
N LYS E 323 -0.38 36.47 40.76
CA LYS E 323 0.38 35.40 41.39
C LYS E 323 0.40 34.13 40.51
N TYR E 324 -0.14 33.02 41.02
CA TYR E 324 -0.40 31.83 40.25
C TYR E 324 -1.88 31.47 40.45
N ASP E 325 -2.39 30.60 39.58
CA ASP E 325 -3.78 30.10 39.70
C ASP E 325 -3.85 29.15 40.88
N MET E 326 -4.47 29.59 41.96
CA MET E 326 -4.47 28.81 43.22
C MET E 326 -5.19 27.46 43.16
N MET E 327 -5.90 27.18 42.08
CA MET E 327 -6.58 25.91 41.95
C MET E 327 -5.82 24.86 41.09
N MET E 328 -4.62 25.19 40.64
CA MET E 328 -3.75 24.18 40.06
C MET E 328 -3.10 23.37 41.17
N ASP E 329 -2.92 22.08 40.92
CA ASP E 329 -2.50 21.13 41.96
C ASP E 329 -1.19 20.43 41.64
N VAL E 330 -0.46 20.11 42.70
CA VAL E 330 0.77 19.35 42.65
C VAL E 330 1.93 19.85 41.74
N TRP E 331 1.77 19.69 40.42
CA TRP E 331 2.85 19.88 39.44
C TRP E 331 2.27 19.99 38.04
N GLY E 332 2.94 20.77 37.19
CA GLY E 332 2.61 20.89 35.78
C GLY E 332 1.60 21.96 35.51
N GLY E 333 1.83 22.61 34.36
CA GLY E 333 0.94 23.60 33.82
C GLY E 333 1.13 25.03 34.15
N GLU E 334 1.72 25.33 35.29
CA GLU E 334 1.74 26.71 35.77
C GLU E 334 2.75 27.55 35.00
N ASN E 335 3.82 26.91 34.56
CA ASN E 335 4.78 27.57 33.66
C ASN E 335 4.15 28.05 32.37
N LEU E 336 3.20 27.30 31.86
CA LEU E 336 2.49 27.64 30.63
C LEU E 336 1.61 28.83 30.91
N GLU E 337 0.83 28.72 31.98
CA GLU E 337 -0.12 29.75 32.37
C GLU E 337 0.54 31.11 32.62
N ILE E 338 1.59 31.13 33.43
CA ILE E 338 2.24 32.39 33.72
C ILE E 338 2.98 32.95 32.50
N SER E 339 3.50 32.09 31.64
CA SER E 339 4.18 32.57 30.45
C SER E 339 3.19 33.30 29.51
N PHE E 340 2.02 32.71 29.29
CA PHE E 340 1.01 33.35 28.47
C PHE E 340 0.56 34.66 29.11
N ARG E 341 0.30 34.63 30.41
CA ARG E 341 -0.28 35.76 31.12
C ARG E 341 0.68 36.92 31.05
N VAL E 342 1.94 36.69 31.35
CA VAL E 342 2.93 37.79 31.31
C VAL E 342 2.97 38.43 29.88
N TRP E 343 3.08 37.61 28.84
CA TRP E 343 3.26 38.14 27.51
C TRP E 343 1.99 38.83 27.05
N GLN E 344 0.86 38.19 27.27
CA GLN E 344 -0.40 38.77 26.80
C GLN E 344 -0.77 40.02 27.60
N CYS E 345 -0.31 40.13 28.84
CA CYS E 345 -0.73 41.23 29.66
C CYS E 345 0.33 42.33 29.83
N GLY E 346 1.32 42.38 28.92
CA GLY E 346 2.18 43.54 28.83
C GLY E 346 3.63 43.37 29.30
N GLY E 347 3.98 42.24 29.91
CA GLY E 347 5.34 41.99 30.33
C GLY E 347 6.21 41.27 29.30
N SER E 348 7.35 40.75 29.76
CA SER E 348 8.20 39.93 28.89
C SER E 348 8.92 38.86 29.67
N LEU E 349 9.39 37.85 28.94
CA LEU E 349 10.10 36.71 29.49
C LEU E 349 11.49 36.70 28.87
N GLU E 350 12.51 36.52 29.69
CA GLU E 350 13.89 36.45 29.19
C GLU E 350 14.68 35.31 29.84
N ILE E 351 15.70 34.86 29.11
CA ILE E 351 16.73 33.95 29.57
C ILE E 351 18.02 34.74 29.51
N ILE E 352 18.80 34.67 30.56
CA ILE E 352 19.94 35.56 30.74
C ILE E 352 21.24 34.73 30.78
N PRO E 353 21.99 34.73 29.67
CA PRO E 353 23.12 33.81 29.52
C PRO E 353 24.18 33.89 30.57
N CYS E 354 24.45 35.08 31.10
CA CYS E 354 25.47 35.21 32.13
C CYS E 354 25.07 34.58 33.47
N SER E 355 23.77 34.29 33.63
CA SER E 355 23.26 33.64 34.84
C SER E 355 23.13 32.11 34.62
N ARG E 356 23.89 31.35 35.41
CA ARG E 356 23.96 29.91 35.29
C ARG E 356 23.55 29.25 36.61
N VAL E 357 22.58 28.36 36.54
CA VAL E 357 22.17 27.56 37.68
C VAL E 357 21.88 26.11 37.27
N GLY E 358 22.52 25.18 37.92
CA GLY E 358 22.32 23.76 37.64
C GLY E 358 21.10 23.18 38.31
N HIS E 359 20.54 22.15 37.71
CA HIS E 359 19.26 21.53 38.14
C HIS E 359 19.29 20.03 37.89
N VAL E 360 18.86 19.25 38.87
CA VAL E 360 18.81 17.82 38.71
C VAL E 360 17.59 17.45 37.85
N PHE E 361 17.79 17.28 36.55
CA PHE E 361 16.69 16.85 35.69
C PHE E 361 16.46 15.36 35.94
N ARG E 362 15.22 14.97 36.13
CA ARG E 362 14.89 13.55 36.25
C ARG E 362 13.80 13.10 35.25
N LYS E 363 13.63 11.80 35.10
CA LYS E 363 12.67 11.24 34.14
C LYS E 363 11.35 10.92 34.78
N GLN E 364 11.33 10.70 36.09
CA GLN E 364 10.05 10.40 36.80
C GLN E 364 9.88 11.21 38.08
N HIS E 365 8.63 11.44 38.47
CA HIS E 365 8.31 12.06 39.75
C HIS E 365 8.46 11.03 40.87
N PRO E 366 9.09 11.41 41.97
CA PRO E 366 9.21 10.49 43.10
C PRO E 366 8.04 10.59 44.10
N TYR E 367 7.09 11.51 43.88
CA TYR E 367 6.02 11.77 44.86
C TYR E 367 4.63 11.47 44.25
N THR E 368 3.64 11.46 45.13
CA THR E 368 2.26 11.08 44.77
C THR E 368 1.47 12.24 44.16
N PHE E 369 0.56 11.89 43.27
CA PHE E 369 -0.44 12.81 42.73
C PHE E 369 -1.81 12.26 43.07
N PRO E 370 -2.59 12.98 43.89
CA PRO E 370 -4.01 12.61 44.02
C PRO E 370 -4.80 12.69 42.72
N GLY E 371 -5.25 11.52 42.28
CA GLY E 371 -5.89 11.34 40.99
C GLY E 371 -5.00 10.73 39.90
N GLY E 372 -3.67 10.79 40.06
CA GLY E 372 -2.72 10.30 39.05
C GLY E 372 -2.08 11.49 38.33
N SER E 373 -0.80 11.40 38.06
CA SER E 373 -0.11 12.51 37.41
C SER E 373 -0.71 12.88 36.03
N GLY E 374 -1.04 11.88 35.23
CA GLY E 374 -1.63 12.10 33.92
C GLY E 374 -2.79 13.07 34.00
N THR E 375 -3.66 12.82 34.96
CA THR E 375 -4.93 13.54 35.01
C THR E 375 -4.77 14.93 35.68
N VAL E 376 -3.88 15.03 36.66
CA VAL E 376 -3.59 16.32 37.27
C VAL E 376 -2.96 17.30 36.27
N PHE E 377 -2.00 16.79 35.49
CA PHE E 377 -1.31 17.58 34.49
C PHE E 377 -2.31 18.11 33.45
N ALA E 378 -3.25 17.25 33.06
CA ALA E 378 -4.23 17.65 32.05
C ALA E 378 -5.20 18.66 32.65
N ARG E 379 -5.60 18.46 33.90
CA ARG E 379 -6.47 19.45 34.55
C ARG E 379 -5.80 20.82 34.59
N ASN E 380 -4.58 20.86 35.13
CA ASN E 380 -3.85 22.13 35.20
C ASN E 380 -3.70 22.75 33.81
N THR E 381 -3.35 21.93 32.82
CA THR E 381 -3.14 22.47 31.47
C THR E 381 -4.42 23.03 30.91
N ARG E 382 -5.54 22.36 31.17
CA ARG E 382 -6.84 22.85 30.72
C ARG E 382 -7.17 24.17 31.33
N ARG E 383 -6.87 24.32 32.63
CA ARG E 383 -7.13 25.62 33.28
C ARG E 383 -6.36 26.75 32.65
N ALA E 384 -5.17 26.47 32.17
CA ALA E 384 -4.44 27.48 31.38
C ALA E 384 -5.05 27.73 30.01
N ALA E 385 -5.32 26.65 29.28
CA ALA E 385 -5.81 26.79 27.89
C ALA E 385 -7.15 27.49 27.83
N GLU E 386 -8.07 27.12 28.72
CA GLU E 386 -9.42 27.68 28.70
C GLU E 386 -9.48 29.15 29.05
N VAL E 387 -8.49 29.65 29.77
CA VAL E 387 -8.44 31.06 30.19
C VAL E 387 -7.69 31.92 29.19
N TRP E 388 -6.64 31.38 28.56
CA TRP E 388 -5.68 32.24 27.81
C TRP E 388 -5.67 32.02 26.28
N MET E 389 -6.04 30.84 25.80
CA MET E 389 -5.77 30.49 24.40
C MET E 389 -6.88 30.83 23.38
N ASP E 390 -8.01 31.36 23.87
CA ASP E 390 -9.14 31.64 22.99
C ASP E 390 -9.45 30.38 22.18
N GLU E 391 -9.71 30.52 20.87
CA GLU E 391 -10.09 29.36 20.01
C GLU E 391 -8.94 28.38 19.76
N TYR E 392 -7.72 28.84 19.98
CA TYR E 392 -6.57 28.00 19.66
C TYR E 392 -6.47 26.83 20.61
N LYS E 393 -7.25 26.87 21.68
CA LYS E 393 -7.34 25.68 22.58
C LYS E 393 -7.74 24.43 21.82
N ASN E 394 -8.50 24.62 20.76
CA ASN E 394 -8.98 23.47 19.98
C ASN E 394 -7.84 22.72 19.32
N PHE E 395 -6.75 23.40 19.02
CA PHE E 395 -5.57 22.67 18.53
C PHE E 395 -4.93 21.81 19.62
N TYR E 396 -5.03 22.22 20.88
CA TYR E 396 -4.56 21.41 21.99
C TYR E 396 -5.41 20.17 22.08
N TYR E 397 -6.73 20.34 22.08
CA TYR E 397 -7.65 19.19 22.12
C TYR E 397 -7.51 18.28 20.87
N ALA E 398 -7.15 18.84 19.73
CA ALA E 398 -6.86 18.02 18.56
C ALA E 398 -5.63 17.15 18.77
N ALA E 399 -4.67 17.63 19.54
CA ALA E 399 -3.46 16.83 19.84
C ALA E 399 -3.67 15.89 20.99
N VAL E 400 -4.54 16.26 21.92
CA VAL E 400 -4.77 15.48 23.15
C VAL E 400 -6.27 15.35 23.39
N PRO E 401 -6.93 14.52 22.58
CA PRO E 401 -8.38 14.50 22.65
C PRO E 401 -8.89 13.99 23.97
N SER E 402 -8.15 13.12 24.64
CA SER E 402 -8.51 12.64 25.99
C SER E 402 -8.69 13.75 27.05
N ALA E 403 -8.06 14.90 26.83
CA ALA E 403 -8.18 15.99 27.76
C ALA E 403 -9.58 16.58 27.85
N ARG E 404 -10.37 16.48 26.77
CA ARG E 404 -11.76 16.97 26.79
C ARG E 404 -12.63 16.32 27.87
N ASN E 405 -12.24 15.13 28.32
CA ASN E 405 -12.98 14.42 29.35
C ASN E 405 -12.49 14.66 30.78
N VAL E 406 -11.50 15.53 30.93
CA VAL E 406 -10.97 15.84 32.23
C VAL E 406 -11.63 17.09 32.82
N PRO E 407 -12.39 16.93 33.92
CA PRO E 407 -12.94 18.11 34.60
C PRO E 407 -11.85 19.00 35.21
N TYR E 408 -12.07 20.31 35.10
CA TYR E 408 -11.08 21.29 35.49
C TYR E 408 -11.54 22.37 36.47
N GLY E 409 -12.79 22.33 36.91
CA GLY E 409 -13.28 23.23 37.96
C GLY E 409 -13.60 24.64 37.48
N ASN E 410 -13.82 25.51 38.45
CA ASN E 410 -14.20 26.87 38.16
C ASN E 410 -13.01 27.78 37.79
N ILE E 411 -13.13 28.52 36.69
CA ILE E 411 -12.07 29.40 36.20
C ILE E 411 -12.45 30.86 36.17
N GLN E 412 -13.50 31.20 36.90
CA GLN E 412 -14.11 32.50 36.79
C GLN E 412 -13.19 33.60 37.23
N SER E 413 -12.53 33.43 38.37
CA SER E 413 -11.72 34.54 38.88
C SER E 413 -10.49 34.76 38.01
N ARG E 414 -10.05 33.73 37.31
CA ARG E 414 -8.96 33.85 36.35
C ARG E 414 -9.41 34.57 35.09
N LEU E 415 -10.63 34.29 34.64
CA LEU E 415 -11.21 35.04 33.54
C LEU E 415 -11.43 36.50 33.89
N GLU E 416 -11.89 36.78 35.11
CA GLU E 416 -12.07 38.16 35.54
C GLU E 416 -10.73 38.90 35.65
N LEU E 417 -9.71 38.16 36.06
CA LEU E 417 -8.33 38.66 36.07
C LEU E 417 -7.84 39.09 34.69
N ARG E 418 -8.08 38.24 33.70
CA ARG E 418 -7.72 38.60 32.34
C ARG E 418 -8.41 39.88 31.86
N LYS E 419 -9.72 40.01 32.14
CA LYS E 419 -10.45 41.23 31.76
C LYS E 419 -9.86 42.46 32.44
N LYS E 420 -9.71 42.35 33.74
CA LYS E 420 -9.21 43.43 34.56
C LYS E 420 -7.83 43.97 34.11
N LEU E 421 -6.96 43.10 33.60
CA LEU E 421 -5.62 43.49 33.16
C LEU E 421 -5.54 43.99 31.71
N SER E 422 -6.61 43.86 30.95
CA SER E 422 -6.54 44.24 29.53
C SER E 422 -5.40 43.49 28.84
N CYS E 423 -5.65 42.22 28.56
CA CYS E 423 -4.64 41.38 27.98
C CYS E 423 -4.98 41.23 26.50
N LYS E 424 -3.96 41.05 25.67
CA LYS E 424 -4.13 40.83 24.25
C LYS E 424 -4.54 39.43 23.95
N PRO E 425 -5.11 39.21 22.78
CA PRO E 425 -5.62 37.86 22.48
C PRO E 425 -4.51 36.91 22.12
N PHE E 426 -4.80 35.62 22.16
CA PHE E 426 -3.78 34.64 21.90
C PHE E 426 -3.21 34.74 20.48
N LYS E 427 -4.02 35.18 19.55
CA LYS E 427 -3.57 35.42 18.19
C LYS E 427 -2.42 36.40 18.17
N TRP E 428 -2.51 37.40 19.02
CA TRP E 428 -1.42 38.36 19.15
C TRP E 428 -0.16 37.68 19.64
N TYR E 429 -0.32 36.80 20.64
CA TYR E 429 0.82 36.07 21.20
C TYR E 429 1.49 35.23 20.13
N LEU E 430 0.70 34.54 19.32
CA LEU E 430 1.30 33.73 18.27
C LEU E 430 2.05 34.55 17.24
N GLU E 431 1.50 35.69 16.85
CA GLU E 431 2.10 36.47 15.77
C GLU E 431 3.33 37.20 16.24
N ASN E 432 3.30 37.70 17.47
CA ASN E 432 4.35 38.58 17.95
C ASN E 432 5.37 37.95 18.89
N VAL E 433 5.01 36.87 19.58
CA VAL E 433 5.89 36.26 20.57
C VAL E 433 6.43 34.93 20.10
N TYR E 434 5.54 34.08 19.59
CA TYR E 434 5.93 32.75 19.14
C TYR E 434 5.54 32.50 17.66
N PRO E 435 6.06 33.31 16.74
CA PRO E 435 5.65 33.15 15.34
C PRO E 435 6.13 31.85 14.73
N GLU E 436 7.16 31.27 15.31
CA GLU E 436 7.73 30.06 14.72
C GLU E 436 6.94 28.80 15.08
N LEU E 437 5.93 28.94 15.95
CA LEU E 437 5.03 27.83 16.23
C LEU E 437 4.06 27.69 15.08
N ARG E 438 4.11 26.53 14.44
CA ARG E 438 3.43 26.31 13.19
C ARG E 438 1.98 26.02 13.44
N VAL E 439 1.11 26.80 12.83
CA VAL E 439 -0.29 26.81 13.20
C VAL E 439 -1.15 26.35 12.01
N PRO E 440 -2.01 25.35 12.21
CA PRO E 440 -2.79 24.88 11.08
C PRO E 440 -3.66 25.95 10.50
N ASP E 441 -3.90 25.86 9.19
CA ASP E 441 -4.92 26.68 8.55
C ASP E 441 -6.29 26.34 9.16
N HIS E 442 -7.14 27.35 9.29
CA HIS E 442 -8.42 27.19 9.96
C HIS E 442 -9.25 26.06 9.31
N GLN E 443 -9.10 25.81 8.01
CA GLN E 443 -9.90 24.75 7.36
C GLN E 443 -9.19 23.39 7.14
N ASP E 444 -7.97 23.24 7.67
CA ASP E 444 -7.25 21.97 7.57
C ASP E 444 -8.03 20.90 8.29
N ILE E 445 -8.01 19.70 7.73
CA ILE E 445 -8.68 18.54 8.30
C ILE E 445 -7.76 17.87 9.30
N ALA E 446 -6.47 17.87 8.99
CA ALA E 446 -5.46 17.30 9.89
C ALA E 446 -4.14 17.95 9.62
N PHE E 447 -3.20 17.75 10.54
CA PHE E 447 -1.97 18.52 10.56
C PHE E 447 -0.92 17.82 11.38
N GLY E 448 0.34 18.10 11.07
CA GLY E 448 1.45 17.71 11.90
C GLY E 448 2.32 16.72 11.23
N ALA E 449 2.70 15.68 11.94
CA ALA E 449 3.51 14.64 11.36
C ALA E 449 2.56 13.57 10.92
N LEU E 450 2.98 12.76 9.95
CA LEU E 450 2.20 11.61 9.56
C LEU E 450 2.97 10.37 10.00
N GLN E 451 2.48 9.73 11.06
CA GLN E 451 3.21 8.69 11.78
C GLN E 451 2.85 7.28 11.33
N GLN E 452 3.87 6.45 11.23
CA GLN E 452 3.71 5.00 11.10
C GLN E 452 4.70 4.33 12.05
N GLY E 453 4.18 3.77 13.15
CA GLY E 453 5.03 3.27 14.22
C GLY E 453 5.87 4.40 14.78
N THR E 454 7.19 4.24 14.75
CA THR E 454 8.14 5.29 15.17
C THR E 454 8.66 6.11 13.98
N ASN E 455 8.21 5.78 12.77
CA ASN E 455 8.59 6.53 11.56
C ASN E 455 7.57 7.59 11.18
N CYS E 456 8.05 8.54 10.38
CA CYS E 456 7.23 9.67 9.93
C CYS E 456 7.37 9.84 8.42
N LEU E 457 6.32 10.32 7.77
CA LEU E 457 6.37 10.73 6.33
C LEU E 457 7.42 11.82 6.19
N ASP E 458 8.29 11.68 5.20
CA ASP E 458 9.43 12.55 5.04
C ASP E 458 9.72 12.84 3.58
N THR E 459 9.90 14.11 3.23
CA THR E 459 10.21 14.48 1.85
C THR E 459 11.56 14.00 1.38
N LEU E 460 12.41 13.57 2.32
CA LEU E 460 13.80 13.19 2.03
C LEU E 460 14.62 14.36 1.44
N GLY E 461 14.19 15.59 1.71
CA GLY E 461 14.75 16.77 1.09
C GLY E 461 14.46 16.95 -0.40
N HIS E 462 13.57 16.13 -0.95
CA HIS E 462 13.24 16.18 -2.36
C HIS E 462 12.29 17.36 -2.72
N PHE E 463 12.22 17.67 -4.00
CA PHE E 463 11.41 18.75 -4.52
C PHE E 463 10.42 18.18 -5.52
N ALA E 464 9.85 19.02 -6.38
CA ALA E 464 8.86 18.56 -7.34
C ALA E 464 9.40 17.52 -8.29
N ASP E 465 8.56 16.54 -8.60
CA ASP E 465 8.92 15.35 -9.37
C ASP E 465 9.80 14.35 -8.61
N GLY E 466 10.06 14.58 -7.34
CA GLY E 466 10.81 13.63 -6.53
C GLY E 466 9.90 12.68 -5.73
N VAL E 467 10.49 11.56 -5.32
CA VAL E 467 9.80 10.59 -4.47
C VAL E 467 9.78 11.04 -3.03
N VAL E 468 9.08 10.28 -2.21
CA VAL E 468 8.85 10.61 -0.84
C VAL E 468 9.14 9.33 -0.02
N GLY E 469 9.49 9.47 1.26
CA GLY E 469 9.80 8.31 2.10
C GLY E 469 9.44 8.39 3.58
N VAL E 470 10.14 7.57 4.38
CA VAL E 470 10.09 7.68 5.86
C VAL E 470 11.48 7.79 6.49
N TYR E 471 11.53 8.47 7.64
CA TYR E 471 12.66 8.45 8.55
C TYR E 471 12.05 8.43 9.93
N GLU E 472 12.88 8.22 10.95
CA GLU E 472 12.39 8.22 12.32
C GLU E 472 11.88 9.60 12.72
N CYS E 473 10.73 9.62 13.39
CA CYS E 473 10.09 10.87 13.80
C CYS E 473 11.03 11.65 14.69
N HIS E 474 11.27 12.92 14.39
CA HIS E 474 12.18 13.73 15.17
C HIS E 474 11.53 14.94 15.86
N ASN E 475 10.23 15.15 15.64
CA ASN E 475 9.48 16.29 16.22
C ASN E 475 10.04 17.68 15.98
N ALA E 476 11.07 17.78 15.14
CA ALA E 476 11.60 19.06 14.64
C ALA E 476 10.85 19.64 13.40
N GLY E 477 9.72 19.06 13.01
CA GLY E 477 8.83 19.67 12.00
C GLY E 477 9.31 20.22 10.69
N GLY E 478 10.24 19.63 9.95
CA GLY E 478 10.68 20.36 8.73
C GLY E 478 10.15 19.52 7.59
N ASN E 479 11.03 18.65 7.12
CA ASN E 479 10.66 17.67 6.13
C ASN E 479 9.63 16.64 6.60
N GLN E 480 9.22 16.70 7.87
CA GLN E 480 8.19 15.81 8.39
C GLN E 480 6.93 16.53 8.74
N GLU E 481 6.79 17.75 8.26
CA GLU E 481 5.56 18.52 8.49
C GLU E 481 4.60 18.49 7.29
N TRP E 482 3.32 18.20 7.57
CA TRP E 482 2.32 17.92 6.53
C TRP E 482 0.97 18.38 7.01
N ALA E 483 0.05 18.57 6.06
CA ALA E 483 -1.35 18.86 6.38
C ALA E 483 -2.27 18.09 5.43
N LEU E 484 -3.49 17.81 5.90
CA LEU E 484 -4.57 17.32 5.07
C LEU E 484 -5.52 18.48 4.92
N THR E 485 -5.58 19.04 3.73
CA THR E 485 -6.26 20.31 3.51
C THR E 485 -7.75 20.15 3.27
N LYS E 486 -8.48 21.27 3.26
CA LYS E 486 -9.91 21.30 2.87
C LYS E 486 -10.10 20.69 1.48
N GLU E 487 -9.10 20.86 0.62
CA GLU E 487 -9.13 20.35 -0.76
C GLU E 487 -8.75 18.87 -0.84
N LYS E 488 -8.59 18.21 0.32
CA LYS E 488 -8.26 16.77 0.40
C LYS E 488 -6.86 16.42 -0.11
N SER E 489 -5.93 17.37 -0.06
CA SER E 489 -4.56 17.10 -0.49
C SER E 489 -3.67 16.91 0.73
N VAL E 490 -2.64 16.09 0.58
CA VAL E 490 -1.63 15.92 1.66
C VAL E 490 -0.40 16.76 1.28
N LYS E 491 -0.22 17.89 1.95
CA LYS E 491 0.79 18.86 1.49
C LYS E 491 1.90 19.24 2.45
N HIS E 492 3.05 19.52 1.85
CA HIS E 492 4.19 20.07 2.52
C HIS E 492 4.61 21.32 1.74
N MET E 493 4.63 22.48 2.38
CA MET E 493 4.85 23.77 1.69
C MET E 493 3.76 23.93 0.62
N ASP E 494 4.15 24.08 -0.65
CA ASP E 494 3.20 24.09 -1.74
C ASP E 494 3.33 22.84 -2.61
N LEU E 495 3.83 21.74 -2.02
CA LEU E 495 3.92 20.48 -2.73
C LEU E 495 2.97 19.44 -2.12
N CYS E 496 2.47 18.55 -2.97
CA CYS E 496 1.37 17.65 -2.66
C CYS E 496 1.64 16.24 -3.13
N LEU E 497 1.21 15.27 -2.35
CA LEU E 497 1.39 13.88 -2.76
C LEU E 497 0.51 13.57 -3.96
N THR E 498 1.13 13.08 -5.02
CA THR E 498 0.46 12.97 -6.29
C THR E 498 0.52 11.55 -6.81
N VAL E 499 -0.65 10.98 -7.12
CA VAL E 499 -0.70 9.66 -7.69
C VAL E 499 -0.52 9.82 -9.19
N VAL E 500 0.68 9.55 -9.60
CA VAL E 500 1.13 9.76 -10.95
C VAL E 500 0.77 8.56 -11.82
N ASP E 501 0.55 7.42 -11.19
CA ASP E 501 0.24 6.18 -11.89
C ASP E 501 -0.56 5.30 -10.95
N ARG E 502 -1.71 4.82 -11.43
CA ARG E 502 -2.67 4.08 -10.58
C ARG E 502 -2.31 2.59 -10.41
N ALA E 503 -1.30 2.12 -11.12
CA ALA E 503 -0.94 0.73 -11.10
C ALA E 503 -0.37 0.40 -9.72
N PRO E 504 -0.91 -0.64 -9.05
CA PRO E 504 -0.34 -1.02 -7.77
C PRO E 504 1.17 -1.16 -7.79
N GLY E 505 1.84 -0.62 -6.76
CA GLY E 505 3.28 -0.65 -6.68
C GLY E 505 3.91 0.61 -7.23
N SER E 506 3.13 1.46 -7.89
CA SER E 506 3.67 2.69 -8.46
C SER E 506 4.08 3.66 -7.37
N LEU E 507 5.22 4.29 -7.58
CA LEU E 507 5.72 5.30 -6.69
C LEU E 507 4.86 6.55 -6.86
N ILE E 508 4.67 7.25 -5.75
CA ILE E 508 3.99 8.51 -5.78
C ILE E 508 5.07 9.62 -5.88
N LYS E 509 4.69 10.78 -6.39
CA LYS E 509 5.60 11.88 -6.53
C LYS E 509 5.04 13.13 -5.91
N LEU E 510 5.97 13.97 -5.55
CA LEU E 510 5.70 15.29 -5.06
C LEU E 510 5.44 16.20 -6.30
N GLN E 511 4.32 16.93 -6.34
CA GLN E 511 4.13 17.95 -7.39
C GLN E 511 3.45 19.17 -6.82
N GLY E 512 3.55 20.31 -7.52
CA GLY E 512 2.91 21.56 -7.04
C GLY E 512 1.43 21.36 -6.85
N CYS E 513 0.87 21.83 -5.74
CA CYS E 513 -0.56 21.60 -5.45
C CYS E 513 -1.48 22.32 -6.42
N ARG E 514 -2.43 21.62 -6.99
CA ARG E 514 -3.35 22.23 -7.87
C ARG E 514 -4.64 21.69 -7.40
N GLU E 515 -5.56 22.55 -7.01
CA GLU E 515 -6.74 22.09 -6.33
C GLU E 515 -7.80 21.37 -7.12
N ASP E 516 -7.59 21.17 -8.40
CA ASP E 516 -8.55 20.41 -9.18
C ASP E 516 -7.89 19.29 -9.86
N ASP E 517 -6.64 19.07 -9.54
CA ASP E 517 -5.95 17.79 -9.86
C ASP E 517 -6.42 16.64 -8.98
N SER E 518 -7.18 15.73 -9.56
CA SER E 518 -7.78 14.64 -8.82
C SER E 518 -6.73 13.60 -8.40
N ARG E 519 -5.57 13.64 -9.02
CA ARG E 519 -4.51 12.74 -8.65
C ARG E 519 -3.94 13.10 -7.28
N GLN E 520 -4.32 14.25 -6.73
CA GLN E 520 -3.78 14.69 -5.45
C GLN E 520 -4.74 14.54 -4.28
N LYS E 521 -5.84 13.81 -4.46
CA LYS E 521 -6.91 13.77 -3.47
C LYS E 521 -6.78 12.52 -2.60
N TRP E 522 -6.84 12.70 -1.28
CA TRP E 522 -6.72 11.63 -0.33
C TRP E 522 -7.78 11.78 0.77
N GLU E 523 -8.09 10.66 1.42
CA GLU E 523 -9.09 10.62 2.48
C GLU E 523 -8.67 9.61 3.55
N GLN E 524 -8.91 9.98 4.80
CA GLN E 524 -8.70 9.10 5.91
C GLN E 524 -9.78 8.05 6.01
N ILE E 525 -9.41 6.84 6.41
CA ILE E 525 -10.37 5.74 6.60
C ILE E 525 -9.99 4.87 7.79
N GLU E 526 -10.94 4.01 8.18
CA GLU E 526 -10.75 3.04 9.25
C GLU E 526 -10.32 3.73 10.52
N GLY E 527 -11.15 4.66 10.98
CA GLY E 527 -10.89 5.38 12.22
C GLY E 527 -9.63 6.19 12.13
N ASN E 528 -9.47 6.93 11.02
CA ASN E 528 -8.28 7.76 10.82
C ASN E 528 -6.96 7.03 11.00
N SER E 529 -6.91 5.79 10.51
CA SER E 529 -5.72 4.95 10.64
C SER E 529 -4.98 4.72 9.33
N LYS E 530 -5.61 5.05 8.19
CA LYS E 530 -4.99 4.89 6.86
C LYS E 530 -5.33 6.04 5.94
N LEU E 531 -4.65 6.08 4.77
CA LEU E 531 -4.92 7.07 3.74
C LEU E 531 -5.19 6.39 2.41
N ARG E 532 -6.39 6.62 1.89
CA ARG E 532 -6.80 6.05 0.64
C ARG E 532 -6.89 7.16 -0.42
N HIS E 533 -6.54 6.83 -1.65
CA HIS E 533 -6.62 7.76 -2.75
C HIS E 533 -8.06 7.85 -3.21
N VAL E 534 -8.63 9.04 -3.13
CA VAL E 534 -10.04 9.23 -3.37
C VAL E 534 -10.41 8.70 -4.76
N GLY E 535 -11.49 7.92 -4.83
CA GLY E 535 -12.00 7.40 -6.09
C GLY E 535 -11.29 6.13 -6.56
N SER E 536 -10.61 5.45 -5.64
CA SER E 536 -9.85 4.25 -5.98
C SER E 536 -9.84 3.29 -4.81
N ASN E 537 -9.24 2.13 -5.03
CA ASN E 537 -8.98 1.20 -3.95
C ASN E 537 -7.49 1.09 -3.63
N LEU E 538 -6.83 2.23 -3.76
CA LEU E 538 -5.41 2.35 -3.48
C LEU E 538 -5.16 3.11 -2.16
N CYS E 539 -4.20 2.63 -1.37
CA CYS E 539 -3.83 3.23 -0.13
C CYS E 539 -2.34 3.54 -0.15
N LEU E 540 -1.93 4.53 0.65
CA LEU E 540 -0.54 4.88 0.78
C LEU E 540 0.19 3.76 1.51
N ASP E 541 1.36 3.41 1.01
CA ASP E 541 2.04 2.22 1.47
C ASP E 541 3.55 2.38 1.54
N SER E 542 4.14 1.97 2.67
CA SER E 542 5.58 2.14 2.90
C SER E 542 6.43 0.94 2.57
N ARG E 543 5.85 -0.14 2.05
CA ARG E 543 6.64 -1.35 1.82
C ARG E 543 7.81 -1.19 0.84
N THR E 544 7.74 -0.17 0.01
CA THR E 544 8.73 0.08 -0.99
C THR E 544 9.57 1.27 -0.61
N ALA E 545 9.46 1.74 0.63
CA ALA E 545 10.21 2.87 1.13
C ALA E 545 11.70 2.56 0.91
N LYS E 546 12.07 1.30 1.06
CA LYS E 546 13.44 0.81 0.93
C LYS E 546 13.85 0.42 -0.49
N SER E 547 12.93 0.47 -1.43
CA SER E 547 13.22 0.10 -2.78
C SER E 547 12.68 1.19 -3.72
N GLY E 548 12.88 2.46 -3.38
CA GLY E 548 12.40 3.51 -4.28
C GLY E 548 11.60 4.66 -3.71
N GLY E 549 10.82 4.39 -2.67
CA GLY E 549 9.96 5.42 -2.07
C GLY E 549 8.55 4.93 -1.80
N LEU E 550 7.73 5.78 -1.18
CA LEU E 550 6.36 5.41 -0.86
C LEU E 550 5.60 5.13 -2.13
N SER E 551 4.64 4.24 -2.02
CA SER E 551 3.92 3.77 -3.18
C SER E 551 2.43 3.75 -2.90
N VAL E 552 1.70 3.43 -3.95
CA VAL E 552 0.27 3.30 -3.92
C VAL E 552 0.06 1.79 -4.11
N GLU E 553 -0.80 1.22 -3.29
CA GLU E 553 -1.01 -0.24 -3.24
C GLU E 553 -2.45 -0.53 -2.92
N VAL E 554 -2.93 -1.71 -3.33
CA VAL E 554 -4.33 -2.08 -3.10
C VAL E 554 -4.64 -2.08 -1.59
N CYS E 555 -5.74 -1.44 -1.17
CA CYS E 555 -6.00 -1.33 0.27
C CYS E 555 -6.22 -2.69 0.88
N GLY E 556 -5.50 -2.93 1.96
CA GLY E 556 -5.50 -4.22 2.61
C GLY E 556 -4.97 -4.12 4.02
N PRO E 557 -5.00 -5.22 4.77
CA PRO E 557 -4.65 -5.19 6.19
C PRO E 557 -3.17 -5.09 6.61
N ALA E 558 -2.25 -4.72 5.72
CA ALA E 558 -0.82 -4.58 6.11
C ALA E 558 -0.49 -3.44 7.08
N LEU E 559 0.55 -3.63 7.89
CA LEU E 559 1.10 -2.57 8.77
C LEU E 559 1.68 -1.36 8.02
N SER E 560 2.22 -1.63 6.84
CA SER E 560 2.83 -0.61 5.99
C SER E 560 1.80 0.40 5.41
N GLN E 561 0.50 0.15 5.61
CA GLN E 561 -0.55 1.09 5.23
C GLN E 561 -1.17 1.86 6.40
N GLN E 562 -0.56 1.79 7.57
CA GLN E 562 -1.06 2.53 8.75
C GLN E 562 -0.43 3.91 8.83
N TRP E 563 -1.27 4.95 8.86
CA TRP E 563 -0.80 6.34 8.99
C TRP E 563 -1.74 7.20 9.82
N LYS E 564 -1.19 7.97 10.77
CA LYS E 564 -1.95 8.83 11.68
C LYS E 564 -1.33 10.20 11.75
N PHE E 565 -2.15 11.23 11.63
CA PHE E 565 -1.67 12.60 11.82
C PHE E 565 -1.63 12.89 13.30
N THR E 566 -0.69 13.72 13.72
CA THR E 566 -0.59 14.08 15.14
C THR E 566 -1.75 14.95 15.62
N LEU E 567 -2.27 15.83 14.76
CA LEU E 567 -3.49 16.56 15.11
C LEU E 567 -4.61 16.22 14.16
N ASN E 568 -5.76 15.90 14.74
CA ASN E 568 -6.94 15.63 13.98
C ASN E 568 -7.99 16.57 14.42
N LEU E 569 -8.47 17.38 13.48
CA LEU E 569 -9.59 18.25 13.72
C LEU E 569 -10.85 17.37 13.42
N LYS F 75 -3.89 41.61 -60.48
CA LYS F 75 -4.64 40.81 -59.46
C LYS F 75 -5.53 41.74 -58.56
N VAL F 76 -6.77 41.35 -58.38
CA VAL F 76 -7.83 42.17 -57.78
C VAL F 76 -8.28 41.57 -56.44
N ARG F 77 -8.50 42.41 -55.44
CA ARG F 77 -9.02 41.98 -54.14
C ARG F 77 -10.49 41.61 -54.39
N TRP F 78 -11.00 40.60 -53.70
CA TRP F 78 -12.32 40.09 -54.07
C TRP F 78 -13.46 41.13 -54.07
N PRO F 79 -13.47 42.05 -53.12
CA PRO F 79 -14.56 43.03 -53.17
C PRO F 79 -14.57 43.92 -54.43
N ASP F 80 -13.42 44.08 -55.08
CA ASP F 80 -13.28 44.94 -56.27
C ASP F 80 -13.61 44.19 -57.54
N PHE F 81 -13.99 42.92 -57.43
CA PHE F 81 -14.25 42.14 -58.62
C PHE F 81 -15.65 42.49 -59.17
N ASN F 82 -15.75 42.66 -60.49
CA ASN F 82 -17.02 43.09 -61.09
C ASN F 82 -17.96 41.93 -61.38
N GLN F 83 -18.83 41.65 -60.40
CA GLN F 83 -19.69 40.49 -60.47
C GLN F 83 -20.70 40.60 -61.60
N GLU F 84 -21.26 41.79 -61.81
CA GLU F 84 -22.27 41.99 -62.84
C GLU F 84 -21.66 41.74 -64.23
N ALA F 85 -20.46 42.24 -64.46
CA ALA F 85 -19.75 41.96 -65.71
C ALA F 85 -19.47 40.46 -65.94
N TYR F 86 -19.03 39.76 -64.89
CA TYR F 86 -18.70 38.34 -65.00
C TYR F 86 -19.96 37.51 -65.25
N VAL F 87 -21.01 37.72 -64.44
CA VAL F 87 -22.19 36.84 -64.47
C VAL F 87 -23.11 37.21 -65.65
N GLY F 88 -23.28 38.53 -65.86
CA GLY F 88 -24.27 39.15 -66.80
C GLY F 88 -24.47 38.96 -68.29
N GLY F 89 -23.46 38.41 -68.93
CA GLY F 89 -23.64 37.78 -70.22
C GLY F 89 -24.31 36.41 -70.25
N THR F 90 -24.06 35.58 -69.24
CA THR F 90 -24.46 34.14 -69.25
C THR F 90 -25.87 33.93 -68.63
N MET F 91 -26.64 35.01 -68.47
CA MET F 91 -27.92 34.93 -67.73
C MET F 91 -29.00 34.18 -68.50
N VAL F 92 -29.99 33.69 -67.77
CA VAL F 92 -31.11 32.97 -68.36
C VAL F 92 -31.91 33.95 -69.21
N ARG F 93 -31.99 33.65 -70.51
CA ARG F 93 -32.67 34.52 -71.45
C ARG F 93 -34.18 34.50 -71.22
N SER F 94 -34.82 35.59 -71.63
CA SER F 94 -36.24 35.80 -71.45
C SER F 94 -37.09 34.58 -71.87
N GLY F 95 -37.88 34.06 -70.93
CA GLY F 95 -38.80 32.96 -71.19
C GLY F 95 -38.22 31.56 -71.16
N GLN F 96 -36.90 31.42 -71.13
CA GLN F 96 -36.24 30.11 -71.13
C GLN F 96 -36.29 29.42 -69.76
N ASP F 97 -36.11 28.11 -69.77
CA ASP F 97 -36.14 27.31 -68.56
C ASP F 97 -34.92 27.56 -67.65
N PRO F 98 -35.15 28.02 -66.41
CA PRO F 98 -34.02 28.38 -65.53
C PRO F 98 -33.34 27.19 -64.81
N TYR F 99 -33.86 25.98 -65.01
CA TYR F 99 -33.30 24.75 -64.45
C TYR F 99 -32.46 23.93 -65.44
N ALA F 100 -32.50 24.26 -66.73
CA ALA F 100 -31.99 23.33 -67.77
C ALA F 100 -30.47 23.17 -67.74
N ARG F 101 -29.78 24.32 -67.69
CA ARG F 101 -28.31 24.36 -67.65
C ARG F 101 -27.68 23.64 -66.43
N ASN F 102 -28.20 23.89 -65.23
CA ASN F 102 -27.57 23.44 -63.98
C ASN F 102 -28.33 22.47 -63.12
N LYS F 103 -29.58 22.21 -63.47
CA LYS F 103 -30.47 21.42 -62.58
C LYS F 103 -30.64 22.06 -61.21
N PHE F 104 -30.48 23.38 -61.17
CA PHE F 104 -30.95 24.22 -60.09
C PHE F 104 -31.35 25.56 -60.69
N ASN F 105 -32.03 26.38 -59.90
CA ASN F 105 -32.62 27.60 -60.41
C ASN F 105 -31.59 28.69 -60.62
N GLN F 106 -31.11 28.82 -61.85
CA GLN F 106 -30.08 29.81 -62.15
C GLN F 106 -30.55 31.25 -61.94
N VAL F 107 -31.83 31.53 -62.16
CA VAL F 107 -32.30 32.90 -62.05
C VAL F 107 -32.16 33.33 -60.61
N GLU F 108 -32.54 32.44 -59.73
CA GLU F 108 -32.45 32.67 -58.29
C GLU F 108 -30.99 32.76 -57.77
N SER F 109 -30.10 31.96 -58.36
CA SER F 109 -28.68 32.05 -58.07
C SER F 109 -28.08 33.37 -58.54
N ASP F 110 -28.51 33.85 -59.69
CA ASP F 110 -27.91 35.04 -60.27
C ASP F 110 -28.38 36.32 -59.59
N LYS F 111 -29.51 36.28 -58.89
CA LYS F 111 -29.97 37.45 -58.12
C LYS F 111 -29.08 37.76 -56.94
N LEU F 112 -28.40 36.75 -56.41
CA LEU F 112 -27.64 36.88 -55.19
C LEU F 112 -26.32 37.64 -55.35
N ARG F 113 -26.03 38.48 -54.39
CA ARG F 113 -24.69 39.04 -54.31
C ARG F 113 -23.62 37.97 -54.11
N MET F 114 -22.44 38.20 -54.66
CA MET F 114 -21.36 37.24 -54.54
C MET F 114 -20.94 36.97 -53.10
N ASP F 115 -21.14 37.94 -52.20
CA ASP F 115 -20.84 37.76 -50.79
C ASP F 115 -22.07 37.89 -49.93
N ARG F 116 -23.21 37.39 -50.41
CA ARG F 116 -24.47 37.61 -49.72
C ARG F 116 -24.41 37.07 -48.29
N ALA F 117 -25.11 37.76 -47.40
CA ALA F 117 -25.18 37.34 -46.01
C ALA F 117 -25.98 36.05 -45.92
N ILE F 118 -25.53 35.18 -45.03
CA ILE F 118 -26.18 33.92 -44.76
C ILE F 118 -26.27 33.76 -43.23
N PRO F 119 -27.27 33.05 -42.74
CA PRO F 119 -27.37 32.93 -41.30
C PRO F 119 -26.25 32.08 -40.70
N ASP F 120 -25.84 32.46 -39.49
CA ASP F 120 -24.89 31.69 -38.71
C ASP F 120 -25.62 30.49 -38.08
N THR F 121 -25.36 29.30 -38.63
CA THR F 121 -26.07 28.11 -38.23
C THR F 121 -25.34 27.28 -37.18
N ARG F 122 -24.22 27.79 -36.70
CA ARG F 122 -23.43 27.07 -35.73
C ARG F 122 -24.12 27.05 -34.35
N HIS F 123 -23.86 25.99 -33.60
CA HIS F 123 -24.20 25.89 -32.18
C HIS F 123 -23.65 27.08 -31.43
N ASP F 124 -24.39 27.49 -30.41
CA ASP F 124 -24.01 28.58 -29.54
C ASP F 124 -22.58 28.54 -29.01
N GLN F 125 -22.11 27.37 -28.64
CA GLN F 125 -20.78 27.19 -28.07
C GLN F 125 -19.69 27.51 -29.10
N CYS F 126 -19.95 27.25 -30.38
CA CYS F 126 -18.97 27.54 -31.42
C CYS F 126 -18.75 29.03 -31.52
N GLN F 127 -19.82 29.80 -31.35
CA GLN F 127 -19.76 31.24 -31.60
C GLN F 127 -19.00 31.97 -30.51
N ARG F 128 -18.82 31.32 -29.36
CA ARG F 128 -18.05 31.89 -28.26
C ARG F 128 -16.60 31.49 -28.25
N LYS F 129 -16.28 30.31 -28.76
CA LYS F 129 -14.90 29.86 -28.92
C LYS F 129 -14.07 30.93 -29.65
N GLN F 130 -12.89 31.22 -29.13
CA GLN F 130 -11.89 31.99 -29.87
C GLN F 130 -10.98 30.97 -30.56
N TRP F 131 -10.88 31.02 -31.89
CA TRP F 131 -10.21 29.96 -32.61
C TRP F 131 -8.78 30.27 -32.74
N ARG F 132 -7.96 29.26 -32.52
CA ARG F 132 -6.57 29.34 -32.90
C ARG F 132 -6.43 29.77 -34.34
N VAL F 133 -5.35 30.45 -34.59
CA VAL F 133 -4.99 30.95 -35.92
C VAL F 133 -3.52 30.59 -36.26
N ASP F 134 -2.83 30.03 -35.27
CA ASP F 134 -1.45 29.52 -35.41
C ASP F 134 -1.55 28.06 -35.87
N LEU F 135 -1.98 27.93 -37.13
CA LEU F 135 -2.35 26.68 -37.81
C LEU F 135 -1.72 26.63 -39.20
N PRO F 136 -1.56 25.43 -39.77
CA PRO F 136 -1.04 25.31 -41.13
C PRO F 136 -2.01 25.83 -42.15
N ALA F 137 -1.49 26.47 -43.19
CA ALA F 137 -2.32 27.05 -44.25
C ALA F 137 -2.75 25.93 -45.17
N THR F 138 -3.80 26.18 -45.95
CA THR F 138 -4.32 25.18 -46.86
C THR F 138 -4.37 25.69 -48.28
N SER F 139 -4.24 24.76 -49.22
CA SER F 139 -4.56 24.97 -50.61
C SER F 139 -5.97 24.46 -50.85
N VAL F 140 -6.87 25.31 -51.30
CA VAL F 140 -8.25 24.90 -51.53
C VAL F 140 -8.42 24.50 -52.97
N VAL F 141 -8.85 23.27 -53.22
CA VAL F 141 -9.04 22.75 -54.58
C VAL F 141 -10.52 22.67 -54.91
N ILE F 142 -10.90 23.32 -56.00
CA ILE F 142 -12.30 23.32 -56.45
C ILE F 142 -12.33 22.93 -57.90
N THR F 143 -12.93 21.78 -58.23
CA THR F 143 -13.08 21.39 -59.63
C THR F 143 -14.45 21.76 -60.10
N PHE F 144 -14.59 22.03 -61.40
CA PHE F 144 -15.90 22.32 -61.95
C PHE F 144 -16.00 21.98 -63.42
N HIS F 145 -17.21 21.61 -63.83
CA HIS F 145 -17.52 21.40 -65.22
C HIS F 145 -18.83 22.09 -65.53
N ASN F 146 -18.75 23.21 -66.26
CA ASN F 146 -19.94 24.00 -66.63
C ASN F 146 -20.77 24.36 -65.45
N GLU F 147 -20.13 25.05 -64.52
CA GLU F 147 -20.81 25.51 -63.36
C GLU F 147 -21.42 26.85 -63.71
N ALA F 148 -22.49 27.21 -63.05
CA ALA F 148 -23.05 28.55 -63.18
C ALA F 148 -22.06 29.56 -62.63
N ARG F 149 -21.80 30.61 -63.40
CA ARG F 149 -20.88 31.63 -62.97
C ARG F 149 -21.20 32.19 -61.60
N SER F 150 -22.47 32.46 -61.32
CA SER F 150 -22.83 33.09 -60.03
C SER F 150 -22.45 32.17 -58.87
N ALA F 151 -22.70 30.87 -59.03
CA ALA F 151 -22.41 29.92 -57.94
C ALA F 151 -20.89 29.71 -57.70
N LEU F 152 -20.13 29.65 -58.78
CA LEU F 152 -18.69 29.45 -58.72
C LEU F 152 -18.00 30.65 -58.08
N LEU F 153 -18.36 31.86 -58.53
CA LEU F 153 -17.84 33.08 -57.95
C LEU F 153 -18.13 33.11 -56.46
N ARG F 154 -19.36 32.77 -56.11
CA ARG F 154 -19.79 32.82 -54.75
C ARG F 154 -19.04 31.80 -53.86
N THR F 155 -18.69 30.65 -54.41
CA THR F 155 -17.93 29.69 -53.66
C THR F 155 -16.55 30.28 -53.34
N VAL F 156 -15.90 30.83 -54.38
CA VAL F 156 -14.60 31.43 -54.24
C VAL F 156 -14.60 32.60 -53.24
N VAL F 157 -15.55 33.51 -53.36
CA VAL F 157 -15.55 34.58 -52.40
C VAL F 157 -15.94 34.14 -51.01
N SER F 158 -16.77 33.13 -50.85
CA SER F 158 -17.06 32.71 -49.48
C SER F 158 -15.75 32.19 -48.84
N VAL F 159 -14.91 31.50 -49.60
CA VAL F 159 -13.65 31.09 -49.08
C VAL F 159 -12.80 32.29 -48.66
N LEU F 160 -12.67 33.29 -49.55
CA LEU F 160 -11.77 34.38 -49.26
C LEU F 160 -12.28 35.28 -48.15
N LYS F 161 -13.59 35.45 -48.07
CA LYS F 161 -14.16 36.33 -47.11
C LYS F 161 -14.19 35.73 -45.69
N LYS F 162 -14.47 34.42 -45.55
CA LYS F 162 -14.75 33.82 -44.25
C LYS F 162 -13.53 33.17 -43.61
N SER F 163 -12.42 33.12 -44.35
CA SER F 163 -11.23 32.47 -43.88
C SER F 163 -10.18 33.52 -43.53
N PRO F 164 -9.42 33.31 -42.44
CA PRO F 164 -8.27 34.20 -42.17
C PRO F 164 -7.27 34.17 -43.34
N PRO F 165 -6.88 35.32 -43.86
CA PRO F 165 -6.07 35.36 -45.10
C PRO F 165 -4.81 34.55 -45.03
N HIS F 166 -4.12 34.56 -43.90
CA HIS F 166 -2.88 33.82 -43.81
C HIS F 166 -3.06 32.28 -43.88
N LEU F 167 -4.29 31.78 -43.70
CA LEU F 167 -4.51 30.33 -43.75
C LEU F 167 -4.92 29.89 -45.13
N ILE F 168 -5.18 30.82 -46.03
CA ILE F 168 -5.39 30.48 -47.42
C ILE F 168 -4.10 30.72 -48.21
N LYS F 169 -3.41 29.64 -48.54
CA LYS F 169 -2.25 29.68 -49.42
C LYS F 169 -2.65 30.09 -50.83
N GLU F 170 -3.68 29.42 -51.34
CA GLU F 170 -4.16 29.60 -52.70
C GLU F 170 -5.52 28.87 -52.87
N ILE F 171 -6.25 29.26 -53.92
CA ILE F 171 -7.43 28.59 -54.34
C ILE F 171 -7.12 28.12 -55.75
N ILE F 172 -7.12 26.80 -55.94
CA ILE F 172 -6.84 26.19 -57.23
C ILE F 172 -8.14 25.76 -57.85
N LEU F 173 -8.50 26.41 -58.94
CA LEU F 173 -9.69 26.10 -59.72
C LEU F 173 -9.27 25.16 -60.82
N VAL F 174 -9.83 23.96 -60.83
CA VAL F 174 -9.56 22.99 -61.89
C VAL F 174 -10.77 22.97 -62.84
N ASP F 175 -10.62 23.64 -63.98
CA ASP F 175 -11.66 23.67 -65.01
C ASP F 175 -11.65 22.34 -65.76
N ASP F 176 -12.66 21.50 -65.51
CA ASP F 176 -12.70 20.19 -66.11
C ASP F 176 -13.43 20.27 -67.47
N TYR F 177 -12.77 20.94 -68.42
CA TYR F 177 -13.23 21.00 -69.79
C TYR F 177 -14.64 21.59 -69.91
N SER F 178 -14.87 22.72 -69.25
CA SER F 178 -16.12 23.48 -69.41
C SER F 178 -16.25 23.97 -70.86
N ASN F 179 -17.47 24.13 -71.35
CA ASN F 179 -17.68 24.66 -72.70
C ASN F 179 -16.94 25.95 -72.93
N ASP F 180 -17.07 26.89 -72.00
CA ASP F 180 -16.43 28.19 -72.11
C ASP F 180 -15.26 28.31 -71.12
N PRO F 181 -14.01 28.35 -71.62
CA PRO F 181 -12.84 28.49 -70.73
C PRO F 181 -12.81 29.78 -69.92
N GLU F 182 -13.58 30.76 -70.33
CA GLU F 182 -13.58 32.04 -69.64
C GLU F 182 -14.25 31.98 -68.22
N ASP F 183 -15.14 31.01 -68.00
CA ASP F 183 -15.75 30.80 -66.70
C ASP F 183 -14.64 30.79 -65.66
N GLY F 184 -13.58 30.02 -65.94
CA GLY F 184 -12.47 29.90 -65.02
C GLY F 184 -11.46 31.01 -65.17
N ALA F 185 -11.03 31.25 -66.39
CA ALA F 185 -9.94 32.21 -66.63
C ALA F 185 -10.24 33.63 -66.08
N LEU F 186 -11.47 34.12 -66.22
CA LEU F 186 -11.78 35.46 -65.68
C LEU F 186 -11.58 35.55 -64.16
N LEU F 187 -11.76 34.43 -63.46
CA LEU F 187 -11.55 34.38 -62.01
C LEU F 187 -10.07 34.36 -61.58
N GLY F 188 -9.16 34.04 -62.50
CA GLY F 188 -7.72 34.10 -62.25
C GLY F 188 -7.19 35.51 -61.90
N LYS F 189 -7.96 36.55 -62.19
CA LYS F 189 -7.61 37.89 -61.74
C LYS F 189 -7.75 38.09 -60.24
N ILE F 190 -8.58 37.29 -59.59
CA ILE F 190 -8.82 37.48 -58.18
C ILE F 190 -7.64 37.00 -57.34
N GLU F 191 -7.31 37.76 -56.31
CA GLU F 191 -6.27 37.40 -55.34
C GLU F 191 -6.30 35.87 -55.00
N LYS F 192 -5.12 35.23 -55.10
CA LYS F 192 -4.90 33.87 -54.65
C LYS F 192 -5.50 32.81 -55.49
N VAL F 193 -6.22 33.22 -56.54
CA VAL F 193 -6.82 32.24 -57.44
C VAL F 193 -5.88 31.81 -58.58
N ARG F 194 -5.65 30.50 -58.71
CA ARG F 194 -4.91 29.89 -59.81
C ARG F 194 -5.86 28.99 -60.55
N VAL F 195 -5.81 29.02 -61.88
CA VAL F 195 -6.69 28.16 -62.65
C VAL F 195 -5.94 27.21 -63.57
N LEU F 196 -6.42 25.98 -63.57
CA LEU F 196 -5.87 24.86 -64.28
C LEU F 196 -7.00 24.35 -65.17
N ARG F 197 -6.78 24.27 -66.47
CA ARG F 197 -7.83 23.80 -67.40
C ARG F 197 -7.45 22.44 -67.99
N ASN F 198 -8.34 21.46 -67.84
CA ASN F 198 -8.16 20.17 -68.45
C ASN F 198 -8.49 20.34 -69.93
N ASP F 199 -7.60 19.82 -70.79
CA ASP F 199 -7.79 19.96 -72.24
C ASP F 199 -8.73 18.91 -72.81
N ARG F 200 -9.15 17.98 -71.95
CA ARG F 200 -10.32 17.15 -72.24
C ARG F 200 -11.04 16.82 -70.94
N ARG F 201 -12.21 16.20 -71.04
CA ARG F 201 -13.01 15.85 -69.87
C ARG F 201 -12.35 14.73 -69.07
N GLU F 202 -12.11 14.96 -67.79
CA GLU F 202 -11.40 14.02 -66.93
C GLU F 202 -12.21 13.47 -65.77
N GLY F 203 -13.24 14.22 -65.36
CA GLY F 203 -14.03 13.80 -64.20
C GLY F 203 -13.46 14.34 -62.90
N LEU F 204 -14.27 14.26 -61.85
CA LEU F 204 -13.92 14.91 -60.61
C LEU F 204 -12.76 14.23 -59.91
N MET F 205 -12.59 12.91 -60.06
CA MET F 205 -11.51 12.26 -59.33
C MET F 205 -10.16 12.64 -59.89
N ARG F 206 -9.99 12.58 -61.21
CA ARG F 206 -8.71 12.93 -61.80
C ARG F 206 -8.47 14.44 -61.72
N SER F 207 -9.55 15.22 -61.78
CA SER F 207 -9.41 16.66 -61.64
C SER F 207 -8.97 17.04 -60.23
N ARG F 208 -9.49 16.36 -59.21
CA ARG F 208 -9.07 16.67 -57.85
C ARG F 208 -7.62 16.32 -57.64
N VAL F 209 -7.19 15.22 -58.23
CA VAL F 209 -5.80 14.83 -58.07
C VAL F 209 -4.88 15.82 -58.75
N ARG F 210 -5.29 16.35 -59.90
CA ARG F 210 -4.46 17.35 -60.59
C ARG F 210 -4.29 18.58 -59.70
N GLY F 211 -5.39 18.98 -59.07
CA GLY F 211 -5.36 20.05 -58.08
C GLY F 211 -4.43 19.76 -56.92
N ALA F 212 -4.59 18.60 -56.32
CA ALA F 212 -3.74 18.22 -55.23
C ALA F 212 -2.27 18.23 -55.60
N ASP F 213 -1.94 17.72 -56.79
CA ASP F 213 -0.54 17.63 -57.23
C ASP F 213 0.08 19.01 -57.38
N ALA F 214 -0.73 20.02 -57.69
CA ALA F 214 -0.23 21.36 -57.87
C ALA F 214 -0.16 22.16 -56.58
N ALA F 215 -0.72 21.60 -55.50
CA ALA F 215 -0.91 22.36 -54.28
C ALA F 215 0.42 22.62 -53.57
N GLN F 216 0.63 23.84 -53.08
CA GLN F 216 1.87 24.18 -52.38
C GLN F 216 1.78 24.02 -50.88
N ALA F 217 0.59 24.07 -50.30
CA ALA F 217 0.45 24.04 -48.85
C ALA F 217 0.55 22.64 -48.29
N LYS F 218 0.69 22.58 -46.98
CA LYS F 218 0.77 21.33 -46.23
C LYS F 218 -0.59 20.60 -46.13
N VAL F 219 -1.69 21.35 -46.22
CA VAL F 219 -3.00 20.78 -46.05
C VAL F 219 -3.89 21.08 -47.25
N LEU F 220 -4.64 20.07 -47.68
CA LEU F 220 -5.64 20.21 -48.73
C LEU F 220 -7.05 20.38 -48.22
N THR F 221 -7.80 21.26 -48.89
CA THR F 221 -9.20 21.40 -48.67
C THR F 221 -9.93 21.24 -50.00
N PHE F 222 -10.92 20.36 -50.08
CA PHE F 222 -11.74 20.17 -51.31
C PHE F 222 -13.15 20.65 -51.08
N LEU F 223 -13.67 21.43 -52.04
CA LEU F 223 -15.04 21.93 -52.01
C LEU F 223 -15.67 21.78 -53.39
N ASP F 224 -16.97 21.47 -53.45
CA ASP F 224 -17.71 21.52 -54.72
C ASP F 224 -17.81 22.98 -55.12
N SER F 225 -18.09 23.19 -56.40
CA SER F 225 -18.12 24.53 -57.00
C SER F 225 -19.43 25.29 -56.79
N HIS F 226 -20.27 24.85 -55.86
CA HIS F 226 -21.50 25.53 -55.52
C HIS F 226 -21.70 25.42 -53.99
N CYS F 227 -20.73 25.95 -53.25
CA CYS F 227 -20.73 25.93 -51.79
C CYS F 227 -20.65 27.36 -51.24
N GLU F 228 -21.02 27.53 -49.98
CA GLU F 228 -20.88 28.81 -49.31
C GLU F 228 -20.40 28.56 -47.88
N CYS F 229 -19.14 28.95 -47.60
CA CYS F 229 -18.55 28.83 -46.29
C CYS F 229 -19.20 29.75 -45.28
N ASN F 230 -19.39 29.28 -44.05
CA ASN F 230 -19.94 30.10 -42.98
C ASN F 230 -18.84 30.63 -42.03
N GLU F 231 -19.26 31.32 -40.97
CA GLU F 231 -18.33 31.93 -40.05
C GLU F 231 -17.40 30.90 -39.43
N HIS F 232 -16.10 31.22 -39.42
CA HIS F 232 -15.07 30.39 -38.79
C HIS F 232 -15.22 28.90 -39.14
N TRP F 233 -15.45 28.66 -40.42
CA TRP F 233 -15.57 27.32 -40.94
C TRP F 233 -14.26 26.61 -41.01
N LEU F 234 -13.17 27.33 -41.21
CA LEU F 234 -11.89 26.68 -41.52
C LEU F 234 -11.04 26.28 -40.29
N GLU F 235 -10.93 27.16 -39.30
CA GLU F 235 -10.04 26.91 -38.14
C GLU F 235 -10.34 25.58 -37.42
N PRO F 236 -11.63 25.26 -37.20
CA PRO F 236 -11.91 23.97 -36.55
C PRO F 236 -11.50 22.73 -37.33
N LEU F 237 -11.49 22.82 -38.66
CA LEU F 237 -11.03 21.73 -39.47
C LEU F 237 -9.50 21.61 -39.39
N LEU F 238 -8.80 22.72 -39.55
CA LEU F 238 -7.33 22.71 -39.54
C LEU F 238 -6.74 22.29 -38.18
N GLU F 239 -7.37 22.76 -37.13
CA GLU F 239 -7.03 22.34 -35.75
C GLU F 239 -6.93 20.81 -35.64
N ARG F 240 -7.86 20.06 -36.26
CA ARG F 240 -7.87 18.63 -36.11
C ARG F 240 -6.72 17.99 -36.83
N VAL F 241 -6.43 18.42 -38.06
CA VAL F 241 -5.39 17.71 -38.81
C VAL F 241 -4.00 18.17 -38.38
N ALA F 242 -3.90 19.40 -37.86
CA ALA F 242 -2.65 19.86 -37.25
C ALA F 242 -2.28 19.02 -36.03
N GLU F 243 -3.27 18.64 -35.23
CA GLU F 243 -3.02 17.78 -34.06
C GLU F 243 -2.68 16.32 -34.45
N ASP F 244 -3.36 15.79 -35.47
CA ASP F 244 -3.13 14.40 -35.92
C ASP F 244 -3.44 14.31 -37.40
N ARG F 245 -2.39 14.12 -38.17
CA ARG F 245 -2.44 14.16 -39.63
C ARG F 245 -3.17 12.99 -40.28
N THR F 246 -3.57 12.00 -39.50
CA THR F 246 -4.26 10.87 -40.04
C THR F 246 -5.76 11.07 -39.97
N ARG F 247 -6.22 12.21 -39.44
CA ARG F 247 -7.64 12.54 -39.46
C ARG F 247 -7.99 13.28 -40.76
N VAL F 248 -9.09 12.81 -41.36
CA VAL F 248 -9.71 13.40 -42.51
C VAL F 248 -11.05 13.93 -42.02
N VAL F 249 -11.28 15.23 -42.19
CA VAL F 249 -12.36 15.90 -41.52
C VAL F 249 -13.27 16.70 -42.43
N SER F 250 -14.56 16.78 -42.06
CA SER F 250 -15.56 17.52 -42.84
C SER F 250 -16.38 18.41 -41.99
N PRO F 251 -16.92 19.46 -42.62
CA PRO F 251 -17.89 20.29 -41.96
C PRO F 251 -19.23 19.61 -41.99
N ILE F 252 -20.13 20.10 -41.14
CA ILE F 252 -21.53 19.85 -41.32
C ILE F 252 -21.90 20.62 -42.57
N ILE F 253 -22.60 19.94 -43.45
CA ILE F 253 -22.95 20.50 -44.74
C ILE F 253 -24.36 21.06 -44.70
N ASP F 254 -24.47 22.38 -44.66
CA ASP F 254 -25.77 23.02 -44.73
C ASP F 254 -26.36 22.93 -46.15
N VAL F 255 -27.67 23.21 -46.25
CA VAL F 255 -28.41 23.05 -47.47
C VAL F 255 -28.70 24.37 -48.10
N ILE F 256 -28.27 24.51 -49.33
CA ILE F 256 -28.67 25.63 -50.14
C ILE F 256 -29.75 25.11 -51.10
N ASN F 257 -30.98 25.60 -50.94
CA ASN F 257 -32.14 25.05 -51.64
C ASN F 257 -32.00 25.26 -53.14
N MET F 258 -32.12 24.19 -53.91
CA MET F 258 -31.97 24.25 -55.38
C MET F 258 -33.05 25.05 -56.15
N ASP F 259 -34.18 25.32 -55.50
CA ASP F 259 -35.26 26.14 -56.10
C ASP F 259 -35.20 27.65 -55.74
N ASN F 260 -35.08 27.96 -54.44
CA ASN F 260 -35.05 29.37 -53.96
C ASN F 260 -33.68 29.89 -53.44
N PHE F 261 -32.70 28.99 -53.30
CA PHE F 261 -31.35 29.33 -52.88
C PHE F 261 -31.24 29.85 -51.47
N GLN F 262 -32.27 29.61 -50.67
CA GLN F 262 -32.15 29.88 -49.26
C GLN F 262 -31.14 28.92 -48.64
N TYR F 263 -30.39 29.46 -47.67
CA TYR F 263 -29.41 28.75 -46.93
C TYR F 263 -30.09 28.24 -45.67
N VAL F 264 -30.00 26.93 -45.45
CA VAL F 264 -30.71 26.28 -44.38
C VAL F 264 -29.80 25.43 -43.51
N GLY F 265 -29.90 25.62 -42.21
CA GLY F 265 -29.03 24.92 -41.26
C GLY F 265 -29.38 23.46 -41.21
N ALA F 266 -28.39 22.61 -41.39
CA ALA F 266 -28.58 21.19 -41.29
C ALA F 266 -28.55 20.74 -39.84
N SER F 267 -28.99 19.50 -39.63
CA SER F 267 -28.86 18.85 -38.35
C SER F 267 -27.42 18.52 -38.04
N ALA F 268 -27.07 18.58 -36.76
CA ALA F 268 -25.74 18.21 -36.29
C ALA F 268 -25.73 16.81 -35.68
N ASP F 269 -26.85 16.12 -35.69
CA ASP F 269 -26.94 14.82 -35.09
C ASP F 269 -26.80 13.68 -36.09
N LEU F 270 -26.20 13.90 -37.25
CA LEU F 270 -26.06 12.88 -38.28
C LEU F 270 -24.67 12.32 -38.35
N LYS F 271 -24.57 11.08 -38.83
CA LYS F 271 -23.32 10.50 -39.30
C LYS F 271 -23.56 9.98 -40.70
N GLY F 272 -22.48 9.84 -41.46
CA GLY F 272 -22.56 9.25 -42.78
C GLY F 272 -22.64 7.72 -42.73
N GLY F 273 -23.29 7.12 -43.72
CA GLY F 273 -23.37 5.68 -43.84
C GLY F 273 -23.85 5.22 -45.21
N PHE F 274 -24.27 3.97 -45.29
CA PHE F 274 -24.70 3.37 -46.56
C PHE F 274 -25.42 2.04 -46.30
N ASP F 275 -26.33 1.69 -47.19
CA ASP F 275 -26.89 0.35 -47.26
C ASP F 275 -26.04 -0.48 -48.21
N TRP F 276 -26.41 -1.75 -48.35
CA TRP F 276 -25.60 -2.69 -49.11
C TRP F 276 -25.55 -2.39 -50.62
N ASN F 277 -26.46 -1.54 -51.08
CA ASN F 277 -26.32 -1.00 -52.44
C ASN F 277 -25.18 0.01 -52.59
N LEU F 278 -24.48 0.32 -51.49
CA LEU F 278 -23.34 1.24 -51.50
C LEU F 278 -23.65 2.69 -51.99
N VAL F 279 -24.89 3.13 -51.80
CA VAL F 279 -25.21 4.52 -51.99
C VAL F 279 -25.16 5.24 -50.65
N PHE F 280 -24.48 6.38 -50.66
CA PHE F 280 -24.34 7.18 -49.46
C PHE F 280 -25.68 7.63 -48.90
N LYS F 281 -25.81 7.55 -47.58
CA LYS F 281 -26.99 8.05 -46.89
C LYS F 281 -26.64 8.57 -45.48
N TRP F 282 -27.52 9.40 -44.92
CA TRP F 282 -27.32 9.96 -43.60
C TRP F 282 -28.09 9.17 -42.59
N ASP F 283 -27.43 8.80 -41.49
CA ASP F 283 -28.04 8.09 -40.37
C ASP F 283 -28.15 9.15 -39.26
N TYR F 284 -29.22 9.13 -38.49
CA TYR F 284 -29.20 9.81 -37.20
C TYR F 284 -28.31 9.04 -36.26
N MET F 285 -27.60 9.72 -35.36
CA MET F 285 -26.93 9.06 -34.24
C MET F 285 -28.00 8.38 -33.40
N THR F 286 -27.58 7.34 -32.67
CA THR F 286 -28.49 6.69 -31.75
C THR F 286 -28.72 7.58 -30.54
N PRO F 287 -29.86 7.38 -29.86
CA PRO F 287 -30.04 8.01 -28.56
C PRO F 287 -28.82 7.86 -27.62
N GLU F 288 -28.19 6.69 -27.63
CA GLU F 288 -27.05 6.44 -26.75
C GLU F 288 -25.89 7.36 -27.12
N GLN F 289 -25.56 7.44 -28.40
CA GLN F 289 -24.47 8.31 -28.87
C GLN F 289 -24.74 9.77 -28.47
N ARG F 290 -25.96 10.25 -28.73
CA ARG F 290 -26.35 11.63 -28.40
C ARG F 290 -26.20 11.92 -26.92
N ARG F 291 -26.65 10.98 -26.11
CA ARG F 291 -26.55 11.12 -24.65
C ARG F 291 -25.07 11.21 -24.20
N SER F 292 -24.16 10.44 -24.80
CA SER F 292 -22.74 10.55 -24.42
C SER F 292 -22.08 11.85 -24.70
N ARG F 293 -22.67 12.62 -25.59
CA ARG F 293 -22.09 13.87 -26.04
C ARG F 293 -22.66 15.05 -25.27
N GLN F 294 -23.65 14.82 -24.40
CA GLN F 294 -24.38 15.88 -23.68
C GLN F 294 -23.39 16.84 -22.98
N GLY F 295 -22.29 16.30 -22.46
CA GLY F 295 -21.24 17.10 -21.83
C GLY F 295 -20.40 17.96 -22.78
N ASN F 296 -20.29 17.56 -24.04
CA ASN F 296 -19.66 18.41 -25.06
C ASN F 296 -20.30 18.26 -26.43
N PRO F 297 -21.38 19.00 -26.67
CA PRO F 297 -22.19 18.74 -27.86
C PRO F 297 -21.56 19.14 -29.18
N VAL F 298 -20.48 19.91 -29.16
CA VAL F 298 -19.82 20.23 -30.42
C VAL F 298 -18.53 19.47 -30.64
N ALA F 299 -18.36 18.36 -29.95
CA ALA F 299 -17.18 17.52 -30.13
C ALA F 299 -17.20 16.88 -31.51
N PRO F 300 -16.03 16.55 -32.05
CA PRO F 300 -15.95 15.82 -33.29
C PRO F 300 -16.86 14.59 -33.29
N ILE F 301 -17.44 14.28 -34.43
CA ILE F 301 -18.21 13.07 -34.60
C ILE F 301 -17.47 12.10 -35.50
N LYS F 302 -17.14 10.91 -35.01
CA LYS F 302 -16.56 9.88 -35.87
C LYS F 302 -17.60 9.33 -36.83
N THR F 303 -17.23 9.20 -38.09
CA THR F 303 -18.18 8.80 -39.10
C THR F 303 -17.64 7.69 -39.96
N PRO F 304 -18.48 6.67 -40.27
CA PRO F 304 -18.04 5.54 -41.09
C PRO F 304 -17.75 5.95 -42.48
N MET F 305 -18.36 7.04 -42.91
CA MET F 305 -18.23 7.46 -44.27
C MET F 305 -18.48 8.96 -44.40
N ILE F 306 -17.72 9.63 -45.28
CA ILE F 306 -17.96 11.04 -45.58
C ILE F 306 -18.79 11.19 -46.83
N ALA F 307 -19.47 12.31 -46.93
CA ALA F 307 -20.34 12.59 -48.08
C ALA F 307 -19.50 12.66 -49.34
N GLY F 308 -18.33 13.29 -49.22
CA GLY F 308 -17.24 13.14 -50.18
C GLY F 308 -16.71 14.40 -50.83
N GLY F 309 -17.53 15.43 -50.89
CA GLY F 309 -17.12 16.63 -51.62
C GLY F 309 -16.50 17.75 -50.82
N LEU F 310 -16.65 17.69 -49.49
CA LEU F 310 -16.15 18.73 -48.65
C LEU F 310 -15.34 18.10 -47.54
N PHE F 311 -14.01 18.20 -47.63
CA PHE F 311 -13.17 17.67 -46.60
C PHE F 311 -11.79 18.29 -46.62
N VAL F 312 -11.09 18.10 -45.52
CA VAL F 312 -9.79 18.64 -45.31
C VAL F 312 -8.89 17.47 -44.96
N MET F 313 -7.72 17.42 -45.56
CA MET F 313 -6.82 16.31 -45.38
C MET F 313 -5.37 16.80 -45.49
N ASP F 314 -4.49 16.28 -44.64
CA ASP F 314 -3.08 16.54 -44.72
C ASP F 314 -2.57 16.12 -46.10
N LYS F 315 -1.83 16.97 -46.79
CA LYS F 315 -1.49 16.68 -48.18
C LYS F 315 -0.60 15.46 -48.37
N PHE F 316 0.42 15.35 -47.53
CA PHE F 316 1.35 14.25 -47.59
C PHE F 316 0.66 12.92 -47.23
N TYR F 317 -0.30 12.98 -46.31
CA TYR F 317 -1.13 11.84 -45.99
C TYR F 317 -1.99 11.43 -47.17
N PHE F 318 -2.55 12.40 -47.88
CA PHE F 318 -3.35 12.11 -49.07
C PHE F 318 -2.52 11.39 -50.10
N GLU F 319 -1.25 11.79 -50.27
CA GLU F 319 -0.31 11.18 -51.23
C GLU F 319 0.08 9.77 -50.83
N GLU F 320 0.54 9.61 -49.59
CA GLU F 320 0.93 8.31 -49.05
C GLU F 320 -0.17 7.28 -49.06
N LEU F 321 -1.40 7.70 -48.77
CA LEU F 321 -2.51 6.76 -48.83
C LEU F 321 -3.00 6.43 -50.24
N GLY F 322 -2.47 7.07 -51.28
CA GLY F 322 -2.84 6.73 -52.67
C GLY F 322 -3.84 7.67 -53.32
N LYS F 323 -3.82 8.93 -52.92
CA LYS F 323 -4.62 9.95 -53.58
C LYS F 323 -6.07 9.48 -53.79
N TYR F 324 -6.50 9.42 -55.04
CA TYR F 324 -7.75 8.74 -55.45
C TYR F 324 -7.39 7.71 -56.54
N ASP F 325 -8.31 6.80 -56.80
CA ASP F 325 -8.13 5.78 -57.85
C ASP F 325 -8.28 6.48 -59.19
N MET F 326 -7.17 6.65 -59.91
CA MET F 326 -7.17 7.43 -61.15
C MET F 326 -8.02 6.86 -62.29
N MET F 327 -8.52 5.65 -62.17
CA MET F 327 -9.32 5.05 -63.23
C MET F 327 -10.84 5.15 -62.97
N MET F 328 -11.24 5.83 -61.89
CA MET F 328 -12.66 6.14 -61.71
C MET F 328 -12.98 7.33 -62.59
N ASP F 329 -14.20 7.38 -63.11
CA ASP F 329 -14.59 8.37 -64.11
C ASP F 329 -15.78 9.21 -63.65
N VAL F 330 -15.77 10.46 -64.11
CA VAL F 330 -16.87 11.42 -63.96
C VAL F 330 -17.31 11.75 -62.51
N TRP F 331 -18.02 10.80 -61.88
CA TRP F 331 -18.73 11.05 -60.64
C TRP F 331 -18.94 9.66 -60.04
N GLY F 332 -18.57 9.52 -58.79
CA GLY F 332 -18.00 8.15 -58.37
C GLY F 332 -19.06 7.82 -57.42
N GLY F 333 -18.90 7.07 -56.32
CA GLY F 333 -17.90 6.05 -55.91
C GLY F 333 -16.62 6.34 -55.13
N GLU F 334 -16.03 7.51 -55.33
CA GLU F 334 -14.72 7.81 -54.77
C GLU F 334 -14.81 8.13 -53.27
N ASN F 335 -15.92 8.69 -52.84
CA ASN F 335 -16.19 8.86 -51.41
C ASN F 335 -16.21 7.56 -50.64
N LEU F 336 -16.71 6.53 -51.28
CA LEU F 336 -16.81 5.20 -50.67
C LEU F 336 -15.40 4.64 -50.53
N GLU F 337 -14.67 4.69 -51.65
CA GLU F 337 -13.34 4.15 -51.73
C GLU F 337 -12.39 4.78 -50.72
N ILE F 338 -12.37 6.11 -50.67
CA ILE F 338 -11.46 6.79 -49.75
C ILE F 338 -11.89 6.63 -48.28
N SER F 339 -13.18 6.49 -48.02
CA SER F 339 -13.63 6.27 -46.65
C SER F 339 -13.15 4.90 -46.12
N PHE F 340 -13.31 3.87 -46.95
CA PHE F 340 -12.83 2.52 -46.58
C PHE F 340 -11.33 2.50 -46.39
N ARG F 341 -10.63 3.13 -47.34
CA ARG F 341 -9.18 3.11 -47.36
C ARG F 341 -8.61 3.80 -46.12
N VAL F 342 -9.12 4.99 -45.80
CA VAL F 342 -8.64 5.70 -44.60
C VAL F 342 -8.87 4.88 -43.31
N TRP F 343 -10.07 4.34 -43.12
CA TRP F 343 -10.36 3.63 -41.91
C TRP F 343 -9.53 2.32 -41.85
N GLN F 344 -9.55 1.55 -42.93
CA GLN F 344 -8.87 0.25 -42.89
C GLN F 344 -7.37 0.44 -42.75
N CYS F 345 -6.84 1.56 -43.23
CA CYS F 345 -5.40 1.70 -43.28
C CYS F 345 -4.84 2.58 -42.19
N GLY F 346 -5.60 2.81 -41.14
CA GLY F 346 -5.06 3.40 -39.91
C GLY F 346 -5.47 4.84 -39.58
N GLY F 347 -6.18 5.50 -40.48
CA GLY F 347 -6.66 6.86 -40.21
C GLY F 347 -8.06 6.93 -39.58
N SER F 348 -8.65 8.12 -39.60
CA SER F 348 -10.03 8.28 -39.16
C SER F 348 -10.75 9.34 -39.99
N LEU F 349 -12.07 9.27 -39.92
CA LEU F 349 -12.97 10.21 -40.56
C LEU F 349 -13.79 10.93 -39.48
N GLU F 350 -13.90 12.25 -39.57
CA GLU F 350 -14.69 13.03 -38.63
C GLU F 350 -15.54 14.07 -39.33
N ILE F 351 -16.61 14.45 -38.64
CA ILE F 351 -17.48 15.56 -38.98
C ILE F 351 -17.34 16.54 -37.82
N ILE F 352 -17.18 17.82 -38.12
CA ILE F 352 -16.82 18.80 -37.12
C ILE F 352 -17.91 19.84 -37.02
N PRO F 353 -18.75 19.74 -35.98
CA PRO F 353 -19.93 20.57 -35.86
C PRO F 353 -19.72 22.06 -35.93
N CYS F 354 -18.62 22.56 -35.39
CA CYS F 354 -18.37 24.00 -35.44
C CYS F 354 -18.02 24.53 -36.85
N SER F 355 -17.72 23.61 -37.78
CA SER F 355 -17.50 23.94 -39.18
C SER F 355 -18.75 23.74 -40.03
N ARG F 356 -19.25 24.84 -40.60
CA ARG F 356 -20.45 24.85 -41.39
C ARG F 356 -20.19 25.36 -42.80
N VAL F 357 -20.59 24.57 -43.79
CA VAL F 357 -20.51 24.98 -45.19
C VAL F 357 -21.75 24.53 -45.96
N GLY F 358 -22.40 25.47 -46.65
CA GLY F 358 -23.59 25.18 -47.42
C GLY F 358 -23.25 24.61 -48.79
N HIS F 359 -24.16 23.81 -49.32
CA HIS F 359 -23.99 23.12 -50.58
C HIS F 359 -25.33 23.05 -51.33
N VAL F 360 -25.29 23.30 -52.63
CA VAL F 360 -26.50 23.20 -53.41
C VAL F 360 -26.73 21.72 -53.73
N PHE F 361 -27.59 21.06 -52.94
CA PHE F 361 -27.97 19.69 -53.21
C PHE F 361 -28.95 19.69 -54.39
N ARG F 362 -28.72 18.83 -55.36
CA ARG F 362 -29.67 18.69 -56.48
C ARG F 362 -30.13 17.23 -56.69
N LYS F 363 -31.17 17.03 -57.49
CA LYS F 363 -31.76 15.70 -57.74
C LYS F 363 -31.18 15.04 -58.99
N GLN F 364 -30.69 15.84 -59.93
CA GLN F 364 -30.14 15.30 -61.17
C GLN F 364 -28.83 15.94 -61.56
N HIS F 365 -28.03 15.20 -62.29
CA HIS F 365 -26.79 15.72 -62.83
C HIS F 365 -27.10 16.55 -64.04
N PRO F 366 -26.47 17.72 -64.17
CA PRO F 366 -26.67 18.52 -65.38
C PRO F 366 -25.71 18.21 -66.54
N TYR F 367 -24.76 17.29 -66.33
CA TYR F 367 -23.70 17.07 -67.31
C TYR F 367 -23.74 15.63 -67.81
N THR F 368 -22.96 15.39 -68.84
CA THR F 368 -22.96 14.10 -69.52
C THR F 368 -22.06 13.07 -68.82
N PHE F 369 -22.46 11.81 -68.95
CA PHE F 369 -21.64 10.68 -68.58
C PHE F 369 -21.40 9.82 -69.83
N PRO F 370 -20.16 9.72 -70.31
CA PRO F 370 -19.95 8.80 -71.43
C PRO F 370 -20.44 7.37 -71.21
N GLY F 371 -20.01 6.73 -70.13
CA GLY F 371 -20.48 5.38 -69.85
C GLY F 371 -21.94 5.45 -69.41
N GLY F 372 -22.15 5.80 -68.14
CA GLY F 372 -23.46 5.62 -67.44
C GLY F 372 -24.57 6.59 -67.72
N SER F 373 -24.96 7.48 -66.81
CA SER F 373 -24.56 7.61 -65.38
C SER F 373 -24.73 6.30 -64.58
N GLY F 374 -25.79 5.55 -64.87
CA GLY F 374 -26.01 4.23 -64.25
C GLY F 374 -24.76 3.34 -64.30
N THR F 375 -24.15 3.29 -65.48
CA THR F 375 -23.05 2.38 -65.76
C THR F 375 -21.74 2.89 -65.18
N VAL F 376 -21.47 4.19 -65.30
CA VAL F 376 -20.21 4.74 -64.71
C VAL F 376 -20.21 4.62 -63.18
N PHE F 377 -21.37 4.86 -62.55
CA PHE F 377 -21.49 4.77 -61.09
C PHE F 377 -21.21 3.34 -60.64
N ALA F 378 -21.74 2.39 -61.41
CA ALA F 378 -21.54 0.98 -61.05
C ALA F 378 -20.09 0.57 -61.29
N ARG F 379 -19.48 1.03 -62.38
CA ARG F 379 -18.08 0.73 -62.61
C ARG F 379 -17.24 1.25 -61.43
N ASN F 380 -17.39 2.54 -61.11
CA ASN F 380 -16.61 3.14 -60.00
C ASN F 380 -16.85 2.39 -58.70
N THR F 381 -18.11 2.09 -58.41
CA THR F 381 -18.44 1.40 -57.16
C THR F 381 -17.81 0.00 -57.12
N ARG F 382 -17.79 -0.67 -58.25
CA ARG F 382 -17.12 -1.96 -58.40
C ARG F 382 -15.68 -1.86 -58.05
N ARG F 383 -15.02 -0.89 -58.61
CA ARG F 383 -13.59 -0.71 -58.35
C ARG F 383 -13.30 -0.53 -56.86
N ALA F 384 -14.20 0.11 -56.12
CA ALA F 384 -14.05 0.20 -54.68
C ALA F 384 -14.30 -1.13 -54.01
N ALA F 385 -15.41 -1.78 -54.36
CA ALA F 385 -15.82 -3.02 -53.68
C ALA F 385 -14.80 -4.14 -53.88
N GLU F 386 -14.32 -4.30 -55.11
CA GLU F 386 -13.40 -5.37 -55.44
C GLU F 386 -12.04 -5.23 -54.76
N VAL F 387 -11.67 -4.01 -54.41
CA VAL F 387 -10.39 -3.76 -53.76
C VAL F 387 -10.48 -3.83 -52.23
N TRP F 388 -11.59 -3.39 -51.65
CA TRP F 388 -11.64 -3.10 -50.21
C TRP F 388 -12.54 -4.01 -49.38
N MET F 389 -13.56 -4.58 -50.00
CA MET F 389 -14.62 -5.22 -49.22
C MET F 389 -14.43 -6.73 -48.97
N ASP F 390 -13.37 -7.35 -49.52
CA ASP F 390 -13.16 -8.79 -49.38
C ASP F 390 -14.43 -9.54 -49.83
N GLU F 391 -14.87 -10.53 -49.08
CA GLU F 391 -16.05 -11.35 -49.45
C GLU F 391 -17.38 -10.55 -49.32
N TYR F 392 -17.37 -9.46 -48.56
CA TYR F 392 -18.61 -8.73 -48.30
C TYR F 392 -19.10 -8.02 -49.57
N LYS F 393 -18.26 -7.97 -50.60
CA LYS F 393 -18.71 -7.46 -51.88
C LYS F 393 -19.93 -8.21 -52.39
N ASN F 394 -20.05 -9.49 -52.03
CA ASN F 394 -21.16 -10.30 -52.51
C ASN F 394 -22.50 -9.81 -51.99
N PHE F 395 -22.51 -9.14 -50.83
CA PHE F 395 -23.75 -8.49 -50.39
C PHE F 395 -24.12 -7.28 -51.25
N TYR F 396 -23.13 -6.59 -51.80
CA TYR F 396 -23.40 -5.51 -52.74
C TYR F 396 -24.04 -6.09 -54.01
N TYR F 397 -23.44 -7.13 -54.57
CA TYR F 397 -23.98 -7.78 -55.77
C TYR F 397 -25.34 -8.44 -55.51
N ALA F 398 -25.59 -8.88 -54.29
CA ALA F 398 -26.93 -9.37 -53.92
C ALA F 398 -27.96 -8.24 -53.97
N ALA F 399 -27.57 -7.00 -53.63
CA ALA F 399 -28.48 -5.87 -53.70
C ALA F 399 -28.60 -5.30 -55.12
N VAL F 400 -27.52 -5.41 -55.90
CA VAL F 400 -27.46 -4.79 -57.25
C VAL F 400 -26.90 -5.82 -58.22
N PRO F 401 -27.72 -6.83 -58.55
CA PRO F 401 -27.16 -7.93 -59.33
C PRO F 401 -26.69 -7.50 -60.71
N SER F 402 -27.31 -6.46 -61.28
CA SER F 402 -26.91 -5.93 -62.60
C SER F 402 -25.46 -5.46 -62.64
N ALA F 403 -24.91 -5.12 -61.49
CA ALA F 403 -23.52 -4.67 -61.44
C ALA F 403 -22.51 -5.74 -61.85
N ARG F 404 -22.84 -7.02 -61.64
CA ARG F 404 -21.95 -8.13 -62.06
C ARG F 404 -21.61 -8.12 -63.56
N ASN F 405 -22.47 -7.52 -64.37
CA ASN F 405 -22.24 -7.46 -65.81
C ASN F 405 -21.49 -6.23 -66.27
N VAL F 406 -21.09 -5.37 -65.33
CA VAL F 406 -20.40 -4.13 -65.68
C VAL F 406 -18.88 -4.30 -65.59
N PRO F 407 -18.19 -4.17 -66.75
CA PRO F 407 -16.74 -4.26 -66.71
C PRO F 407 -16.13 -3.06 -65.98
N TYR F 408 -15.08 -3.33 -65.23
CA TYR F 408 -14.47 -2.34 -64.36
C TYR F 408 -12.97 -2.10 -64.53
N GLY F 409 -12.32 -2.80 -65.44
CA GLY F 409 -10.91 -2.56 -65.74
C GLY F 409 -9.93 -3.14 -64.74
N ASN F 410 -8.67 -2.74 -64.90
CA ASN F 410 -7.59 -3.26 -64.08
C ASN F 410 -7.48 -2.57 -62.70
N ILE F 411 -7.41 -3.37 -61.63
CA ILE F 411 -7.37 -2.86 -60.27
C ILE F 411 -6.07 -3.21 -59.53
N GLN F 412 -5.07 -3.59 -60.30
CA GLN F 412 -3.87 -4.20 -59.73
C GLN F 412 -3.10 -3.23 -58.86
N SER F 413 -2.89 -2.02 -59.35
CA SER F 413 -2.09 -1.08 -58.58
C SER F 413 -2.80 -0.65 -57.29
N ARG F 414 -4.14 -0.71 -57.29
CA ARG F 414 -4.92 -0.44 -56.07
C ARG F 414 -4.79 -1.60 -55.08
N LEU F 415 -4.77 -2.83 -55.60
CA LEU F 415 -4.53 -3.98 -54.74
C LEU F 415 -3.13 -3.94 -54.13
N GLU F 416 -2.14 -3.56 -54.94
CA GLU F 416 -0.76 -3.49 -54.45
C GLU F 416 -0.62 -2.41 -53.41
N LEU F 417 -1.38 -1.32 -53.59
CA LEU F 417 -1.47 -0.24 -52.61
C LEU F 417 -1.99 -0.73 -51.26
N ARG F 418 -3.06 -1.52 -51.28
CA ARG F 418 -3.59 -2.07 -50.05
C ARG F 418 -2.57 -2.94 -49.30
N LYS F 419 -1.85 -3.79 -50.03
CA LYS F 419 -0.81 -4.64 -49.43
C LYS F 419 0.27 -3.78 -48.79
N LYS F 420 0.77 -2.85 -49.59
CA LYS F 420 1.86 -1.98 -49.19
C LYS F 420 1.56 -1.21 -47.90
N LEU F 421 0.30 -0.83 -47.69
CA LEU F 421 -0.09 -0.04 -46.50
C LEU F 421 -0.40 -0.87 -45.26
N SER F 422 -0.47 -2.19 -45.39
CA SER F 422 -0.92 -3.02 -44.27
C SER F 422 -2.28 -2.53 -43.75
N CYS F 423 -3.33 -2.85 -44.49
CA CYS F 423 -4.66 -2.40 -44.14
C CYS F 423 -5.40 -3.56 -43.51
N LYS F 424 -6.32 -3.26 -42.60
CA LYS F 424 -7.11 -4.29 -41.96
C LYS F 424 -8.23 -4.78 -42.89
N PRO F 425 -8.76 -5.98 -42.61
CA PRO F 425 -9.81 -6.51 -43.47
C PRO F 425 -11.13 -5.82 -43.28
N PHE F 426 -12.02 -5.99 -44.23
CA PHE F 426 -13.30 -5.32 -44.18
C PHE F 426 -14.13 -5.74 -42.97
N LYS F 427 -13.96 -6.99 -42.55
CA LYS F 427 -14.61 -7.49 -41.33
C LYS F 427 -14.26 -6.60 -40.14
N TRP F 428 -13.00 -6.18 -40.09
CA TRP F 428 -12.59 -5.29 -39.03
C TRP F 428 -13.34 -3.96 -39.12
N TYR F 429 -13.47 -3.44 -40.34
CA TYR F 429 -14.18 -2.18 -40.55
C TYR F 429 -15.62 -2.30 -40.04
N LEU F 430 -16.29 -3.41 -40.39
CA LEU F 430 -17.69 -3.58 -39.97
C LEU F 430 -17.82 -3.67 -38.46
N GLU F 431 -16.89 -4.35 -37.80
CA GLU F 431 -17.01 -4.56 -36.37
C GLU F 431 -16.66 -3.32 -35.59
N ASN F 432 -15.68 -2.58 -36.07
CA ASN F 432 -15.10 -1.49 -35.28
C ASN F 432 -15.51 -0.07 -35.71
N VAL F 433 -15.92 0.09 -36.96
CA VAL F 433 -16.22 1.40 -37.49
C VAL F 433 -17.69 1.56 -37.76
N TYR F 434 -18.29 0.57 -38.42
CA TYR F 434 -19.72 0.64 -38.75
C TYR F 434 -20.49 -0.59 -38.20
N PRO F 435 -20.44 -0.83 -36.87
CA PRO F 435 -21.14 -1.99 -36.31
C PRO F 435 -22.65 -1.94 -36.49
N GLU F 436 -23.22 -0.75 -36.66
CA GLU F 436 -24.67 -0.65 -36.78
C GLU F 436 -25.21 -1.05 -38.18
N LEU F 437 -24.31 -1.30 -39.14
CA LEU F 437 -24.73 -1.77 -40.45
C LEU F 437 -25.08 -3.23 -40.33
N ARG F 438 -26.33 -3.54 -40.65
CA ARG F 438 -26.88 -4.85 -40.42
C ARG F 438 -26.40 -5.80 -41.50
N VAL F 439 -25.80 -6.90 -41.10
CA VAL F 439 -25.07 -7.77 -42.04
C VAL F 439 -25.77 -9.14 -42.10
N PRO F 440 -26.28 -9.55 -43.31
CA PRO F 440 -27.13 -10.71 -43.48
C PRO F 440 -26.25 -11.95 -43.53
N ASP F 441 -25.78 -12.30 -42.33
CA ASP F 441 -24.91 -13.43 -42.10
C ASP F 441 -25.89 -14.63 -42.12
N HIS F 442 -27.05 -14.30 -42.66
CA HIS F 442 -27.83 -15.25 -43.44
C HIS F 442 -28.70 -16.11 -42.56
N GLN F 443 -29.09 -17.31 -42.99
CA GLN F 443 -29.26 -17.74 -44.41
C GLN F 443 -30.52 -17.17 -45.09
N ASP F 444 -30.77 -15.86 -45.01
CA ASP F 444 -32.10 -15.34 -45.36
C ASP F 444 -32.49 -15.48 -46.83
N ILE F 445 -33.74 -15.87 -47.06
CA ILE F 445 -34.30 -16.00 -48.41
C ILE F 445 -34.81 -14.65 -48.91
N ALA F 446 -35.37 -13.87 -47.99
CA ALA F 446 -35.88 -12.53 -48.32
C ALA F 446 -35.82 -11.68 -47.07
N PHE F 447 -35.95 -10.36 -47.26
CA PHE F 447 -35.74 -9.39 -46.17
C PHE F 447 -36.41 -8.07 -46.55
N GLY F 448 -36.80 -7.31 -45.53
CA GLY F 448 -37.24 -5.94 -45.71
C GLY F 448 -38.67 -5.73 -45.27
N ALA F 449 -39.44 -5.00 -46.06
CA ALA F 449 -40.85 -4.80 -45.79
C ALA F 449 -41.60 -5.85 -46.58
N LEU F 450 -42.80 -6.19 -46.11
CA LEU F 450 -43.66 -7.08 -46.87
C LEU F 450 -44.85 -6.25 -47.36
N GLN F 451 -44.83 -5.95 -48.66
CA GLN F 451 -45.73 -4.95 -49.26
C GLN F 451 -46.99 -5.56 -49.86
N GLN F 452 -48.12 -4.88 -49.64
CA GLN F 452 -49.35 -5.14 -50.37
C GLN F 452 -49.95 -3.80 -50.78
N GLY F 453 -49.86 -3.48 -52.07
CA GLY F 453 -50.20 -2.15 -52.57
C GLY F 453 -49.31 -1.12 -51.90
N THR F 454 -49.95 -0.14 -51.24
CA THR F 454 -49.23 0.89 -50.48
C THR F 454 -49.11 0.53 -48.98
N ASN F 455 -49.64 -0.62 -48.59
CA ASN F 455 -49.58 -1.08 -47.21
C ASN F 455 -48.45 -2.08 -47.00
N CYS F 456 -48.07 -2.22 -45.73
CA CYS F 456 -46.97 -3.08 -45.30
C CYS F 456 -47.39 -3.94 -44.10
N LEU F 457 -46.86 -5.17 -44.03
CA LEU F 457 -47.04 -6.04 -42.85
C LEU F 457 -46.53 -5.28 -41.64
N ASP F 458 -47.31 -5.26 -40.57
CA ASP F 458 -46.99 -4.47 -39.38
C ASP F 458 -47.36 -5.24 -38.11
N THR F 459 -46.45 -5.29 -37.15
CA THR F 459 -46.74 -5.92 -35.87
C THR F 459 -47.79 -5.19 -35.03
N LEU F 460 -48.10 -3.94 -35.39
CA LEU F 460 -49.04 -3.11 -34.61
C LEU F 460 -48.53 -2.86 -33.20
N GLY F 461 -47.20 -2.98 -33.03
CA GLY F 461 -46.58 -2.89 -31.71
C GLY F 461 -46.85 -4.07 -30.79
N HIS F 462 -47.48 -5.14 -31.33
CA HIS F 462 -47.86 -6.30 -30.53
C HIS F 462 -46.66 -7.22 -30.24
N PHE F 463 -46.83 -8.08 -29.25
CA PHE F 463 -45.80 -9.01 -28.83
C PHE F 463 -46.36 -10.42 -28.95
N ALA F 464 -45.75 -11.38 -28.27
CA ALA F 464 -46.15 -12.79 -28.43
C ALA F 464 -47.60 -13.01 -28.03
N ASP F 465 -48.27 -13.88 -28.79
CA ASP F 465 -49.72 -14.13 -28.68
C ASP F 465 -50.61 -12.97 -29.17
N GLY F 466 -50.02 -11.93 -29.76
CA GLY F 466 -50.78 -10.87 -30.40
C GLY F 466 -51.00 -11.08 -31.91
N VAL F 467 -52.04 -10.43 -32.41
CA VAL F 467 -52.33 -10.43 -33.84
C VAL F 467 -51.42 -9.48 -34.58
N VAL F 468 -51.53 -9.50 -35.89
CA VAL F 468 -50.63 -8.79 -36.76
C VAL F 468 -51.52 -8.07 -37.79
N GLY F 469 -51.04 -6.98 -38.39
CA GLY F 469 -51.85 -6.22 -39.35
C GLY F 469 -51.10 -5.52 -40.46
N VAL F 470 -51.76 -4.50 -41.02
CA VAL F 470 -51.12 -3.59 -41.99
C VAL F 470 -51.27 -2.13 -41.57
N TYR F 471 -50.27 -1.34 -41.96
CA TYR F 471 -50.35 0.13 -41.96
C TYR F 471 -49.68 0.56 -43.23
N GLU F 472 -49.80 1.83 -43.55
CA GLU F 472 -49.14 2.36 -44.76
C GLU F 472 -47.61 2.25 -44.65
N CYS F 473 -46.97 1.82 -45.73
CA CYS F 473 -45.52 1.61 -45.75
C CYS F 473 -44.82 2.90 -45.49
N HIS F 474 -43.88 2.90 -44.55
CA HIS F 474 -43.17 4.13 -44.19
C HIS F 474 -41.68 4.10 -44.46
N ASN F 475 -41.16 2.95 -44.90
CA ASN F 475 -39.72 2.75 -45.13
C ASN F 475 -38.76 3.06 -43.98
N ALA F 476 -39.30 3.36 -42.80
CA ALA F 476 -38.51 3.52 -41.58
C ALA F 476 -38.12 2.20 -40.88
N GLY F 477 -38.45 1.04 -41.47
CA GLY F 477 -38.18 -0.23 -40.80
C GLY F 477 -39.05 -0.43 -39.53
N GLY F 478 -38.41 -0.77 -38.39
CA GLY F 478 -39.09 -1.02 -37.11
C GLY F 478 -40.18 -2.09 -37.19
N ASN F 479 -41.42 -1.74 -36.86
CA ASN F 479 -42.55 -2.71 -36.88
C ASN F 479 -42.94 -3.22 -38.28
N GLN F 480 -42.31 -2.67 -39.33
CA GLN F 480 -42.55 -3.15 -40.70
C GLN F 480 -41.32 -3.87 -41.26
N GLU F 481 -40.40 -4.26 -40.38
CA GLU F 481 -39.25 -5.04 -40.80
C GLU F 481 -39.40 -6.55 -40.54
N TRP F 482 -39.12 -7.36 -41.56
CA TRP F 482 -39.35 -8.80 -41.53
C TRP F 482 -38.29 -9.51 -42.34
N ALA F 483 -38.16 -10.80 -42.12
CA ALA F 483 -37.31 -11.66 -42.95
C ALA F 483 -38.01 -12.99 -43.22
N LEU F 484 -37.65 -13.61 -44.35
CA LEU F 484 -38.01 -15.00 -44.62
C LEU F 484 -36.72 -15.77 -44.45
N THR F 485 -36.65 -16.60 -43.41
CA THR F 485 -35.42 -17.25 -43.00
C THR F 485 -35.13 -18.56 -43.76
N LYS F 486 -33.93 -19.11 -43.59
CA LYS F 486 -33.57 -20.45 -44.12
C LYS F 486 -34.53 -21.50 -43.59
N GLU F 487 -35.04 -21.28 -42.38
CA GLU F 487 -35.99 -22.20 -41.73
C GLU F 487 -37.43 -21.99 -42.22
N LYS F 488 -37.57 -21.09 -43.19
CA LYS F 488 -38.83 -20.75 -43.84
C LYS F 488 -39.88 -20.07 -42.99
N SER F 489 -39.41 -19.35 -41.99
CA SER F 489 -40.29 -18.60 -41.08
C SER F 489 -40.30 -17.13 -41.47
N VAL F 490 -41.43 -16.47 -41.22
CA VAL F 490 -41.53 -15.03 -41.46
C VAL F 490 -41.39 -14.33 -40.12
N LYS F 491 -40.23 -13.71 -39.88
CA LYS F 491 -39.91 -13.21 -38.54
C LYS F 491 -39.62 -11.74 -38.41
N HIS F 492 -40.00 -11.24 -37.24
CA HIS F 492 -39.65 -9.91 -36.78
C HIS F 492 -38.99 -10.07 -35.40
N MET F 493 -37.73 -9.65 -35.26
CA MET F 493 -36.95 -9.90 -34.03
C MET F 493 -36.85 -11.42 -33.82
N ASP F 494 -37.31 -11.94 -32.68
CA ASP F 494 -37.38 -13.38 -32.46
C ASP F 494 -38.84 -13.87 -32.42
N LEU F 495 -39.74 -13.14 -33.08
CA LEU F 495 -41.12 -13.54 -33.22
C LEU F 495 -41.45 -13.92 -34.67
N CYS F 496 -42.37 -14.89 -34.82
CA CYS F 496 -42.65 -15.52 -36.10
C CYS F 496 -44.15 -15.63 -36.36
N LEU F 497 -44.56 -15.46 -37.61
CA LEU F 497 -45.97 -15.62 -37.96
C LEU F 497 -46.36 -17.07 -37.80
N THR F 498 -47.39 -17.31 -36.99
CA THR F 498 -47.73 -18.64 -36.56
C THR F 498 -49.19 -18.96 -36.91
N VAL F 499 -49.38 -20.06 -37.65
CA VAL F 499 -50.72 -20.53 -37.94
C VAL F 499 -51.21 -21.36 -36.78
N VAL F 500 -52.01 -20.70 -35.97
CA VAL F 500 -52.48 -21.22 -34.71
C VAL F 500 -53.71 -22.12 -34.92
N ASP F 501 -54.37 -21.94 -36.06
CA ASP F 501 -55.58 -22.68 -36.37
C ASP F 501 -55.71 -22.69 -37.89
N ARG F 502 -55.90 -23.88 -38.45
CA ARG F 502 -55.88 -24.08 -39.91
C ARG F 502 -57.23 -23.77 -40.57
N ALA F 503 -58.27 -23.49 -39.76
CA ALA F 503 -59.58 -23.21 -40.28
C ALA F 503 -59.57 -21.88 -41.06
N PRO F 504 -60.04 -21.90 -42.32
CA PRO F 504 -60.05 -20.65 -43.11
C PRO F 504 -60.73 -19.48 -42.36
N GLY F 505 -60.12 -18.30 -42.41
CA GLY F 505 -60.62 -17.17 -41.65
C GLY F 505 -59.99 -17.01 -40.27
N SER F 506 -59.24 -18.02 -39.81
CA SER F 506 -58.54 -17.93 -38.53
C SER F 506 -57.46 -16.86 -38.56
N LEU F 507 -57.38 -16.08 -37.48
CA LEU F 507 -56.33 -15.10 -37.28
C LEU F 507 -55.02 -15.83 -37.03
N ILE F 508 -53.93 -15.24 -37.50
CA ILE F 508 -52.62 -15.74 -37.20
C ILE F 508 -52.08 -14.95 -36.00
N LYS F 509 -51.11 -15.54 -35.31
CA LYS F 509 -50.54 -14.90 -34.17
C LYS F 509 -49.04 -14.88 -34.25
N LEU F 510 -48.48 -13.93 -33.55
CA LEU F 510 -47.07 -13.81 -33.33
C LEU F 510 -46.67 -14.76 -32.19
N GLN F 511 -45.66 -15.61 -32.40
CA GLN F 511 -45.12 -16.42 -31.29
C GLN F 511 -43.61 -16.51 -31.42
N GLY F 512 -42.93 -16.87 -30.33
CA GLY F 512 -41.49 -17.06 -30.36
C GLY F 512 -41.09 -18.09 -31.42
N CYS F 513 -40.09 -17.77 -32.22
CA CYS F 513 -39.66 -18.69 -33.30
C CYS F 513 -39.08 -20.01 -32.78
N ARG F 514 -39.57 -21.14 -33.31
CA ARG F 514 -38.96 -22.46 -33.12
C ARG F 514 -38.77 -23.11 -34.47
N GLU F 515 -37.58 -23.54 -34.84
CA GLU F 515 -37.46 -24.11 -36.16
C GLU F 515 -38.52 -25.19 -36.32
N ASP F 516 -38.63 -26.09 -35.35
CA ASP F 516 -39.65 -27.11 -35.33
C ASP F 516 -41.04 -26.73 -35.75
N ASP F 517 -41.61 -25.74 -35.11
CA ASP F 517 -43.03 -25.55 -35.19
C ASP F 517 -43.50 -25.43 -36.61
N SER F 518 -43.95 -26.55 -37.16
CA SER F 518 -44.43 -26.56 -38.55
C SER F 518 -45.54 -25.55 -38.81
N ARG F 519 -46.16 -25.05 -37.74
CA ARG F 519 -47.14 -23.98 -37.86
C ARG F 519 -46.51 -22.65 -38.28
N GLN F 520 -45.17 -22.55 -38.25
CA GLN F 520 -44.50 -21.29 -38.59
C GLN F 520 -43.84 -21.27 -39.97
N LYS F 521 -44.11 -22.26 -40.80
CA LYS F 521 -43.41 -22.35 -42.05
C LYS F 521 -44.21 -21.84 -43.25
N TRP F 522 -43.56 -20.99 -44.04
CA TRP F 522 -44.18 -20.28 -45.16
C TRP F 522 -43.27 -20.34 -46.37
N GLU F 523 -43.88 -20.18 -47.54
CA GLU F 523 -43.17 -20.27 -48.79
C GLU F 523 -43.77 -19.30 -49.80
N GLN F 524 -42.90 -18.64 -50.55
CA GLN F 524 -43.32 -17.79 -51.65
C GLN F 524 -43.80 -18.62 -52.84
N ILE F 525 -44.83 -18.12 -53.53
CA ILE F 525 -45.37 -18.76 -54.73
C ILE F 525 -45.79 -17.72 -55.77
N GLU F 526 -46.06 -18.22 -56.98
CA GLU F 526 -46.58 -17.40 -58.09
C GLU F 526 -45.67 -16.22 -58.33
N GLY F 527 -44.40 -16.52 -58.60
CA GLY F 527 -43.39 -15.50 -58.92
C GLY F 527 -43.16 -14.55 -57.76
N ASN F 528 -43.01 -15.12 -56.57
CA ASN F 528 -42.80 -14.33 -55.34
C ASN F 528 -43.86 -13.23 -55.12
N SER F 529 -45.11 -13.55 -55.41
CA SER F 529 -46.21 -12.58 -55.28
C SER F 529 -47.15 -12.90 -54.11
N LYS F 530 -47.05 -14.09 -53.52
CA LYS F 530 -47.91 -14.50 -52.40
C LYS F 530 -47.14 -15.35 -51.38
N LEU F 531 -47.78 -15.58 -50.23
CA LEU F 531 -47.22 -16.42 -49.17
C LEU F 531 -48.19 -17.50 -48.78
N ARG F 532 -47.77 -18.74 -48.97
CA ARG F 532 -48.58 -19.89 -48.67
C ARG F 532 -47.98 -20.59 -47.45
N HIS F 533 -48.87 -21.12 -46.60
CA HIS F 533 -48.44 -21.88 -45.44
C HIS F 533 -48.02 -23.28 -45.93
N VAL F 534 -46.78 -23.64 -45.66
CA VAL F 534 -46.19 -24.89 -46.15
C VAL F 534 -47.01 -26.09 -45.70
N GLY F 535 -47.34 -26.98 -46.64
CA GLY F 535 -48.09 -28.20 -46.36
C GLY F 535 -49.60 -28.00 -46.31
N SER F 536 -50.08 -26.90 -46.87
CA SER F 536 -51.50 -26.57 -46.84
C SER F 536 -51.91 -25.85 -48.13
N ASN F 537 -53.21 -25.56 -48.26
CA ASN F 537 -53.71 -24.67 -49.31
C ASN F 537 -54.18 -23.35 -48.72
N LEU F 538 -53.47 -22.88 -47.69
CA LEU F 538 -53.76 -21.63 -47.00
C LEU F 538 -52.73 -20.56 -47.36
N CYS F 539 -53.20 -19.35 -47.61
CA CYS F 539 -52.34 -18.22 -47.95
C CYS F 539 -52.59 -17.07 -46.97
N LEU F 540 -51.58 -16.22 -46.79
CA LEU F 540 -51.71 -15.06 -45.92
C LEU F 540 -52.66 -14.06 -46.56
N ASP F 541 -53.56 -13.51 -45.76
CA ASP F 541 -54.68 -12.74 -46.28
C ASP F 541 -55.05 -11.54 -45.42
N SER F 542 -55.18 -10.37 -46.05
CA SER F 542 -55.44 -9.13 -45.32
C SER F 542 -56.90 -8.73 -45.22
N ARG F 543 -57.82 -9.55 -45.72
CA ARG F 543 -59.22 -9.11 -45.78
C ARG F 543 -59.84 -8.81 -44.41
N THR F 544 -59.21 -9.31 -43.36
CA THR F 544 -59.72 -9.17 -42.01
C THR F 544 -58.92 -8.11 -41.21
N ALA F 545 -57.97 -7.48 -41.88
CA ALA F 545 -56.95 -6.64 -41.22
C ALA F 545 -57.41 -5.59 -40.19
N LYS F 546 -58.45 -4.85 -40.55
CA LYS F 546 -58.95 -3.76 -39.74
C LYS F 546 -60.02 -4.21 -38.75
N SER F 547 -60.40 -5.49 -38.80
CA SER F 547 -61.45 -5.99 -37.93
C SER F 547 -61.01 -7.30 -37.28
N GLY F 548 -59.78 -7.33 -36.77
CA GLY F 548 -59.24 -8.49 -36.07
C GLY F 548 -57.77 -8.69 -36.35
N GLY F 549 -57.36 -8.61 -37.61
CA GLY F 549 -55.96 -8.87 -37.99
C GLY F 549 -55.79 -9.77 -39.20
N LEU F 550 -54.55 -9.97 -39.62
CA LEU F 550 -54.28 -10.85 -40.76
C LEU F 550 -54.72 -12.26 -40.47
N SER F 551 -55.12 -12.95 -41.53
CA SER F 551 -55.71 -14.26 -41.39
C SER F 551 -55.09 -15.23 -42.38
N VAL F 552 -55.52 -16.46 -42.24
CA VAL F 552 -55.12 -17.53 -43.12
C VAL F 552 -56.42 -17.88 -43.88
N GLU F 553 -56.30 -18.04 -45.20
CA GLU F 553 -57.45 -18.20 -46.07
C GLU F 553 -57.08 -19.11 -47.21
N VAL F 554 -58.06 -19.79 -47.79
CA VAL F 554 -57.80 -20.72 -48.88
C VAL F 554 -57.15 -19.95 -50.07
N CYS F 555 -56.06 -20.48 -50.64
CA CYS F 555 -55.37 -19.78 -51.74
C CYS F 555 -56.31 -19.91 -53.00
N SER F 560 -56.06 -9.08 -51.74
CA SER F 560 -55.73 -9.29 -50.33
C SER F 560 -54.72 -10.43 -50.00
N GLN F 561 -54.39 -11.29 -50.96
CA GLN F 561 -53.35 -12.31 -50.79
C GLN F 561 -52.03 -12.01 -51.52
N GLN F 562 -51.88 -10.78 -52.02
CA GLN F 562 -50.64 -10.38 -52.71
C GLN F 562 -49.64 -9.78 -51.71
N TRP F 563 -48.44 -10.37 -51.65
CA TRP F 563 -47.37 -9.87 -50.78
C TRP F 563 -46.01 -10.01 -51.47
N LYS F 564 -45.19 -8.95 -51.39
CA LYS F 564 -43.82 -8.91 -51.94
C LYS F 564 -42.83 -8.37 -50.93
N PHE F 565 -41.68 -9.03 -50.77
CA PHE F 565 -40.57 -8.46 -50.01
C PHE F 565 -39.86 -7.48 -50.99
N ASP G 1 -57.51 1.14 -13.59
CA ASP G 1 -57.92 0.69 -14.91
C ASP G 1 -57.02 -0.46 -15.27
N SER G 2 -56.79 -0.68 -16.57
CA SER G 2 -56.28 -1.94 -17.17
C SER G 2 -55.04 -2.68 -16.68
N THR G 3 -55.21 -4.00 -16.63
CA THR G 3 -54.26 -5.02 -16.20
C THR G 3 -52.77 -4.87 -16.62
N THR G 4 -51.91 -5.78 -16.16
CA THR G 4 -50.50 -5.94 -16.64
C THR G 4 -50.52 -6.52 -18.09
N PRO G 5 -49.96 -5.78 -19.11
CA PRO G 5 -50.01 -6.30 -20.51
C PRO G 5 -49.01 -7.40 -20.90
N ALA G 6 -49.35 -8.11 -22.00
CA ALA G 6 -48.68 -9.34 -22.52
C ALA G 6 -47.32 -9.10 -23.19
N PRO G 7 -46.29 -9.96 -22.87
CA PRO G 7 -45.07 -10.06 -23.69
C PRO G 7 -45.31 -10.98 -24.87
N THR H 3 25.01 18.13 -12.98
CA THR H 3 24.43 18.53 -14.25
C THR H 3 23.48 19.68 -14.04
N THR H 4 22.50 19.44 -13.20
CA THR H 4 21.44 20.40 -13.03
C THR H 4 20.38 19.71 -12.25
N PRO H 5 20.06 20.27 -11.10
CA PRO H 5 19.14 19.62 -10.19
C PRO H 5 17.84 20.29 -10.34
N ALA H 6 16.80 19.48 -10.32
CA ALA H 6 15.47 19.94 -10.47
C ALA H 6 15.05 20.37 -9.11
N PRO H 7 13.92 21.20 -8.97
CA PRO H 7 13.67 22.12 -10.08
C PRO H 7 13.45 23.53 -9.57
N THR H 8 13.19 24.51 -10.42
CA THR H 8 12.69 25.86 -10.03
C THR H 8 13.52 27.01 -10.45
#